data_8X7W
#
_entry.id   8X7W
#
_cell.length_a   1.00
_cell.length_b   1.00
_cell.length_c   1.00
_cell.angle_alpha   90.00
_cell.angle_beta   90.00
_cell.angle_gamma   90.00
#
_symmetry.space_group_name_H-M   'P 1'
#
loop_
_entity.id
_entity.type
_entity.pdbx_description
1 polymer 'Maltose/maltodextrin-binding periplasmic protein,NACHT, LRR and PYD domains-containing protein 5'
2 polymer 'Oocyte-expressed protein homolog'
3 polymer 'Ubiquitin-like protein SMT3,Transducin-like enhancer protein 6'
#
loop_
_entity_poly.entity_id
_entity_poly.type
_entity_poly.pdbx_seq_one_letter_code
_entity_poly.pdbx_strand_id
1 'polypeptide(L)'
;MDYKDDDDKGDYKDDDDKGSMKIEEGKLVIWINGDKGYNGLAEVGKKFEKDTGIKVTVEHPDKLEEKFPQVAATGDGPDI
IFWAHDRFGGYAQSGLLAEITPDKAFQDKLYPFTWDAVRYNGKLIAYPIAVEALSLIYNKDLLPNPPKTWEEIPALDKEL
KAKGKSALMFNLQEPYFTWPLIAADGGYAFKYENGKYDIKDVGVDNAGAKAGLTFLVDLIKNKHMNADTDYSIAEAAFNK
GETAMTINGPWAWSNIDTSKVNYGVTVLPTFKGQPSKPFVGVLSAGINAASPNKELAKEFLENYLLTDEGLEAVNKDKPL
GAVALKSYEEELAKDPRIAATMENAQKGEIMPNIPQMSAFWYAVRTAVINAASGRQTVDEALKDAQTLTFSSYGLQWCLY
ELDKEEFQTFKELLKKKSSESTTCSIPQFEIENANVECLALLLHEYYGASLAWATSISIFENMNLRTLSEKARDDMKRHS
PEDPEATMTDQGPSKEKVPGISQAVQQDSATAAETKEQEISQAMEQEGATAAETEEQEISQAMEQEGATAAETEEQGHGG
DTWDYKSHVMTKFAEEEDVRRSFENTAADWPEMQTLAGAFDSDRWGFRPRTVVLHGKSGIGKSALARRIVLCWAQGGLYQ
GMFSYVFFLPVREMQRKKESSVTEFISREWPDSQAPVTEIMSRPERLLFIIDGFDDLGSVLNNDTKLCKDWAEKQPPFTL
IRSLLRKVLLPESFLIVTVRDVGTEKLKSEVVSPRYLLVRGISGEQRIHLLLERGIGEHQKTQGLRAIMNNRELLDQCQV
PAVGSLICVALQLQDVVGESVAPFNQTLTGLHAAFVFHQLTPRGVVRRCLNLEERVVLKRFCRMAVEGVWNRKSVFDGDD
LMVQGLGESELRALFHMNILLPDSHCEEYYTFFHLSLQDFCAALYYVLEGLEIEPALCPLYVEKTKRSMELKQAGFHIHS
LWMKRFLFGLVSEDVRRPLEVLLGCPVPLGVKQKLLHWVSLLGQQPNATTPGDTLDAFHCLFETQDKEFVRLALNSFQEV
WLPINQNLDLIASSFCLQHCPYLRKIRVDVKGIFPRDESAEACPVVPLWMRDKTLIEEQWEDFCSMLGTHPHLRQLDLGS
SILTERAMKTLCAKLRHPTCKIQTLMFRNAQITPGVQHLWRIVMANRNLRSLNLGGTHLKEEDVRMACEALKHPKCLLES
LRLDCCGLTHACYLKISQILTTSPSLKSLSLAGNKVTDQGVMPLSDALRVSQCALQKLILEDCGITATGCQSLASALVSN
RSLTHLCLSNNSLGNEGVNLLCRSMRLPHCSLQRLMLNQCHLDTAGCGFLALALMGNSWLTHLSLSMNPVEDNGVKLLCE
VMREPSCHLQDLELVKCHLTAACCESLSCVISRSRHLKSLDLTDNALGDGGVAALCEGLKQKNSVLARLGLKACGLTSDC
CEALSLALSCNRHLTSLNLVQNNFSPKGMMKLCSAFACPTSNLQIIGLWKWQYPVQIRKLLEEVQLLKPRVVIDGSWHSF
DEDDRYWWKN
;
A,D
2 'polypeptide(L)'
;MVDDAGAAESQRGKQTPAHSLEQLRRLPLPPPQIRIRPWWFPVQELRDPLVFYLEAWLADELFGPDRAIIPEMEWTSQAL
LTVDIVDSGNLVEITVFGRPRVQNRVKSMLLCLAWFHREHRARAEKMKHLEKNLKAHASDPHSPQDPVALEWSHPQFEK
;
B,E
3 'polypeptide(L)'
;MWSHPQFEKGTMSDSEVNQEAKPEVKPEVKPETHINLKVSDGSSEIFFKIKKTTPLRRLMEAFAKRQGKEMDSLRFLYDG
IRIQADQTPEDLDMEDNDIIEAHREQIGGLFWDKEPWFWHDTLTEQLWRIFAGVHDEKAKPRDRQQAPGLGQESKAPGSC
DPGTDPCPEDASTPRPPEASSSPPEGSQDRNTSWGVVQEPPGRASRFLQSISWDPEDFEDAWKRPDALPGQSKRLAVPCK
LEKMRILAHGELVLATAISSFTRHVFTCGRRGIKVWSLTGQVAEDRFPESHLPIQTPGAFLRTCLLSSNSRSLLTGGYNL
ASVSVWDLAAPSLHVKEQLPCAGLNCQALDANLDANLAFASFTSGVVRIWDLRDQSVVRDLKGYPDGVKSIVVKGYNIWT
GGPDACLRCWDQRTIMKPLEYQFKSQIMSLSHSPQEDWVLLGMANGQQWLQSTSGSQRHMVGQKDSVILSVKFSPFGQWW
ASVGMDDFLGVYSMPAGTKVFEVPEMSPVTCCDVSSNNRLVVTGSGEHASVYQITY
;
C,F
#
# COMPACT_ATOMS: atom_id res chain seq x y z
N LEU A 388 58.58 -7.59 7.07
CA LEU A 388 58.16 -6.95 5.80
C LEU A 388 57.54 -7.97 4.85
N THR A 389 58.33 -8.96 4.44
CA THR A 389 57.80 -10.02 3.60
C THR A 389 56.82 -10.89 4.35
N PHE A 390 57.03 -11.06 5.66
CA PHE A 390 56.19 -11.97 6.43
C PHE A 390 54.73 -11.54 6.40
N SER A 391 54.45 -10.26 6.59
CA SER A 391 53.08 -9.78 6.58
C SER A 391 52.51 -9.72 5.16
N SER A 392 53.34 -9.30 4.20
CA SER A 392 52.89 -9.25 2.81
C SER A 392 52.45 -10.63 2.34
N TYR A 393 53.15 -11.70 2.76
CA TYR A 393 52.76 -13.04 2.34
C TYR A 393 51.31 -13.33 2.73
N GLY A 394 50.97 -13.11 4.00
CA GLY A 394 49.60 -13.32 4.43
C GLY A 394 48.63 -12.43 3.70
N LEU A 395 49.04 -11.19 3.40
CA LEU A 395 48.13 -10.30 2.69
C LEU A 395 47.85 -10.80 1.28
N GLN A 396 48.89 -11.20 0.55
CA GLN A 396 48.66 -11.79 -0.78
C GLN A 396 47.73 -12.99 -0.67
N TRP A 397 47.95 -13.86 0.31
CA TRP A 397 47.05 -15.00 0.44
C TRP A 397 45.64 -14.55 0.76
N CYS A 398 45.49 -13.36 1.35
CA CYS A 398 44.15 -12.82 1.56
C CYS A 398 43.53 -12.35 0.26
N LEU A 399 44.34 -11.80 -0.64
CA LEU A 399 43.80 -11.23 -1.88
C LEU A 399 43.76 -12.24 -3.02
N TYR A 400 44.17 -13.48 -2.76
CA TYR A 400 44.14 -14.50 -3.80
C TYR A 400 42.90 -15.37 -3.70
N GLU A 401 41.97 -15.01 -2.81
CA GLU A 401 40.64 -15.59 -2.79
C GLU A 401 39.65 -14.77 -3.60
N LEU A 402 40.11 -13.68 -4.20
CA LEU A 402 39.20 -12.77 -4.89
C LEU A 402 39.03 -13.14 -6.36
N ASP A 403 37.78 -13.22 -6.79
CA ASP A 403 37.44 -13.48 -8.18
C ASP A 403 37.89 -12.33 -9.08
N LYS A 404 37.83 -12.55 -10.39
CA LYS A 404 38.26 -11.54 -11.34
C LYS A 404 37.41 -10.27 -11.24
N GLU A 405 36.08 -10.42 -11.25
CA GLU A 405 35.21 -9.25 -11.12
C GLU A 405 35.36 -8.61 -9.74
N GLU A 406 35.46 -9.44 -8.69
CA GLU A 406 35.71 -8.90 -7.36
C GLU A 406 37.05 -8.19 -7.32
N PHE A 407 38.05 -8.73 -8.01
CA PHE A 407 39.36 -8.07 -8.07
C PHE A 407 39.26 -6.71 -8.73
N GLN A 408 38.54 -6.62 -9.85
CA GLN A 408 38.37 -5.33 -10.51
C GLN A 408 37.63 -4.34 -9.62
N THR A 409 36.57 -4.78 -8.95
CA THR A 409 35.84 -3.89 -8.06
C THR A 409 36.72 -3.38 -6.93
N PHE A 410 37.54 -4.27 -6.36
CA PHE A 410 38.48 -3.85 -5.34
C PHE A 410 39.44 -2.80 -5.88
N LYS A 411 39.93 -3.01 -7.11
CA LYS A 411 40.84 -2.02 -7.70
C LYS A 411 40.15 -0.67 -7.88
N GLU A 412 38.89 -0.68 -8.30
CA GLU A 412 38.16 0.58 -8.49
C GLU A 412 37.98 1.30 -7.16
N LEU A 413 37.56 0.59 -6.11
CA LEU A 413 37.39 1.22 -4.82
C LEU A 413 38.71 1.80 -4.31
N LEU A 414 39.80 1.04 -4.48
CA LEU A 414 41.10 1.53 -4.06
C LEU A 414 41.49 2.79 -4.83
N LYS A 415 41.22 2.81 -6.14
CA LYS A 415 41.54 3.98 -6.95
C LYS A 415 40.77 5.20 -6.47
N LYS A 416 39.49 5.02 -6.17
CA LYS A 416 38.70 6.13 -5.63
C LYS A 416 39.27 6.64 -4.33
N LYS A 417 39.59 5.72 -3.41
CA LYS A 417 40.17 6.12 -2.13
C LYS A 417 41.46 6.90 -2.34
N SER A 418 42.34 6.41 -3.23
CA SER A 418 43.61 7.07 -3.46
C SER A 418 43.41 8.45 -4.06
N SER A 419 42.49 8.58 -5.02
CA SER A 419 42.25 9.89 -5.62
C SER A 419 41.74 10.88 -4.58
N GLU A 420 40.83 10.46 -3.71
CA GLU A 420 40.40 11.34 -2.64
C GLU A 420 41.57 11.69 -1.71
N SER A 421 42.57 10.84 -1.64
CA SER A 421 43.70 11.06 -0.74
C SER A 421 44.72 12.00 -1.38
N THR A 422 45.25 12.90 -0.55
CA THR A 422 46.35 13.79 -0.97
C THR A 422 47.63 13.54 -0.20
N THR A 423 47.58 12.85 0.94
CA THR A 423 48.79 12.58 1.71
C THR A 423 49.77 11.72 0.91
N CYS A 424 49.26 10.66 0.28
CA CYS A 424 50.06 9.77 -0.53
C CYS A 424 49.32 9.47 -1.82
N SER A 425 49.98 9.70 -2.95
CA SER A 425 49.38 9.53 -4.27
C SER A 425 49.90 8.24 -4.90
N ILE A 426 48.99 7.49 -5.52
CA ILE A 426 49.34 6.24 -6.17
C ILE A 426 48.95 6.34 -7.65
N PRO A 427 49.88 6.10 -8.58
CA PRO A 427 49.52 6.23 -10.00
C PRO A 427 48.41 5.26 -10.39
N GLN A 428 47.61 5.69 -11.36
CA GLN A 428 46.44 4.90 -11.76
C GLN A 428 46.82 3.80 -12.74
N PHE A 429 47.74 4.08 -13.67
CA PHE A 429 48.13 3.06 -14.63
C PHE A 429 48.83 1.89 -13.95
N GLU A 430 49.63 2.17 -12.92
CA GLU A 430 50.27 1.09 -12.17
C GLU A 430 49.23 0.22 -11.49
N ILE A 431 48.21 0.85 -10.90
CA ILE A 431 47.14 0.09 -10.27
C ILE A 431 46.44 -0.79 -11.31
N GLU A 432 46.16 -0.23 -12.49
CA GLU A 432 45.40 -0.97 -13.49
C GLU A 432 46.22 -2.13 -14.06
N ASN A 433 47.55 -1.97 -14.13
CA ASN A 433 48.39 -3.00 -14.74
C ASN A 433 48.84 -4.07 -13.75
N ALA A 434 48.58 -3.89 -12.46
CA ALA A 434 49.14 -4.77 -11.45
C ALA A 434 48.26 -5.98 -11.20
N ASN A 435 48.89 -7.10 -10.84
CA ASN A 435 48.19 -8.31 -10.45
C ASN A 435 48.11 -8.39 -8.93
N VAL A 436 47.57 -9.49 -8.41
CA VAL A 436 47.28 -9.59 -6.98
C VAL A 436 48.56 -9.41 -6.16
N GLU A 437 49.61 -10.16 -6.51
CA GLU A 437 50.86 -10.07 -5.76
C GLU A 437 51.44 -8.66 -5.83
N CYS A 438 51.51 -8.10 -7.04
CA CYS A 438 52.00 -6.73 -7.17
C CYS A 438 51.09 -5.76 -6.43
N LEU A 439 49.79 -5.99 -6.48
CA LEU A 439 48.86 -5.12 -5.76
C LEU A 439 49.18 -5.09 -4.27
N ALA A 440 49.29 -6.26 -3.64
CA ALA A 440 49.56 -6.30 -2.21
C ALA A 440 50.91 -5.70 -1.89
N LEU A 441 51.94 -6.03 -2.67
CA LEU A 441 53.27 -5.50 -2.37
C LEU A 441 53.28 -3.98 -2.46
N LEU A 442 52.66 -3.41 -3.50
CA LEU A 442 52.64 -1.96 -3.63
C LEU A 442 51.79 -1.32 -2.54
N LEU A 443 50.65 -1.94 -2.20
CA LEU A 443 49.80 -1.39 -1.16
C LEU A 443 50.55 -1.31 0.17
N HIS A 444 51.35 -2.34 0.47
CA HIS A 444 52.22 -2.25 1.64
C HIS A 444 53.27 -1.17 1.45
N GLU A 445 53.86 -1.08 0.26
CA GLU A 445 55.00 -0.19 0.06
C GLU A 445 54.62 1.27 0.27
N TYR A 446 53.47 1.69 -0.27
CA TYR A 446 53.10 3.09 -0.18
C TYR A 446 52.44 3.41 1.17
N TYR A 447 51.45 2.62 1.56
CA TYR A 447 50.66 2.93 2.74
C TYR A 447 51.41 2.59 4.03
N GLY A 448 51.74 1.32 4.22
CA GLY A 448 52.28 0.82 5.47
C GLY A 448 51.54 -0.40 5.97
N ALA A 449 52.27 -1.24 6.71
CA ALA A 449 51.77 -2.56 7.05
C ALA A 449 50.41 -2.47 7.74
N SER A 450 50.37 -1.88 8.94
CA SER A 450 49.11 -1.82 9.66
C SER A 450 48.06 -1.05 8.88
N LEU A 451 48.46 0.08 8.28
CA LEU A 451 47.50 0.88 7.54
C LEU A 451 46.97 0.14 6.31
N ALA A 452 47.85 -0.58 5.62
CA ALA A 452 47.41 -1.36 4.46
C ALA A 452 46.42 -2.44 4.90
N TRP A 453 46.72 -3.15 5.99
CA TRP A 453 45.77 -4.13 6.48
C TRP A 453 44.43 -3.49 6.81
N ALA A 454 44.45 -2.33 7.47
CA ALA A 454 43.21 -1.68 7.85
C ALA A 454 42.40 -1.24 6.63
N THR A 455 43.08 -0.65 5.64
CA THR A 455 42.39 -0.23 4.43
C THR A 455 41.76 -1.41 3.72
N SER A 456 42.51 -2.51 3.60
CA SER A 456 41.99 -3.69 2.91
C SER A 456 40.82 -4.29 3.67
N ILE A 457 40.88 -4.33 5.00
CA ILE A 457 39.77 -4.84 5.78
C ILE A 457 38.53 -3.97 5.55
N SER A 458 38.72 -2.64 5.56
CA SER A 458 37.59 -1.75 5.36
C SER A 458 36.95 -1.95 4.00
N ILE A 459 37.77 -2.07 2.95
CA ILE A 459 37.21 -2.29 1.61
C ILE A 459 36.51 -3.64 1.53
N PHE A 460 37.13 -4.68 2.10
CA PHE A 460 36.47 -5.98 2.18
C PHE A 460 35.09 -5.84 2.79
N GLU A 461 34.98 -5.08 3.88
CA GLU A 461 33.66 -4.89 4.49
C GLU A 461 32.73 -4.13 3.54
N ASN A 462 33.28 -3.19 2.77
CA ASN A 462 32.44 -2.43 1.85
C ASN A 462 31.85 -3.32 0.76
N MET A 463 32.64 -4.25 0.23
CA MET A 463 32.16 -5.17 -0.79
C MET A 463 31.19 -6.21 -0.25
N ASN A 464 30.85 -6.14 1.04
CA ASN A 464 29.96 -7.11 1.66
C ASN A 464 30.65 -8.46 1.83
N LEU A 465 31.98 -8.45 1.91
CA LEU A 465 32.77 -9.65 2.18
C LEU A 465 33.14 -9.65 3.66
N ARG A 466 32.37 -10.38 4.45
CA ARG A 466 32.58 -10.50 5.88
C ARG A 466 33.64 -11.53 6.24
N THR A 467 33.49 -12.76 5.78
CA THR A 467 34.35 -13.85 6.23
C THR A 467 35.82 -13.58 5.90
N LEU A 468 36.09 -13.16 4.67
CA LEU A 468 37.48 -12.85 4.31
C LEU A 468 38.03 -11.74 5.19
N SER A 469 37.17 -10.82 5.60
CA SER A 469 37.60 -9.76 6.52
C SER A 469 38.05 -10.34 7.85
N GLU A 470 37.27 -11.26 8.41
CA GLU A 470 37.65 -11.87 9.68
C GLU A 470 38.94 -12.66 9.54
N LYS A 471 39.09 -13.40 8.43
CA LYS A 471 40.33 -14.11 8.19
C LYS A 471 41.51 -13.14 8.14
N ALA A 472 41.33 -12.02 7.45
CA ALA A 472 42.40 -11.03 7.35
C ALA A 472 42.74 -10.46 8.72
N ARG A 473 41.72 -10.17 9.53
CA ARG A 473 41.98 -9.61 10.86
C ARG A 473 42.76 -10.59 11.72
N ASP A 474 42.36 -11.86 11.73
CA ASP A 474 43.07 -12.83 12.54
C ASP A 474 44.49 -13.04 12.04
N ASP A 475 44.68 -13.14 10.72
CA ASP A 475 46.02 -13.35 10.20
C ASP A 475 46.90 -12.13 10.44
N MET A 476 46.30 -10.94 10.51
CA MET A 476 47.05 -9.75 10.90
C MET A 476 47.46 -9.82 12.36
N LYS A 477 46.51 -10.21 13.22
CA LYS A 477 46.83 -10.43 14.62
C LYS A 477 48.00 -11.37 14.78
N ARG A 478 48.10 -12.37 13.89
CA ARG A 478 49.14 -13.37 14.01
C ARG A 478 50.41 -13.02 13.23
N HIS A 479 50.34 -12.03 12.34
CA HIS A 479 51.49 -11.68 11.50
C HIS A 479 52.12 -10.35 11.87
N SER A 480 51.33 -9.38 12.29
CA SER A 480 51.87 -8.05 12.59
C SER A 480 52.64 -8.09 13.90
N PRO A 481 53.90 -7.64 13.93
CA PRO A 481 54.64 -7.63 15.19
C PRO A 481 54.09 -6.61 16.16
N GLU A 482 54.35 -6.85 17.45
CA GLU A 482 53.90 -5.92 18.48
C GLU A 482 54.61 -4.57 18.33
N ASP A 483 53.87 -3.50 18.61
CA ASP A 483 54.42 -2.16 18.56
C ASP A 483 53.78 -1.28 19.65
N GLY A 560 80.13 -52.48 36.07
CA GLY A 560 80.06 -53.90 36.35
C GLY A 560 79.02 -54.62 35.52
N ASP A 561 77.86 -54.91 36.13
CA ASP A 561 76.81 -55.63 35.42
C ASP A 561 76.33 -54.82 34.21
N THR A 562 76.10 -53.52 34.41
CA THR A 562 75.65 -52.68 33.30
C THR A 562 76.73 -52.56 32.23
N TRP A 563 78.00 -52.39 32.64
CA TRP A 563 79.08 -52.31 31.68
C TRP A 563 79.23 -53.62 30.91
N ASP A 564 79.12 -54.75 31.62
CA ASP A 564 79.18 -56.04 30.95
C ASP A 564 78.04 -56.18 29.96
N TYR A 565 76.83 -55.76 30.35
CA TYR A 565 75.69 -55.86 29.45
C TYR A 565 75.93 -55.03 28.19
N LYS A 566 76.35 -53.79 28.34
CA LYS A 566 76.52 -52.93 27.17
C LYS A 566 77.66 -53.44 26.28
N SER A 567 78.75 -53.92 26.88
CA SER A 567 79.82 -54.49 26.07
C SER A 567 79.34 -55.72 25.31
N HIS A 568 78.61 -56.62 25.98
CA HIS A 568 78.09 -57.80 25.31
C HIS A 568 77.17 -57.41 24.16
N VAL A 569 76.34 -56.39 24.37
CA VAL A 569 75.45 -55.93 23.31
C VAL A 569 76.26 -55.38 22.14
N MET A 570 77.34 -54.67 22.42
CA MET A 570 78.14 -54.11 21.33
C MET A 570 78.81 -55.22 20.53
N THR A 571 79.33 -56.25 21.21
CA THR A 571 79.85 -57.40 20.47
C THR A 571 78.77 -58.05 19.62
N LYS A 572 77.57 -58.24 20.19
CA LYS A 572 76.51 -58.90 19.44
C LYS A 572 76.15 -58.12 18.19
N PHE A 573 76.02 -56.79 18.30
CA PHE A 573 75.62 -56.00 17.15
C PHE A 573 76.75 -55.89 16.13
N ALA A 574 78.01 -55.83 16.60
CA ALA A 574 79.12 -55.86 15.66
C ALA A 574 79.12 -57.16 14.86
N GLU A 575 78.90 -58.29 15.55
CA GLU A 575 78.85 -59.58 14.85
C GLU A 575 77.69 -59.63 13.86
N GLU A 576 76.51 -59.14 14.27
CA GLU A 576 75.34 -59.25 13.40
C GLU A 576 75.45 -58.33 12.20
N GLU A 577 76.11 -57.17 12.34
CA GLU A 577 76.34 -56.31 11.18
C GLU A 577 77.43 -56.87 10.29
N ASP A 578 78.45 -57.53 10.87
CA ASP A 578 79.47 -58.16 10.06
C ASP A 578 78.90 -59.29 9.22
N VAL A 579 78.02 -60.11 9.81
CA VAL A 579 77.41 -61.20 9.07
C VAL A 579 76.55 -60.66 7.93
N ARG A 580 75.77 -59.62 8.20
CA ARG A 580 74.98 -58.96 7.17
C ARG A 580 74.93 -57.47 7.41
N PRO A 591 76.34 -35.76 11.49
CA PRO A 591 75.23 -35.27 10.66
C PRO A 591 73.87 -35.64 11.23
N GLU A 592 73.44 -36.89 11.07
CA GLU A 592 72.16 -37.32 11.64
C GLU A 592 72.23 -37.43 13.16
N MET A 593 73.43 -37.52 13.73
CA MET A 593 73.55 -37.65 15.18
C MET A 593 73.01 -36.41 15.89
N GLN A 594 73.26 -35.22 15.35
CA GLN A 594 72.76 -34.01 15.98
C GLN A 594 71.24 -34.02 16.06
N THR A 595 70.58 -34.38 14.96
CA THR A 595 69.12 -34.41 14.97
C THR A 595 68.59 -35.53 15.85
N LEU A 596 69.26 -36.69 15.83
CA LEU A 596 68.81 -37.81 16.65
C LEU A 596 68.94 -37.49 18.13
N ALA A 597 69.95 -36.70 18.50
CA ALA A 597 70.14 -36.34 19.90
C ALA A 597 68.96 -35.53 20.42
N GLY A 598 68.42 -34.64 19.59
CA GLY A 598 67.28 -33.84 20.01
C GLY A 598 65.94 -34.53 19.88
N ALA A 599 65.92 -35.80 19.45
CA ALA A 599 64.66 -36.45 19.16
C ALA A 599 63.78 -36.60 20.40
N PHE A 600 64.34 -36.43 21.59
CA PHE A 600 63.57 -36.54 22.82
C PHE A 600 63.48 -35.21 23.58
N ASP A 601 63.98 -34.12 23.02
CA ASP A 601 63.95 -32.83 23.70
C ASP A 601 62.57 -32.19 23.55
N SER A 602 62.50 -30.90 23.88
CA SER A 602 61.23 -30.17 23.89
C SER A 602 61.23 -29.08 22.83
N ASP A 603 60.03 -28.77 22.33
CA ASP A 603 59.83 -27.78 21.29
C ASP A 603 59.28 -26.49 21.91
N ARG A 604 58.95 -25.51 21.07
CA ARG A 604 58.49 -24.22 21.57
C ARG A 604 57.12 -24.33 22.24
N TRP A 605 56.22 -25.14 21.68
CA TRP A 605 54.89 -25.27 22.27
C TRP A 605 54.98 -25.73 23.73
N GLY A 606 55.97 -26.55 24.05
CA GLY A 606 56.09 -27.15 25.36
C GLY A 606 55.60 -28.57 25.33
N PHE A 607 56.51 -29.52 25.15
CA PHE A 607 56.15 -30.90 24.92
C PHE A 607 57.42 -31.74 24.93
N ARG A 608 57.32 -32.95 25.47
CA ARG A 608 58.43 -33.91 25.48
C ARG A 608 57.90 -35.23 24.96
N PRO A 609 58.36 -35.69 23.79
CA PRO A 609 57.77 -36.90 23.20
C PRO A 609 58.42 -38.17 23.73
N ARG A 610 57.59 -39.19 23.92
CA ARG A 610 58.07 -40.52 24.27
C ARG A 610 58.28 -41.42 23.07
N THR A 611 57.36 -41.36 22.10
CA THR A 611 57.39 -42.22 20.92
C THR A 611 57.78 -41.40 19.70
N VAL A 612 58.72 -41.92 18.91
CA VAL A 612 59.24 -41.25 17.72
C VAL A 612 59.24 -42.26 16.58
N VAL A 613 58.56 -41.92 15.49
CA VAL A 613 58.44 -42.78 14.32
C VAL A 613 59.30 -42.19 13.21
N LEU A 614 60.06 -43.04 12.53
CA LEU A 614 60.90 -42.62 11.41
C LEU A 614 60.43 -43.34 10.15
N HIS A 615 60.50 -42.64 9.02
CA HIS A 615 60.13 -43.22 7.73
C HIS A 615 60.86 -42.50 6.61
N GLY A 616 60.86 -43.11 5.44
CA GLY A 616 61.50 -42.49 4.29
C GLY A 616 61.63 -43.48 3.16
N LYS A 617 62.45 -43.09 2.17
CA LYS A 617 62.67 -43.93 1.00
C LYS A 617 63.36 -45.23 1.39
N SER A 618 63.34 -46.19 0.45
CA SER A 618 63.82 -47.53 0.74
C SER A 618 65.34 -47.65 0.64
N GLY A 619 66.02 -46.63 0.10
CA GLY A 619 67.46 -46.73 -0.06
C GLY A 619 68.18 -46.94 1.26
N ILE A 620 67.82 -46.16 2.27
CA ILE A 620 68.48 -46.24 3.57
C ILE A 620 68.11 -47.55 4.24
N GLY A 621 69.08 -48.13 4.95
CA GLY A 621 68.82 -49.33 5.73
C GLY A 621 68.40 -48.99 7.15
N LYS A 622 67.14 -49.26 7.48
CA LYS A 622 66.63 -48.90 8.80
C LYS A 622 67.41 -49.62 9.90
N SER A 623 67.69 -50.91 9.70
CA SER A 623 68.49 -51.65 10.67
C SER A 623 69.85 -51.00 10.85
N ALA A 624 70.42 -50.47 9.75
CA ALA A 624 71.71 -49.78 9.86
C ALA A 624 71.60 -48.57 10.77
N LEU A 625 70.54 -47.76 10.59
CA LEU A 625 70.35 -46.59 11.45
C LEU A 625 70.21 -47.01 12.90
N ALA A 626 69.37 -48.02 13.15
CA ALA A 626 69.12 -48.45 14.53
C ALA A 626 70.40 -48.95 15.19
N ARG A 627 71.17 -49.77 14.48
CA ARG A 627 72.39 -50.32 15.05
C ARG A 627 73.43 -49.22 15.29
N ARG A 628 73.54 -48.28 14.35
CA ARG A 628 74.47 -47.17 14.57
C ARG A 628 74.06 -46.35 15.79
N ILE A 629 72.75 -46.12 15.96
CA ILE A 629 72.29 -45.32 17.09
C ILE A 629 72.58 -46.04 18.40
N VAL A 630 72.30 -47.35 18.47
CA VAL A 630 72.55 -48.07 19.71
C VAL A 630 74.05 -48.16 19.98
N LEU A 631 74.86 -48.29 18.93
CA LEU A 631 76.31 -48.30 19.12
C LEU A 631 76.79 -46.97 19.70
N CYS A 632 76.28 -45.85 19.17
CA CYS A 632 76.66 -44.55 19.70
C CYS A 632 76.19 -44.40 21.15
N TRP A 633 75.00 -44.91 21.46
CA TRP A 633 74.53 -44.89 22.84
C TRP A 633 75.48 -45.65 23.75
N ALA A 634 75.92 -46.84 23.30
CA ALA A 634 76.88 -47.60 24.09
C ALA A 634 78.17 -46.83 24.29
N GLN A 635 78.64 -46.14 23.24
CA GLN A 635 79.82 -45.31 23.37
C GLN A 635 79.64 -44.24 24.44
N GLY A 636 78.40 -43.82 24.69
CA GLY A 636 78.10 -42.86 25.74
C GLY A 636 77.89 -41.44 25.26
N GLY A 637 77.92 -41.19 23.95
CA GLY A 637 77.76 -39.84 23.43
C GLY A 637 76.33 -39.44 23.12
N LEU A 638 75.35 -40.24 23.52
CA LEU A 638 73.96 -39.99 23.17
C LEU A 638 73.05 -40.49 24.29
N TYR A 639 72.23 -39.59 24.84
CA TYR A 639 71.26 -39.94 25.88
C TYR A 639 71.94 -40.60 27.06
N GLN A 640 73.10 -40.05 27.43
CA GLN A 640 73.87 -40.61 28.54
C GLN A 640 73.10 -40.52 29.86
N GLY A 641 72.32 -39.47 30.05
CA GLY A 641 71.70 -39.22 31.34
C GLY A 641 70.25 -39.62 31.46
N MET A 642 69.65 -40.13 30.38
CA MET A 642 68.21 -40.39 30.39
C MET A 642 67.91 -41.84 30.73
N PHE A 643 68.47 -42.79 29.99
CA PHE A 643 68.23 -44.20 30.22
C PHE A 643 69.55 -44.96 30.16
N SER A 644 69.57 -46.11 30.83
CA SER A 644 70.77 -46.95 30.91
C SER A 644 70.61 -48.31 30.23
N TYR A 645 69.39 -48.73 29.91
CA TYR A 645 69.14 -50.02 29.30
C TYR A 645 68.52 -49.83 27.92
N VAL A 646 69.10 -50.48 26.92
CA VAL A 646 68.64 -50.42 25.54
C VAL A 646 68.25 -51.82 25.10
N PHE A 647 67.04 -51.96 24.57
CA PHE A 647 66.54 -53.23 24.08
C PHE A 647 66.23 -53.13 22.59
N PHE A 648 66.70 -54.10 21.82
CA PHE A 648 66.48 -54.16 20.38
C PHE A 648 65.54 -55.31 20.09
N LEU A 649 64.35 -55.01 19.56
CA LEU A 649 63.35 -56.03 19.28
C LEU A 649 63.23 -56.21 17.77
N PRO A 650 63.82 -57.25 17.18
CA PRO A 650 63.56 -57.53 15.77
C PRO A 650 62.34 -58.41 15.59
N VAL A 651 61.44 -58.00 14.70
CA VAL A 651 60.15 -58.68 14.57
C VAL A 651 60.32 -60.08 14.00
N ARG A 652 61.26 -60.26 13.07
CA ARG A 652 61.46 -61.58 12.47
C ARG A 652 61.71 -62.62 13.54
N GLU A 653 62.63 -62.34 14.47
CA GLU A 653 62.97 -63.31 15.50
C GLU A 653 61.78 -63.61 16.40
N MET A 654 61.02 -62.58 16.76
CA MET A 654 59.83 -62.80 17.59
C MET A 654 58.81 -63.65 16.85
N GLN A 655 58.77 -63.54 15.53
CA GLN A 655 57.84 -64.36 14.75
C GLN A 655 58.34 -65.79 14.62
N ARG A 656 59.66 -66.00 14.62
CA ARG A 656 60.19 -67.35 14.53
C ARG A 656 59.62 -68.23 15.65
N LYS A 657 59.44 -67.66 16.83
CA LYS A 657 58.95 -68.39 18.00
C LYS A 657 57.48 -68.06 18.20
N LYS A 658 56.63 -69.09 18.20
CA LYS A 658 55.20 -68.87 18.27
C LYS A 658 54.78 -68.30 19.62
N GLU A 659 55.52 -68.61 20.68
CA GLU A 659 55.20 -68.18 22.04
C GLU A 659 56.39 -67.45 22.64
N SER A 660 56.11 -66.37 23.36
CA SER A 660 57.16 -65.53 23.93
C SER A 660 56.58 -64.71 25.07
N SER A 661 57.49 -64.10 25.84
CA SER A 661 57.10 -63.19 26.91
C SER A 661 58.21 -62.16 27.09
N VAL A 662 57.84 -61.03 27.70
CA VAL A 662 58.81 -59.95 27.92
C VAL A 662 59.96 -60.44 28.79
N THR A 663 59.64 -61.16 29.88
CA THR A 663 60.68 -61.69 30.74
C THR A 663 61.58 -62.65 29.98
N GLU A 664 60.99 -63.46 29.09
CA GLU A 664 61.79 -64.35 28.28
C GLU A 664 62.80 -63.58 27.44
N PHE A 665 62.35 -62.50 26.79
CA PHE A 665 63.27 -61.73 25.96
C PHE A 665 64.37 -61.10 26.82
N ILE A 666 64.01 -60.54 27.97
CA ILE A 666 65.02 -59.88 28.80
C ILE A 666 66.05 -60.91 29.27
N SER A 667 65.60 -62.10 29.65
CA SER A 667 66.53 -63.15 30.03
C SER A 667 67.42 -63.55 28.86
N ARG A 668 66.82 -63.69 27.67
CA ARG A 668 67.59 -64.13 26.51
C ARG A 668 68.69 -63.13 26.16
N GLU A 669 68.37 -61.84 26.16
CA GLU A 669 69.34 -60.84 25.72
C GLU A 669 70.60 -60.88 26.59
N TRP A 670 70.45 -61.18 27.87
CA TRP A 670 71.62 -61.29 28.74
C TRP A 670 72.44 -62.52 28.36
N PRO A 671 73.75 -62.49 28.58
CA PRO A 671 74.56 -63.68 28.27
C PRO A 671 74.36 -64.80 29.28
N ASP A 672 74.30 -64.47 30.57
CA ASP A 672 74.15 -65.49 31.60
C ASP A 672 72.77 -66.12 31.59
N SER A 673 71.81 -65.55 30.86
CA SER A 673 70.43 -66.02 30.72
C SER A 673 69.58 -65.66 31.93
N GLN A 674 70.12 -64.99 32.93
CA GLN A 674 69.35 -64.58 34.10
C GLN A 674 69.67 -63.13 34.42
N ALA A 675 68.63 -62.34 34.67
CA ALA A 675 68.77 -60.94 35.00
C ALA A 675 67.92 -60.61 36.21
N PRO A 676 68.31 -59.62 37.02
CA PRO A 676 67.44 -59.22 38.14
C PRO A 676 66.17 -58.54 37.67
N VAL A 677 65.04 -59.23 37.80
CA VAL A 677 63.77 -58.66 37.39
C VAL A 677 63.45 -57.42 38.21
N THR A 678 63.75 -57.48 39.51
CA THR A 678 63.47 -56.33 40.38
C THR A 678 64.25 -55.10 39.95
N GLU A 679 65.55 -55.27 39.66
CA GLU A 679 66.35 -54.14 39.22
C GLU A 679 65.87 -53.60 37.88
N ILE A 680 65.56 -54.49 36.93
CA ILE A 680 65.12 -54.05 35.62
C ILE A 680 63.82 -53.25 35.74
N MET A 681 62.89 -53.75 36.54
CA MET A 681 61.59 -53.09 36.68
C MET A 681 61.58 -52.01 37.75
N SER A 682 62.72 -51.68 38.34
CA SER A 682 62.75 -50.69 39.41
C SER A 682 62.17 -49.36 38.93
N ARG A 683 62.65 -48.87 37.79
CA ARG A 683 62.21 -47.60 37.24
C ARG A 683 61.86 -47.76 35.77
N PRO A 684 60.90 -46.98 35.26
CA PRO A 684 60.56 -47.07 33.84
C PRO A 684 61.55 -46.31 32.97
N GLU A 685 62.03 -45.17 33.48
CA GLU A 685 62.93 -44.33 32.71
C GLU A 685 64.15 -45.11 32.24
N ARG A 686 64.65 -46.03 33.05
CA ARG A 686 65.87 -46.74 32.72
C ARG A 686 65.75 -47.55 31.44
N LEU A 687 64.53 -47.86 30.99
CA LEU A 687 64.31 -48.77 29.89
C LEU A 687 64.22 -48.01 28.57
N LEU A 688 64.20 -48.76 27.47
CA LEU A 688 63.98 -48.23 26.13
C LEU A 688 63.83 -49.41 25.19
N PHE A 689 63.02 -49.24 24.14
CA PHE A 689 62.73 -50.30 23.20
C PHE A 689 62.82 -49.75 21.78
N ILE A 690 63.57 -50.43 20.92
CA ILE A 690 63.77 -50.00 19.54
C ILE A 690 63.23 -51.09 18.63
N ILE A 691 61.95 -50.97 18.26
CA ILE A 691 61.31 -51.86 17.32
C ILE A 691 61.90 -51.57 15.95
N ASP A 692 61.81 -52.53 15.03
CA ASP A 692 62.30 -52.36 13.67
C ASP A 692 61.48 -53.19 12.72
N GLY A 693 61.27 -52.65 11.52
CA GLY A 693 60.54 -53.39 10.49
C GLY A 693 59.13 -53.76 10.89
N PHE A 694 58.36 -52.80 11.40
CA PHE A 694 57.00 -53.09 11.80
C PHE A 694 56.14 -53.55 10.62
N ASP A 695 56.51 -53.12 9.40
CA ASP A 695 55.68 -53.42 8.23
C ASP A 695 55.85 -54.86 7.74
N ASP A 696 56.95 -55.53 8.11
CA ASP A 696 57.22 -56.86 7.58
C ASP A 696 56.03 -57.80 7.79
N LEU A 697 55.54 -57.87 9.02
CA LEU A 697 54.38 -58.72 9.34
C LEU A 697 53.24 -57.81 9.78
N GLY A 698 52.50 -57.29 8.80
CA GLY A 698 51.22 -56.68 9.05
C GLY A 698 50.13 -57.70 8.79
N SER A 699 50.49 -58.78 8.09
CA SER A 699 49.55 -59.87 7.87
C SER A 699 49.16 -60.52 9.19
N VAL A 700 50.13 -60.78 10.06
CA VAL A 700 49.81 -61.30 11.39
C VAL A 700 48.99 -60.27 12.16
N LEU A 701 49.37 -59.00 12.07
CA LEU A 701 48.66 -57.95 12.78
C LEU A 701 47.24 -57.75 12.26
N ASN A 702 46.91 -58.28 11.08
CA ASN A 702 45.53 -58.19 10.61
C ASN A 702 44.57 -58.84 11.59
N ASN A 703 45.02 -59.90 12.27
CA ASN A 703 44.20 -60.52 13.30
C ASN A 703 43.95 -59.53 14.44
N ASP A 704 42.77 -59.62 15.04
CA ASP A 704 42.38 -58.75 16.14
C ASP A 704 42.26 -59.56 17.42
N THR A 705 42.85 -59.05 18.51
CA THR A 705 42.88 -59.78 19.77
C THR A 705 42.76 -58.80 20.93
N LYS A 706 42.40 -59.34 22.08
CA LYS A 706 42.34 -58.54 23.30
C LYS A 706 43.74 -58.19 23.77
N LEU A 707 43.89 -57.01 24.35
CA LEU A 707 45.19 -56.57 24.86
C LEU A 707 45.36 -57.03 26.31
N CYS A 708 46.62 -57.24 26.70
CA CYS A 708 46.95 -57.78 28.01
C CYS A 708 47.46 -56.67 28.91
N LYS A 709 46.81 -56.49 30.06
CA LYS A 709 47.25 -55.48 31.02
C LYS A 709 48.50 -55.91 31.77
N ASP A 710 48.58 -57.18 32.16
CA ASP A 710 49.70 -57.67 32.94
C ASP A 710 50.88 -57.99 32.03
N TRP A 711 52.10 -57.83 32.55
CA TRP A 711 53.29 -58.02 31.74
C TRP A 711 53.94 -59.38 31.97
N ALA A 712 53.53 -60.09 33.03
CA ALA A 712 54.12 -61.39 33.32
C ALA A 712 53.48 -62.51 32.51
N GLU A 713 52.37 -62.24 31.83
CA GLU A 713 51.67 -63.29 31.10
C GLU A 713 52.41 -63.65 29.82
N LYS A 714 52.03 -64.76 29.22
CA LYS A 714 52.62 -65.22 27.96
C LYS A 714 51.55 -65.15 26.87
N GLN A 715 51.87 -64.46 25.79
CA GLN A 715 50.94 -64.22 24.70
C GLN A 715 51.70 -64.22 23.38
N PRO A 716 50.99 -64.28 22.25
CA PRO A 716 51.69 -64.25 20.97
C PRO A 716 52.48 -62.97 20.83
N PRO A 717 53.60 -63.01 20.09
CA PRO A 717 54.44 -61.81 19.99
C PRO A 717 53.71 -60.58 19.46
N PHE A 718 52.81 -60.77 18.49
CA PHE A 718 52.14 -59.63 17.88
C PHE A 718 51.28 -58.90 18.90
N THR A 719 50.62 -59.63 19.81
CA THR A 719 49.84 -58.98 20.84
C THR A 719 50.72 -58.15 21.75
N LEU A 720 51.89 -58.67 22.10
CA LEU A 720 52.82 -57.91 22.94
C LEU A 720 53.26 -56.63 22.24
N ILE A 721 53.61 -56.72 20.95
CA ILE A 721 54.03 -55.53 20.23
C ILE A 721 52.90 -54.51 20.16
N ARG A 722 51.68 -54.98 19.87
CA ARG A 722 50.54 -54.09 19.80
C ARG A 722 50.29 -53.40 21.13
N SER A 723 50.31 -54.15 22.22
CA SER A 723 50.01 -53.57 23.53
C SER A 723 51.12 -52.63 23.98
N LEU A 724 52.35 -52.86 23.54
CA LEU A 724 53.43 -51.95 23.90
C LEU A 724 53.36 -50.67 23.09
N LEU A 725 52.96 -50.76 21.81
CA LEU A 725 52.78 -49.53 21.02
C LEU A 725 51.60 -48.71 21.53
N ARG A 726 50.50 -49.37 21.89
CA ARG A 726 49.32 -48.66 22.38
C ARG A 726 49.56 -47.97 23.72
N LYS A 727 50.65 -48.27 24.40
CA LYS A 727 50.96 -47.75 25.73
C LYS A 727 49.94 -48.18 26.78
N VAL A 728 49.34 -49.36 26.62
CA VAL A 728 48.49 -49.90 27.68
C VAL A 728 49.33 -50.69 28.67
N LEU A 729 50.57 -51.01 28.31
CA LEU A 729 51.45 -51.82 29.14
C LEU A 729 52.78 -51.09 29.30
N LEU A 730 53.22 -50.91 30.54
CA LEU A 730 54.37 -50.10 30.86
C LEU A 730 54.20 -48.68 30.31
N PRO A 731 53.14 -47.98 30.69
CA PRO A 731 52.89 -46.65 30.12
C PRO A 731 54.03 -45.67 30.33
N GLU A 732 54.73 -45.73 31.45
CA GLU A 732 55.78 -44.74 31.72
C GLU A 732 56.97 -44.88 30.77
N SER A 733 57.25 -46.09 30.29
CA SER A 733 58.37 -46.27 29.37
C SER A 733 58.14 -45.46 28.09
N PHE A 734 59.17 -45.40 27.26
CA PHE A 734 59.09 -44.67 26.01
C PHE A 734 59.73 -45.47 24.89
N LEU A 735 59.23 -45.26 23.66
CA LEU A 735 59.49 -46.10 22.51
C LEU A 735 60.23 -45.34 21.43
N ILE A 736 60.49 -46.05 20.32
CA ILE A 736 60.98 -45.46 19.08
C ILE A 736 60.83 -46.52 18.02
N VAL A 737 60.48 -46.12 16.79
CA VAL A 737 60.12 -47.05 15.74
C VAL A 737 60.74 -46.59 14.42
N THR A 738 61.24 -47.55 13.64
CA THR A 738 61.71 -47.30 12.28
C THR A 738 60.86 -48.15 11.34
N VAL A 739 60.38 -47.52 10.25
CA VAL A 739 59.31 -48.10 9.44
C VAL A 739 59.36 -47.48 8.06
N ARG A 740 58.76 -48.18 7.09
CA ARG A 740 58.62 -47.71 5.72
C ARG A 740 57.29 -47.00 5.51
N ASP A 741 57.18 -46.32 4.37
CA ASP A 741 56.04 -45.44 4.13
C ASP A 741 54.71 -46.17 4.33
N VAL A 742 54.55 -47.33 3.72
CA VAL A 742 53.33 -48.10 3.92
C VAL A 742 53.19 -48.50 5.37
N GLY A 743 54.32 -48.79 6.03
CA GLY A 743 54.26 -49.12 7.43
C GLY A 743 53.74 -47.98 8.29
N THR A 744 54.17 -46.75 8.00
CA THR A 744 53.64 -45.60 8.74
C THR A 744 52.23 -45.26 8.31
N GLU A 745 51.79 -45.79 7.16
CA GLU A 745 50.37 -45.70 6.82
C GLU A 745 49.55 -46.66 7.66
N LYS A 746 50.10 -47.83 7.98
CA LYS A 746 49.36 -48.83 8.72
C LYS A 746 49.40 -48.58 10.23
N LEU A 747 50.50 -48.07 10.75
CA LEU A 747 50.68 -47.92 12.19
C LEU A 747 50.25 -46.56 12.73
N LYS A 748 49.88 -45.62 11.86
CA LYS A 748 49.54 -44.28 12.32
C LYS A 748 48.33 -44.30 13.24
N SER A 749 47.52 -45.36 13.19
CA SER A 749 46.27 -45.40 13.95
C SER A 749 46.46 -45.82 15.39
N GLU A 750 47.62 -46.36 15.76
CA GLU A 750 47.83 -46.87 17.12
C GLU A 750 48.66 -45.89 17.96
N VAL A 751 49.87 -45.56 17.49
CA VAL A 751 50.75 -44.67 18.24
C VAL A 751 49.99 -43.43 18.70
N VAL A 752 50.26 -43.03 19.95
CA VAL A 752 49.53 -41.95 20.59
C VAL A 752 50.43 -40.72 20.66
N SER A 753 49.95 -39.61 20.11
CA SER A 753 50.64 -38.32 20.19
C SER A 753 52.13 -38.46 19.86
N PRO A 754 52.48 -38.92 18.68
CA PRO A 754 53.89 -39.15 18.34
C PRO A 754 54.55 -37.91 17.76
N ARG A 755 55.81 -38.10 17.39
CA ARG A 755 56.60 -37.09 16.67
C ARG A 755 57.22 -37.77 15.46
N TYR A 756 56.50 -37.78 14.35
CA TYR A 756 56.99 -38.40 13.13
C TYR A 756 58.25 -37.65 12.67
N LEU A 757 59.05 -38.30 11.84
CA LEU A 757 60.19 -37.67 11.19
C LEU A 757 60.22 -38.10 9.73
N LEU A 758 61.11 -37.49 8.95
CA LEU A 758 61.29 -37.82 7.55
C LEU A 758 62.75 -38.09 7.28
N VAL A 759 63.03 -39.07 6.41
CA VAL A 759 64.38 -39.52 6.12
C VAL A 759 64.62 -39.39 4.62
N ARG A 760 65.76 -38.78 4.27
CA ARG A 760 66.19 -38.66 2.89
C ARG A 760 67.53 -37.96 2.84
N ALA A 802 68.39 -45.06 -4.10
CA ALA A 802 69.48 -45.24 -5.04
C ALA A 802 68.99 -45.05 -6.48
N VAL A 803 67.95 -44.25 -6.65
CA VAL A 803 67.39 -44.01 -7.97
C VAL A 803 68.41 -43.31 -8.86
N GLY A 804 69.00 -42.22 -8.36
CA GLY A 804 69.98 -41.50 -9.15
C GLY A 804 71.21 -42.33 -9.46
N SER A 805 71.73 -43.05 -8.47
CA SER A 805 72.88 -43.91 -8.71
C SER A 805 72.54 -45.01 -9.71
N LEU A 806 71.36 -45.61 -9.59
CA LEU A 806 70.97 -46.67 -10.50
C LEU A 806 70.84 -46.16 -11.93
N ILE A 807 70.20 -45.00 -12.11
CA ILE A 807 70.03 -44.46 -13.47
C ILE A 807 71.38 -44.06 -14.04
N CYS A 808 72.27 -43.49 -13.21
CA CYS A 808 73.60 -43.14 -13.69
C CYS A 808 74.37 -44.39 -14.12
N VAL A 809 74.29 -45.46 -13.33
CA VAL A 809 74.99 -46.69 -13.67
C VAL A 809 74.44 -47.26 -14.97
N ALA A 810 73.12 -47.28 -15.11
CA ALA A 810 72.52 -47.80 -16.34
C ALA A 810 72.95 -46.98 -17.55
N LEU A 811 72.97 -45.66 -17.41
CA LEU A 811 73.41 -44.81 -18.51
C LEU A 811 74.87 -45.08 -18.87
N GLN A 812 75.73 -45.21 -17.86
CA GLN A 812 77.14 -45.49 -18.13
C GLN A 812 77.32 -46.87 -18.73
N LEU A 813 76.38 -47.78 -18.49
CA LEU A 813 76.45 -49.14 -19.00
C LEU A 813 75.65 -49.33 -20.28
N GLN A 814 75.20 -48.25 -20.91
CA GLN A 814 74.48 -48.34 -22.18
C GLN A 814 75.34 -49.05 -23.22
N PHE A 824 66.86 -45.15 -27.19
CA PHE A 824 66.02 -45.52 -26.06
C PHE A 824 66.01 -44.41 -25.01
N ASN A 825 66.23 -43.18 -25.45
CA ASN A 825 66.22 -42.03 -24.56
C ASN A 825 64.82 -41.43 -24.41
N GLN A 826 63.85 -41.90 -25.18
CA GLN A 826 62.52 -41.29 -25.15
C GLN A 826 61.80 -41.57 -23.84
N THR A 827 61.99 -42.76 -23.26
CA THR A 827 61.28 -43.15 -22.06
C THR A 827 62.19 -43.97 -21.16
N LEU A 828 61.88 -43.94 -19.86
CA LEU A 828 62.67 -44.69 -18.89
C LEU A 828 62.37 -46.18 -18.92
N THR A 829 61.15 -46.57 -19.32
CA THR A 829 60.87 -47.99 -19.49
C THR A 829 61.84 -48.60 -20.50
N GLY A 830 62.14 -47.86 -21.57
CA GLY A 830 63.12 -48.35 -22.53
C GLY A 830 64.49 -48.53 -21.92
N LEU A 831 64.94 -47.55 -21.13
CA LEU A 831 66.27 -47.67 -20.50
C LEU A 831 66.32 -48.87 -19.57
N HIS A 832 65.29 -49.05 -18.75
CA HIS A 832 65.28 -50.18 -17.83
C HIS A 832 65.26 -51.50 -18.59
N ALA A 833 64.47 -51.59 -19.65
CA ALA A 833 64.43 -52.83 -20.43
C ALA A 833 65.79 -53.10 -21.06
N ALA A 834 66.44 -52.07 -21.60
CA ALA A 834 67.74 -52.26 -22.21
C ALA A 834 68.76 -52.76 -21.19
N PHE A 835 68.80 -52.12 -20.01
CA PHE A 835 69.75 -52.54 -18.99
C PHE A 835 69.47 -53.95 -18.51
N VAL A 836 68.19 -54.27 -18.31
CA VAL A 836 67.83 -55.61 -17.83
C VAL A 836 68.23 -56.66 -18.85
N PHE A 837 67.97 -56.40 -20.14
CA PHE A 837 68.32 -57.37 -21.17
C PHE A 837 69.84 -57.49 -21.30
N HIS A 838 70.57 -56.39 -21.09
CA HIS A 838 72.03 -56.49 -21.05
C HIS A 838 72.48 -57.39 -19.92
N GLN A 839 71.87 -57.24 -18.74
CA GLN A 839 72.21 -58.11 -17.61
C GLN A 839 71.89 -59.56 -17.90
N LEU A 840 70.72 -59.82 -18.50
CA LEU A 840 70.28 -61.18 -18.76
C LEU A 840 71.13 -61.90 -19.81
N THR A 841 71.78 -61.16 -20.69
CA THR A 841 72.60 -61.81 -21.72
C THR A 841 73.71 -62.61 -21.05
N PRO A 842 74.00 -63.82 -21.52
CA PRO A 842 75.11 -64.58 -20.94
C PRO A 842 76.41 -63.80 -21.01
N ARG A 843 77.18 -63.86 -19.92
CA ARG A 843 78.43 -63.13 -19.86
C ARG A 843 79.44 -63.70 -20.85
N GLY A 844 80.01 -62.84 -21.68
CA GLY A 844 81.00 -63.24 -22.66
C GLY A 844 80.44 -63.88 -23.90
N VAL A 845 79.11 -64.02 -24.01
CA VAL A 845 78.47 -64.59 -25.18
C VAL A 845 77.31 -63.69 -25.58
N VAL A 846 77.24 -63.39 -26.87
CA VAL A 846 76.25 -62.47 -27.42
C VAL A 846 75.36 -63.23 -28.39
N ARG A 847 74.06 -62.98 -28.32
CA ARG A 847 73.09 -63.60 -29.23
C ARG A 847 73.00 -65.11 -29.01
N ARG A 848 72.77 -65.49 -27.76
CA ARG A 848 72.62 -66.90 -27.39
C ARG A 848 71.23 -67.12 -26.83
N CYS A 849 70.46 -67.99 -27.48
CA CYS A 849 69.12 -68.30 -27.01
C CYS A 849 69.17 -68.97 -25.65
N LEU A 850 68.29 -68.56 -24.74
CA LEU A 850 68.28 -69.10 -23.40
C LEU A 850 67.84 -70.56 -23.42
N ASN A 851 68.46 -71.37 -22.55
CA ASN A 851 68.06 -72.74 -22.37
C ASN A 851 66.74 -72.83 -21.61
N LEU A 852 66.07 -73.97 -21.71
CA LEU A 852 64.74 -74.10 -21.12
C LEU A 852 64.81 -73.91 -19.61
N GLU A 853 65.81 -74.49 -18.96
CA GLU A 853 65.93 -74.31 -17.51
C GLU A 853 66.16 -72.85 -17.15
N GLU A 854 66.92 -72.12 -17.97
CA GLU A 854 67.12 -70.70 -17.74
C GLU A 854 65.80 -69.94 -17.80
N ARG A 855 64.96 -70.27 -18.79
CA ARG A 855 63.65 -69.63 -18.89
C ARG A 855 62.78 -69.99 -17.69
N VAL A 856 62.85 -71.24 -17.24
CA VAL A 856 62.04 -71.65 -16.09
C VAL A 856 62.46 -70.89 -14.84
N VAL A 857 63.75 -70.75 -14.61
CA VAL A 857 64.21 -70.01 -13.43
C VAL A 857 63.84 -68.53 -13.56
N LEU A 858 63.90 -67.98 -14.77
CA LEU A 858 63.45 -66.60 -14.95
C LEU A 858 61.98 -66.44 -14.58
N LYS A 859 61.15 -67.37 -15.03
CA LYS A 859 59.73 -67.30 -14.69
C LYS A 859 59.53 -67.43 -13.18
N ARG A 860 60.30 -68.30 -12.54
CA ARG A 860 60.19 -68.45 -11.09
C ARG A 860 60.55 -67.14 -10.38
N PHE A 861 61.64 -66.50 -10.81
CA PHE A 861 62.05 -65.22 -10.23
C PHE A 861 60.96 -64.17 -10.43
N CYS A 862 60.40 -64.09 -11.63
CA CYS A 862 59.37 -63.09 -11.91
C CYS A 862 58.13 -63.34 -11.08
N ARG A 863 57.74 -64.61 -10.90
CA ARG A 863 56.59 -64.91 -10.06
C ARG A 863 56.86 -64.52 -8.61
N MET A 864 58.08 -64.75 -8.13
CA MET A 864 58.42 -64.30 -6.78
C MET A 864 58.26 -62.78 -6.67
N ALA A 865 58.75 -62.04 -7.65
CA ALA A 865 58.67 -60.58 -7.60
C ALA A 865 57.21 -60.12 -7.64
N VAL A 866 56.38 -60.77 -8.48
CA VAL A 866 54.98 -60.39 -8.56
C VAL A 866 54.27 -60.66 -7.24
N GLU A 867 54.56 -61.81 -6.62
CA GLU A 867 53.99 -62.07 -5.30
C GLU A 867 54.43 -61.02 -4.30
N GLY A 868 55.70 -60.60 -4.38
CA GLY A 868 56.16 -59.54 -3.50
C GLY A 868 55.40 -58.24 -3.69
N VAL A 869 55.13 -57.87 -4.94
CA VAL A 869 54.38 -56.65 -5.21
C VAL A 869 52.95 -56.77 -4.68
N TRP A 870 52.29 -57.88 -4.99
CA TRP A 870 50.89 -58.02 -4.57
C TRP A 870 50.77 -58.06 -3.06
N ASN A 871 51.70 -58.71 -2.36
CA ASN A 871 51.62 -58.84 -0.91
C ASN A 871 52.32 -57.68 -0.19
N ARG A 872 52.81 -56.69 -0.91
CA ARG A 872 53.37 -55.48 -0.30
C ARG A 872 54.45 -55.80 0.72
N LYS A 873 55.29 -56.78 0.39
CA LYS A 873 56.46 -57.11 1.19
C LYS A 873 57.70 -57.02 0.31
N SER A 874 58.69 -56.25 0.76
CA SER A 874 59.93 -56.09 0.04
C SER A 874 61.05 -56.98 0.57
N VAL A 875 60.76 -57.82 1.56
CA VAL A 875 61.77 -58.65 2.20
C VAL A 875 61.37 -60.11 2.02
N PHE A 876 62.33 -60.93 1.58
CA PHE A 876 62.12 -62.36 1.37
C PHE A 876 63.16 -63.12 2.17
N ASP A 877 62.70 -64.00 3.06
CA ASP A 877 63.61 -64.87 3.78
C ASP A 877 63.96 -66.09 2.94
N GLY A 878 65.07 -66.73 3.30
CA GLY A 878 65.53 -67.88 2.53
C GLY A 878 64.50 -68.98 2.42
N ASP A 879 63.61 -69.08 3.41
CA ASP A 879 62.57 -70.11 3.35
C ASP A 879 61.67 -69.92 2.15
N ASP A 880 61.23 -68.69 1.89
CA ASP A 880 60.39 -68.43 0.72
C ASP A 880 61.15 -68.74 -0.57
N LEU A 881 62.44 -68.40 -0.60
CA LEU A 881 63.25 -68.72 -1.77
C LEU A 881 63.30 -70.22 -2.00
N MET A 882 63.46 -71.00 -0.94
CA MET A 882 63.47 -72.46 -1.08
C MET A 882 62.11 -72.95 -1.59
N VAL A 883 61.02 -72.38 -1.06
CA VAL A 883 59.69 -72.76 -1.55
C VAL A 883 59.59 -72.49 -3.04
N GLN A 884 60.09 -71.35 -3.49
CA GLN A 884 60.11 -71.09 -4.93
C GLN A 884 61.00 -72.10 -5.65
N GLY A 885 62.16 -72.39 -5.08
CA GLY A 885 63.05 -73.40 -5.61
C GLY A 885 64.21 -72.88 -6.43
N LEU A 886 64.16 -71.63 -6.87
CA LEU A 886 65.27 -71.08 -7.66
C LEU A 886 66.54 -71.05 -6.83
N GLY A 887 67.65 -71.37 -7.48
CA GLY A 887 68.93 -71.37 -6.78
C GLY A 887 69.43 -69.97 -6.50
N GLU A 888 70.33 -69.86 -5.52
CA GLU A 888 70.88 -68.58 -5.17
C GLU A 888 71.90 -68.11 -6.21
N SER A 889 72.71 -69.02 -6.74
CA SER A 889 73.72 -68.62 -7.72
C SER A 889 73.07 -68.10 -8.99
N GLU A 890 72.04 -68.78 -9.49
CA GLU A 890 71.35 -68.33 -10.69
C GLU A 890 70.70 -66.97 -10.45
N LEU A 891 70.06 -66.81 -9.29
CA LEU A 891 69.44 -65.52 -8.96
C LEU A 891 70.49 -64.41 -8.91
N ARG A 892 71.63 -64.68 -8.30
CA ARG A 892 72.69 -63.69 -8.22
C ARG A 892 73.21 -63.32 -9.61
N ALA A 893 73.34 -64.33 -10.49
CA ALA A 893 73.80 -64.05 -11.85
C ALA A 893 72.77 -63.25 -12.64
N LEU A 894 71.47 -63.45 -12.36
CA LEU A 894 70.44 -62.79 -13.15
C LEU A 894 70.29 -61.32 -12.76
N PHE A 895 70.46 -60.98 -11.48
CA PHE A 895 70.31 -59.61 -11.01
C PHE A 895 71.67 -59.08 -10.55
N HIS A 896 71.83 -57.76 -10.67
CA HIS A 896 73.06 -57.08 -10.24
C HIS A 896 72.83 -56.11 -9.09
N MET A 897 71.75 -55.33 -9.13
CA MET A 897 71.43 -54.39 -8.06
C MET A 897 70.11 -54.78 -7.41
N HIS A 914 65.76 -53.28 -5.86
CA HIS A 914 65.16 -51.95 -5.88
C HIS A 914 63.72 -52.03 -6.36
N LEU A 915 62.85 -51.21 -5.77
CA LEU A 915 61.43 -51.29 -6.09
C LEU A 915 61.18 -51.17 -7.59
N SER A 916 61.97 -50.33 -8.27
CA SER A 916 61.82 -50.19 -9.72
C SER A 916 62.08 -51.52 -10.41
N LEU A 917 63.10 -52.24 -9.99
CA LEU A 917 63.40 -53.54 -10.60
C LEU A 917 62.27 -54.53 -10.35
N GLN A 918 61.72 -54.54 -9.13
CA GLN A 918 60.62 -55.45 -8.84
C GLN A 918 59.39 -55.13 -9.71
N ASP A 919 59.10 -53.85 -9.88
CA ASP A 919 57.97 -53.45 -10.73
C ASP A 919 58.20 -53.87 -12.18
N PHE A 920 59.41 -53.63 -12.69
CA PHE A 920 59.70 -54.03 -14.06
C PHE A 920 59.58 -55.54 -14.22
N CYS A 921 60.00 -56.30 -13.18
CA CYS A 921 59.88 -57.74 -13.24
C CYS A 921 58.43 -58.19 -13.23
N ALA A 922 57.58 -57.48 -12.48
CA ALA A 922 56.15 -57.79 -12.52
C ALA A 922 55.58 -57.52 -13.92
N ALA A 923 55.99 -56.42 -14.53
CA ALA A 923 55.59 -56.17 -15.92
C ALA A 923 56.02 -57.30 -16.83
N LEU A 924 57.27 -57.75 -16.69
CA LEU A 924 57.76 -58.84 -17.51
C LEU A 924 56.93 -60.10 -17.29
N TYR A 925 56.64 -60.43 -16.04
CA TYR A 925 55.77 -61.57 -15.77
C TYR A 925 54.47 -61.45 -16.54
N TYR A 926 53.81 -60.30 -16.45
CA TYR A 926 52.54 -60.14 -17.15
C TYR A 926 52.72 -60.30 -18.66
N VAL A 927 53.89 -59.92 -19.18
CA VAL A 927 54.14 -60.07 -20.61
C VAL A 927 54.25 -61.55 -20.98
N LEU A 928 54.99 -62.32 -20.19
CA LEU A 928 55.24 -63.73 -20.49
C LEU A 928 54.02 -64.59 -20.17
N LYS A 944 45.59 -69.76 -4.43
CA LYS A 944 45.14 -68.69 -3.56
C LYS A 944 43.62 -68.75 -3.35
N THR A 945 43.16 -68.11 -2.29
CA THR A 945 41.74 -68.13 -1.95
C THR A 945 40.93 -67.49 -3.06
N LYS A 946 39.60 -67.66 -2.97
CA LYS A 946 38.72 -67.14 -4.02
C LYS A 946 38.80 -65.62 -4.10
N ARG A 947 38.83 -64.94 -2.94
CA ARG A 947 38.96 -63.50 -2.88
C ARG A 947 39.82 -63.13 -1.69
N SER A 948 40.82 -62.27 -1.93
CA SER A 948 41.81 -61.94 -0.92
C SER A 948 41.89 -60.44 -0.74
N MET A 949 42.27 -60.02 0.47
CA MET A 949 42.40 -58.60 0.77
C MET A 949 43.61 -57.97 0.09
N GLU A 950 44.58 -58.78 -0.34
CA GLU A 950 45.74 -58.23 -1.03
C GLU A 950 45.33 -57.54 -2.33
N LEU A 951 44.19 -57.91 -2.90
CA LEU A 951 43.69 -57.21 -4.08
C LEU A 951 43.39 -55.76 -3.76
N LYS A 952 42.42 -55.52 -2.85
CA LYS A 952 42.05 -54.15 -2.51
C LYS A 952 43.24 -53.40 -1.94
N GLN A 953 44.07 -54.06 -1.13
CA GLN A 953 45.26 -53.41 -0.59
C GLN A 953 46.12 -52.85 -1.71
N ALA A 954 46.46 -53.67 -2.70
CA ALA A 954 47.18 -53.18 -3.88
C ALA A 954 46.30 -52.32 -4.77
N GLY A 955 44.99 -52.27 -4.51
CA GLY A 955 44.09 -51.43 -5.28
C GLY A 955 44.17 -49.96 -4.94
N PHE A 956 44.95 -49.60 -3.92
CA PHE A 956 45.15 -48.19 -3.60
C PHE A 956 45.90 -47.45 -4.71
N HIS A 957 46.51 -48.19 -5.65
CA HIS A 957 47.26 -47.60 -6.76
C HIS A 957 48.10 -46.41 -6.29
N ILE A 958 48.75 -46.56 -5.15
CA ILE A 958 49.71 -45.58 -4.67
C ILE A 958 51.14 -46.02 -5.00
N HIS A 959 51.37 -47.33 -5.09
CA HIS A 959 52.68 -47.86 -5.44
C HIS A 959 52.66 -48.75 -6.68
N SER A 960 51.48 -49.11 -7.19
CA SER A 960 51.38 -49.88 -8.41
C SER A 960 51.42 -49.02 -9.67
N LEU A 961 51.57 -47.69 -9.51
CA LEU A 961 51.63 -46.82 -10.67
C LEU A 961 52.81 -47.16 -11.56
N TRP A 962 53.96 -47.44 -10.96
CA TRP A 962 55.15 -47.75 -11.75
C TRP A 962 54.96 -49.04 -12.54
N MET A 963 54.33 -50.04 -11.93
CA MET A 963 54.11 -51.31 -12.62
C MET A 963 53.27 -51.11 -13.88
N LYS A 964 52.17 -50.35 -13.76
CA LYS A 964 51.33 -50.10 -14.94
C LYS A 964 52.06 -49.25 -15.97
N ARG A 965 52.79 -48.21 -15.52
CA ARG A 965 53.56 -47.41 -16.46
C ARG A 965 54.49 -48.29 -17.29
N PHE A 966 55.19 -49.22 -16.63
CA PHE A 966 56.05 -50.14 -17.37
C PHE A 966 55.23 -51.05 -18.27
N LEU A 967 54.11 -51.56 -17.76
CA LEU A 967 53.30 -52.49 -18.53
C LEU A 967 52.89 -51.89 -19.86
N PHE A 968 52.52 -50.60 -19.86
CA PHE A 968 52.15 -49.96 -21.12
C PHE A 968 53.37 -49.75 -21.99
N GLY A 969 54.57 -49.71 -21.40
CA GLY A 969 55.77 -49.40 -22.16
C GLY A 969 56.35 -50.56 -22.95
N LEU A 970 55.91 -51.78 -22.70
CA LEU A 970 56.52 -52.95 -23.32
C LEU A 970 55.89 -53.33 -24.64
N VAL A 971 54.67 -52.88 -24.94
CA VAL A 971 54.08 -53.15 -26.26
C VAL A 971 54.70 -52.30 -27.35
N SER A 972 55.67 -51.45 -27.01
CA SER A 972 56.42 -50.74 -28.02
C SER A 972 57.36 -51.70 -28.76
N GLU A 973 57.34 -51.64 -30.08
CA GLU A 973 58.11 -52.61 -30.87
C GLU A 973 59.61 -52.43 -30.66
N ASP A 974 60.08 -51.19 -30.54
CA ASP A 974 61.50 -50.95 -30.34
C ASP A 974 61.99 -51.62 -29.06
N VAL A 975 61.11 -51.74 -28.06
CA VAL A 975 61.47 -52.45 -26.83
C VAL A 975 61.11 -53.94 -26.91
N ARG A 976 60.20 -54.32 -27.81
CA ARG A 976 59.82 -55.72 -27.92
C ARG A 976 60.88 -56.52 -28.66
N ARG A 977 61.44 -55.97 -29.73
CA ARG A 977 62.31 -56.78 -30.60
C ARG A 977 63.51 -57.37 -29.86
N PRO A 978 64.22 -56.66 -28.98
CA PRO A 978 65.34 -57.32 -28.29
C PRO A 978 64.90 -58.53 -27.48
N LEU A 979 63.73 -58.46 -26.86
CA LEU A 979 63.21 -59.60 -26.10
C LEU A 979 62.97 -60.79 -27.01
N GLU A 980 62.39 -60.56 -28.19
CA GLU A 980 62.10 -61.66 -29.10
C GLU A 980 63.37 -62.36 -29.55
N VAL A 981 64.41 -61.59 -29.91
CA VAL A 981 65.64 -62.19 -30.38
C VAL A 981 66.37 -62.89 -29.23
N LEU A 982 66.34 -62.29 -28.04
CA LEU A 982 66.98 -62.92 -26.89
C LEU A 982 66.33 -64.26 -26.57
N LEU A 983 65.00 -64.27 -26.47
CA LEU A 983 64.29 -65.52 -26.22
C LEU A 983 64.24 -66.40 -27.47
N GLY A 984 64.01 -65.80 -28.63
CA GLY A 984 63.94 -66.52 -29.87
C GLY A 984 62.62 -67.21 -30.15
N CYS A 985 61.59 -66.96 -29.34
CA CYS A 985 60.29 -67.58 -29.51
C CYS A 985 59.20 -66.53 -29.57
N PRO A 986 58.13 -66.78 -30.31
CA PRO A 986 57.03 -65.81 -30.36
C PRO A 986 56.34 -65.69 -29.00
N VAL A 987 55.89 -64.48 -28.70
CA VAL A 987 55.26 -64.20 -27.41
C VAL A 987 53.93 -63.49 -27.65
N PRO A 988 52.88 -64.21 -28.02
CA PRO A 988 51.56 -63.58 -28.09
C PRO A 988 51.12 -63.10 -26.73
N LEU A 989 50.42 -61.96 -26.72
CA LEU A 989 50.03 -61.33 -25.46
C LEU A 989 48.63 -60.74 -25.61
N GLY A 990 47.73 -61.18 -24.74
CA GLY A 990 46.39 -60.66 -24.68
C GLY A 990 46.24 -59.40 -23.88
N VAL A 991 47.34 -58.86 -23.34
CA VAL A 991 47.26 -57.61 -22.59
C VAL A 991 46.82 -56.48 -23.49
N LYS A 992 47.40 -56.38 -24.69
CA LYS A 992 47.12 -55.24 -25.57
C LYS A 992 45.62 -55.05 -25.75
N GLN A 993 44.88 -56.14 -25.93
CA GLN A 993 43.44 -56.01 -26.07
C GLN A 993 42.83 -55.36 -24.83
N LYS A 994 43.24 -55.80 -23.65
CA LYS A 994 42.68 -55.26 -22.41
C LYS A 994 43.03 -53.78 -22.25
N LEU A 995 44.27 -53.41 -22.55
CA LEU A 995 44.68 -52.01 -22.43
C LEU A 995 43.90 -51.11 -23.39
N LEU A 996 43.79 -51.54 -24.65
CA LEU A 996 43.03 -50.76 -25.62
C LEU A 996 41.58 -50.63 -25.17
N HIS A 997 40.99 -51.73 -24.69
CA HIS A 997 39.61 -51.67 -24.22
C HIS A 997 39.48 -50.74 -23.02
N TRP A 998 40.52 -50.69 -22.17
CA TRP A 998 40.48 -49.81 -21.00
C TRP A 998 40.40 -48.35 -21.41
N VAL A 999 41.32 -47.92 -22.28
CA VAL A 999 41.31 -46.52 -22.69
C VAL A 999 40.03 -46.20 -23.46
N SER A 1000 39.60 -47.11 -24.34
CA SER A 1000 38.38 -46.87 -25.09
C SER A 1000 37.17 -46.78 -24.17
N LEU A 1001 37.18 -47.55 -23.07
CA LEU A 1001 36.10 -47.44 -22.10
C LEU A 1001 36.11 -46.08 -21.44
N LEU A 1002 37.30 -45.54 -21.17
CA LEU A 1002 37.35 -44.16 -20.70
C LEU A 1002 36.68 -43.22 -21.70
N GLY A 1003 37.02 -43.36 -22.98
CA GLY A 1003 36.55 -42.41 -23.97
C GLY A 1003 35.04 -42.33 -24.08
N GLN A 1004 34.33 -43.44 -23.85
CA GLN A 1004 32.89 -43.52 -24.11
C GLN A 1004 32.03 -42.85 -23.05
N GLN A 1005 32.61 -42.17 -22.08
CA GLN A 1005 31.81 -41.66 -20.97
C GLN A 1005 30.91 -40.52 -21.45
N PRO A 1006 29.62 -40.51 -21.07
CA PRO A 1006 28.73 -39.45 -21.57
C PRO A 1006 29.21 -38.05 -21.28
N ASN A 1007 29.77 -37.81 -20.10
CA ASN A 1007 30.25 -36.49 -19.75
C ASN A 1007 31.63 -36.25 -20.37
N ALA A 1008 31.97 -34.97 -20.53
CA ALA A 1008 33.31 -34.62 -20.98
C ALA A 1008 34.34 -35.18 -20.00
N THR A 1009 35.40 -35.76 -20.56
CA THR A 1009 36.33 -36.53 -19.74
C THR A 1009 36.89 -35.68 -18.61
N THR A 1010 36.98 -36.27 -17.43
CA THR A 1010 37.51 -35.55 -16.27
C THR A 1010 38.94 -35.09 -16.57
N PRO A 1011 39.32 -33.89 -16.14
CA PRO A 1011 40.68 -33.41 -16.48
C PRO A 1011 41.80 -34.32 -16.02
N GLY A 1012 41.75 -34.81 -14.78
CA GLY A 1012 42.83 -35.65 -14.28
C GLY A 1012 42.91 -36.98 -15.00
N ASP A 1013 41.77 -37.62 -15.23
CA ASP A 1013 41.76 -38.87 -15.98
C ASP A 1013 42.35 -38.67 -17.35
N THR A 1014 41.95 -37.58 -18.03
CA THR A 1014 42.47 -37.33 -19.38
C THR A 1014 43.97 -37.10 -19.35
N LEU A 1015 44.47 -36.36 -18.36
CA LEU A 1015 45.90 -36.11 -18.29
C LEU A 1015 46.69 -37.39 -18.07
N ASP A 1016 46.22 -38.26 -17.17
CA ASP A 1016 46.94 -39.51 -16.92
C ASP A 1016 46.87 -40.42 -18.15
N ALA A 1017 45.72 -40.44 -18.83
CA ALA A 1017 45.63 -41.22 -20.06
C ALA A 1017 46.63 -40.73 -21.09
N PHE A 1018 46.77 -39.41 -21.23
CA PHE A 1018 47.77 -38.88 -22.14
C PHE A 1018 49.16 -39.33 -21.72
N HIS A 1019 49.46 -39.30 -20.42
CA HIS A 1019 50.78 -39.73 -19.97
C HIS A 1019 51.06 -41.18 -20.39
N CYS A 1020 50.13 -42.08 -20.08
CA CYS A 1020 50.35 -43.49 -20.41
C CYS A 1020 50.48 -43.70 -21.91
N LEU A 1021 49.57 -43.13 -22.70
CA LEU A 1021 49.62 -43.31 -24.14
C LEU A 1021 50.93 -42.77 -24.69
N PHE A 1022 51.36 -41.59 -24.21
CA PHE A 1022 52.65 -41.06 -24.66
C PHE A 1022 53.78 -42.02 -24.31
N GLU A 1023 53.65 -42.73 -23.18
CA GLU A 1023 54.63 -43.77 -22.88
C GLU A 1023 54.63 -44.86 -23.94
N THR A 1024 53.44 -45.24 -24.42
CA THR A 1024 53.36 -46.34 -25.38
C THR A 1024 54.22 -46.07 -26.61
N GLN A 1025 54.12 -44.87 -27.19
CA GLN A 1025 54.94 -44.48 -28.34
C GLN A 1025 54.61 -45.28 -29.60
N ASP A 1026 53.36 -45.70 -29.76
CA ASP A 1026 52.91 -46.43 -30.94
C ASP A 1026 51.80 -45.62 -31.62
N LYS A 1027 52.03 -45.27 -32.89
CA LYS A 1027 51.11 -44.38 -33.58
C LYS A 1027 49.77 -45.05 -33.84
N GLU A 1028 49.79 -46.27 -34.39
CA GLU A 1028 48.54 -46.96 -34.69
C GLU A 1028 47.80 -47.31 -33.41
N PHE A 1029 48.52 -47.68 -32.35
CA PHE A 1029 47.89 -47.96 -31.08
C PHE A 1029 47.12 -46.76 -30.58
N VAL A 1030 47.76 -45.59 -30.55
CA VAL A 1030 47.10 -44.37 -30.09
C VAL A 1030 45.91 -44.06 -30.99
N ARG A 1031 46.08 -44.18 -32.30
CA ARG A 1031 44.99 -43.88 -33.22
C ARG A 1031 43.79 -44.78 -32.97
N LEU A 1032 44.02 -46.05 -32.65
CA LEU A 1032 42.92 -46.95 -32.35
C LEU A 1032 42.29 -46.63 -31.00
N ALA A 1033 43.10 -46.18 -30.05
CA ALA A 1033 42.57 -45.92 -28.70
C ALA A 1033 41.81 -44.60 -28.65
N LEU A 1034 42.43 -43.52 -29.13
CA LEU A 1034 41.84 -42.19 -29.00
C LEU A 1034 40.58 -42.01 -29.84
N ASN A 1035 40.32 -42.93 -30.77
CA ASN A 1035 39.24 -42.76 -31.72
C ASN A 1035 37.88 -42.57 -31.04
N SER A 1036 37.70 -43.05 -29.82
CA SER A 1036 36.37 -43.19 -29.26
C SER A 1036 35.68 -41.84 -29.08
N PHE A 1037 36.38 -40.84 -28.58
CA PHE A 1037 35.76 -39.62 -28.10
C PHE A 1037 35.90 -38.48 -29.12
N GLN A 1038 35.22 -37.38 -28.83
CA GLN A 1038 35.17 -36.21 -29.70
C GLN A 1038 35.81 -34.97 -29.08
N GLU A 1039 35.44 -34.59 -27.86
CA GLU A 1039 35.92 -33.38 -27.23
C GLU A 1039 36.63 -33.72 -25.93
N VAL A 1040 37.67 -32.94 -25.62
CA VAL A 1040 38.54 -33.20 -24.48
C VAL A 1040 38.69 -31.94 -23.64
N TRP A 1041 39.03 -32.15 -22.37
CA TRP A 1041 39.28 -31.10 -21.39
C TRP A 1041 40.61 -31.44 -20.72
N LEU A 1042 41.61 -30.56 -20.84
CA LEU A 1042 43.00 -30.90 -20.57
C LEU A 1042 43.71 -29.75 -19.86
N PRO A 1043 43.81 -29.81 -18.53
CA PRO A 1043 44.67 -28.85 -17.83
C PRO A 1043 46.13 -29.07 -18.19
N ILE A 1044 46.92 -28.00 -18.06
CA ILE A 1044 48.35 -28.07 -18.30
C ILE A 1044 49.06 -27.47 -17.09
N ASN A 1045 49.67 -28.34 -16.28
CA ASN A 1045 50.35 -27.91 -15.07
C ASN A 1045 51.88 -27.92 -15.18
N GLN A 1046 52.47 -28.76 -16.03
CA GLN A 1046 53.91 -28.90 -16.04
C GLN A 1046 54.40 -29.17 -17.46
N ASN A 1047 55.69 -28.90 -17.68
CA ASN A 1047 56.28 -29.05 -18.99
C ASN A 1047 56.01 -30.43 -19.58
N LEU A 1048 56.23 -31.48 -18.78
CA LEU A 1048 55.94 -32.83 -19.26
C LEU A 1048 54.48 -32.96 -19.67
N ASP A 1049 53.59 -32.21 -19.01
CA ASP A 1049 52.20 -32.17 -19.45
C ASP A 1049 52.09 -31.61 -20.86
N LEU A 1050 52.85 -30.54 -21.15
CA LEU A 1050 52.84 -29.99 -22.50
C LEU A 1050 53.33 -31.03 -23.50
N ILE A 1051 54.39 -31.74 -23.15
CA ILE A 1051 54.95 -32.74 -24.08
C ILE A 1051 53.92 -33.81 -24.38
N ALA A 1052 53.29 -34.35 -23.33
CA ALA A 1052 52.28 -35.38 -23.52
C ALA A 1052 51.12 -34.87 -24.36
N SER A 1053 50.65 -33.64 -24.07
CA SER A 1053 49.52 -33.09 -24.80
C SER A 1053 49.87 -32.87 -26.27
N SER A 1054 51.09 -32.42 -26.55
CA SER A 1054 51.50 -32.21 -27.94
C SER A 1054 51.56 -33.53 -28.68
N PHE A 1055 52.19 -34.54 -28.10
CA PHE A 1055 52.34 -35.81 -28.82
C PHE A 1055 50.99 -36.50 -29.02
N CYS A 1056 50.15 -36.53 -27.99
CA CYS A 1056 49.02 -37.46 -28.01
C CYS A 1056 47.83 -36.93 -28.79
N LEU A 1057 47.86 -35.68 -29.26
CA LEU A 1057 46.71 -35.13 -29.96
C LEU A 1057 46.88 -35.13 -31.47
N GLN A 1058 48.11 -35.17 -31.98
CA GLN A 1058 48.31 -35.25 -33.42
C GLN A 1058 47.63 -36.46 -34.03
N HIS A 1059 47.43 -37.52 -33.25
CA HIS A 1059 46.90 -38.78 -33.74
C HIS A 1059 45.44 -38.98 -33.38
N CYS A 1060 44.73 -37.93 -32.99
CA CYS A 1060 43.30 -38.02 -32.75
C CYS A 1060 42.57 -37.63 -34.03
N PRO A 1061 41.77 -38.51 -34.63
CA PRO A 1061 41.19 -38.18 -35.93
C PRO A 1061 39.87 -37.44 -35.88
N TYR A 1062 39.17 -37.45 -34.74
CA TYR A 1062 37.84 -36.88 -34.63
C TYR A 1062 37.78 -35.76 -33.59
N LEU A 1063 38.81 -34.92 -33.53
CA LEU A 1063 38.81 -33.82 -32.57
C LEU A 1063 38.03 -32.65 -33.13
N ARG A 1064 37.15 -32.08 -32.32
CA ARG A 1064 36.40 -30.87 -32.65
C ARG A 1064 36.67 -29.72 -31.70
N LYS A 1065 36.63 -29.97 -30.39
CA LYS A 1065 36.68 -28.92 -29.38
C LYS A 1065 37.79 -29.23 -28.39
N ILE A 1066 38.33 -28.19 -27.77
CA ILE A 1066 39.40 -28.35 -26.78
C ILE A 1066 39.52 -27.06 -25.99
N ARG A 1067 39.86 -27.19 -24.71
CA ARG A 1067 40.16 -26.06 -23.85
C ARG A 1067 41.36 -26.39 -22.98
N VAL A 1068 42.16 -25.38 -22.67
CA VAL A 1068 43.40 -25.56 -21.93
C VAL A 1068 43.49 -24.51 -20.83
N ASP A 1069 43.66 -24.97 -19.59
CA ASP A 1069 43.84 -24.09 -18.45
C ASP A 1069 45.33 -24.05 -18.13
N VAL A 1070 45.99 -22.95 -18.50
CA VAL A 1070 47.43 -22.84 -18.43
C VAL A 1070 47.80 -21.79 -17.39
N LYS A 1071 48.65 -22.18 -16.43
CA LYS A 1071 49.13 -21.26 -15.41
C LYS A 1071 50.50 -21.75 -14.92
N GLY A 1072 51.41 -20.80 -14.72
CA GLY A 1072 52.70 -21.09 -14.13
C GLY A 1072 53.72 -21.69 -15.06
N ILE A 1073 53.38 -21.90 -16.33
CA ILE A 1073 54.32 -22.54 -17.25
C ILE A 1073 55.20 -21.50 -17.92
N PHE A 1074 54.74 -20.26 -18.01
CA PHE A 1074 55.41 -19.28 -18.83
C PHE A 1074 56.66 -18.76 -18.11
N PRO A 1075 57.82 -18.77 -18.76
CA PRO A 1075 59.06 -18.47 -18.05
C PRO A 1075 59.07 -17.06 -17.50
N ARG A 1076 59.78 -16.89 -16.39
CA ARG A 1076 59.95 -15.56 -15.81
C ARG A 1076 60.59 -14.63 -16.84
N ASP A 1077 60.06 -13.42 -16.93
CA ASP A 1077 60.56 -12.47 -17.91
C ASP A 1077 62.03 -12.19 -17.67
N GLU A 1078 62.78 -12.02 -18.77
CA GLU A 1078 64.21 -11.73 -18.64
C GLU A 1078 64.45 -10.49 -17.81
N SER A 1079 63.48 -9.57 -17.79
CA SER A 1079 63.60 -8.32 -17.05
C SER A 1079 62.80 -8.42 -15.75
N ALA A 1080 63.44 -8.07 -14.64
CA ALA A 1080 62.79 -7.99 -13.33
C ALA A 1080 62.53 -9.36 -12.72
N GLU A 1081 62.97 -10.43 -13.37
CA GLU A 1081 62.82 -11.78 -12.85
C GLU A 1081 64.08 -12.61 -13.12
N ALA A 1082 65.23 -11.94 -13.13
CA ALA A 1082 66.49 -12.66 -13.35
C ALA A 1082 66.72 -13.68 -12.25
N CYS A 1083 67.04 -14.90 -12.65
CA CYS A 1083 67.24 -16.01 -11.71
C CYS A 1083 68.67 -16.52 -11.81
N PRO A 1084 69.49 -16.34 -10.78
CA PRO A 1084 70.87 -16.87 -10.86
C PRO A 1084 70.94 -18.36 -11.12
N VAL A 1085 70.03 -19.14 -10.54
CA VAL A 1085 70.07 -20.59 -10.73
C VAL A 1085 69.88 -20.94 -12.20
N VAL A 1086 68.91 -20.30 -12.85
CA VAL A 1086 68.65 -20.59 -14.26
C VAL A 1086 69.84 -20.13 -15.10
N PRO A 1087 70.29 -20.92 -16.09
CA PRO A 1087 71.38 -20.45 -16.96
C PRO A 1087 70.89 -19.46 -18.01
N LEU A 1088 71.79 -19.06 -18.92
CA LEU A 1088 71.39 -18.12 -19.96
C LEU A 1088 70.32 -18.71 -20.87
N TRP A 1089 70.45 -19.99 -21.22
CA TRP A 1089 69.48 -20.62 -22.11
C TRP A 1089 68.09 -20.62 -21.50
N MET A 1090 68.00 -20.91 -20.20
CA MET A 1090 66.69 -20.94 -19.55
C MET A 1090 66.04 -19.55 -19.55
N ARG A 1091 66.84 -18.50 -19.35
CA ARG A 1091 66.28 -17.15 -19.29
C ARG A 1091 65.68 -16.75 -20.63
N ASP A 1092 66.37 -17.05 -21.73
CA ASP A 1092 65.93 -16.65 -23.06
C ASP A 1092 66.05 -17.84 -24.02
N LYS A 1093 65.05 -17.97 -24.89
CA LYS A 1093 65.01 -19.08 -25.86
C LYS A 1093 64.96 -20.43 -25.13
N THR A 1094 64.18 -20.48 -24.06
CA THR A 1094 64.09 -21.69 -23.26
C THR A 1094 63.35 -22.80 -24.01
N LEU A 1095 63.60 -24.04 -23.59
CA LEU A 1095 62.92 -25.17 -24.21
C LEU A 1095 61.41 -25.04 -24.08
N ILE A 1096 60.92 -24.45 -22.99
CA ILE A 1096 59.49 -24.27 -22.83
C ILE A 1096 58.94 -23.40 -23.94
N GLU A 1097 59.70 -22.39 -24.37
CA GLU A 1097 59.26 -21.57 -25.49
C GLU A 1097 59.08 -22.41 -26.75
N GLU A 1098 60.06 -23.25 -27.07
CA GLU A 1098 59.96 -24.10 -28.25
C GLU A 1098 58.79 -25.06 -28.14
N GLN A 1099 58.57 -25.63 -26.96
CA GLN A 1099 57.50 -26.61 -26.79
C GLN A 1099 56.14 -25.96 -26.90
N TRP A 1100 55.97 -24.76 -26.33
CA TRP A 1100 54.71 -24.04 -26.49
C TRP A 1100 54.50 -23.66 -27.95
N GLU A 1101 55.56 -23.27 -28.65
CA GLU A 1101 55.43 -22.96 -30.07
C GLU A 1101 55.00 -24.19 -30.86
N ASP A 1102 55.56 -25.36 -30.53
CA ASP A 1102 55.18 -26.57 -31.24
C ASP A 1102 53.73 -26.96 -30.95
N PHE A 1103 53.30 -26.80 -29.70
CA PHE A 1103 51.89 -27.05 -29.39
C PHE A 1103 51.00 -26.09 -30.16
N CYS A 1104 51.42 -24.83 -30.29
CA CYS A 1104 50.65 -23.87 -31.08
C CYS A 1104 50.59 -24.29 -32.54
N SER A 1105 51.69 -24.77 -33.09
CA SER A 1105 51.70 -25.23 -34.47
C SER A 1105 50.74 -26.40 -34.66
N MET A 1106 50.75 -27.34 -33.71
CA MET A 1106 49.81 -28.46 -33.79
C MET A 1106 48.37 -27.96 -33.75
N LEU A 1107 48.09 -27.02 -32.85
CA LEU A 1107 46.75 -26.44 -32.79
C LEU A 1107 46.37 -25.84 -34.12
N GLY A 1108 47.30 -25.15 -34.77
CA GLY A 1108 47.00 -24.52 -36.05
C GLY A 1108 46.76 -25.51 -37.17
N THR A 1109 47.51 -26.62 -37.18
CA THR A 1109 47.53 -27.49 -38.35
C THR A 1109 46.51 -28.63 -38.31
N HIS A 1110 45.66 -28.68 -37.30
CA HIS A 1110 44.72 -29.79 -37.19
C HIS A 1110 43.68 -29.70 -38.31
N PRO A 1111 43.28 -30.83 -38.92
CA PRO A 1111 42.31 -30.76 -40.02
C PRO A 1111 40.86 -30.62 -39.59
N HIS A 1112 40.49 -31.26 -38.47
CA HIS A 1112 39.10 -31.31 -38.04
C HIS A 1112 38.83 -30.44 -36.82
N LEU A 1113 39.77 -29.61 -36.39
CA LEU A 1113 39.55 -28.72 -35.25
C LEU A 1113 38.75 -27.50 -35.70
N ARG A 1114 37.73 -27.14 -34.92
CA ARG A 1114 36.92 -25.97 -35.19
C ARG A 1114 36.93 -24.94 -34.06
N GLN A 1115 36.71 -25.37 -32.83
CA GLN A 1115 36.47 -24.48 -31.70
C GLN A 1115 37.64 -24.57 -30.72
N LEU A 1116 38.08 -23.41 -30.26
CA LEU A 1116 39.15 -23.31 -29.27
C LEU A 1116 38.69 -22.39 -28.17
N ASP A 1117 39.09 -22.67 -26.93
CA ASP A 1117 38.60 -21.95 -25.77
C ASP A 1117 39.68 -21.97 -24.69
N LEU A 1118 39.58 -21.03 -23.76
CA LEU A 1118 40.49 -20.95 -22.64
C LEU A 1118 39.67 -20.78 -21.37
N GLY A 1119 39.47 -21.87 -20.63
CA GLY A 1119 38.63 -21.80 -19.45
C GLY A 1119 39.19 -20.86 -18.39
N SER A 1120 40.50 -20.72 -18.35
CA SER A 1120 41.15 -19.77 -17.45
C SER A 1120 42.63 -19.77 -17.77
N SER A 1121 43.29 -18.63 -17.62
CA SER A 1121 44.71 -18.59 -17.94
C SER A 1121 45.27 -17.22 -17.59
N ILE A 1122 46.57 -17.19 -17.34
CA ILE A 1122 47.32 -15.96 -17.16
C ILE A 1122 48.34 -15.92 -18.30
N LEU A 1123 47.96 -15.36 -19.43
CA LEU A 1123 48.82 -15.33 -20.61
C LEU A 1123 49.77 -14.14 -20.54
N THR A 1124 51.02 -14.38 -20.91
CA THR A 1124 51.97 -13.30 -21.09
C THR A 1124 51.87 -12.73 -22.49
N GLU A 1125 52.37 -11.50 -22.65
CA GLU A 1125 52.34 -10.86 -23.96
C GLU A 1125 53.08 -11.71 -24.98
N ARG A 1126 54.23 -12.26 -24.61
CA ARG A 1126 54.95 -13.14 -25.51
C ARG A 1126 54.12 -14.37 -25.83
N ALA A 1127 53.39 -14.90 -24.84
CA ALA A 1127 52.57 -16.07 -25.08
C ALA A 1127 51.49 -15.79 -26.11
N MET A 1128 50.78 -14.68 -25.97
CA MET A 1128 49.70 -14.37 -26.91
C MET A 1128 50.26 -14.03 -28.29
N LYS A 1129 51.41 -13.36 -28.34
CA LYS A 1129 52.05 -13.12 -29.62
C LYS A 1129 52.37 -14.43 -30.32
N THR A 1130 52.94 -15.39 -29.59
CA THR A 1130 53.28 -16.68 -30.18
C THR A 1130 52.03 -17.43 -30.62
N LEU A 1131 50.97 -17.37 -29.82
CA LEU A 1131 49.73 -18.06 -30.20
C LEU A 1131 49.14 -17.46 -31.47
N CYS A 1132 49.13 -16.12 -31.57
CA CYS A 1132 48.54 -15.49 -32.74
C CYS A 1132 49.40 -15.73 -33.97
N ALA A 1133 50.72 -15.80 -33.81
CA ALA A 1133 51.59 -16.05 -34.96
C ALA A 1133 51.18 -17.32 -35.69
N LYS A 1134 50.75 -18.34 -34.96
CA LYS A 1134 50.44 -19.63 -35.58
C LYS A 1134 48.99 -19.68 -36.07
N LEU A 1135 48.23 -18.60 -35.88
CA LEU A 1135 46.86 -18.57 -36.32
C LEU A 1135 46.64 -17.69 -37.55
N ARG A 1136 47.64 -16.88 -37.93
CA ARG A 1136 47.52 -16.09 -39.16
C ARG A 1136 47.68 -16.95 -40.40
N HIS A 1137 48.13 -18.19 -40.24
CA HIS A 1137 48.35 -19.05 -41.40
C HIS A 1137 46.99 -19.41 -42.03
N PRO A 1138 46.87 -19.34 -43.36
CA PRO A 1138 45.56 -19.62 -43.98
C PRO A 1138 45.08 -21.05 -43.80
N THR A 1139 45.98 -22.00 -43.52
CA THR A 1139 45.56 -23.39 -43.38
C THR A 1139 44.67 -23.61 -42.17
N CYS A 1140 44.60 -22.66 -41.25
CA CYS A 1140 43.78 -22.82 -40.06
C CYS A 1140 42.30 -22.89 -40.43
N LYS A 1141 41.55 -23.65 -39.63
CA LYS A 1141 40.14 -23.92 -39.91
C LYS A 1141 39.25 -23.67 -38.70
N ILE A 1142 39.74 -22.98 -37.67
CA ILE A 1142 38.95 -22.81 -36.45
C ILE A 1142 37.91 -21.73 -36.68
N GLN A 1143 36.66 -22.04 -36.37
CA GLN A 1143 35.56 -21.09 -36.53
C GLN A 1143 35.41 -20.15 -35.34
N THR A 1144 35.32 -20.69 -34.13
CA THR A 1144 34.96 -19.93 -32.94
C THR A 1144 36.19 -19.66 -32.09
N LEU A 1145 36.07 -18.70 -31.16
CA LEU A 1145 37.08 -18.44 -30.17
C LEU A 1145 36.38 -18.04 -28.88
N MET A 1146 37.13 -17.94 -27.79
CA MET A 1146 36.60 -17.52 -26.50
C MET A 1146 37.73 -17.08 -25.60
N PHE A 1147 37.56 -15.92 -24.96
CA PHE A 1147 38.55 -15.40 -24.02
C PHE A 1147 37.88 -14.76 -22.81
N ARG A 1148 36.61 -15.06 -22.57
CA ARG A 1148 35.85 -14.30 -21.57
C ARG A 1148 36.45 -14.46 -20.18
N ASN A 1149 36.76 -15.68 -19.78
CA ASN A 1149 37.27 -15.91 -18.42
C ASN A 1149 38.78 -15.71 -18.31
N ALA A 1150 39.51 -15.87 -19.40
CA ALA A 1150 40.95 -15.73 -19.35
C ALA A 1150 41.35 -14.31 -18.97
N GLN A 1151 42.65 -14.11 -18.75
CA GLN A 1151 43.23 -12.78 -18.56
C GLN A 1151 44.30 -12.61 -19.62
N ILE A 1152 43.99 -11.80 -20.64
CA ILE A 1152 44.84 -11.68 -21.82
C ILE A 1152 45.08 -10.22 -22.16
N THR A 1153 44.89 -9.33 -21.20
CA THR A 1153 44.85 -7.90 -21.50
C THR A 1153 46.11 -7.38 -22.18
N PRO A 1154 47.32 -7.73 -21.76
CA PRO A 1154 48.50 -7.12 -22.40
C PRO A 1154 48.61 -7.40 -23.88
N GLY A 1155 48.17 -8.56 -24.34
CA GLY A 1155 48.29 -8.96 -25.73
C GLY A 1155 47.03 -8.88 -26.56
N VAL A 1156 46.01 -8.15 -26.10
CA VAL A 1156 44.75 -8.09 -26.85
C VAL A 1156 44.96 -7.48 -28.23
N GLN A 1157 45.87 -6.50 -28.33
CA GLN A 1157 46.09 -5.85 -29.61
C GLN A 1157 46.49 -6.85 -30.69
N HIS A 1158 47.19 -7.92 -30.31
CA HIS A 1158 47.59 -8.94 -31.27
C HIS A 1158 46.42 -9.72 -31.83
N LEU A 1159 45.25 -9.65 -31.21
CA LEU A 1159 44.12 -10.48 -31.64
C LEU A 1159 43.51 -9.98 -32.95
N TRP A 1160 43.71 -8.70 -33.28
CA TRP A 1160 43.04 -8.11 -34.44
C TRP A 1160 43.68 -8.52 -35.77
N ARG A 1161 44.99 -8.75 -35.78
CA ARG A 1161 45.67 -9.09 -37.02
C ARG A 1161 45.10 -10.38 -37.61
N ILE A 1162 44.77 -11.35 -36.75
CA ILE A 1162 44.28 -12.63 -37.27
C ILE A 1162 42.90 -12.47 -37.88
N VAL A 1163 42.02 -11.71 -37.23
CA VAL A 1163 40.68 -11.52 -37.79
C VAL A 1163 40.76 -10.76 -39.11
N MET A 1164 41.70 -9.82 -39.20
CA MET A 1164 41.90 -9.13 -40.48
C MET A 1164 42.41 -10.09 -41.55
N ALA A 1165 43.30 -11.01 -41.18
CA ALA A 1165 43.96 -11.86 -42.17
C ALA A 1165 43.14 -13.12 -42.48
N ASN A 1166 42.90 -13.96 -41.47
CA ASN A 1166 42.29 -15.26 -41.68
C ASN A 1166 40.91 -15.10 -42.30
N ARG A 1167 40.53 -16.03 -43.17
CA ARG A 1167 39.27 -15.92 -43.89
C ARG A 1167 38.19 -16.83 -43.31
N ASN A 1168 38.58 -17.93 -42.66
CA ASN A 1168 37.60 -18.88 -42.18
C ASN A 1168 37.12 -18.58 -40.76
N LEU A 1169 37.72 -17.61 -40.08
CA LEU A 1169 37.22 -17.19 -38.77
C LEU A 1169 35.81 -16.64 -38.92
N ARG A 1170 34.90 -17.10 -38.07
CA ARG A 1170 33.50 -16.71 -38.15
C ARG A 1170 33.02 -15.97 -36.92
N SER A 1171 33.51 -16.33 -35.74
CA SER A 1171 33.06 -15.72 -34.49
C SER A 1171 34.25 -15.28 -33.66
N LEU A 1172 33.99 -14.35 -32.74
CA LEU A 1172 35.01 -13.81 -31.86
C LEU A 1172 34.33 -13.30 -30.60
N ASN A 1173 34.81 -13.78 -29.45
CA ASN A 1173 34.20 -13.43 -28.17
C ASN A 1173 35.27 -12.89 -27.23
N LEU A 1174 35.07 -11.66 -26.78
CA LEU A 1174 35.90 -11.05 -25.76
C LEU A 1174 35.06 -10.89 -24.50
N GLY A 1175 35.70 -10.37 -23.44
CA GLY A 1175 34.98 -10.14 -22.21
C GLY A 1175 35.87 -9.81 -21.03
N GLY A 1176 35.40 -8.92 -20.17
CA GLY A 1176 36.12 -8.58 -18.96
C GLY A 1176 37.44 -7.87 -19.17
N THR A 1177 37.92 -7.78 -20.41
CA THR A 1177 39.18 -7.12 -20.69
C THR A 1177 39.01 -5.61 -20.63
N HIS A 1178 40.12 -4.89 -20.78
CA HIS A 1178 40.13 -3.44 -20.81
C HIS A 1178 40.66 -2.98 -22.16
N LEU A 1179 39.91 -2.11 -22.83
CA LEU A 1179 40.24 -1.63 -24.16
C LEU A 1179 40.48 -0.12 -24.11
N LYS A 1180 41.57 0.32 -24.71
CA LYS A 1180 41.88 1.73 -24.85
C LYS A 1180 41.42 2.24 -26.22
N GLU A 1181 41.45 3.57 -26.37
CA GLU A 1181 40.95 4.17 -27.61
C GLU A 1181 41.73 3.69 -28.82
N GLU A 1182 43.05 3.61 -28.69
CA GLU A 1182 43.87 3.14 -29.81
C GLU A 1182 43.47 1.73 -30.21
N ASP A 1183 43.19 0.87 -29.22
CA ASP A 1183 42.78 -0.49 -29.54
C ASP A 1183 41.48 -0.52 -30.31
N VAL A 1184 40.51 0.33 -29.93
CA VAL A 1184 39.23 0.35 -30.65
C VAL A 1184 39.41 0.90 -32.05
N ARG A 1185 40.29 1.89 -32.21
CA ARG A 1185 40.60 2.39 -33.55
C ARG A 1185 41.21 1.28 -34.40
N MET A 1186 42.11 0.49 -33.82
CA MET A 1186 42.69 -0.63 -34.55
C MET A 1186 41.63 -1.65 -34.92
N ALA A 1187 40.69 -1.91 -34.00
CA ALA A 1187 39.60 -2.83 -34.31
C ALA A 1187 38.77 -2.32 -35.48
N CYS A 1188 38.49 -1.02 -35.49
CA CYS A 1188 37.73 -0.44 -36.60
C CYS A 1188 38.48 -0.61 -37.91
N GLU A 1189 39.77 -0.27 -37.93
CA GLU A 1189 40.54 -0.39 -39.16
C GLU A 1189 40.59 -1.84 -39.63
N ALA A 1190 40.80 -2.77 -38.70
CA ALA A 1190 40.85 -4.19 -39.07
C ALA A 1190 39.51 -4.65 -39.65
N LEU A 1191 38.41 -4.22 -39.05
CA LEU A 1191 37.10 -4.52 -39.61
C LEU A 1191 36.91 -3.86 -40.97
N LYS A 1192 37.66 -2.79 -41.25
CA LYS A 1192 37.42 -2.03 -42.47
C LYS A 1192 38.10 -2.65 -43.68
N HIS A 1193 38.90 -3.69 -43.50
CA HIS A 1193 39.52 -4.35 -44.65
C HIS A 1193 38.44 -5.03 -45.48
N PRO A 1194 38.46 -4.90 -46.81
CA PRO A 1194 37.39 -5.49 -47.62
C PRO A 1194 37.36 -7.00 -47.58
N LYS A 1195 38.44 -7.65 -47.19
CA LYS A 1195 38.53 -9.10 -47.29
C LYS A 1195 37.89 -9.85 -46.12
N CYS A 1196 37.59 -9.17 -45.01
CA CYS A 1196 37.12 -9.86 -43.83
C CYS A 1196 35.72 -10.42 -44.04
N LEU A 1197 35.45 -11.57 -43.43
CA LEU A 1197 34.12 -12.19 -43.48
C LEU A 1197 33.59 -12.47 -42.07
N LEU A 1198 34.16 -11.83 -41.05
CA LEU A 1198 33.70 -12.03 -39.69
C LEU A 1198 32.21 -11.71 -39.58
N GLU A 1199 31.46 -12.60 -38.93
CA GLU A 1199 30.02 -12.47 -38.85
C GLU A 1199 29.50 -12.40 -37.42
N SER A 1200 30.33 -12.02 -36.45
CA SER A 1200 29.88 -11.85 -35.09
C SER A 1200 31.00 -11.23 -34.26
N LEU A 1201 30.61 -10.34 -33.34
CA LEU A 1201 31.54 -9.75 -32.39
C LEU A 1201 30.83 -9.62 -31.06
N ARG A 1202 31.59 -9.64 -29.96
CA ARG A 1202 31.03 -9.51 -28.63
C ARG A 1202 32.03 -8.80 -27.72
N LEU A 1203 31.72 -7.56 -27.38
CA LEU A 1203 32.50 -6.79 -26.44
C LEU A 1203 31.76 -6.75 -25.11
N ASP A 1204 32.50 -6.79 -24.00
CA ASP A 1204 31.88 -6.86 -22.69
C ASP A 1204 32.75 -6.10 -21.69
N CYS A 1205 32.10 -5.25 -20.88
CA CYS A 1205 32.75 -4.60 -19.74
C CYS A 1205 34.10 -4.01 -20.13
N CYS A 1206 34.27 -3.66 -21.40
CA CYS A 1206 35.54 -3.08 -21.84
C CYS A 1206 35.71 -1.65 -21.36
N GLY A 1207 34.66 -1.05 -20.80
CA GLY A 1207 34.73 0.32 -20.34
C GLY A 1207 35.12 1.28 -21.44
N LEU A 1208 34.27 1.37 -22.47
CA LEU A 1208 34.59 2.21 -23.62
C LEU A 1208 34.24 3.67 -23.34
N THR A 1209 34.64 4.53 -24.26
CA THR A 1209 34.41 5.97 -24.17
C THR A 1209 33.53 6.43 -25.33
N HIS A 1210 32.99 7.63 -25.20
CA HIS A 1210 32.05 8.13 -26.20
C HIS A 1210 32.63 8.03 -27.61
N ALA A 1211 33.86 8.47 -27.80
CA ALA A 1211 34.50 8.36 -29.11
C ALA A 1211 34.51 6.90 -29.56
N CYS A 1212 34.62 5.96 -28.63
CA CYS A 1212 34.57 4.55 -29.00
C CYS A 1212 33.22 4.20 -29.60
N TYR A 1213 32.13 4.66 -28.98
CA TYR A 1213 30.81 4.41 -29.57
C TYR A 1213 30.69 5.05 -30.94
N LEU A 1214 31.24 6.25 -31.11
CA LEU A 1214 31.18 6.89 -32.42
C LEU A 1214 31.90 6.05 -33.47
N LYS A 1215 33.10 5.59 -33.15
CA LYS A 1215 33.85 4.76 -34.09
C LYS A 1215 33.11 3.47 -34.39
N ILE A 1216 32.53 2.86 -33.37
CA ILE A 1216 31.80 1.61 -33.55
C ILE A 1216 30.60 1.83 -34.47
N SER A 1217 29.88 2.94 -34.29
CA SER A 1217 28.76 3.25 -35.16
C SER A 1217 29.21 3.43 -36.60
N GLN A 1218 30.32 4.15 -36.79
CA GLN A 1218 30.82 4.36 -38.15
C GLN A 1218 31.18 3.04 -38.83
N ILE A 1219 31.85 2.14 -38.11
CA ILE A 1219 32.19 0.86 -38.72
C ILE A 1219 30.94 0.04 -38.97
N LEU A 1220 29.95 0.13 -38.09
CA LEU A 1220 28.70 -0.58 -38.33
C LEU A 1220 28.05 -0.13 -39.63
N THR A 1221 27.98 1.18 -39.84
CA THR A 1221 27.39 1.66 -41.09
C THR A 1221 28.26 1.37 -42.30
N THR A 1222 29.57 1.21 -42.11
CA THR A 1222 30.47 1.02 -43.24
C THR A 1222 30.78 -0.46 -43.51
N SER A 1223 30.91 -1.26 -42.46
CA SER A 1223 31.30 -2.66 -42.62
C SER A 1223 30.10 -3.51 -43.04
N PRO A 1224 30.16 -4.23 -44.17
CA PRO A 1224 28.99 -5.00 -44.59
C PRO A 1224 28.95 -6.42 -44.02
N SER A 1225 30.10 -6.92 -43.58
CA SER A 1225 30.17 -8.30 -43.11
C SER A 1225 29.53 -8.46 -41.74
N LEU A 1226 29.79 -7.52 -40.83
CA LEU A 1226 29.37 -7.67 -39.43
C LEU A 1226 27.86 -7.70 -39.36
N LYS A 1227 27.30 -8.81 -38.88
CA LYS A 1227 25.86 -8.98 -38.73
C LYS A 1227 25.42 -9.18 -37.30
N SER A 1228 26.20 -8.72 -36.32
CA SER A 1228 25.83 -8.82 -34.92
C SER A 1228 26.74 -7.93 -34.08
N LEU A 1229 26.33 -7.68 -32.84
CA LEU A 1229 27.13 -6.87 -31.93
C LEU A 1229 26.48 -6.96 -30.55
N SER A 1230 27.31 -7.00 -29.51
CA SER A 1230 26.83 -7.09 -28.13
C SER A 1230 27.64 -6.17 -27.24
N LEU A 1231 26.95 -5.44 -26.37
CA LEU A 1231 27.58 -4.50 -25.44
C LEU A 1231 26.87 -4.64 -24.10
N ALA A 1232 27.34 -5.56 -23.27
CA ALA A 1232 26.74 -5.85 -21.96
C ALA A 1232 27.72 -5.45 -20.86
N GLY A 1233 27.24 -4.64 -19.93
CA GLY A 1233 28.08 -4.17 -18.84
C GLY A 1233 28.81 -2.89 -19.14
N ASN A 1234 28.79 -2.43 -20.39
CA ASN A 1234 29.36 -1.13 -20.71
C ASN A 1234 28.45 -0.03 -20.18
N LYS A 1235 29.04 1.11 -19.85
CA LYS A 1235 28.25 2.29 -19.48
C LYS A 1235 27.93 3.06 -20.74
N VAL A 1236 26.81 2.73 -21.37
CA VAL A 1236 26.38 3.35 -22.62
C VAL A 1236 25.15 4.19 -22.27
N THR A 1237 25.37 5.48 -22.02
CA THR A 1237 24.27 6.39 -21.72
C THR A 1237 23.57 6.78 -23.01
N ASP A 1238 22.51 7.58 -22.89
CA ASP A 1238 21.76 8.02 -24.06
C ASP A 1238 22.67 8.70 -25.07
N GLN A 1239 23.74 9.37 -24.61
CA GLN A 1239 24.72 9.92 -25.52
C GLN A 1239 25.46 8.84 -26.28
N GLY A 1240 25.40 7.59 -25.81
CA GLY A 1240 25.94 6.47 -26.55
C GLY A 1240 24.87 5.75 -27.33
N VAL A 1241 23.61 6.07 -27.07
CA VAL A 1241 22.51 5.46 -27.81
C VAL A 1241 22.22 6.26 -29.07
N MET A 1242 22.33 7.58 -29.01
CA MET A 1242 21.99 8.39 -30.17
C MET A 1242 22.87 8.11 -31.37
N PRO A 1243 24.20 8.10 -31.25
CA PRO A 1243 25.03 7.80 -32.44
C PRO A 1243 24.70 6.46 -33.07
N LEU A 1244 24.46 5.44 -32.25
CA LEU A 1244 24.11 4.13 -32.79
C LEU A 1244 22.79 4.18 -33.55
N SER A 1245 21.80 4.92 -33.02
CA SER A 1245 20.53 5.06 -33.72
C SER A 1245 20.71 5.80 -35.03
N ASP A 1246 21.55 6.83 -35.05
CA ASP A 1246 21.83 7.54 -36.28
C ASP A 1246 22.46 6.61 -37.32
N ALA A 1247 23.40 5.76 -36.88
CA ALA A 1247 23.97 4.77 -37.78
C ALA A 1247 22.91 3.80 -38.29
N LEU A 1248 22.00 3.40 -37.41
CA LEU A 1248 20.93 2.48 -37.80
C LEU A 1248 19.96 3.10 -38.79
N ARG A 1249 19.79 4.41 -38.75
CA ARG A 1249 18.79 5.05 -39.61
C ARG A 1249 19.11 4.82 -41.08
N VAL A 1250 20.39 4.93 -41.46
CA VAL A 1250 20.77 4.78 -42.86
C VAL A 1250 20.29 3.43 -43.38
N SER A 1251 20.11 3.33 -44.69
CA SER A 1251 19.54 2.13 -45.29
C SER A 1251 20.58 1.08 -45.63
N GLN A 1252 21.87 1.36 -45.45
CA GLN A 1252 22.90 0.37 -45.75
C GLN A 1252 23.23 -0.52 -44.57
N CYS A 1253 22.82 -0.16 -43.36
CA CYS A 1253 23.22 -0.91 -42.19
C CYS A 1253 22.82 -2.38 -42.33
N ALA A 1254 23.78 -3.26 -42.02
CA ALA A 1254 23.59 -4.70 -42.18
C ALA A 1254 23.65 -5.41 -40.84
N LEU A 1255 22.98 -4.86 -39.83
CA LEU A 1255 22.95 -5.47 -38.51
C LEU A 1255 21.67 -6.30 -38.39
N GLN A 1256 21.74 -7.40 -37.64
CA GLN A 1256 20.60 -8.29 -37.46
C GLN A 1256 20.35 -8.65 -36.00
N LYS A 1257 21.31 -8.41 -35.12
CA LYS A 1257 21.16 -8.68 -33.69
C LYS A 1257 21.82 -7.56 -32.90
N LEU A 1258 21.42 -7.43 -31.63
CA LEU A 1258 21.93 -6.36 -30.79
C LEU A 1258 21.57 -6.66 -29.35
N ILE A 1259 22.55 -6.58 -28.46
CA ILE A 1259 22.36 -6.86 -27.04
C ILE A 1259 22.86 -5.66 -26.24
N LEU A 1260 22.08 -5.22 -25.26
CA LEU A 1260 22.42 -4.06 -24.45
C LEU A 1260 22.02 -4.36 -23.00
N GLU A 1261 22.97 -4.81 -22.20
CA GLU A 1261 22.71 -5.25 -20.84
C GLU A 1261 23.37 -4.33 -19.83
N ASP A 1262 22.59 -3.89 -18.85
CA ASP A 1262 23.07 -3.00 -17.80
C ASP A 1262 23.63 -1.70 -18.39
N CYS A 1263 23.11 -1.28 -19.54
CA CYS A 1263 23.51 -0.01 -20.11
C CYS A 1263 22.90 1.17 -19.36
N GLY A 1264 21.76 0.95 -18.70
CA GLY A 1264 21.12 2.02 -17.96
C GLY A 1264 20.62 3.15 -18.83
N ILE A 1265 19.95 2.81 -19.93
CA ILE A 1265 19.38 3.83 -20.79
C ILE A 1265 18.07 4.34 -20.19
N THR A 1266 17.59 5.45 -20.74
CA THR A 1266 16.39 6.12 -20.25
C THR A 1266 15.43 6.38 -21.41
N ALA A 1267 14.39 7.18 -21.12
CA ALA A 1267 13.33 7.41 -22.10
C ALA A 1267 13.89 8.03 -23.38
N THR A 1268 14.88 8.90 -23.27
CA THR A 1268 15.44 9.53 -24.47
C THR A 1268 16.07 8.48 -25.38
N GLY A 1269 16.78 7.51 -24.81
CA GLY A 1269 17.25 6.39 -25.60
C GLY A 1269 16.10 5.64 -26.23
N CYS A 1270 14.98 5.51 -25.51
CA CYS A 1270 13.83 4.81 -26.05
C CYS A 1270 13.28 5.51 -27.29
N GLN A 1271 13.15 6.83 -27.24
CA GLN A 1271 12.63 7.52 -28.42
C GLN A 1271 13.64 7.54 -29.56
N SER A 1272 14.94 7.61 -29.25
CA SER A 1272 15.94 7.48 -30.30
C SER A 1272 15.81 6.14 -31.00
N LEU A 1273 15.68 5.06 -30.23
CA LEU A 1273 15.52 3.73 -30.82
C LEU A 1273 14.21 3.64 -31.59
N ALA A 1274 13.15 4.30 -31.10
CA ALA A 1274 11.89 4.27 -31.83
C ALA A 1274 12.04 4.89 -33.22
N SER A 1275 12.67 6.06 -33.30
CA SER A 1275 12.90 6.69 -34.59
C SER A 1275 13.75 5.81 -35.48
N ALA A 1276 14.83 5.24 -34.94
CA ALA A 1276 15.69 4.37 -35.74
C ALA A 1276 14.91 3.18 -36.28
N LEU A 1277 14.07 2.57 -35.45
CA LEU A 1277 13.34 1.38 -35.87
C LEU A 1277 12.32 1.71 -36.95
N VAL A 1278 11.62 2.83 -36.82
CA VAL A 1278 10.67 3.20 -37.87
C VAL A 1278 11.41 3.47 -39.16
N SER A 1279 12.60 4.07 -39.08
CA SER A 1279 13.38 4.32 -40.29
C SER A 1279 14.03 3.05 -40.84
N ASN A 1280 14.55 2.19 -39.96
CA ASN A 1280 15.35 1.03 -40.36
C ASN A 1280 14.46 -0.10 -40.89
N ARG A 1281 15.07 -0.96 -41.71
CA ARG A 1281 14.37 -2.13 -42.25
C ARG A 1281 15.24 -3.37 -42.32
N SER A 1282 16.17 -3.58 -41.38
CA SER A 1282 17.08 -4.72 -41.45
C SER A 1282 17.20 -5.52 -40.16
N LEU A 1283 16.92 -4.93 -39.00
CA LEU A 1283 17.27 -5.57 -37.74
C LEU A 1283 16.17 -6.54 -37.30
N THR A 1284 16.57 -7.61 -36.61
CA THR A 1284 15.67 -8.72 -36.30
C THR A 1284 15.60 -9.10 -34.82
N HIS A 1285 16.72 -9.08 -34.10
CA HIS A 1285 16.76 -9.47 -32.70
C HIS A 1285 17.24 -8.29 -31.86
N LEU A 1286 16.56 -8.02 -30.75
CA LEU A 1286 16.96 -6.93 -29.86
C LEU A 1286 16.66 -7.30 -28.43
N CYS A 1287 17.63 -7.08 -27.53
CA CYS A 1287 17.49 -7.42 -26.13
C CYS A 1287 17.87 -6.23 -25.26
N LEU A 1288 16.92 -5.74 -24.46
CA LEU A 1288 17.16 -4.64 -23.55
C LEU A 1288 16.74 -5.11 -22.16
N SER A 1289 17.68 -5.69 -21.42
CA SER A 1289 17.37 -6.30 -20.14
C SER A 1289 18.17 -5.64 -19.03
N ASN A 1290 17.53 -5.51 -17.86
CA ASN A 1290 18.13 -4.91 -16.68
C ASN A 1290 18.25 -3.39 -16.79
N ASN A 1291 17.43 -2.77 -17.62
CA ASN A 1291 17.41 -1.32 -17.77
C ASN A 1291 16.12 -0.77 -17.17
N SER A 1292 16.18 0.46 -16.67
CA SER A 1292 15.04 1.08 -16.00
C SER A 1292 14.24 1.93 -16.99
N LEU A 1293 13.77 1.28 -18.05
CA LEU A 1293 12.96 1.98 -19.04
C LEU A 1293 11.67 2.49 -18.41
N GLY A 1294 10.81 1.58 -17.95
CA GLY A 1294 9.54 1.96 -17.38
C GLY A 1294 8.44 2.07 -18.41
N ASN A 1295 7.26 2.44 -17.92
CA ASN A 1295 6.08 2.50 -18.78
C ASN A 1295 6.29 3.44 -19.96
N GLU A 1296 6.99 4.56 -19.76
CA GLU A 1296 7.16 5.51 -20.85
C GLU A 1296 7.99 4.92 -21.98
N GLY A 1297 9.08 4.21 -21.64
CA GLY A 1297 9.88 3.60 -22.68
C GLY A 1297 9.15 2.48 -23.38
N VAL A 1298 8.40 1.69 -22.61
CA VAL A 1298 7.57 0.64 -23.21
C VAL A 1298 6.61 1.26 -24.21
N ASN A 1299 5.96 2.36 -23.82
CA ASN A 1299 5.00 3.02 -24.69
C ASN A 1299 5.66 3.57 -25.95
N LEU A 1300 6.83 4.18 -25.81
CA LEU A 1300 7.51 4.72 -27.00
C LEU A 1300 7.86 3.60 -27.98
N LEU A 1301 8.46 2.52 -27.49
CA LEU A 1301 8.77 1.41 -28.39
C LEU A 1301 7.50 0.84 -29.01
N CYS A 1302 6.43 0.70 -28.21
CA CYS A 1302 5.18 0.18 -28.74
C CYS A 1302 4.66 1.06 -29.87
N ARG A 1303 4.67 2.38 -29.69
CA ARG A 1303 4.22 3.27 -30.75
C ARG A 1303 5.05 3.06 -32.00
N SER A 1304 6.36 2.94 -31.86
CA SER A 1304 7.20 2.73 -33.03
C SER A 1304 6.88 1.40 -33.72
N MET A 1305 6.42 0.41 -32.94
CA MET A 1305 6.22 -0.93 -33.48
C MET A 1305 4.82 -1.15 -34.06
N ARG A 1306 3.90 -0.20 -33.91
CA ARG A 1306 2.53 -0.44 -34.35
C ARG A 1306 2.41 -0.42 -35.87
N LEU A 1307 3.44 0.04 -36.57
CA LEU A 1307 3.35 0.14 -38.02
C LEU A 1307 3.39 -1.26 -38.64
N PRO A 1308 2.81 -1.44 -39.83
CA PRO A 1308 2.79 -2.78 -40.44
C PRO A 1308 4.08 -3.15 -41.15
N HIS A 1309 5.02 -2.22 -41.31
CA HIS A 1309 6.26 -2.49 -42.01
C HIS A 1309 7.40 -2.86 -41.08
N CYS A 1310 7.17 -2.89 -39.77
CA CYS A 1310 8.22 -3.24 -38.83
C CYS A 1310 8.63 -4.69 -39.03
N SER A 1311 9.93 -4.97 -38.89
CA SER A 1311 10.46 -6.30 -39.15
C SER A 1311 11.27 -6.81 -37.97
N LEU A 1312 10.74 -6.70 -36.75
CA LEU A 1312 11.34 -7.28 -35.57
C LEU A 1312 10.69 -8.63 -35.29
N GLN A 1313 11.52 -9.60 -34.90
CA GLN A 1313 11.04 -10.96 -34.68
C GLN A 1313 11.21 -11.45 -33.25
N ARG A 1314 12.12 -10.86 -32.47
CA ARG A 1314 12.36 -11.28 -31.10
C ARG A 1314 12.81 -10.11 -30.26
N LEU A 1315 12.10 -9.84 -29.17
CA LEU A 1315 12.44 -8.77 -28.24
C LEU A 1315 12.19 -9.26 -26.82
N MET A 1316 13.13 -8.97 -25.92
CA MET A 1316 13.00 -9.35 -24.53
C MET A 1316 13.34 -8.18 -23.63
N LEU A 1317 12.53 -7.99 -22.60
CA LEU A 1317 12.70 -6.88 -21.65
C LEU A 1317 12.57 -7.47 -20.25
N ASN A 1318 13.70 -7.66 -19.58
CA ASN A 1318 13.74 -8.25 -18.26
C ASN A 1318 14.17 -7.21 -17.23
N GLN A 1319 13.54 -7.24 -16.06
CA GLN A 1319 13.92 -6.36 -14.95
C GLN A 1319 13.74 -4.89 -15.33
N CYS A 1320 12.75 -4.61 -16.17
CA CYS A 1320 12.57 -3.28 -16.73
C CYS A 1320 11.65 -2.39 -15.90
N HIS A 1321 11.23 -2.85 -14.72
CA HIS A 1321 10.37 -2.05 -13.84
C HIS A 1321 9.00 -1.83 -14.46
N LEU A 1322 8.55 -2.76 -15.30
CA LEU A 1322 7.23 -2.66 -15.89
C LEU A 1322 6.16 -2.75 -14.82
N ASP A 1323 4.92 -2.61 -15.24
CA ASP A 1323 3.78 -2.67 -14.35
C ASP A 1323 2.56 -3.03 -15.19
N THR A 1324 1.36 -2.83 -14.62
CA THR A 1324 0.14 -3.10 -15.38
C THR A 1324 0.05 -2.22 -16.61
N ALA A 1325 0.42 -0.94 -16.48
CA ALA A 1325 0.28 0.00 -17.59
C ALA A 1325 1.16 -0.41 -18.77
N GLY A 1326 2.39 -0.83 -18.50
CA GLY A 1326 3.26 -1.27 -19.59
C GLY A 1326 2.68 -2.48 -20.31
N CYS A 1327 2.11 -3.41 -19.56
CA CYS A 1327 1.48 -4.57 -20.19
C CYS A 1327 0.30 -4.14 -21.05
N GLY A 1328 -0.48 -3.18 -20.56
CA GLY A 1328 -1.56 -2.65 -21.38
C GLY A 1328 -1.07 -2.03 -22.68
N PHE A 1329 0.00 -1.24 -22.60
CA PHE A 1329 0.56 -0.64 -23.82
C PHE A 1329 1.05 -1.70 -24.79
N LEU A 1330 1.78 -2.70 -24.29
CA LEU A 1330 2.28 -3.75 -25.17
C LEU A 1330 1.14 -4.53 -25.81
N ALA A 1331 0.12 -4.87 -25.02
CA ALA A 1331 -1.03 -5.57 -25.58
C ALA A 1331 -1.70 -4.74 -26.65
N LEU A 1332 -1.86 -3.44 -26.41
CA LEU A 1332 -2.50 -2.56 -27.39
C LEU A 1332 -1.70 -2.53 -28.69
N ALA A 1333 -0.38 -2.43 -28.59
CA ALA A 1333 0.43 -2.39 -29.80
C ALA A 1333 0.61 -3.77 -30.43
N LEU A 1334 0.22 -4.83 -29.72
CA LEU A 1334 0.37 -6.18 -30.26
C LEU A 1334 -0.72 -6.48 -31.29
N MET A 1335 -1.91 -5.91 -31.08
CA MET A 1335 -2.99 -6.07 -32.05
C MET A 1335 -2.64 -5.38 -33.35
N GLY A 1336 -2.95 -6.01 -34.47
CA GLY A 1336 -2.56 -5.50 -35.76
C GLY A 1336 -1.10 -5.68 -36.11
N ASN A 1337 -0.48 -6.77 -35.69
CA ASN A 1337 0.89 -7.11 -36.06
C ASN A 1337 0.99 -8.61 -36.29
N SER A 1338 1.87 -9.01 -37.22
CA SER A 1338 2.05 -10.42 -37.55
C SER A 1338 3.49 -10.81 -37.78
N TRP A 1339 4.47 -9.97 -37.39
CA TRP A 1339 5.87 -10.32 -37.60
C TRP A 1339 6.52 -10.79 -36.31
N LEU A 1340 6.34 -10.04 -35.23
CA LEU A 1340 6.92 -10.42 -33.95
C LEU A 1340 6.43 -11.80 -33.55
N THR A 1341 7.37 -12.67 -33.14
CA THR A 1341 7.06 -14.06 -32.90
C THR A 1341 7.44 -14.53 -31.50
N HIS A 1342 8.36 -13.82 -30.84
CA HIS A 1342 8.81 -14.16 -29.50
C HIS A 1342 8.72 -12.93 -28.61
N LEU A 1343 8.53 -13.17 -27.31
CA LEU A 1343 8.51 -12.10 -26.32
C LEU A 1343 8.76 -12.70 -24.95
N SER A 1344 9.30 -11.91 -24.04
CA SER A 1344 9.60 -12.38 -22.69
C SER A 1344 9.66 -11.21 -21.74
N LEU A 1345 8.84 -11.24 -20.69
CA LEU A 1345 8.77 -10.18 -19.69
C LEU A 1345 8.91 -10.83 -18.32
N SER A 1346 10.15 -11.05 -17.88
CA SER A 1346 10.43 -11.82 -16.69
C SER A 1346 10.93 -10.92 -15.57
N MET A 1347 10.56 -11.26 -14.35
CA MET A 1347 11.01 -10.55 -13.15
C MET A 1347 10.52 -9.11 -13.14
N ASN A 1348 9.23 -8.93 -13.46
CA ASN A 1348 8.55 -7.66 -13.32
C ASN A 1348 7.23 -7.90 -12.60
N PRO A 1349 6.77 -6.95 -11.80
CA PRO A 1349 5.57 -7.20 -10.99
C PRO A 1349 4.28 -7.09 -11.79
N VAL A 1350 4.27 -7.73 -12.96
CA VAL A 1350 3.07 -7.76 -13.80
C VAL A 1350 2.08 -8.70 -13.12
N GLU A 1351 1.01 -8.14 -12.59
CA GLU A 1351 0.07 -8.91 -11.77
C GLU A 1351 -0.80 -9.78 -12.67
N ASP A 1352 -1.87 -10.31 -12.07
CA ASP A 1352 -2.84 -11.09 -12.86
C ASP A 1352 -3.44 -10.26 -13.99
N ASN A 1353 -3.71 -8.98 -13.74
CA ASN A 1353 -4.44 -8.16 -14.70
C ASN A 1353 -3.65 -8.00 -16.01
N GLY A 1354 -2.33 -7.78 -15.92
CA GLY A 1354 -1.54 -7.65 -17.13
C GLY A 1354 -1.59 -8.92 -17.98
N VAL A 1355 -1.43 -10.08 -17.34
CA VAL A 1355 -1.52 -11.34 -18.07
C VAL A 1355 -2.91 -11.48 -18.66
N LYS A 1356 -3.93 -11.01 -17.96
CA LYS A 1356 -5.28 -11.08 -18.49
C LYS A 1356 -5.41 -10.27 -19.77
N LEU A 1357 -4.82 -9.07 -19.78
CA LEU A 1357 -4.87 -8.24 -20.98
C LEU A 1357 -4.13 -8.92 -22.14
N LEU A 1358 -2.96 -9.48 -21.86
CA LEU A 1358 -2.21 -10.16 -22.93
C LEU A 1358 -2.98 -11.35 -23.45
N CYS A 1359 -3.65 -12.10 -22.57
CA CYS A 1359 -4.47 -13.23 -23.02
C CYS A 1359 -5.64 -12.76 -23.87
N GLU A 1360 -6.25 -11.64 -23.50
CA GLU A 1360 -7.34 -11.10 -24.30
C GLU A 1360 -6.87 -10.73 -25.70
N VAL A 1361 -5.68 -10.15 -25.79
CA VAL A 1361 -5.14 -9.81 -27.11
C VAL A 1361 -4.79 -11.06 -27.90
N MET A 1362 -4.23 -12.08 -27.23
CA MET A 1362 -3.72 -13.26 -27.91
C MET A 1362 -4.82 -14.24 -28.27
N ARG A 1363 -6.04 -14.05 -27.76
CA ARG A 1363 -7.11 -14.98 -28.04
C ARG A 1363 -7.58 -14.87 -29.49
N GLU A 1364 -7.14 -13.86 -30.22
CA GLU A 1364 -7.60 -13.65 -31.58
C GLU A 1364 -6.91 -14.62 -32.55
N PRO A 1365 -7.56 -14.96 -33.66
CA PRO A 1365 -6.89 -15.84 -34.64
C PRO A 1365 -5.78 -15.15 -35.44
N SER A 1366 -5.74 -13.83 -35.46
CA SER A 1366 -4.77 -13.13 -36.31
C SER A 1366 -3.38 -13.07 -35.69
N CYS A 1367 -3.26 -13.24 -34.38
CA CYS A 1367 -1.96 -13.10 -33.73
C CYS A 1367 -1.04 -14.25 -34.13
N HIS A 1368 0.26 -13.98 -34.18
CA HIS A 1368 1.27 -14.94 -34.60
C HIS A 1368 2.34 -15.14 -33.53
N LEU A 1369 1.98 -14.98 -32.26
CA LEU A 1369 2.94 -15.15 -31.18
C LEU A 1369 3.09 -16.63 -30.87
N GLN A 1370 4.33 -17.12 -30.85
CA GLN A 1370 4.61 -18.54 -30.65
C GLN A 1370 5.19 -18.86 -29.29
N ASP A 1371 6.23 -18.14 -28.86
CA ASP A 1371 6.90 -18.39 -27.60
C ASP A 1371 6.61 -17.25 -26.64
N LEU A 1372 6.32 -17.57 -25.39
CA LEU A 1372 6.09 -16.57 -24.35
C LEU A 1372 6.54 -17.14 -23.02
N GLU A 1373 7.48 -16.47 -22.37
CA GLU A 1373 8.01 -16.89 -21.08
C GLU A 1373 7.87 -15.74 -20.10
N LEU A 1374 7.47 -16.06 -18.87
CA LEU A 1374 7.37 -15.06 -17.82
C LEU A 1374 7.60 -15.73 -16.48
N VAL A 1375 8.62 -15.26 -15.77
CA VAL A 1375 9.04 -15.84 -14.50
C VAL A 1375 8.90 -14.77 -13.43
N LYS A 1376 8.62 -15.19 -12.19
CA LYS A 1376 8.55 -14.28 -11.05
C LYS A 1376 7.67 -13.07 -11.36
N CYS A 1377 6.39 -13.34 -11.60
CA CYS A 1377 5.43 -12.29 -11.92
C CYS A 1377 4.29 -12.21 -10.91
N HIS A 1378 4.37 -12.94 -9.80
CA HIS A 1378 3.35 -12.88 -8.76
C HIS A 1378 1.99 -13.35 -9.30
N LEU A 1379 1.98 -14.55 -9.83
CA LEU A 1379 0.80 -15.08 -10.49
C LEU A 1379 -0.06 -15.91 -9.51
N THR A 1380 -1.27 -16.24 -9.96
CA THR A 1380 -2.25 -16.93 -9.13
C THR A 1380 -3.13 -17.78 -10.04
N ALA A 1381 -4.30 -18.18 -9.52
CA ALA A 1381 -5.16 -19.12 -10.24
C ALA A 1381 -5.93 -18.45 -11.39
N ALA A 1382 -6.29 -17.17 -11.23
CA ALA A 1382 -7.08 -16.50 -12.26
C ALA A 1382 -6.32 -16.43 -13.58
N CYS A 1383 -5.04 -16.05 -13.53
CA CYS A 1383 -4.22 -16.07 -14.72
C CYS A 1383 -4.18 -17.46 -15.32
N CYS A 1384 -4.23 -18.49 -14.46
CA CYS A 1384 -4.22 -19.86 -14.96
C CYS A 1384 -5.49 -20.19 -15.72
N GLU A 1385 -6.63 -19.72 -15.23
CA GLU A 1385 -7.87 -19.90 -15.98
C GLU A 1385 -7.77 -19.24 -17.35
N SER A 1386 -7.28 -18.01 -17.39
CA SER A 1386 -7.15 -17.32 -18.67
C SER A 1386 -6.21 -18.07 -19.61
N LEU A 1387 -5.07 -18.54 -19.09
CA LEU A 1387 -4.08 -19.21 -19.93
C LEU A 1387 -4.58 -20.57 -20.40
N SER A 1388 -5.38 -21.26 -19.57
CA SER A 1388 -6.01 -22.49 -20.03
C SER A 1388 -6.95 -22.22 -21.18
N CYS A 1389 -7.73 -21.14 -21.10
CA CYS A 1389 -8.56 -20.76 -22.24
C CYS A 1389 -7.69 -20.53 -23.48
N VAL A 1390 -6.58 -19.79 -23.32
CA VAL A 1390 -5.73 -19.50 -24.47
C VAL A 1390 -5.18 -20.78 -25.08
N ILE A 1391 -4.68 -21.69 -24.24
CA ILE A 1391 -4.10 -22.93 -24.73
C ILE A 1391 -5.14 -23.75 -25.47
N SER A 1392 -6.35 -23.86 -24.90
CA SER A 1392 -7.39 -24.64 -25.55
C SER A 1392 -7.76 -24.04 -26.90
N ARG A 1393 -7.80 -22.71 -27.00
CA ARG A 1393 -8.29 -22.08 -28.21
C ARG A 1393 -7.17 -21.76 -29.21
N SER A 1394 -6.07 -21.17 -28.75
CA SER A 1394 -5.06 -20.66 -29.67
C SER A 1394 -4.52 -21.78 -30.55
N ARG A 1395 -3.78 -21.38 -31.59
CA ARG A 1395 -3.32 -22.33 -32.59
C ARG A 1395 -1.89 -22.03 -33.06
N HIS A 1396 -1.19 -21.13 -32.37
CA HIS A 1396 0.20 -20.85 -32.72
C HIS A 1396 1.14 -20.83 -31.51
N LEU A 1397 0.60 -20.85 -30.28
CA LEU A 1397 1.46 -20.86 -29.11
C LEU A 1397 2.13 -22.23 -28.99
N LYS A 1398 3.45 -22.24 -28.88
CA LYS A 1398 4.23 -23.47 -28.84
C LYS A 1398 5.08 -23.63 -27.60
N SER A 1399 5.04 -22.69 -26.66
CA SER A 1399 5.88 -22.77 -25.47
C SER A 1399 5.25 -21.94 -24.36
N LEU A 1400 5.79 -22.08 -23.16
CA LEU A 1400 5.30 -21.34 -22.01
C LEU A 1400 6.19 -21.65 -20.82
N ASP A 1401 6.25 -20.72 -19.87
CA ASP A 1401 7.09 -20.88 -18.68
C ASP A 1401 6.41 -20.20 -17.51
N LEU A 1402 6.37 -20.88 -16.36
CA LEU A 1402 5.79 -20.31 -15.13
C LEU A 1402 6.59 -20.85 -13.96
N THR A 1403 7.58 -20.08 -13.51
CA THR A 1403 8.48 -20.46 -12.44
C THR A 1403 8.36 -19.50 -11.28
N ASP A 1404 8.58 -20.01 -10.07
CA ASP A 1404 8.56 -19.19 -8.86
C ASP A 1404 7.21 -18.52 -8.65
N ASN A 1405 6.18 -19.03 -9.30
CA ASN A 1405 4.82 -18.51 -9.17
C ASN A 1405 4.00 -19.47 -8.32
N ALA A 1406 3.21 -18.91 -7.39
CA ALA A 1406 2.41 -19.72 -6.46
C ALA A 1406 1.15 -20.22 -7.16
N LEU A 1407 1.35 -20.93 -8.27
CA LEU A 1407 0.21 -21.39 -9.05
C LEU A 1407 -0.68 -22.31 -8.24
N GLY A 1408 -0.10 -23.25 -7.53
CA GLY A 1408 -0.87 -24.09 -6.63
C GLY A 1408 -1.80 -25.05 -7.35
N ASP A 1409 -2.60 -25.72 -6.52
CA ASP A 1409 -3.45 -26.81 -7.00
C ASP A 1409 -4.48 -26.30 -8.01
N GLY A 1410 -5.10 -25.16 -7.72
CA GLY A 1410 -6.09 -24.61 -8.63
C GLY A 1410 -5.49 -24.26 -9.98
N GLY A 1411 -4.32 -23.62 -9.98
CA GLY A 1411 -3.69 -23.27 -11.23
C GLY A 1411 -3.33 -24.49 -12.06
N VAL A 1412 -2.73 -25.49 -11.41
CA VAL A 1412 -2.35 -26.69 -12.15
C VAL A 1412 -3.59 -27.42 -12.65
N ALA A 1413 -4.68 -27.41 -11.86
CA ALA A 1413 -5.91 -28.04 -12.30
C ALA A 1413 -6.48 -27.33 -13.53
N ALA A 1414 -6.43 -26.00 -13.54
CA ALA A 1414 -6.90 -25.26 -14.71
C ALA A 1414 -6.06 -25.58 -15.94
N LEU A 1415 -4.73 -25.54 -15.80
CA LEU A 1415 -3.88 -25.85 -16.94
C LEU A 1415 -4.10 -27.30 -17.41
N CYS A 1416 -4.40 -28.20 -16.47
CA CYS A 1416 -4.72 -29.58 -16.83
C CYS A 1416 -6.00 -29.66 -17.64
N GLU A 1417 -7.06 -28.98 -17.18
CA GLU A 1417 -8.28 -28.95 -17.96
C GLU A 1417 -8.03 -28.35 -19.34
N GLY A 1418 -7.06 -27.46 -19.45
CA GLY A 1418 -6.69 -26.93 -20.75
C GLY A 1418 -6.01 -27.97 -21.64
N LEU A 1419 -4.97 -28.62 -21.13
CA LEU A 1419 -4.20 -29.58 -21.92
C LEU A 1419 -4.92 -30.89 -22.17
N LYS A 1420 -6.01 -31.17 -21.45
CA LYS A 1420 -6.78 -32.37 -21.74
C LYS A 1420 -7.32 -32.36 -23.17
N GLN A 1421 -7.54 -31.18 -23.73
CA GLN A 1421 -8.14 -31.08 -25.06
C GLN A 1421 -7.22 -31.70 -26.10
N LYS A 1422 -7.82 -32.24 -27.17
CA LYS A 1422 -7.05 -32.85 -28.24
C LYS A 1422 -6.57 -31.83 -29.27
N ASN A 1423 -7.14 -30.62 -29.27
CA ASN A 1423 -6.77 -29.62 -30.26
C ASN A 1423 -5.43 -28.96 -29.93
N SER A 1424 -5.07 -28.89 -28.66
CA SER A 1424 -3.93 -28.10 -28.23
C SER A 1424 -2.66 -28.54 -28.94
N VAL A 1425 -1.79 -27.58 -29.25
CA VAL A 1425 -0.55 -27.84 -29.96
C VAL A 1425 0.64 -27.36 -29.13
N LEU A 1426 0.45 -27.28 -27.81
CA LEU A 1426 1.53 -26.84 -26.94
C LEU A 1426 2.66 -27.86 -26.95
N ALA A 1427 3.88 -27.39 -27.16
CA ALA A 1427 5.03 -28.28 -27.27
C ALA A 1427 5.70 -28.52 -25.92
N ARG A 1428 6.18 -27.46 -25.28
CA ARG A 1428 6.90 -27.59 -24.02
C ARG A 1428 6.24 -26.70 -22.97
N LEU A 1429 6.25 -27.16 -21.73
CA LEU A 1429 5.68 -26.43 -20.61
C LEU A 1429 6.70 -26.40 -19.49
N GLY A 1430 6.67 -25.33 -18.71
CA GLY A 1430 7.65 -25.17 -17.64
C GLY A 1430 7.04 -24.90 -16.28
N LEU A 1431 7.20 -25.85 -15.38
CA LEU A 1431 6.72 -25.72 -14.01
C LEU A 1431 7.88 -25.97 -13.05
N LYS A 1432 7.96 -25.16 -12.00
CA LYS A 1432 9.02 -25.31 -11.01
C LYS A 1432 8.74 -24.38 -9.84
N ALA A 1433 9.02 -24.86 -8.64
CA ALA A 1433 8.90 -24.03 -7.44
C ALA A 1433 7.51 -23.44 -7.29
N CYS A 1434 6.50 -24.14 -7.83
CA CYS A 1434 5.13 -23.68 -7.77
C CYS A 1434 4.37 -24.24 -6.57
N GLY A 1435 5.00 -25.05 -5.74
CA GLY A 1435 4.35 -25.58 -4.55
C GLY A 1435 3.25 -26.57 -4.84
N LEU A 1436 3.61 -27.76 -5.34
CA LEU A 1436 2.62 -28.76 -5.70
C LEU A 1436 2.43 -29.78 -4.59
N THR A 1437 1.47 -30.69 -4.82
CA THR A 1437 1.09 -31.70 -3.83
C THR A 1437 0.59 -32.94 -4.54
N SER A 1438 -0.13 -33.81 -3.82
CA SER A 1438 -0.51 -35.10 -4.37
C SER A 1438 -1.67 -34.99 -5.36
N ASP A 1439 -2.74 -34.30 -4.97
CA ASP A 1439 -3.93 -34.25 -5.83
C ASP A 1439 -3.61 -33.60 -7.17
N CYS A 1440 -2.87 -32.51 -7.14
CA CYS A 1440 -2.50 -31.84 -8.38
C CYS A 1440 -1.64 -32.74 -9.26
N CYS A 1441 -0.76 -33.53 -8.65
CA CYS A 1441 0.05 -34.45 -9.44
C CYS A 1441 -0.81 -35.55 -10.06
N GLU A 1442 -1.83 -36.02 -9.34
CA GLU A 1442 -2.77 -36.96 -9.94
C GLU A 1442 -3.45 -36.36 -11.16
N ALA A 1443 -3.94 -35.13 -11.03
CA ALA A 1443 -4.62 -34.48 -12.16
C ALA A 1443 -3.67 -34.30 -13.34
N LEU A 1444 -2.42 -33.87 -13.05
CA LEU A 1444 -1.45 -33.69 -14.11
C LEU A 1444 -1.13 -35.01 -14.79
N SER A 1445 -1.05 -36.10 -14.02
CA SER A 1445 -0.81 -37.41 -14.60
C SER A 1445 -1.93 -37.80 -15.54
N LEU A 1446 -3.17 -37.58 -15.12
CA LEU A 1446 -4.30 -37.88 -16.01
C LEU A 1446 -4.19 -37.08 -17.31
N ALA A 1447 -3.91 -35.78 -17.20
CA ALA A 1447 -3.80 -34.96 -18.40
C ALA A 1447 -2.70 -35.45 -19.32
N LEU A 1448 -1.52 -35.77 -18.75
CA LEU A 1448 -0.44 -36.27 -19.58
C LEU A 1448 -0.81 -37.59 -20.23
N SER A 1449 -1.65 -38.39 -19.57
CA SER A 1449 -2.16 -39.59 -20.21
C SER A 1449 -3.03 -39.24 -21.41
N CYS A 1450 -3.83 -38.18 -21.31
CA CYS A 1450 -4.72 -37.81 -22.41
C CYS A 1450 -3.98 -37.12 -23.57
N ASN A 1451 -3.03 -36.25 -23.28
CA ASN A 1451 -2.42 -35.41 -24.29
C ASN A 1451 -1.51 -36.21 -25.22
N ARG A 1452 -1.26 -35.66 -26.41
CA ARG A 1452 -0.43 -36.35 -27.40
C ARG A 1452 0.56 -35.42 -28.10
N HIS A 1453 0.45 -34.11 -27.92
CA HIS A 1453 1.38 -33.19 -28.57
C HIS A 1453 2.50 -32.74 -27.65
N LEU A 1454 2.24 -32.66 -26.35
CA LEU A 1454 3.27 -32.23 -25.41
C LEU A 1454 4.45 -33.19 -25.46
N THR A 1455 5.65 -32.62 -25.59
CA THR A 1455 6.88 -33.40 -25.65
C THR A 1455 7.78 -33.16 -24.46
N SER A 1456 8.16 -31.92 -24.20
CA SER A 1456 9.03 -31.59 -23.07
C SER A 1456 8.19 -31.28 -21.84
N LEU A 1457 8.87 -31.13 -20.70
CA LEU A 1457 8.20 -30.92 -19.43
C LEU A 1457 9.27 -30.65 -18.38
N ASN A 1458 8.83 -30.27 -17.19
CA ASN A 1458 9.77 -30.00 -16.11
C ASN A 1458 9.04 -29.91 -14.78
N LEU A 1459 9.56 -30.61 -13.78
CA LEU A 1459 9.04 -30.53 -12.41
C LEU A 1459 10.21 -30.71 -11.46
N VAL A 1460 10.57 -29.66 -10.73
CA VAL A 1460 11.58 -29.72 -9.69
C VAL A 1460 11.14 -28.76 -8.59
N GLN A 1461 11.87 -28.80 -7.47
CA GLN A 1461 11.57 -27.94 -6.33
C GLN A 1461 10.10 -28.08 -5.90
N ASN A 1462 9.60 -29.29 -5.91
CA ASN A 1462 8.24 -29.57 -5.46
C ASN A 1462 8.25 -30.71 -4.46
N ASN A 1463 7.13 -30.89 -3.78
CA ASN A 1463 6.99 -31.92 -2.75
C ASN A 1463 5.92 -32.92 -3.18
N PHE A 1464 6.36 -34.04 -3.73
CA PHE A 1464 5.47 -35.12 -4.15
C PHE A 1464 5.50 -36.22 -3.10
N SER A 1465 4.32 -36.72 -2.74
CA SER A 1465 4.23 -37.88 -1.86
C SER A 1465 4.47 -39.15 -2.67
N PRO A 1466 4.87 -40.24 -2.01
CA PRO A 1466 5.16 -41.47 -2.76
C PRO A 1466 3.99 -41.96 -3.60
N LYS A 1467 2.76 -41.84 -3.10
CA LYS A 1467 1.60 -42.18 -3.91
C LYS A 1467 1.56 -41.33 -5.17
N GLY A 1468 1.81 -40.03 -5.03
CA GLY A 1468 1.83 -39.16 -6.19
C GLY A 1468 2.87 -39.56 -7.21
N MET A 1469 4.08 -39.90 -6.73
CA MET A 1469 5.12 -40.33 -7.65
C MET A 1469 4.73 -41.63 -8.36
N MET A 1470 4.09 -42.55 -7.63
CA MET A 1470 3.56 -43.75 -8.26
C MET A 1470 2.62 -43.39 -9.40
N LYS A 1471 1.70 -42.46 -9.13
CA LYS A 1471 0.77 -42.02 -10.16
C LYS A 1471 1.51 -41.46 -11.37
N LEU A 1472 2.53 -40.64 -11.12
CA LEU A 1472 3.23 -40.00 -12.23
C LEU A 1472 3.98 -41.02 -13.08
N CYS A 1473 4.65 -41.98 -12.46
CA CYS A 1473 5.31 -43.02 -13.25
C CYS A 1473 4.30 -43.84 -14.04
N SER A 1474 3.18 -44.21 -13.41
CA SER A 1474 2.17 -44.97 -14.13
C SER A 1474 1.69 -44.20 -15.35
N ALA A 1475 1.48 -42.89 -15.21
CA ALA A 1475 1.04 -42.08 -16.34
C ALA A 1475 2.11 -42.03 -17.43
N PHE A 1476 3.38 -41.85 -17.04
CA PHE A 1476 4.45 -41.87 -18.03
C PHE A 1476 4.51 -43.21 -18.73
N ALA A 1477 3.96 -44.26 -18.12
CA ALA A 1477 4.03 -45.60 -18.72
C ALA A 1477 3.10 -45.76 -19.91
N CYS A 1478 2.04 -44.95 -20.01
CA CYS A 1478 1.00 -45.21 -21.00
C CYS A 1478 1.60 -45.18 -22.41
N PRO A 1479 1.20 -46.10 -23.29
CA PRO A 1479 1.71 -46.05 -24.67
C PRO A 1479 1.33 -44.79 -25.42
N THR A 1480 0.18 -44.19 -25.10
CA THR A 1480 -0.29 -43.04 -25.87
C THR A 1480 0.67 -41.86 -25.77
N SER A 1481 1.03 -41.47 -24.54
CA SER A 1481 1.88 -40.31 -24.34
C SER A 1481 3.29 -40.58 -24.87
N ASN A 1482 3.91 -39.55 -25.44
CA ASN A 1482 5.30 -39.62 -25.93
C ASN A 1482 6.04 -38.38 -25.45
N LEU A 1483 6.59 -38.45 -24.24
CA LEU A 1483 7.40 -37.38 -23.68
C LEU A 1483 8.87 -37.72 -23.86
N GLN A 1484 9.56 -36.88 -24.64
CA GLN A 1484 10.96 -37.14 -24.94
C GLN A 1484 11.92 -36.52 -23.94
N ILE A 1485 11.41 -35.74 -22.98
CA ILE A 1485 12.22 -35.21 -21.89
C ILE A 1485 11.34 -35.06 -20.65
N ILE A 1486 11.91 -35.35 -19.49
CA ILE A 1486 11.22 -35.18 -18.21
C ILE A 1486 12.26 -34.66 -17.22
N GLY A 1487 11.84 -33.71 -16.38
CA GLY A 1487 12.74 -33.12 -15.41
C GLY A 1487 12.48 -33.58 -14.00
N LEU A 1488 13.34 -34.47 -13.48
CA LEU A 1488 13.19 -35.00 -12.15
C LEU A 1488 14.54 -35.45 -11.62
N TRP A 1489 14.67 -35.49 -10.30
CA TRP A 1489 15.85 -36.01 -9.62
C TRP A 1489 15.54 -37.43 -9.14
N LYS A 1490 16.28 -38.41 -9.66
CA LYS A 1490 16.08 -39.79 -9.23
C LYS A 1490 16.51 -39.99 -7.78
N TRP A 1491 17.72 -39.55 -7.43
CA TRP A 1491 18.29 -39.94 -6.14
C TRP A 1491 17.52 -39.34 -4.96
N GLN A 1492 16.62 -38.40 -5.22
CA GLN A 1492 15.91 -37.73 -4.15
C GLN A 1492 14.80 -38.60 -3.54
N TYR A 1493 14.64 -39.84 -4.00
CA TYR A 1493 13.52 -40.69 -3.60
C TYR A 1493 14.02 -42.00 -2.99
N PRO A 1494 13.14 -42.74 -2.30
CA PRO A 1494 13.52 -44.07 -1.80
C PRO A 1494 13.83 -45.04 -2.94
N VAL A 1495 14.37 -46.19 -2.55
CA VAL A 1495 14.84 -47.15 -3.55
C VAL A 1495 13.69 -47.67 -4.39
N GLN A 1496 12.53 -47.90 -3.77
CA GLN A 1496 11.36 -48.35 -4.53
C GLN A 1496 11.09 -47.42 -5.71
N ILE A 1497 11.08 -46.12 -5.45
CA ILE A 1497 10.80 -45.16 -6.52
C ILE A 1497 11.90 -45.19 -7.58
N ARG A 1498 13.15 -45.31 -7.16
CA ARG A 1498 14.24 -45.34 -8.13
C ARG A 1498 14.10 -46.53 -9.07
N LYS A 1499 13.81 -47.72 -8.54
CA LYS A 1499 13.66 -48.87 -9.41
C LYS A 1499 12.41 -48.76 -10.27
N LEU A 1500 11.34 -48.15 -9.76
CA LEU A 1500 10.16 -47.92 -10.58
C LEU A 1500 10.49 -47.02 -11.77
N LEU A 1501 11.20 -45.93 -11.52
CA LEU A 1501 11.54 -45.00 -12.60
C LEU A 1501 12.51 -45.65 -13.58
N GLU A 1502 13.41 -46.51 -13.08
CA GLU A 1502 14.27 -47.25 -14.00
C GLU A 1502 13.46 -48.20 -14.88
N GLU A 1503 12.46 -48.86 -14.30
CA GLU A 1503 11.59 -49.71 -15.12
C GLU A 1503 10.91 -48.90 -16.21
N VAL A 1504 10.38 -47.73 -15.85
CA VAL A 1504 9.77 -46.87 -16.87
C VAL A 1504 10.81 -46.48 -17.92
N GLN A 1505 12.04 -46.21 -17.49
CA GLN A 1505 13.10 -45.87 -18.43
C GLN A 1505 13.38 -47.02 -19.39
N LEU A 1506 13.16 -48.26 -18.95
CA LEU A 1506 13.43 -49.41 -19.82
C LEU A 1506 12.46 -49.44 -21.00
N LEU A 1507 11.17 -49.24 -20.74
CA LEU A 1507 10.23 -49.06 -21.83
C LEU A 1507 10.45 -47.68 -22.46
N LYS A 1508 10.29 -47.61 -23.77
CA LYS A 1508 10.53 -46.37 -24.49
C LYS A 1508 11.97 -45.91 -24.25
N PRO A 1509 12.95 -46.62 -24.79
CA PRO A 1509 14.35 -46.24 -24.54
C PRO A 1509 14.70 -44.84 -24.97
N ARG A 1510 13.82 -44.16 -25.72
CA ARG A 1510 14.08 -42.79 -26.14
C ARG A 1510 13.87 -41.79 -25.01
N VAL A 1511 13.03 -42.12 -24.03
CA VAL A 1511 12.72 -41.18 -22.96
C VAL A 1511 13.99 -40.85 -22.19
N VAL A 1512 14.07 -39.60 -21.72
CA VAL A 1512 15.22 -39.11 -20.97
C VAL A 1512 14.72 -38.47 -19.68
N ILE A 1513 15.21 -38.97 -18.55
CA ILE A 1513 14.83 -38.44 -17.23
C ILE A 1513 16.08 -37.83 -16.60
N ASP A 1514 16.24 -36.52 -16.76
CA ASP A 1514 17.35 -35.79 -16.17
C ASP A 1514 16.78 -34.59 -15.43
N GLY A 1515 17.20 -34.41 -14.18
CA GLY A 1515 16.65 -33.34 -13.38
C GLY A 1515 16.98 -31.96 -13.92
N SER A 1516 18.17 -31.80 -14.50
CA SER A 1516 18.60 -30.50 -15.01
C SER A 1516 18.01 -30.29 -16.39
N TRP A 1517 17.03 -29.40 -16.48
CA TRP A 1517 16.38 -29.10 -17.75
C TRP A 1517 17.37 -28.33 -18.62
N HIS A 1518 16.89 -27.81 -19.75
CA HIS A 1518 17.75 -27.21 -20.77
C HIS A 1518 18.63 -28.26 -21.43
N SER A 1519 18.18 -29.51 -21.44
CA SER A 1519 18.85 -30.59 -22.17
C SER A 1519 18.04 -30.90 -23.42
N PHE A 1520 18.74 -31.00 -24.54
CA PHE A 1520 18.10 -31.20 -25.85
C PHE A 1520 17.38 -29.95 -26.33
N ASP A 1521 17.48 -28.86 -25.58
CA ASP A 1521 16.92 -27.59 -26.03
C ASP A 1521 17.79 -27.00 -27.13
N GLU A 1522 17.13 -26.43 -28.14
CA GLU A 1522 17.84 -25.89 -29.28
C GLU A 1522 18.94 -24.93 -28.82
N ASP A 1523 19.96 -24.79 -29.66
CA ASP A 1523 21.09 -23.93 -29.30
C ASP A 1523 20.76 -22.45 -29.46
N ASP A 1524 19.92 -22.10 -30.44
CA ASP A 1524 19.65 -20.71 -30.73
C ASP A 1524 19.02 -19.99 -29.54
N ARG A 1525 18.05 -20.63 -28.88
CA ARG A 1525 17.29 -19.97 -27.83
C ARG A 1525 18.21 -19.33 -26.80
N TYR A 1526 19.30 -20.02 -26.45
CA TYR A 1526 20.19 -19.50 -25.42
C TYR A 1526 21.45 -18.86 -26.01
N TRP A 1527 21.76 -19.12 -27.28
CA TRP A 1527 22.92 -18.48 -27.88
C TRP A 1527 22.59 -17.06 -28.31
N TRP A 1528 21.36 -16.82 -28.79
CA TRP A 1528 20.94 -15.46 -29.12
C TRP A 1528 21.05 -14.56 -27.90
N LYS A 1529 20.31 -14.87 -26.83
CA LYS A 1529 20.31 -14.02 -25.65
C LYS A 1529 21.72 -13.67 -25.21
N ASN A 1530 22.68 -14.53 -25.50
CA ASN A 1530 24.07 -14.28 -25.17
C ASN A 1530 24.98 -15.31 -25.82
N PRO B 32 72.45 -38.20 3.89
CA PRO B 32 71.01 -38.01 4.04
C PRO B 32 70.65 -36.87 4.99
N GLN B 33 69.48 -36.27 4.77
CA GLN B 33 68.99 -35.17 5.58
C GLN B 33 67.74 -35.59 6.33
N ILE B 34 67.65 -35.22 7.60
CA ILE B 34 66.56 -35.62 8.48
C ILE B 34 65.74 -34.37 8.80
N ARG B 35 64.42 -34.51 8.77
CA ARG B 35 63.51 -33.41 9.03
C ARG B 35 62.25 -33.91 9.70
N ILE B 36 61.64 -33.07 10.51
CA ILE B 36 60.35 -33.37 11.12
C ILE B 36 59.24 -33.02 10.14
N ARG B 37 58.13 -33.74 10.22
CA ARG B 37 56.96 -33.34 9.46
C ARG B 37 55.75 -33.23 10.38
N PRO B 38 54.90 -32.23 10.19
CA PRO B 38 53.73 -32.10 11.06
C PRO B 38 52.80 -33.28 10.93
N TRP B 39 51.75 -33.27 11.74
CA TRP B 39 50.78 -34.36 11.70
C TRP B 39 49.63 -34.08 10.76
N TRP B 40 49.55 -32.87 10.21
CA TRP B 40 48.44 -32.54 9.30
C TRP B 40 48.83 -32.63 7.84
N PHE B 41 50.09 -32.37 7.50
CA PHE B 41 50.53 -32.51 6.13
C PHE B 41 50.54 -33.99 5.75
N PRO B 42 49.73 -34.42 4.78
CA PRO B 42 49.70 -35.85 4.46
C PRO B 42 51.03 -36.32 3.86
N VAL B 43 51.30 -37.61 4.04
CA VAL B 43 52.52 -38.19 3.50
C VAL B 43 52.40 -38.46 2.01
N GLN B 44 51.19 -38.49 1.47
CA GLN B 44 51.00 -38.77 0.06
C GLN B 44 51.56 -37.66 -0.81
N GLU B 45 51.63 -36.44 -0.27
CA GLU B 45 52.04 -35.29 -1.07
C GLU B 45 53.55 -35.14 -1.19
N LEU B 46 54.33 -35.89 -0.41
CA LEU B 46 55.78 -35.71 -0.44
C LEU B 46 56.38 -36.08 -1.79
N ARG B 47 55.65 -36.82 -2.62
CA ARG B 47 56.12 -37.11 -3.96
C ARG B 47 56.28 -35.83 -4.78
N ASP B 48 57.27 -35.85 -5.67
CA ASP B 48 57.43 -34.77 -6.64
C ASP B 48 57.64 -33.42 -5.97
N PRO B 49 58.81 -33.18 -5.37
CA PRO B 49 59.09 -31.85 -4.81
C PRO B 49 59.62 -30.89 -5.86
N LEU B 50 59.82 -29.65 -5.43
CA LEU B 50 60.32 -28.57 -6.28
C LEU B 50 61.46 -27.85 -5.59
N VAL B 51 62.44 -27.40 -6.37
CA VAL B 51 63.66 -26.78 -5.85
C VAL B 51 64.09 -25.66 -6.77
N PHE B 52 64.61 -24.58 -6.18
CA PHE B 52 65.27 -23.53 -6.93
C PHE B 52 66.23 -22.78 -6.01
N TYR B 53 67.30 -22.25 -6.59
CA TYR B 53 68.38 -21.64 -5.84
C TYR B 53 68.28 -20.12 -5.88
N LEU B 54 69.02 -19.47 -4.98
CA LEU B 54 69.03 -18.02 -4.88
C LEU B 54 70.36 -17.58 -4.27
N GLU B 55 70.51 -16.27 -4.13
CA GLU B 55 71.68 -15.72 -3.44
C GLU B 55 71.58 -16.00 -1.94
N ALA B 56 72.74 -16.23 -1.32
CA ALA B 56 72.77 -16.48 0.12
C ALA B 56 72.29 -15.27 0.90
N TRP B 57 72.85 -14.10 0.60
CA TRP B 57 72.47 -12.89 1.33
C TRP B 57 71.00 -12.57 1.15
N LEU B 58 70.49 -12.67 -0.08
CA LEU B 58 69.08 -12.41 -0.32
C LEU B 58 68.20 -13.37 0.48
N ALA B 59 68.57 -14.65 0.50
CA ALA B 59 67.80 -15.61 1.26
C ALA B 59 67.80 -15.26 2.74
N ASP B 60 68.97 -14.91 3.28
CA ASP B 60 69.05 -14.56 4.70
C ASP B 60 68.17 -13.36 5.00
N GLU B 61 68.17 -12.35 4.13
CA GLU B 61 67.30 -11.20 4.36
C GLU B 61 65.84 -11.60 4.27
N LEU B 62 65.49 -12.45 3.31
CA LEU B 62 64.10 -12.84 3.14
C LEU B 62 63.57 -13.59 4.36
N PHE B 63 64.30 -14.62 4.79
CA PHE B 63 63.88 -15.43 5.92
C PHE B 63 64.42 -14.93 7.26
N GLY B 64 65.59 -14.32 7.27
CA GLY B 64 66.25 -13.95 8.50
C GLY B 64 67.19 -15.06 8.94
N PRO B 65 68.19 -14.73 9.76
CA PRO B 65 69.13 -15.77 10.20
C PRO B 65 68.47 -16.90 10.97
N ASP B 66 67.39 -16.62 11.69
CA ASP B 66 66.75 -17.61 12.55
C ASP B 66 65.70 -18.45 11.83
N ARG B 67 65.02 -17.90 10.85
CA ARG B 67 63.96 -18.61 10.12
C ARG B 67 62.85 -19.05 11.07
N ALA B 68 62.55 -18.20 12.05
CA ALA B 68 61.50 -18.52 13.01
C ALA B 68 60.10 -18.48 12.41
N ILE B 69 59.94 -17.89 11.22
CA ILE B 69 58.62 -17.69 10.64
C ILE B 69 58.12 -18.89 9.84
N ILE B 70 58.98 -19.87 9.58
CA ILE B 70 58.60 -20.98 8.70
C ILE B 70 57.32 -21.68 9.19
N PRO B 71 57.16 -21.98 10.48
CA PRO B 71 55.92 -22.66 10.90
C PRO B 71 54.66 -21.89 10.56
N GLU B 72 54.68 -20.56 10.68
CA GLU B 72 53.48 -19.78 10.41
C GLU B 72 53.16 -19.76 8.92
N MET B 73 54.19 -19.54 8.09
CA MET B 73 53.99 -19.61 6.65
C MET B 73 53.45 -20.97 6.24
N GLU B 74 53.99 -22.04 6.83
CA GLU B 74 53.51 -23.37 6.49
C GLU B 74 52.06 -23.55 6.89
N TRP B 75 51.68 -23.11 8.09
CA TRP B 75 50.29 -23.30 8.50
C TRP B 75 49.34 -22.53 7.60
N THR B 76 49.75 -21.33 7.16
CA THR B 76 48.86 -20.54 6.31
C THR B 76 48.83 -21.05 4.88
N SER B 77 49.91 -21.66 4.40
CA SER B 77 50.02 -22.08 3.01
C SER B 77 49.89 -23.59 2.81
N GLN B 78 49.60 -24.35 3.86
CA GLN B 78 49.44 -25.81 3.75
C GLN B 78 50.60 -26.43 2.98
N ALA B 79 51.81 -25.89 3.17
CA ALA B 79 52.96 -26.33 2.41
C ALA B 79 54.21 -26.21 3.27
N LEU B 80 55.06 -27.23 3.18
CA LEU B 80 56.24 -27.35 4.02
C LEU B 80 57.47 -26.90 3.25
N LEU B 81 58.29 -26.07 3.89
CA LEU B 81 59.47 -25.49 3.28
C LEU B 81 60.74 -26.05 3.91
N THR B 82 61.86 -25.89 3.21
CA THR B 82 63.13 -26.43 3.64
C THR B 82 64.26 -25.64 3.01
N VAL B 83 65.02 -24.93 3.83
CA VAL B 83 66.10 -24.05 3.37
C VAL B 83 67.42 -24.74 3.68
N ASP B 84 68.29 -24.83 2.67
CA ASP B 84 69.60 -25.44 2.80
C ASP B 84 70.63 -24.53 2.17
N ILE B 85 71.83 -24.54 2.74
CA ILE B 85 72.94 -23.70 2.28
C ILE B 85 73.97 -24.58 1.62
N VAL B 86 74.36 -24.23 0.39
CA VAL B 86 75.39 -25.00 -0.31
C VAL B 86 76.72 -24.84 0.41
N ASP B 87 77.66 -25.73 0.07
CA ASP B 87 78.97 -25.70 0.72
C ASP B 87 79.71 -24.39 0.46
N SER B 88 79.69 -23.93 -0.79
CA SER B 88 80.41 -22.71 -1.14
C SER B 88 79.87 -21.49 -0.41
N GLY B 89 78.62 -21.54 0.05
CA GLY B 89 78.05 -20.40 0.73
C GLY B 89 77.55 -19.30 -0.17
N ASN B 90 77.50 -19.55 -1.48
CA ASN B 90 77.07 -18.55 -2.45
C ASN B 90 75.63 -18.75 -2.91
N LEU B 91 75.25 -19.98 -3.24
CA LEU B 91 73.90 -20.30 -3.68
C LEU B 91 73.19 -21.10 -2.59
N VAL B 92 71.92 -20.73 -2.36
CA VAL B 92 71.10 -21.33 -1.32
C VAL B 92 69.83 -21.87 -1.97
N GLU B 93 69.45 -23.09 -1.58
CA GLU B 93 68.30 -23.77 -2.17
C GLU B 93 67.08 -23.59 -1.27
N ILE B 94 65.90 -23.58 -1.88
CA ILE B 94 64.63 -23.56 -1.18
C ILE B 94 63.78 -24.68 -1.75
N THR B 95 62.81 -25.15 -0.97
CA THR B 95 61.99 -26.29 -1.34
C THR B 95 60.53 -26.02 -0.99
N VAL B 96 59.65 -26.70 -1.69
CA VAL B 96 58.21 -26.64 -1.43
C VAL B 96 57.62 -28.02 -1.66
N PHE B 97 56.68 -28.41 -0.80
CA PHE B 97 55.89 -29.61 -0.99
C PHE B 97 54.43 -29.22 -1.12
N GLY B 98 53.63 -30.10 -1.70
CA GLY B 98 52.23 -29.82 -1.91
C GLY B 98 51.86 -29.99 -3.37
N ARG B 99 50.61 -29.66 -3.66
CA ARG B 99 50.09 -29.84 -5.01
C ARG B 99 50.85 -28.93 -5.98
N PRO B 100 50.96 -29.33 -7.25
CA PRO B 100 51.84 -28.58 -8.18
C PRO B 100 51.44 -27.12 -8.36
N ARG B 101 50.15 -26.83 -8.41
CA ARG B 101 49.71 -25.45 -8.55
C ARG B 101 50.17 -24.62 -7.36
N VAL B 102 50.08 -25.19 -6.16
CA VAL B 102 50.61 -24.50 -4.98
C VAL B 102 52.10 -24.25 -5.13
N GLN B 103 52.83 -25.22 -5.68
CA GLN B 103 54.27 -25.05 -5.88
C GLN B 103 54.55 -23.85 -6.77
N ASN B 104 53.88 -23.78 -7.92
CA ASN B 104 54.11 -22.66 -8.83
C ASN B 104 53.71 -21.33 -8.18
N ARG B 105 52.60 -21.34 -7.45
CA ARG B 105 52.15 -20.12 -6.77
C ARG B 105 53.22 -19.61 -5.82
N VAL B 106 53.77 -20.49 -4.98
CA VAL B 106 54.76 -20.06 -4.00
C VAL B 106 56.04 -19.63 -4.69
N LYS B 107 56.42 -20.34 -5.77
CA LYS B 107 57.61 -19.94 -6.51
C LYS B 107 57.46 -18.52 -7.06
N SER B 108 56.31 -18.20 -7.63
CA SER B 108 56.10 -16.86 -8.16
C SER B 108 56.15 -15.82 -7.05
N MET B 109 55.50 -16.11 -5.92
CA MET B 109 55.56 -15.17 -4.80
C MET B 109 57.00 -14.90 -4.38
N LEU B 110 57.78 -15.97 -4.22
CA LEU B 110 59.16 -15.81 -3.76
C LEU B 110 59.99 -15.02 -4.77
N LEU B 111 59.83 -15.29 -6.06
CA LEU B 111 60.61 -14.57 -7.05
C LEU B 111 60.23 -13.09 -7.09
N CYS B 112 58.94 -12.78 -6.95
CA CYS B 112 58.52 -11.38 -6.89
C CYS B 112 59.17 -10.68 -5.71
N LEU B 113 59.12 -11.30 -4.53
CA LEU B 113 59.74 -10.69 -3.36
C LEU B 113 61.25 -10.52 -3.58
N ALA B 114 61.88 -11.51 -4.20
CA ALA B 114 63.31 -11.42 -4.45
C ALA B 114 63.64 -10.26 -5.37
N TRP B 115 62.83 -10.04 -6.41
CA TRP B 115 63.07 -8.90 -7.29
C TRP B 115 62.90 -7.59 -6.55
N PHE B 116 61.87 -7.49 -5.70
CA PHE B 116 61.71 -6.26 -4.92
C PHE B 116 62.95 -6.00 -4.07
N HIS B 117 63.46 -7.04 -3.42
CA HIS B 117 64.62 -6.86 -2.58
C HIS B 117 65.86 -6.50 -3.41
N ARG B 118 65.99 -7.12 -4.59
CA ARG B 118 67.14 -6.79 -5.45
C ARG B 118 67.12 -5.33 -5.84
N GLU B 119 65.98 -4.83 -6.29
CA GLU B 119 65.90 -3.42 -6.68
C GLU B 119 66.10 -2.51 -5.48
N HIS B 120 65.56 -2.90 -4.32
CA HIS B 120 65.78 -2.09 -3.11
C HIS B 120 67.26 -1.97 -2.79
N ARG B 121 68.00 -3.07 -2.87
CA ARG B 121 69.45 -3.00 -2.67
C ARG B 121 70.10 -2.14 -3.73
N ALA B 122 69.70 -2.29 -4.99
CA ALA B 122 70.32 -1.54 -6.07
C ALA B 122 70.17 -0.04 -5.84
N ARG B 123 69.01 0.39 -5.37
CA ARG B 123 68.81 1.81 -5.10
C ARG B 123 69.79 2.31 -4.03
N ALA B 124 69.96 1.56 -2.96
CA ALA B 124 70.84 1.96 -1.88
C ALA B 124 72.30 1.63 -2.22
N LEU C 110 28.01 -44.45 -2.49
CA LEU C 110 28.64 -45.77 -2.22
C LEU C 110 27.58 -46.86 -2.16
N PHE C 111 26.81 -46.88 -1.07
CA PHE C 111 25.70 -47.82 -0.98
C PHE C 111 24.65 -47.52 -2.05
N TRP C 112 24.37 -46.25 -2.28
CA TRP C 112 23.28 -45.88 -3.19
C TRP C 112 23.47 -46.51 -4.57
N ASP C 113 24.66 -46.38 -5.13
CA ASP C 113 24.96 -47.07 -6.39
C ASP C 113 24.94 -48.57 -6.17
N LYS C 114 24.63 -49.30 -7.25
CA LYS C 114 24.69 -50.76 -7.18
C LYS C 114 26.10 -51.22 -6.83
N GLU C 115 27.12 -50.46 -7.27
CA GLU C 115 28.49 -50.77 -6.92
C GLU C 115 29.36 -49.56 -7.27
N PRO C 116 30.21 -49.09 -6.37
CA PRO C 116 31.09 -47.97 -6.72
C PRO C 116 32.41 -48.43 -7.32
N TRP C 117 32.85 -47.79 -8.40
CA TRP C 117 34.05 -48.20 -9.12
C TRP C 117 34.86 -46.99 -9.53
N PHE C 118 36.17 -47.19 -9.62
CA PHE C 118 37.10 -46.16 -10.08
C PHE C 118 37.63 -46.55 -11.45
N TRP C 119 38.45 -45.67 -12.04
CA TRP C 119 38.96 -45.93 -13.38
C TRP C 119 40.06 -46.99 -13.35
N HIS C 120 40.98 -46.91 -12.40
CA HIS C 120 42.06 -47.88 -12.31
C HIS C 120 41.63 -49.20 -11.67
N ASP C 121 40.46 -49.20 -11.02
CA ASP C 121 39.96 -50.42 -10.41
C ASP C 121 39.79 -51.53 -11.45
N THR C 122 39.30 -51.18 -12.63
CA THR C 122 39.07 -52.18 -13.67
C THR C 122 40.38 -52.83 -14.09
N LEU C 123 41.40 -52.04 -14.36
CA LEU C 123 42.67 -52.61 -14.79
C LEU C 123 43.28 -53.47 -13.70
N THR C 124 43.23 -52.99 -12.44
CA THR C 124 43.78 -53.80 -11.36
C THR C 124 43.04 -55.12 -11.22
N GLU C 125 41.71 -55.10 -11.30
CA GLU C 125 40.93 -56.32 -11.22
C GLU C 125 41.31 -57.28 -12.34
N GLN C 126 41.45 -56.78 -13.56
CA GLN C 126 41.78 -57.65 -14.68
C GLN C 126 43.16 -58.28 -14.50
N LEU C 127 44.14 -57.47 -14.10
CA LEU C 127 45.48 -58.02 -13.92
C LEU C 127 45.51 -59.06 -12.81
N TRP C 128 44.77 -58.81 -11.73
CA TRP C 128 44.71 -59.79 -10.65
C TRP C 128 44.07 -61.09 -11.12
N ARG C 129 42.97 -60.99 -11.87
CA ARG C 129 42.33 -62.20 -12.37
C ARG C 129 43.27 -62.99 -13.26
N ILE C 130 44.01 -62.30 -14.12
CA ILE C 130 44.96 -63.00 -15.00
C ILE C 130 46.03 -63.69 -14.18
N PHE C 131 46.60 -62.97 -13.20
CA PHE C 131 47.67 -63.55 -12.40
C PHE C 131 47.19 -64.78 -11.63
N ALA C 132 46.00 -64.70 -11.02
CA ALA C 132 45.50 -65.83 -10.25
C ALA C 132 45.07 -66.99 -11.13
N GLY C 133 45.01 -66.80 -12.44
CA GLY C 133 44.73 -67.87 -13.37
C GLY C 133 43.27 -68.25 -13.51
N VAL C 134 42.39 -67.67 -12.69
CA VAL C 134 40.97 -68.02 -12.74
C VAL C 134 40.38 -67.58 -14.07
N SER C 205 26.64 -40.98 -14.24
CA SER C 205 27.75 -41.62 -14.96
C SER C 205 28.03 -43.00 -14.38
N ARG C 206 29.14 -43.61 -14.81
CA ARG C 206 29.48 -44.95 -14.33
C ARG C 206 30.68 -44.90 -13.39
N PHE C 207 31.72 -44.16 -13.75
CA PHE C 207 32.94 -44.10 -12.97
C PHE C 207 32.85 -43.00 -11.93
N LEU C 208 32.94 -43.38 -10.66
CA LEU C 208 32.86 -42.40 -9.57
C LEU C 208 34.05 -41.45 -9.62
N GLN C 209 33.81 -40.22 -9.19
CA GLN C 209 34.79 -39.15 -9.26
C GLN C 209 35.32 -38.81 -7.86
N SER C 210 36.48 -38.17 -7.84
CA SER C 210 37.06 -37.70 -6.60
C SER C 210 36.83 -36.20 -6.44
N ILE C 211 36.81 -35.76 -5.18
CA ILE C 211 36.54 -34.36 -4.88
C ILE C 211 37.54 -33.46 -5.61
N SER C 212 37.10 -32.24 -5.92
CA SER C 212 37.95 -31.24 -6.55
C SER C 212 38.06 -30.03 -5.63
N TRP C 213 39.30 -29.59 -5.40
CA TRP C 213 39.57 -28.53 -4.45
C TRP C 213 39.77 -27.16 -5.08
N ASP C 214 40.50 -27.06 -6.17
CA ASP C 214 40.81 -25.76 -6.74
C ASP C 214 39.52 -25.05 -7.15
N PRO C 215 39.44 -23.73 -7.04
CA PRO C 215 38.18 -23.04 -7.40
C PRO C 215 37.98 -22.89 -8.89
N GLU C 216 39.06 -22.83 -9.68
CA GLU C 216 38.90 -22.68 -11.12
C GLU C 216 38.31 -23.92 -11.76
N ASP C 217 38.68 -25.11 -11.28
CA ASP C 217 38.23 -26.35 -11.89
C ASP C 217 36.75 -26.61 -11.73
N PHE C 218 36.05 -25.83 -10.90
CA PHE C 218 34.62 -26.03 -10.75
C PHE C 218 33.90 -25.84 -12.08
N GLU C 219 34.26 -24.80 -12.81
CA GLU C 219 33.78 -24.55 -14.18
C GLU C 219 32.29 -24.85 -14.30
N ASP C 220 31.49 -24.10 -13.53
CA ASP C 220 30.04 -24.21 -13.57
C ASP C 220 29.48 -22.96 -14.25
N ALA C 221 28.77 -23.16 -15.36
CA ALA C 221 28.32 -22.04 -16.17
C ALA C 221 27.28 -21.21 -15.43
N TRP C 222 27.18 -19.94 -15.81
CA TRP C 222 26.19 -19.05 -15.21
C TRP C 222 24.78 -19.52 -15.56
N LYS C 223 23.90 -19.52 -14.56
CA LYS C 223 22.51 -19.92 -14.79
C LYS C 223 21.85 -18.99 -15.79
N ARG C 224 21.02 -19.57 -16.65
CA ARG C 224 20.36 -18.81 -17.70
C ARG C 224 18.89 -19.20 -17.80
N LYS C 233 31.39 -14.97 -1.44
CA LYS C 233 31.82 -14.69 -2.80
C LYS C 233 30.64 -14.82 -3.76
N ARG C 234 29.69 -15.67 -3.39
CA ARG C 234 28.46 -15.85 -4.16
C ARG C 234 27.32 -16.09 -3.19
N LEU C 235 26.10 -15.81 -3.64
CA LEU C 235 24.90 -15.98 -2.82
C LEU C 235 23.89 -16.92 -3.47
N ALA C 236 24.30 -17.69 -4.48
CA ALA C 236 23.40 -18.57 -5.18
C ALA C 236 22.90 -19.67 -4.26
N VAL C 237 21.74 -20.23 -4.58
CA VAL C 237 21.19 -21.35 -3.79
C VAL C 237 21.58 -22.66 -4.44
N PRO C 238 22.12 -23.63 -3.70
CA PRO C 238 22.67 -24.82 -4.35
C PRO C 238 21.60 -25.65 -5.04
N CYS C 239 22.03 -26.42 -6.05
CA CYS C 239 21.12 -27.26 -6.82
C CYS C 239 21.68 -28.64 -7.14
N LYS C 240 22.43 -29.28 -6.24
CA LYS C 240 22.98 -30.60 -6.54
C LYS C 240 23.62 -31.18 -5.29
N LEU C 241 23.68 -32.52 -5.24
CA LEU C 241 24.35 -33.26 -4.18
C LEU C 241 24.82 -34.60 -4.73
N GLU C 242 25.84 -35.16 -4.08
CA GLU C 242 26.32 -36.49 -4.45
C GLU C 242 27.29 -36.98 -3.39
N LYS C 243 27.05 -38.20 -2.89
CA LYS C 243 27.95 -38.79 -1.91
C LYS C 243 29.30 -39.07 -2.54
N MET C 244 30.36 -38.99 -1.74
CA MET C 244 31.70 -39.21 -2.27
C MET C 244 32.62 -39.99 -1.34
N ARG C 245 32.14 -40.47 -0.19
CA ARG C 245 32.93 -41.30 0.70
C ARG C 245 32.07 -41.73 1.88
N ILE C 246 32.54 -42.75 2.59
CA ILE C 246 31.96 -43.16 3.87
C ILE C 246 33.10 -43.35 4.85
N LEU C 247 32.84 -43.01 6.12
CA LEU C 247 33.84 -43.09 7.18
C LEU C 247 33.31 -44.00 8.28
N ALA C 248 34.07 -45.04 8.59
CA ALA C 248 33.67 -46.04 9.57
C ALA C 248 34.40 -45.77 10.88
N HIS C 249 33.62 -45.57 11.96
CA HIS C 249 34.18 -45.22 13.26
C HIS C 249 34.19 -46.39 14.24
N GLY C 250 33.20 -47.28 14.18
CA GLY C 250 33.16 -48.45 15.02
C GLY C 250 32.18 -48.38 16.17
N GLU C 251 31.65 -47.21 16.49
CA GLU C 251 30.73 -47.05 17.61
C GLU C 251 29.89 -45.80 17.37
N LEU C 252 28.80 -45.69 18.12
CA LEU C 252 27.88 -44.57 17.94
C LEU C 252 28.64 -43.26 17.80
N VAL C 253 28.12 -42.37 16.96
CA VAL C 253 28.75 -41.09 16.67
C VAL C 253 27.87 -39.98 17.26
N LEU C 254 28.49 -39.07 18.01
CA LEU C 254 27.77 -38.05 18.75
C LEU C 254 27.98 -36.65 18.21
N ALA C 255 29.14 -36.36 17.62
CA ALA C 255 29.41 -35.02 17.12
C ALA C 255 30.42 -35.10 16.00
N THR C 256 30.29 -34.19 15.04
CA THR C 256 31.12 -34.16 13.85
C THR C 256 31.54 -32.74 13.56
N ALA C 257 32.73 -32.61 12.99
CA ALA C 257 33.26 -31.30 12.61
C ALA C 257 34.07 -31.46 11.34
N ILE C 258 34.08 -30.43 10.51
CA ILE C 258 34.77 -30.46 9.23
C ILE C 258 35.58 -29.19 9.08
N SER C 259 36.88 -29.35 8.90
CA SER C 259 37.79 -28.26 8.58
C SER C 259 38.00 -28.23 7.07
N SER C 260 38.10 -27.03 6.52
CA SER C 260 38.30 -26.86 5.08
C SER C 260 39.65 -26.25 4.75
N PHE C 261 40.15 -25.34 5.59
CA PHE C 261 41.51 -24.86 5.42
C PHE C 261 42.49 -26.02 5.39
N THR C 262 42.37 -26.93 6.36
CA THR C 262 42.93 -28.28 6.27
C THR C 262 41.77 -29.24 5.99
N ARG C 263 42.08 -30.37 5.38
CA ARG C 263 41.01 -31.20 4.82
C ARG C 263 40.40 -32.17 5.82
N HIS C 264 40.88 -32.20 7.07
CA HIS C 264 40.53 -33.28 7.97
C HIS C 264 39.05 -33.24 8.34
N VAL C 265 38.65 -34.22 9.14
CA VAL C 265 37.31 -34.33 9.71
C VAL C 265 37.46 -35.00 11.07
N PHE C 266 36.56 -34.66 11.99
CA PHE C 266 36.64 -35.14 13.36
C PHE C 266 35.32 -35.80 13.75
N THR C 267 35.40 -37.04 14.22
CA THR C 267 34.24 -37.77 14.72
C THR C 267 34.42 -37.99 16.21
N CYS C 268 33.32 -38.13 16.94
CA CYS C 268 33.34 -38.19 18.40
C CYS C 268 32.43 -39.30 18.90
N GLY C 269 32.95 -40.12 19.80
CA GLY C 269 32.18 -41.17 20.41
C GLY C 269 32.46 -41.26 21.90
N ARG C 270 31.67 -42.10 22.58
CA ARG C 270 31.74 -42.20 24.02
C ARG C 270 33.12 -42.55 24.54
N ARG C 271 33.94 -43.23 23.74
CA ARG C 271 35.26 -43.66 24.20
C ARG C 271 36.40 -42.80 23.70
N GLY C 272 36.16 -41.90 22.76
CA GLY C 272 37.23 -41.05 22.27
C GLY C 272 36.85 -40.37 20.97
N ILE C 273 37.88 -39.84 20.31
CA ILE C 273 37.73 -39.07 19.08
C ILE C 273 38.71 -39.62 18.05
N LYS C 274 38.29 -39.63 16.79
CA LYS C 274 39.09 -40.13 15.68
C LYS C 274 39.22 -39.03 14.64
N VAL C 275 40.43 -38.88 14.09
CA VAL C 275 40.73 -37.86 13.08
C VAL C 275 40.94 -38.56 11.74
N TRP C 276 40.17 -38.16 10.74
CA TRP C 276 40.23 -38.73 9.40
C TRP C 276 40.99 -37.78 8.48
N SER C 277 40.95 -38.10 7.19
CA SER C 277 41.47 -37.22 6.15
C SER C 277 40.63 -37.45 4.89
N LEU C 278 40.65 -36.46 4.00
CA LEU C 278 39.87 -36.52 2.76
C LEU C 278 40.74 -36.41 1.52
N THR C 279 42.07 -36.33 1.68
CA THR C 279 42.93 -36.09 0.52
C THR C 279 42.96 -37.29 -0.42
N GLY C 280 43.14 -38.50 0.12
CA GLY C 280 43.24 -39.67 -0.73
C GLY C 280 41.95 -39.98 -1.43
N GLN C 281 41.97 -40.99 -2.30
CA GLN C 281 40.79 -41.43 -3.02
C GLN C 281 40.53 -42.90 -2.71
N VAL C 282 39.43 -43.16 -2.00
CA VAL C 282 39.03 -44.52 -1.67
C VAL C 282 37.51 -44.53 -1.56
N ALA C 283 36.92 -45.70 -1.80
CA ALA C 283 35.47 -45.82 -1.69
C ALA C 283 35.02 -45.75 -0.24
N GLU C 284 35.82 -46.29 0.68
CA GLU C 284 35.47 -46.36 2.08
C GLU C 284 36.75 -46.46 2.90
N ASP C 285 36.75 -45.85 4.09
CA ASP C 285 37.96 -45.64 4.88
C ASP C 285 37.90 -46.48 6.14
N ARG C 286 39.06 -47.00 6.56
CA ARG C 286 39.16 -47.81 7.77
C ARG C 286 40.37 -47.49 8.64
N PHE C 287 41.32 -46.69 8.14
CA PHE C 287 42.57 -46.42 8.87
C PHE C 287 42.63 -44.93 9.19
N PRO C 288 42.25 -44.52 10.40
CA PRO C 288 42.17 -43.09 10.71
C PRO C 288 43.54 -42.42 10.64
N GLU C 289 43.52 -41.10 10.91
CA GLU C 289 44.75 -40.31 10.86
C GLU C 289 45.40 -40.23 12.24
N SER C 290 44.60 -40.40 13.29
CA SER C 290 45.12 -40.42 14.65
C SER C 290 43.98 -40.73 15.60
N HIS C 291 44.34 -41.32 16.74
CA HIS C 291 43.37 -41.69 17.76
C HIS C 291 43.64 -40.87 19.02
N LEU C 292 42.57 -40.43 19.67
CA LEU C 292 42.65 -39.58 20.85
C LEU C 292 41.87 -40.25 21.98
N PRO C 293 42.53 -41.12 22.76
CA PRO C 293 41.83 -41.85 23.82
C PRO C 293 41.94 -41.15 25.17
N ILE C 294 41.02 -41.53 26.06
CA ILE C 294 41.00 -41.07 27.43
C ILE C 294 40.96 -42.28 28.35
N GLN C 295 41.89 -42.34 29.30
CA GLN C 295 41.93 -43.43 30.28
C GLN C 295 41.55 -42.86 31.64
N THR C 296 40.33 -43.14 32.07
CA THR C 296 39.85 -42.77 33.39
C THR C 296 38.57 -43.54 33.69
N PRO C 297 38.46 -44.23 34.82
CA PRO C 297 37.25 -45.02 35.09
C PRO C 297 36.00 -44.17 34.99
N GLY C 298 35.00 -44.70 34.30
CA GLY C 298 33.74 -43.99 34.14
C GLY C 298 33.90 -42.61 33.50
N ALA C 299 34.77 -42.50 32.51
CA ALA C 299 35.04 -41.24 31.83
C ALA C 299 34.66 -41.38 30.36
N PHE C 300 33.89 -40.42 29.86
CA PHE C 300 33.41 -40.43 28.48
C PHE C 300 33.73 -39.11 27.81
N LEU C 301 33.18 -38.93 26.62
CA LEU C 301 33.06 -37.63 25.98
C LEU C 301 31.66 -37.53 25.40
N ARG C 302 31.14 -36.31 25.29
CA ARG C 302 29.79 -36.16 24.77
C ARG C 302 29.69 -35.02 23.76
N THR C 303 30.70 -34.17 23.68
CA THR C 303 30.64 -33.00 22.82
C THR C 303 32.02 -32.64 22.30
N CYS C 304 32.03 -31.88 21.22
CA CYS C 304 33.26 -31.35 20.63
C CYS C 304 32.93 -30.05 19.93
N LEU C 305 33.98 -29.29 19.62
CA LEU C 305 33.79 -28.01 18.95
C LEU C 305 35.13 -27.50 18.45
N LEU C 306 35.14 -26.99 17.23
CA LEU C 306 36.34 -26.51 16.57
C LEU C 306 36.34 -24.99 16.53
N SER C 307 37.53 -24.40 16.54
CA SER C 307 37.64 -22.95 16.45
C SER C 307 37.49 -22.49 15.01
N SER C 308 36.92 -21.29 14.84
CA SER C 308 36.66 -20.79 13.50
C SER C 308 37.94 -20.54 12.71
N ASN C 309 39.09 -20.48 13.38
CA ASN C 309 40.36 -20.38 12.68
C ASN C 309 40.99 -21.74 12.41
N SER C 310 40.41 -22.82 12.92
CA SER C 310 40.96 -24.17 12.79
C SER C 310 42.30 -24.29 13.51
N ARG C 311 42.31 -23.91 14.80
CA ARG C 311 43.52 -23.98 15.61
C ARG C 311 43.30 -24.54 17.02
N SER C 312 42.06 -24.85 17.41
CA SER C 312 41.83 -25.38 18.74
C SER C 312 40.58 -26.24 18.72
N LEU C 313 40.48 -27.11 19.72
CA LEU C 313 39.48 -28.16 19.74
C LEU C 313 39.08 -28.45 21.19
N LEU C 314 37.90 -27.98 21.58
CA LEU C 314 37.38 -28.18 22.93
C LEU C 314 36.80 -29.58 23.06
N THR C 315 37.12 -30.26 24.15
CA THR C 315 36.60 -31.58 24.45
C THR C 315 36.23 -31.66 25.93
N GLY C 316 35.12 -32.31 26.21
CA GLY C 316 34.71 -32.48 27.60
C GLY C 316 33.54 -33.43 27.69
N GLY C 317 33.39 -34.02 28.87
CA GLY C 317 32.34 -35.00 29.07
C GLY C 317 32.12 -35.30 30.54
N TYR C 318 31.33 -36.33 30.78
CA TYR C 318 30.90 -36.68 32.13
C TYR C 318 32.08 -37.13 32.98
N ASN C 319 31.92 -36.98 34.30
CA ASN C 319 32.86 -37.53 35.28
C ASN C 319 34.31 -37.26 34.90
N LEU C 320 34.57 -36.12 34.28
CA LEU C 320 35.90 -35.77 33.83
C LEU C 320 36.46 -34.66 34.72
N ALA C 321 37.78 -34.55 34.77
CA ALA C 321 38.42 -33.58 35.65
C ALA C 321 38.20 -32.15 35.16
N SER C 322 38.34 -31.93 33.86
CA SER C 322 38.28 -30.57 33.32
C SER C 322 37.97 -30.63 31.83
N VAL C 323 37.73 -29.46 31.25
CA VAL C 323 37.52 -29.34 29.82
C VAL C 323 38.85 -29.01 29.15
N SER C 324 39.28 -29.90 28.25
CA SER C 324 40.59 -29.81 27.63
C SER C 324 40.52 -29.12 26.28
N VAL C 325 41.60 -28.45 25.90
CA VAL C 325 41.73 -27.81 24.60
C VAL C 325 42.97 -28.34 23.93
N TRP C 326 42.83 -28.83 22.70
CA TRP C 326 43.91 -29.43 21.94
C TRP C 326 44.49 -28.40 20.98
N ASP C 327 45.80 -28.45 20.78
CA ASP C 327 46.49 -27.49 19.93
C ASP C 327 46.76 -28.14 18.57
N LEU C 328 45.88 -27.88 17.61
CA LEU C 328 45.96 -28.49 16.29
C LEU C 328 47.05 -27.88 15.43
N ALA C 329 47.51 -26.67 15.73
CA ALA C 329 48.51 -26.03 14.90
C ALA C 329 49.90 -26.64 15.09
N ALA C 330 50.08 -27.49 16.10
CA ALA C 330 51.41 -27.98 16.44
C ALA C 330 51.73 -29.29 15.73
N PRO C 331 53.02 -29.62 15.60
CA PRO C 331 53.39 -30.86 14.88
C PRO C 331 53.10 -32.12 15.66
N SER C 332 52.35 -32.06 16.76
CA SER C 332 51.93 -33.26 17.48
C SER C 332 50.81 -32.88 18.43
N LEU C 333 49.69 -33.60 18.34
CA LEU C 333 48.55 -33.29 19.18
C LEU C 333 48.94 -33.38 20.65
N HIS C 334 48.53 -32.38 21.43
CA HIS C 334 48.78 -32.38 22.86
C HIS C 334 47.98 -31.25 23.50
N VAL C 335 47.45 -31.53 24.68
CA VAL C 335 46.66 -30.54 25.40
C VAL C 335 47.57 -29.41 25.84
N LYS C 336 47.15 -28.17 25.56
CA LYS C 336 47.92 -26.99 25.93
C LYS C 336 47.37 -26.29 27.17
N GLU C 337 46.11 -26.55 27.54
CA GLU C 337 45.50 -25.88 28.68
C GLU C 337 44.42 -26.77 29.26
N GLN C 338 43.94 -26.39 30.44
CA GLN C 338 42.89 -27.10 31.14
C GLN C 338 41.95 -26.08 31.76
N LEU C 339 40.64 -26.37 31.72
CA LEU C 339 39.66 -25.47 32.31
C LEU C 339 39.02 -26.15 33.52
N PRO C 340 39.38 -25.77 34.74
CA PRO C 340 38.96 -26.56 35.90
C PRO C 340 37.45 -26.57 36.10
N CYS C 341 36.94 -27.72 36.53
CA CYS C 341 35.53 -27.90 36.85
C CYS C 341 35.39 -29.17 37.67
N ALA C 342 34.68 -29.09 38.79
CA ALA C 342 34.57 -30.18 39.74
C ALA C 342 33.11 -30.61 39.87
N GLY C 343 32.87 -31.91 39.75
CA GLY C 343 31.53 -32.44 39.96
C GLY C 343 30.49 -31.83 39.05
N LEU C 344 30.84 -31.60 37.79
CA LEU C 344 29.93 -31.03 36.81
C LEU C 344 30.09 -31.77 35.48
N ASN C 345 28.98 -31.88 34.76
CA ASN C 345 28.93 -32.56 33.46
C ASN C 345 28.60 -31.51 32.40
N CYS C 346 29.41 -31.45 31.35
CA CYS C 346 29.19 -30.47 30.30
C CYS C 346 28.38 -31.08 29.15
N GLN C 347 27.32 -30.39 28.76
CA GLN C 347 26.44 -30.85 27.70
C GLN C 347 26.41 -29.93 26.48
N ALA C 348 27.24 -28.89 26.43
CA ALA C 348 27.36 -28.04 25.26
C ALA C 348 28.54 -27.12 25.45
N LEU C 349 29.14 -26.71 24.34
CA LEU C 349 30.30 -25.83 24.36
C LEU C 349 30.16 -24.75 23.29
N ASP C 350 31.10 -23.81 23.30
CA ASP C 350 31.10 -22.70 22.36
C ASP C 350 32.37 -21.90 22.61
N ALA C 351 32.65 -20.95 21.72
CA ALA C 351 33.79 -20.07 21.89
C ALA C 351 33.61 -18.82 21.03
N ASN C 352 34.43 -17.81 21.31
CA ASN C 352 34.44 -16.56 20.58
C ASN C 352 35.85 -16.01 20.59
N LEU C 353 36.53 -16.08 19.44
CA LEU C 353 37.95 -15.81 19.36
C LEU C 353 38.31 -14.33 19.32
N ASP C 354 37.33 -13.46 19.05
CA ASP C 354 37.63 -12.03 18.98
C ASP C 354 38.00 -11.48 20.35
N ALA C 355 37.29 -11.90 21.39
CA ALA C 355 37.52 -11.41 22.74
C ALA C 355 38.21 -12.42 23.65
N ASN C 356 38.56 -13.59 23.13
CA ASN C 356 39.19 -14.65 23.92
C ASN C 356 38.28 -15.10 25.07
N LEU C 357 37.10 -15.59 24.68
CA LEU C 357 36.14 -16.11 25.63
C LEU C 357 35.74 -17.52 25.24
N ALA C 358 35.73 -18.42 26.22
CA ALA C 358 35.25 -19.78 26.05
C ALA C 358 34.08 -20.00 26.99
N PHE C 359 33.07 -20.71 26.51
CA PHE C 359 31.81 -20.86 27.22
C PHE C 359 31.55 -22.34 27.48
N ALA C 360 30.60 -22.61 28.36
CA ALA C 360 30.26 -23.98 28.70
C ALA C 360 28.86 -24.01 29.30
N SER C 361 28.22 -25.16 29.19
CA SER C 361 26.92 -25.40 29.79
C SER C 361 26.92 -26.76 30.47
N PHE C 362 26.33 -26.82 31.66
CA PHE C 362 26.35 -28.02 32.48
C PHE C 362 24.93 -28.46 32.80
N THR C 363 24.79 -29.76 33.10
CA THR C 363 23.47 -30.33 33.34
C THR C 363 22.82 -29.78 34.61
N SER C 364 23.59 -29.11 35.47
CA SER C 364 23.07 -28.50 36.67
C SER C 364 22.55 -27.09 36.43
N GLY C 365 22.21 -26.76 35.19
CA GLY C 365 21.70 -25.44 34.87
C GLY C 365 22.68 -24.33 35.20
N VAL C 366 23.96 -24.54 34.92
CA VAL C 366 25.00 -23.56 35.19
C VAL C 366 25.76 -23.30 33.89
N VAL C 367 25.86 -22.03 33.52
CA VAL C 367 26.62 -21.61 32.35
C VAL C 367 27.79 -20.77 32.84
N ARG C 368 29.00 -21.22 32.53
CA ARG C 368 30.20 -20.54 32.98
C ARG C 368 30.84 -19.80 31.83
N ILE C 369 31.99 -19.20 32.13
CA ILE C 369 32.81 -18.48 31.16
C ILE C 369 34.25 -18.69 31.59
N TRP C 370 35.20 -18.31 30.73
CA TRP C 370 36.62 -18.38 31.06
C TRP C 370 37.36 -17.32 30.29
N ASP C 371 38.69 -17.38 30.38
CA ASP C 371 39.59 -16.56 29.59
C ASP C 371 40.83 -17.39 29.28
N LEU C 372 41.16 -17.50 27.99
CA LEU C 372 42.26 -18.37 27.61
C LEU C 372 43.61 -17.81 28.01
N ARG C 373 43.67 -16.52 28.37
CA ARG C 373 44.94 -15.96 28.81
C ARG C 373 45.27 -16.40 30.24
N ASP C 374 44.27 -16.44 31.12
CA ASP C 374 44.47 -16.78 32.52
C ASP C 374 43.73 -18.02 32.98
N GLN C 375 42.62 -18.37 32.34
CA GLN C 375 41.88 -19.60 32.66
C GLN C 375 41.16 -19.48 34.00
N SER C 376 40.64 -18.30 34.31
CA SER C 376 39.93 -18.04 35.55
C SER C 376 38.48 -17.69 35.26
N VAL C 377 37.56 -18.37 35.96
CA VAL C 377 36.15 -18.10 35.77
C VAL C 377 35.90 -16.60 35.91
N VAL C 378 35.18 -16.03 34.94
CA VAL C 378 34.91 -14.60 34.95
C VAL C 378 33.54 -14.35 35.56
N ARG C 379 32.55 -15.13 35.13
CA ARG C 379 31.19 -14.99 35.65
C ARG C 379 30.55 -16.36 35.74
N ASP C 380 29.28 -16.37 36.10
CA ASP C 380 28.51 -17.59 36.26
C ASP C 380 27.02 -17.24 36.26
N LEU C 381 26.26 -17.92 35.42
CA LEU C 381 24.84 -17.68 35.27
C LEU C 381 24.09 -18.94 35.65
N LYS C 382 23.13 -18.81 36.55
CA LYS C 382 22.43 -19.98 37.07
C LYS C 382 21.05 -19.56 37.55
N GLY C 383 20.21 -20.55 37.83
CA GLY C 383 18.87 -20.32 38.34
C GLY C 383 17.80 -21.13 37.64
N TYR C 384 18.22 -22.04 36.76
CA TYR C 384 17.28 -22.83 35.96
C TYR C 384 17.67 -24.30 36.05
N PRO C 385 17.10 -25.07 37.00
CA PRO C 385 17.53 -26.46 37.14
C PRO C 385 17.32 -27.30 35.89
N ASP C 386 16.28 -27.02 35.11
CA ASP C 386 16.09 -27.72 33.84
C ASP C 386 17.32 -27.56 32.95
N GLY C 387 17.98 -26.41 33.04
CA GLY C 387 19.20 -26.19 32.30
C GLY C 387 18.96 -25.73 30.88
N VAL C 388 20.06 -25.63 30.14
CA VAL C 388 20.06 -25.17 28.76
C VAL C 388 20.83 -26.18 27.92
N LYS C 389 20.15 -26.77 26.95
CA LYS C 389 20.78 -27.81 26.13
C LYS C 389 21.72 -27.21 25.09
N SER C 390 21.39 -26.03 24.57
CA SER C 390 22.16 -25.41 23.51
C SER C 390 22.40 -23.94 23.81
N ILE C 391 23.61 -23.47 23.51
CA ILE C 391 23.97 -22.08 23.68
C ILE C 391 24.72 -21.61 22.43
N VAL C 392 24.43 -20.37 22.01
CA VAL C 392 25.10 -19.75 20.87
C VAL C 392 25.54 -18.37 21.29
N VAL C 393 26.74 -17.98 20.84
CA VAL C 393 27.37 -16.72 21.24
C VAL C 393 27.56 -15.88 19.99
N LYS C 394 27.21 -14.59 20.09
CA LYS C 394 27.50 -13.63 19.03
C LYS C 394 27.44 -12.23 19.62
N GLY C 395 28.53 -11.48 19.48
CA GLY C 395 28.58 -10.15 20.05
C GLY C 395 28.40 -10.20 21.56
N TYR C 396 27.54 -9.32 22.07
CA TYR C 396 27.32 -9.18 23.49
C TYR C 396 26.01 -9.81 23.96
N ASN C 397 25.61 -10.94 23.37
CA ASN C 397 24.43 -11.66 23.79
C ASN C 397 24.71 -13.15 23.82
N ILE C 398 23.95 -13.88 24.65
CA ILE C 398 24.09 -15.32 24.79
C ILE C 398 22.70 -15.92 24.82
N TRP C 399 22.33 -16.59 23.74
CA TRP C 399 21.00 -17.18 23.58
C TRP C 399 21.06 -18.66 23.97
N THR C 400 20.12 -19.08 24.81
CA THR C 400 20.09 -20.45 25.30
C THR C 400 18.66 -20.95 25.32
N GLY C 401 18.50 -22.27 25.25
CA GLY C 401 17.19 -22.88 25.27
C GLY C 401 17.28 -24.31 25.74
N GLY C 402 16.17 -24.81 26.27
CA GLY C 402 16.13 -26.14 26.83
C GLY C 402 14.74 -26.75 26.82
N PRO C 403 14.57 -27.84 27.57
CA PRO C 403 13.27 -28.53 27.58
C PRO C 403 12.09 -27.65 27.98
N ASP C 404 12.32 -26.57 28.74
CA ASP C 404 11.22 -25.75 29.21
C ASP C 404 10.51 -24.99 28.09
N ALA C 405 11.06 -25.01 26.88
CA ALA C 405 10.45 -24.34 25.73
C ALA C 405 10.48 -22.82 25.91
N CYS C 406 11.66 -22.29 26.20
CA CYS C 406 11.86 -20.86 26.33
C CYS C 406 13.24 -20.50 25.79
N LEU C 407 13.36 -19.29 25.26
CA LEU C 407 14.61 -18.75 24.77
C LEU C 407 14.94 -17.50 25.56
N ARG C 408 16.18 -17.43 26.06
CA ARG C 408 16.61 -16.34 26.94
C ARG C 408 17.84 -15.68 26.35
N CYS C 409 18.03 -14.40 26.68
CA CYS C 409 19.16 -13.62 26.19
C CYS C 409 19.86 -12.96 27.38
N TRP C 410 21.16 -13.16 27.47
CA TRP C 410 21.98 -12.61 28.54
C TRP C 410 23.05 -11.71 27.92
N ASP C 411 23.47 -10.69 28.67
CA ASP C 411 24.48 -9.75 28.21
C ASP C 411 25.63 -9.71 29.20
N GLN C 412 26.85 -9.82 28.68
CA GLN C 412 28.03 -9.87 29.54
C GLN C 412 28.26 -8.58 30.31
N ARG C 413 28.03 -7.44 29.69
CA ARG C 413 28.43 -6.16 30.28
C ARG C 413 27.75 -5.93 31.62
N THR C 414 26.45 -6.16 31.70
CA THR C 414 25.67 -5.92 32.90
C THR C 414 25.25 -7.25 33.53
N ILE C 415 24.43 -7.15 34.57
CA ILE C 415 23.95 -8.33 35.29
C ILE C 415 22.43 -8.31 35.29
N MET C 416 21.84 -7.71 34.26
CA MET C 416 20.40 -7.61 34.19
C MET C 416 19.79 -8.98 33.92
N LYS C 417 18.49 -9.10 34.18
CA LYS C 417 17.79 -10.36 34.01
C LYS C 417 17.50 -10.62 32.54
N PRO C 418 17.25 -11.87 32.16
CA PRO C 418 17.12 -12.19 30.74
C PRO C 418 15.75 -11.84 30.18
N LEU C 419 15.67 -11.84 28.85
CA LEU C 419 14.43 -11.60 28.13
C LEU C 419 13.86 -12.95 27.69
N GLU C 420 12.63 -13.24 28.13
CA GLU C 420 12.04 -14.56 27.94
C GLU C 420 11.08 -14.53 26.76
N TYR C 421 11.16 -15.56 25.92
CA TYR C 421 10.23 -15.79 24.83
C TYR C 421 9.54 -17.14 25.06
N GLN C 422 8.27 -17.22 24.68
CA GLN C 422 7.48 -18.41 24.93
C GLN C 422 7.24 -19.17 23.63
N PHE C 423 7.47 -20.48 23.68
CA PHE C 423 7.24 -21.37 22.55
C PHE C 423 6.38 -22.55 23.02
N LYS C 424 6.05 -23.43 22.08
CA LYS C 424 5.12 -24.52 22.35
C LYS C 424 5.81 -25.85 22.64
N SER C 425 6.93 -26.15 22.00
CA SER C 425 7.64 -27.41 22.16
C SER C 425 9.06 -27.16 22.62
N GLN C 426 9.82 -28.25 22.78
CA GLN C 426 11.18 -28.16 23.23
C GLN C 426 12.10 -27.70 22.11
N ILE C 427 13.30 -27.26 22.47
CA ILE C 427 14.28 -26.75 21.51
C ILE C 427 15.46 -27.71 21.47
N MET C 428 15.88 -28.07 20.25
CA MET C 428 16.94 -29.05 20.07
C MET C 428 18.28 -28.43 19.66
N SER C 429 18.27 -27.34 18.89
CA SER C 429 19.50 -26.68 18.51
C SER C 429 19.19 -25.29 17.98
N LEU C 430 20.23 -24.46 17.92
CA LEU C 430 20.10 -23.07 17.51
C LEU C 430 21.24 -22.73 16.56
N SER C 431 21.02 -21.70 15.74
CA SER C 431 22.09 -21.15 14.92
C SER C 431 21.71 -19.74 14.51
N HIS C 432 22.70 -18.85 14.48
CA HIS C 432 22.50 -17.43 14.25
C HIS C 432 23.09 -17.06 12.90
N SER C 433 22.30 -16.37 12.08
CA SER C 433 22.77 -15.96 10.76
C SER C 433 23.97 -15.04 10.90
N PRO C 434 25.02 -15.22 10.09
CA PRO C 434 26.14 -14.28 10.17
C PRO C 434 25.85 -12.96 9.47
N GLN C 435 24.93 -12.97 8.50
CA GLN C 435 24.65 -11.74 7.74
C GLN C 435 23.68 -10.84 8.48
N GLU C 436 22.45 -11.32 8.70
CA GLU C 436 21.38 -10.51 9.25
C GLU C 436 21.04 -10.95 10.66
N ASP C 437 20.00 -10.36 11.21
CA ASP C 437 19.56 -10.63 12.58
C ASP C 437 18.44 -11.65 12.55
N TRP C 438 18.79 -12.92 12.69
CA TRP C 438 17.80 -13.99 12.78
C TRP C 438 18.38 -15.09 13.66
N VAL C 439 17.50 -15.87 14.29
CA VAL C 439 17.87 -17.02 15.08
C VAL C 439 17.01 -18.19 14.65
N LEU C 440 17.64 -19.26 14.18
CA LEU C 440 16.95 -20.41 13.62
C LEU C 440 17.01 -21.58 14.59
N LEU C 441 15.87 -22.23 14.82
CA LEU C 441 15.80 -23.31 15.79
C LEU C 441 14.80 -24.35 15.34
N GLY C 442 14.92 -25.55 15.90
CA GLY C 442 14.00 -26.65 15.65
C GLY C 442 13.23 -26.99 16.92
N MET C 443 11.94 -27.27 16.75
CA MET C 443 11.03 -27.41 17.87
C MET C 443 10.70 -28.85 18.23
N ALA C 444 11.39 -29.82 17.64
CA ALA C 444 11.19 -31.23 17.93
C ALA C 444 9.78 -31.71 17.60
N ASN C 445 9.03 -30.95 16.81
CA ASN C 445 7.72 -31.38 16.32
C ASN C 445 7.61 -31.10 14.83
N GLY C 446 8.73 -31.07 14.13
CA GLY C 446 8.73 -30.78 12.71
C GLY C 446 8.31 -29.37 12.37
N GLN C 447 8.78 -28.37 13.12
CA GLN C 447 8.54 -26.97 12.81
C GLN C 447 9.82 -26.19 13.00
N GLN C 448 9.98 -25.13 12.22
CA GLN C 448 11.09 -24.21 12.33
C GLN C 448 10.56 -22.79 12.45
N TRP C 449 11.20 -21.98 13.28
CA TRP C 449 10.80 -20.60 13.50
C TRP C 449 12.03 -19.70 13.47
N LEU C 450 11.82 -18.46 13.05
CA LEU C 450 12.87 -17.46 13.02
C LEU C 450 12.55 -16.37 14.04
N GLN C 451 13.55 -15.98 14.81
CA GLN C 451 13.40 -14.92 15.79
C GLN C 451 14.42 -13.83 15.52
N SER C 452 13.97 -12.58 15.58
CA SER C 452 14.81 -11.43 15.34
C SER C 452 15.07 -10.69 16.64
N THR C 453 16.33 -10.31 16.86
CA THR C 453 16.69 -9.65 18.10
C THR C 453 15.94 -8.33 18.27
N SER C 454 15.83 -7.55 17.19
CA SER C 454 15.22 -6.22 17.31
C SER C 454 13.80 -6.30 17.85
N GLY C 455 12.95 -7.13 17.25
CA GLY C 455 11.57 -7.24 17.66
C GLY C 455 11.11 -8.68 17.66
N SER C 456 10.07 -8.94 18.46
CA SER C 456 9.53 -10.29 18.61
C SER C 456 8.65 -10.61 17.40
N GLN C 457 9.28 -11.17 16.38
CA GLN C 457 8.61 -11.59 15.17
C GLN C 457 8.92 -13.05 14.89
N ARG C 458 7.94 -13.80 14.39
CA ARG C 458 8.08 -15.21 14.10
C ARG C 458 7.29 -15.55 12.84
N HIS C 459 7.66 -16.65 12.19
CA HIS C 459 6.91 -17.12 11.05
C HIS C 459 7.39 -18.51 10.66
N MET C 460 6.47 -19.34 10.20
CA MET C 460 6.80 -20.70 9.80
C MET C 460 7.67 -20.71 8.55
N VAL C 461 8.65 -21.62 8.53
CA VAL C 461 9.51 -21.80 7.37
C VAL C 461 9.65 -23.26 6.96
N GLY C 462 8.94 -24.18 7.61
CA GLY C 462 9.01 -25.58 7.23
C GLY C 462 8.09 -26.40 8.11
N GLN C 463 7.77 -27.59 7.60
CA GLN C 463 6.91 -28.53 8.30
C GLN C 463 7.31 -29.94 7.92
N LYS C 464 7.45 -30.81 8.91
CA LYS C 464 7.83 -32.20 8.66
C LYS C 464 7.16 -33.10 9.69
N ASP C 465 7.02 -34.37 9.32
CA ASP C 465 6.38 -35.36 10.18
C ASP C 465 7.33 -35.94 11.22
N SER C 466 8.61 -35.61 11.15
CA SER C 466 9.63 -36.17 12.02
C SER C 466 9.99 -35.19 13.12
N VAL C 467 11.04 -35.51 13.87
CA VAL C 467 11.60 -34.63 14.89
C VAL C 467 12.99 -34.21 14.43
N ILE C 468 13.24 -32.91 14.39
CA ILE C 468 14.53 -32.39 13.97
C ILE C 468 15.52 -32.55 15.11
N LEU C 469 16.75 -32.94 14.77
CA LEU C 469 17.80 -33.11 15.76
C LEU C 469 18.99 -32.20 15.55
N SER C 470 18.96 -31.33 14.53
CA SER C 470 20.01 -30.35 14.34
C SER C 470 19.63 -29.44 13.19
N VAL C 471 20.16 -28.21 13.22
CA VAL C 471 20.00 -27.24 12.15
C VAL C 471 21.26 -26.39 12.09
N LYS C 472 21.78 -26.17 10.89
CA LYS C 472 23.03 -25.48 10.70
C LYS C 472 22.87 -24.43 9.60
N PHE C 473 23.64 -23.35 9.71
CA PHE C 473 23.51 -22.20 8.84
C PHE C 473 24.70 -22.12 7.90
N SER C 474 24.44 -21.78 6.65
CA SER C 474 25.50 -21.65 5.67
C SER C 474 26.43 -20.49 6.06
N PRO C 475 27.68 -20.52 5.60
CA PRO C 475 28.59 -19.39 5.89
C PRO C 475 28.15 -18.09 5.26
N PHE C 476 27.29 -18.13 4.24
CA PHE C 476 26.80 -16.91 3.60
C PHE C 476 25.30 -16.69 3.81
N GLY C 477 24.69 -17.40 4.76
CA GLY C 477 23.36 -17.06 5.22
C GLY C 477 22.27 -17.14 4.18
N GLN C 478 22.51 -17.76 3.03
CA GLN C 478 21.46 -17.84 2.01
C GLN C 478 20.69 -19.15 2.08
N TRP C 479 21.20 -20.15 2.80
CA TRP C 479 20.50 -21.42 2.93
C TRP C 479 20.99 -22.12 4.19
N TRP C 480 20.16 -23.04 4.69
CA TRP C 480 20.49 -23.81 5.88
C TRP C 480 20.16 -25.27 5.66
N ALA C 481 20.88 -26.14 6.35
CA ALA C 481 20.69 -27.58 6.30
C ALA C 481 19.97 -28.04 7.56
N SER C 482 19.28 -29.16 7.47
CA SER C 482 18.54 -29.70 8.60
C SER C 482 18.50 -31.22 8.53
N VAL C 483 19.04 -31.87 9.56
CA VAL C 483 19.11 -33.32 9.65
C VAL C 483 18.20 -33.76 10.79
N GLY C 484 17.38 -34.78 10.53
CA GLY C 484 16.33 -35.18 11.43
C GLY C 484 16.46 -36.62 11.89
N MET C 485 15.31 -37.19 12.28
CA MET C 485 15.26 -38.56 12.78
C MET C 485 14.62 -39.51 11.79
N ASP C 486 13.86 -38.99 10.83
CA ASP C 486 13.20 -39.85 9.85
C ASP C 486 14.08 -40.02 8.62
N ASP C 487 15.34 -40.41 8.84
CA ASP C 487 16.26 -40.81 7.79
C ASP C 487 16.12 -39.93 6.54
N PHE C 488 16.37 -38.64 6.72
CA PHE C 488 16.35 -37.72 5.59
C PHE C 488 17.19 -36.49 5.89
N LEU C 489 17.95 -36.04 4.90
CA LEU C 489 18.76 -34.83 4.96
C LEU C 489 18.13 -33.79 4.05
N GLY C 490 17.85 -32.60 4.59
CA GLY C 490 17.16 -31.56 3.85
C GLY C 490 17.99 -30.30 3.73
N VAL C 491 17.75 -29.54 2.66
CA VAL C 491 18.38 -28.26 2.41
C VAL C 491 17.29 -27.26 2.06
N TYR C 492 17.35 -26.07 2.65
CA TYR C 492 16.28 -25.09 2.56
C TYR C 492 16.82 -23.73 2.17
N SER C 493 15.90 -22.86 1.73
CA SER C 493 16.25 -21.56 1.16
C SER C 493 15.90 -20.46 2.15
N MET C 494 16.86 -19.57 2.40
CA MET C 494 16.69 -18.56 3.43
C MET C 494 15.55 -17.58 3.18
N PRO C 495 15.41 -16.99 1.98
CA PRO C 495 14.45 -15.88 1.84
C PRO C 495 13.04 -16.23 2.28
N ALA C 496 12.56 -17.44 1.98
CA ALA C 496 11.20 -17.83 2.31
C ALA C 496 11.09 -19.13 3.08
N GLY C 497 12.04 -20.04 2.96
CA GLY C 497 11.97 -21.32 3.65
C GLY C 497 11.56 -22.50 2.79
N THR C 498 11.39 -22.30 1.49
CA THR C 498 11.08 -23.41 0.61
C THR C 498 12.26 -24.37 0.53
N LYS C 499 11.97 -25.66 0.37
CA LYS C 499 13.01 -26.68 0.37
C LYS C 499 13.46 -26.98 -1.05
N VAL C 500 14.77 -27.00 -1.26
CA VAL C 500 15.31 -27.28 -2.58
C VAL C 500 15.24 -28.77 -2.89
N PHE C 501 15.80 -29.60 -2.03
CA PHE C 501 15.79 -31.06 -2.23
C PHE C 501 16.16 -31.73 -0.92
N GLU C 502 16.29 -33.06 -0.97
CA GLU C 502 16.69 -33.83 0.19
C GLU C 502 17.20 -35.19 -0.27
N VAL C 503 17.95 -35.86 0.59
CA VAL C 503 18.57 -37.14 0.26
C VAL C 503 18.15 -38.17 1.30
N PRO C 504 17.96 -39.44 0.92
CA PRO C 504 17.59 -40.46 1.90
C PRO C 504 18.79 -41.20 2.46
N GLU C 505 18.58 -41.84 3.61
CA GLU C 505 19.60 -42.62 4.28
C GLU C 505 18.96 -43.85 4.91
N MET C 506 19.81 -44.70 5.50
CA MET C 506 19.31 -45.93 6.09
C MET C 506 19.02 -45.76 7.58
N SER C 507 19.93 -45.13 8.31
CA SER C 507 19.85 -45.00 9.75
C SER C 507 19.55 -43.55 10.15
N PRO C 508 18.95 -43.34 11.32
CA PRO C 508 18.71 -41.96 11.76
C PRO C 508 20.01 -41.18 11.90
N VAL C 509 19.93 -39.89 11.57
CA VAL C 509 21.07 -38.97 11.69
C VAL C 509 20.91 -38.17 12.96
N THR C 510 22.02 -37.66 13.48
CA THR C 510 22.01 -36.87 14.69
C THR C 510 22.93 -35.65 14.65
N CYS C 511 23.66 -35.43 13.56
CA CYS C 511 24.57 -34.30 13.49
C CYS C 511 24.86 -33.96 12.03
N CYS C 512 25.37 -32.76 11.81
CA CYS C 512 25.78 -32.30 10.50
C CYS C 512 26.65 -31.07 10.68
N ASP C 513 27.36 -30.70 9.61
CA ASP C 513 28.26 -29.55 9.67
C ASP C 513 28.65 -29.13 8.27
N VAL C 514 28.42 -27.85 7.97
CA VAL C 514 28.66 -27.29 6.65
C VAL C 514 30.04 -26.63 6.66
N SER C 515 30.84 -26.93 5.65
CA SER C 515 32.18 -26.37 5.57
C SER C 515 32.13 -24.86 5.43
N SER C 516 33.32 -24.23 5.50
CA SER C 516 33.39 -22.78 5.34
C SER C 516 33.43 -22.39 3.86
N ASN C 517 33.93 -23.27 3.00
CA ASN C 517 33.87 -23.04 1.55
C ASN C 517 32.45 -22.97 1.05
N ASN C 518 31.49 -23.48 1.81
CA ASN C 518 30.08 -23.57 1.41
C ASN C 518 29.83 -24.74 0.46
N ARG C 519 30.86 -25.53 0.17
CA ARG C 519 30.75 -26.64 -0.76
C ARG C 519 30.45 -27.97 -0.09
N LEU C 520 31.24 -28.40 0.89
CA LEU C 520 31.13 -29.73 1.49
C LEU C 520 30.19 -29.69 2.68
N VAL C 521 29.41 -30.75 2.85
CA VAL C 521 28.54 -30.93 4.01
C VAL C 521 28.69 -32.35 4.51
N VAL C 522 28.98 -32.49 5.81
CA VAL C 522 29.18 -33.79 6.45
C VAL C 522 27.94 -34.12 7.28
N THR C 523 27.68 -35.41 7.44
CA THR C 523 26.60 -35.87 8.30
C THR C 523 27.02 -37.18 8.97
N GLY C 524 26.35 -37.52 10.05
CA GLY C 524 26.69 -38.71 10.81
C GLY C 524 25.49 -39.49 11.28
N SER C 525 25.44 -40.78 10.94
CA SER C 525 24.35 -41.64 11.34
C SER C 525 24.91 -42.98 11.81
N GLY C 526 24.25 -43.59 12.78
CA GLY C 526 24.67 -44.91 13.22
C GLY C 526 26.13 -44.91 13.62
N GLU C 527 26.92 -45.74 12.95
CA GLU C 527 28.33 -45.88 13.23
C GLU C 527 29.19 -45.39 12.07
N HIS C 528 28.62 -44.59 11.17
CA HIS C 528 29.32 -44.11 9.98
C HIS C 528 29.21 -42.60 9.89
N ALA C 529 30.16 -42.00 9.18
CA ALA C 529 30.14 -40.58 8.87
C ALA C 529 30.47 -40.39 7.39
N SER C 530 29.49 -39.87 6.64
CA SER C 530 29.59 -39.75 5.19
C SER C 530 29.86 -38.31 4.78
N VAL C 531 30.30 -38.13 3.53
CA VAL C 531 30.69 -36.83 3.00
C VAL C 531 29.97 -36.61 1.67
N TYR C 532 29.35 -35.44 1.51
CA TYR C 532 28.69 -35.05 0.28
C TYR C 532 29.39 -33.86 -0.34
N GLN C 533 28.97 -33.50 -1.56
CA GLN C 533 29.48 -32.34 -2.26
C GLN C 533 28.34 -31.52 -2.84
N ILE C 534 28.54 -30.21 -2.93
CA ILE C 534 27.54 -29.27 -3.42
C ILE C 534 28.10 -28.58 -4.67
N THR C 535 27.32 -28.59 -5.74
CA THR C 535 27.69 -27.91 -6.98
C THR C 535 26.54 -27.05 -7.45
N TYR C 536 26.84 -25.79 -7.77
CA TYR C 536 25.85 -24.90 -8.34
C TYR C 536 26.51 -23.90 -9.28
N LEU D 388 -51.41 10.69 26.79
CA LEU D 388 -51.56 9.89 25.53
C LEU D 388 -51.50 10.81 24.32
N THR D 389 -52.39 11.80 24.29
CA THR D 389 -52.44 12.72 23.16
C THR D 389 -51.17 13.56 23.06
N PHE D 390 -50.63 13.98 24.20
CA PHE D 390 -49.45 14.84 24.18
C PHE D 390 -48.21 14.12 23.67
N SER D 391 -47.93 12.92 24.20
CA SER D 391 -46.78 12.17 23.73
C SER D 391 -46.93 11.80 22.26
N SER D 392 -48.14 11.42 21.85
CA SER D 392 -48.39 11.11 20.44
C SER D 392 -48.17 12.32 19.56
N TYR D 393 -48.61 13.51 20.00
CA TYR D 393 -48.36 14.73 19.23
C TYR D 393 -46.86 14.97 19.12
N GLY D 394 -46.13 14.84 20.22
CA GLY D 394 -44.69 15.02 20.16
C GLY D 394 -44.03 14.08 19.17
N LEU D 395 -44.41 12.79 19.23
CA LEU D 395 -43.83 11.81 18.32
C LEU D 395 -44.19 12.14 16.87
N GLN D 396 -45.43 12.52 16.63
CA GLN D 396 -45.85 12.84 15.27
C GLN D 396 -45.04 14.02 14.73
N TRP D 397 -44.94 15.09 15.51
CA TRP D 397 -44.17 16.24 15.04
C TRP D 397 -42.73 15.85 14.79
N CYS D 398 -42.17 14.97 15.63
CA CYS D 398 -40.89 14.37 15.30
C CYS D 398 -40.97 13.61 13.98
N LEU D 399 -42.15 13.05 13.67
CA LEU D 399 -42.30 12.26 12.45
C LEU D 399 -42.66 13.12 11.24
N TYR D 400 -43.20 14.32 11.47
CA TYR D 400 -43.56 15.19 10.35
C TYR D 400 -42.34 15.68 9.59
N GLU D 401 -41.21 15.88 10.27
CA GLU D 401 -40.00 16.40 9.63
C GLU D 401 -39.41 15.40 8.64
N LEU D 402 -39.68 14.11 8.79
CA LEU D 402 -39.03 13.11 7.96
C LEU D 402 -39.46 13.25 6.50
N ASP D 403 -38.48 13.13 5.61
CA ASP D 403 -38.70 13.25 4.17
C ASP D 403 -39.40 11.99 3.64
N LYS D 404 -39.90 12.10 2.40
CA LYS D 404 -40.63 11.00 1.80
C LYS D 404 -39.76 9.74 1.73
N GLU D 405 -38.57 9.85 1.15
CA GLU D 405 -37.69 8.68 1.07
C GLU D 405 -37.28 8.21 2.46
N GLU D 406 -36.97 9.14 3.35
CA GLU D 406 -36.62 8.77 4.71
C GLU D 406 -37.83 8.23 5.46
N PHE D 407 -39.03 8.72 5.13
CA PHE D 407 -40.25 8.16 5.70
C PHE D 407 -40.42 6.71 5.29
N GLN D 408 -40.18 6.40 4.01
CA GLN D 408 -40.27 5.02 3.54
C GLN D 408 -39.20 4.15 4.19
N THR D 409 -37.99 4.69 4.36
CA THR D 409 -36.94 3.94 5.05
C THR D 409 -37.35 3.64 6.48
N PHE D 410 -37.94 4.62 7.17
CA PHE D 410 -38.44 4.39 8.52
C PHE D 410 -39.51 3.31 8.53
N LYS D 411 -40.42 3.34 7.56
CA LYS D 411 -41.45 2.31 7.48
C LYS D 411 -40.84 0.93 7.31
N GLU D 412 -39.86 0.81 6.41
CA GLU D 412 -39.24 -0.49 6.17
C GLU D 412 -38.50 -1.00 7.40
N LEU D 413 -37.75 -0.11 8.08
CA LEU D 413 -37.05 -0.54 9.29
C LEU D 413 -38.03 -0.95 10.38
N LEU D 414 -39.12 -0.21 10.54
CA LEU D 414 -40.13 -0.59 11.53
C LEU D 414 -40.74 -1.94 11.19
N LYS D 415 -41.04 -2.19 9.92
CA LYS D 415 -41.57 -3.49 9.52
C LYS D 415 -40.59 -4.60 9.83
N LYS D 416 -39.30 -4.37 9.54
CA LYS D 416 -38.29 -5.38 9.83
C LYS D 416 -38.21 -5.67 11.32
N LYS D 417 -38.22 -4.62 12.15
CA LYS D 417 -38.15 -4.83 13.59
C LYS D 417 -39.38 -5.57 14.10
N SER D 418 -40.56 -5.21 13.57
CA SER D 418 -41.78 -5.90 13.99
C SER D 418 -41.72 -7.38 13.61
N SER D 419 -41.22 -7.68 12.41
CA SER D 419 -41.09 -9.07 12.01
C SER D 419 -40.12 -9.83 12.92
N GLU D 420 -38.96 -9.21 13.22
CA GLU D 420 -37.99 -9.88 14.07
C GLU D 420 -38.54 -10.10 15.48
N SER D 421 -39.16 -9.07 16.06
CA SER D 421 -39.69 -9.19 17.40
C SER D 421 -40.82 -10.21 17.45
N THR D 422 -40.84 -11.00 18.53
CA THR D 422 -41.83 -12.06 18.71
C THR D 422 -42.94 -11.71 19.69
N THR D 423 -42.69 -10.81 20.65
CA THR D 423 -43.70 -10.47 21.63
C THR D 423 -44.91 -9.82 20.98
N CYS D 424 -44.68 -8.90 20.04
CA CYS D 424 -45.73 -8.12 19.42
C CYS D 424 -45.70 -8.33 17.91
N SER D 425 -46.89 -8.49 17.32
CA SER D 425 -47.04 -8.63 15.88
C SER D 425 -48.14 -7.69 15.42
N ILE D 426 -47.92 -7.04 14.27
CA ILE D 426 -48.88 -6.09 13.72
C ILE D 426 -49.06 -6.39 12.23
N PRO D 427 -50.27 -6.29 11.69
CA PRO D 427 -50.44 -6.52 10.24
C PRO D 427 -49.61 -5.53 9.42
N GLN D 428 -49.02 -6.03 8.35
CA GLN D 428 -48.22 -5.18 7.48
C GLN D 428 -49.10 -4.31 6.58
N PHE D 429 -50.28 -4.82 6.22
CA PHE D 429 -51.20 -4.04 5.39
C PHE D 429 -51.62 -2.76 6.10
N GLU D 430 -52.00 -2.86 7.37
CA GLU D 430 -52.37 -1.67 8.14
C GLU D 430 -51.20 -0.73 8.28
N ILE D 431 -50.00 -1.26 8.56
CA ILE D 431 -48.83 -0.41 8.69
C ILE D 431 -48.60 0.37 7.40
N GLU D 432 -48.69 -0.32 6.26
CA GLU D 432 -48.44 0.35 4.98
C GLU D 432 -49.49 1.42 4.71
N ASN D 433 -50.76 1.13 5.02
CA ASN D 433 -51.83 2.05 4.65
C ASN D 433 -52.12 3.10 5.73
N ALA D 434 -51.47 3.02 6.89
CA ALA D 434 -51.64 4.06 7.90
C ALA D 434 -50.77 5.26 7.58
N ASN D 435 -51.20 6.44 8.05
CA ASN D 435 -50.46 7.67 7.82
C ASN D 435 -49.57 7.96 9.03
N VAL D 436 -48.88 9.11 9.01
CA VAL D 436 -47.94 9.43 10.07
C VAL D 436 -48.66 9.48 11.42
N GLU D 437 -49.78 10.21 11.48
CA GLU D 437 -50.52 10.30 12.74
C GLU D 437 -51.02 8.92 13.16
N CYS D 438 -51.66 8.20 12.24
CA CYS D 438 -52.16 6.87 12.56
C CYS D 438 -51.01 5.91 12.87
N LEU D 439 -49.89 6.05 12.16
CA LEU D 439 -48.73 5.20 12.43
C LEU D 439 -48.25 5.38 13.86
N ALA D 440 -48.05 6.63 14.27
CA ALA D 440 -47.60 6.89 15.63
C ALA D 440 -48.64 6.43 16.64
N LEU D 441 -49.92 6.65 16.34
CA LEU D 441 -50.98 6.24 17.26
C LEU D 441 -50.98 4.73 17.46
N LEU D 442 -50.88 3.97 16.37
CA LEU D 442 -50.84 2.51 16.48
C LEU D 442 -49.59 2.05 17.20
N LEU D 443 -48.44 2.68 16.91
CA LEU D 443 -47.21 2.31 17.60
C LEU D 443 -47.34 2.52 19.10
N HIS D 444 -47.92 3.65 19.51
CA HIS D 444 -48.13 3.90 20.93
C HIS D 444 -49.11 2.89 21.52
N GLU D 445 -50.20 2.60 20.81
CA GLU D 445 -51.21 1.69 21.33
C GLU D 445 -50.64 0.29 21.54
N TYR D 446 -49.83 -0.20 20.59
CA TYR D 446 -49.32 -1.56 20.69
C TYR D 446 -48.11 -1.65 21.62
N TYR D 447 -47.09 -0.84 21.35
CA TYR D 447 -45.85 -0.93 22.11
C TYR D 447 -45.85 -0.05 23.35
N GLY D 448 -46.60 1.04 23.34
CA GLY D 448 -46.63 1.97 24.45
C GLY D 448 -45.85 3.24 24.15
N ALA D 449 -46.05 4.24 25.00
CA ALA D 449 -45.41 5.53 24.81
C ALA D 449 -43.90 5.42 24.94
N SER D 450 -43.43 4.94 26.10
CA SER D 450 -42.00 4.86 26.34
C SER D 450 -41.32 3.92 25.36
N LEU D 451 -41.92 2.74 25.13
CA LEU D 451 -41.32 1.79 24.21
C LEU D 451 -41.27 2.34 22.80
N ALA D 452 -42.35 2.99 22.36
CA ALA D 452 -42.37 3.58 21.02
C ALA D 452 -41.32 4.66 20.89
N TRP D 453 -41.18 5.52 21.90
CA TRP D 453 -40.18 6.58 21.85
C TRP D 453 -38.77 5.99 21.79
N ALA D 454 -38.51 4.97 22.61
CA ALA D 454 -37.19 4.35 22.60
C ALA D 454 -36.89 3.71 21.25
N THR D 455 -37.88 3.01 20.67
CA THR D 455 -37.68 2.40 19.37
C THR D 455 -37.41 3.45 18.30
N SER D 456 -38.16 4.55 18.34
CA SER D 456 -37.96 5.61 17.35
C SER D 456 -36.58 6.23 17.49
N ILE D 457 -36.13 6.45 18.73
CA ILE D 457 -34.80 7.03 18.94
C ILE D 457 -33.72 6.07 18.45
N SER D 458 -33.89 4.77 18.72
CA SER D 458 -32.92 3.79 18.24
C SER D 458 -32.87 3.77 16.72
N ILE D 459 -34.03 3.86 16.07
CA ILE D 459 -34.05 3.88 14.60
C ILE D 459 -33.37 5.14 14.08
N PHE D 460 -33.66 6.29 14.71
CA PHE D 460 -33.02 7.54 14.28
C PHE D 460 -31.51 7.44 14.40
N GLU D 461 -31.02 6.86 15.50
CA GLU D 461 -29.58 6.67 15.62
C GLU D 461 -29.06 5.73 14.54
N ASN D 462 -29.78 4.62 14.29
CA ASN D 462 -29.37 3.69 13.25
C ASN D 462 -29.40 4.34 11.88
N MET D 463 -30.31 5.30 11.67
CA MET D 463 -30.34 6.05 10.42
C MET D 463 -29.13 6.95 10.25
N ASN D 464 -28.32 7.11 11.30
CA ASN D 464 -27.11 7.94 11.26
C ASN D 464 -27.45 9.43 11.31
N LEU D 465 -28.57 9.77 11.94
CA LEU D 465 -28.96 11.16 12.14
C LEU D 465 -28.83 11.49 13.62
N ARG D 466 -28.01 12.48 13.94
CA ARG D 466 -27.78 12.89 15.32
C ARG D 466 -28.71 13.99 15.78
N THR D 467 -29.01 14.97 14.92
CA THR D 467 -29.81 16.11 15.33
C THR D 467 -31.24 15.70 15.65
N LEU D 468 -31.89 14.96 14.75
CA LEU D 468 -33.26 14.54 15.00
C LEU D 468 -33.35 13.68 16.26
N SER D 469 -32.31 12.86 16.51
CA SER D 469 -32.31 12.04 17.72
C SER D 469 -32.30 12.91 18.96
N GLU D 470 -31.45 13.94 18.99
CA GLU D 470 -31.41 14.82 20.15
C GLU D 470 -32.73 15.56 20.31
N LYS D 471 -33.33 16.00 19.20
CA LYS D 471 -34.62 16.68 19.27
C LYS D 471 -35.68 15.77 19.87
N ALA D 472 -35.77 14.53 19.40
CA ALA D 472 -36.75 13.59 19.93
C ALA D 472 -36.50 13.31 21.40
N ARG D 473 -35.24 13.15 21.78
CA ARG D 473 -34.90 12.89 23.17
C ARG D 473 -35.33 14.05 24.06
N ASP D 474 -35.07 15.28 23.62
CA ASP D 474 -35.44 16.44 24.43
C ASP D 474 -36.96 16.56 24.53
N ASP D 475 -37.67 16.32 23.42
CA ASP D 475 -39.13 16.37 23.47
C ASP D 475 -39.68 15.32 24.41
N MET D 476 -39.13 14.11 24.38
CA MET D 476 -39.58 13.07 25.29
C MET D 476 -39.30 13.47 26.73
N LYS D 477 -38.13 14.06 26.99
CA LYS D 477 -37.81 14.51 28.34
C LYS D 477 -38.80 15.56 28.82
N ARG D 478 -39.18 16.48 27.94
CA ARG D 478 -40.07 17.57 28.33
C ARG D 478 -41.54 17.20 28.24
N HIS D 479 -41.85 15.99 27.76
CA HIS D 479 -43.23 15.53 27.65
C HIS D 479 -43.49 14.23 28.40
N SER D 480 -42.47 13.45 28.68
CA SER D 480 -42.67 12.16 29.33
C SER D 480 -43.24 12.37 30.74
N PRO D 481 -44.35 11.71 31.09
CA PRO D 481 -44.87 11.86 32.46
C PRO D 481 -43.96 11.21 33.47
N GLU D 482 -43.99 11.75 34.70
CA GLU D 482 -43.15 11.21 35.77
C GLU D 482 -43.60 9.80 36.14
N ASP D 483 -42.63 8.93 36.39
CA ASP D 483 -42.91 7.55 36.74
C ASP D 483 -42.08 7.13 37.95
N GLY D 560 -60.89 59.29 54.57
CA GLY D 560 -61.29 60.68 54.57
C GLY D 560 -61.01 61.36 53.24
N ASP D 561 -59.77 61.85 53.08
CA ASP D 561 -59.41 62.54 51.85
C ASP D 561 -59.51 61.60 50.64
N THR D 562 -59.03 60.36 50.79
CA THR D 562 -59.08 59.41 49.68
C THR D 562 -60.52 59.10 49.29
N TRP D 563 -61.39 58.91 50.28
CA TRP D 563 -62.79 58.60 49.99
C TRP D 563 -63.44 59.75 49.23
N ASP D 564 -63.22 60.98 49.69
CA ASP D 564 -63.80 62.14 49.00
C ASP D 564 -63.25 62.27 47.59
N TYR D 565 -61.95 62.08 47.42
CA TYR D 565 -61.35 62.20 46.09
C TYR D 565 -61.93 61.17 45.14
N LYS D 566 -62.01 59.91 45.58
CA LYS D 566 -62.54 58.87 44.70
C LYS D 566 -64.02 59.09 44.40
N SER D 567 -64.80 59.54 45.39
CA SER D 567 -66.20 59.81 45.14
C SER D 567 -66.37 60.94 44.13
N HIS D 568 -65.59 62.02 44.26
CA HIS D 568 -65.68 63.11 43.30
C HIS D 568 -65.27 62.66 41.90
N VAL D 569 -64.20 61.87 41.81
CA VAL D 569 -63.76 61.38 40.51
C VAL D 569 -64.84 60.50 39.88
N MET D 570 -65.45 59.63 40.69
CA MET D 570 -66.52 58.77 40.18
C MET D 570 -67.70 59.60 39.69
N THR D 571 -68.09 60.63 40.45
CA THR D 571 -69.20 61.48 40.04
C THR D 571 -68.90 62.16 38.72
N LYS D 572 -67.70 62.74 38.59
CA LYS D 572 -67.33 63.40 37.35
C LYS D 572 -67.33 62.43 36.17
N PHE D 573 -66.74 61.25 36.36
CA PHE D 573 -66.69 60.27 35.28
C PHE D 573 -68.09 59.84 34.87
N ALA D 574 -68.97 59.57 35.85
CA ALA D 574 -70.32 59.15 35.54
C ALA D 574 -71.08 60.23 34.78
N GLU D 575 -70.97 61.48 35.24
CA GLU D 575 -71.69 62.56 34.58
C GLU D 575 -71.21 62.74 33.14
N GLU D 576 -69.89 62.74 32.94
CA GLU D 576 -69.36 63.01 31.61
C GLU D 576 -69.54 61.82 30.67
N GLU D 577 -69.63 60.60 31.18
CA GLU D 577 -69.97 59.46 30.32
C GLU D 577 -71.46 59.45 29.99
N ASP D 578 -72.31 59.85 30.94
CA ASP D 578 -73.74 59.97 30.63
C ASP D 578 -73.98 61.03 29.57
N VAL D 579 -73.26 62.16 29.65
CA VAL D 579 -73.38 63.17 28.61
C VAL D 579 -72.92 62.62 27.27
N ARG D 580 -71.80 61.89 27.27
CA ARG D 580 -71.29 61.26 26.05
C ARG D 580 -71.82 59.84 25.93
N PRO D 591 -67.62 39.12 32.59
CA PRO D 591 -66.99 38.52 31.41
C PRO D 591 -65.50 38.84 31.32
N GLU D 592 -65.17 40.07 30.91
CA GLU D 592 -63.78 40.48 30.84
C GLU D 592 -63.22 40.89 32.19
N MET D 593 -64.09 41.09 33.18
CA MET D 593 -63.63 41.50 34.50
C MET D 593 -62.70 40.45 35.11
N GLN D 594 -63.06 39.18 34.98
CA GLN D 594 -62.24 38.12 35.56
C GLN D 594 -60.85 38.09 34.93
N THR D 595 -60.79 38.19 33.60
CA THR D 595 -59.50 38.19 32.93
C THR D 595 -58.68 39.42 33.31
N LEU D 596 -59.32 40.59 33.39
CA LEU D 596 -58.58 41.80 33.76
C LEU D 596 -58.03 41.69 35.18
N ALA D 597 -58.81 41.15 36.11
CA ALA D 597 -58.34 41.00 37.48
C ALA D 597 -57.13 40.06 37.56
N GLY D 598 -57.20 38.94 36.84
CA GLY D 598 -56.11 37.97 36.86
C GLY D 598 -54.94 38.31 35.97
N ALA D 599 -55.00 39.44 35.26
CA ALA D 599 -53.91 39.80 34.36
C ALA D 599 -52.60 39.99 35.12
N PHE D 600 -52.67 40.48 36.35
CA PHE D 600 -51.48 40.77 37.15
C PHE D 600 -51.10 39.64 38.09
N ASP D 601 -51.84 38.53 38.08
CA ASP D 601 -51.52 37.41 38.95
C ASP D 601 -50.30 36.65 38.42
N SER D 602 -49.59 36.00 39.34
CA SER D 602 -48.43 35.20 38.99
C SER D 602 -48.86 33.99 38.17
N ASP D 603 -48.02 33.61 37.21
CA ASP D 603 -48.31 32.49 36.33
C ASP D 603 -47.54 31.24 36.77
N ARG D 604 -47.64 30.19 35.97
CA ARG D 604 -46.93 28.96 36.28
C ARG D 604 -45.42 29.18 36.22
N TRP D 605 -44.96 29.99 35.26
CA TRP D 605 -43.53 30.26 35.16
C TRP D 605 -43.01 30.94 36.42
N GLY D 606 -43.73 31.94 36.92
CA GLY D 606 -43.34 32.62 38.13
C GLY D 606 -42.67 33.95 37.85
N PHE D 607 -43.43 35.04 37.93
CA PHE D 607 -42.91 36.37 37.67
C PHE D 607 -43.99 37.38 38.00
N ARG D 608 -43.56 38.56 38.45
CA ARG D 608 -44.47 39.65 38.79
C ARG D 608 -44.19 40.84 37.87
N PRO D 609 -45.07 41.15 36.92
CA PRO D 609 -44.79 42.25 35.99
C PRO D 609 -45.05 43.61 36.63
N ARG D 610 -44.57 44.65 35.94
CA ARG D 610 -44.87 46.02 36.34
C ARG D 610 -45.63 46.78 35.27
N THR D 611 -45.48 46.39 33.99
CA THR D 611 -46.14 47.06 32.88
C THR D 611 -46.93 46.03 32.09
N VAL D 612 -48.14 46.41 31.67
CA VAL D 612 -49.03 45.54 30.93
C VAL D 612 -49.53 46.29 29.70
N VAL D 613 -49.21 45.76 28.52
CA VAL D 613 -49.56 46.39 27.25
C VAL D 613 -50.70 45.58 26.62
N LEU D 614 -51.78 46.27 26.27
CA LEU D 614 -52.95 45.65 25.67
C LEU D 614 -53.04 46.05 24.20
N HIS D 615 -53.26 45.07 23.33
CA HIS D 615 -53.35 45.30 21.89
C HIS D 615 -54.52 44.52 21.33
N GLY D 616 -55.05 45.00 20.21
CA GLY D 616 -56.15 44.34 19.56
C GLY D 616 -56.69 45.18 18.43
N LYS D 617 -57.79 44.69 17.85
CA LYS D 617 -58.42 45.39 16.74
C LYS D 617 -58.95 46.74 17.22
N SER D 618 -58.88 47.73 16.32
CA SER D 618 -59.30 49.09 16.66
C SER D 618 -60.79 49.19 16.95
N GLY D 619 -61.58 48.17 16.62
CA GLY D 619 -63.02 48.26 16.85
C GLY D 619 -63.37 48.49 18.30
N ILE D 620 -62.70 47.78 19.21
CA ILE D 620 -62.99 47.92 20.63
C ILE D 620 -62.42 49.24 21.13
N GLY D 621 -63.18 49.92 22.00
CA GLY D 621 -62.76 51.20 22.53
C GLY D 621 -61.87 51.08 23.75
N LYS D 622 -60.61 51.47 23.61
CA LYS D 622 -59.68 51.40 24.73
C LYS D 622 -60.07 52.37 25.84
N SER D 623 -60.50 53.58 25.46
CA SER D 623 -60.91 54.55 26.46
C SER D 623 -62.10 54.05 27.26
N ALA D 624 -63.06 53.42 26.58
CA ALA D 624 -64.22 52.87 27.29
C ALA D 624 -63.79 51.77 28.27
N LEU D 625 -62.85 50.92 27.85
CA LEU D 625 -62.37 49.88 28.75
C LEU D 625 -61.68 50.47 29.97
N ALA D 626 -60.85 51.50 29.76
CA ALA D 626 -60.18 52.15 30.88
C ALA D 626 -61.19 52.78 31.83
N ARG D 627 -62.22 53.44 31.28
CA ARG D 627 -63.24 54.05 32.13
C ARG D 627 -64.01 52.99 32.91
N ARG D 628 -64.31 51.86 32.27
CA ARG D 628 -64.99 50.77 32.97
C ARG D 628 -64.12 50.22 34.09
N ILE D 629 -62.82 50.08 33.84
CA ILE D 629 -61.92 49.60 34.88
C ILE D 629 -61.90 50.58 36.06
N VAL D 630 -61.84 51.88 35.76
CA VAL D 630 -61.85 52.88 36.82
C VAL D 630 -63.15 52.81 37.61
N LEU D 631 -64.28 52.66 36.91
CA LEU D 631 -65.57 52.55 37.58
C LEU D 631 -65.60 51.34 38.51
N CYS D 632 -65.14 50.19 38.02
CA CYS D 632 -65.15 48.98 38.83
C CYS D 632 -64.23 49.12 40.04
N TRP D 633 -63.07 49.74 39.85
CA TRP D 633 -62.17 49.98 40.98
C TRP D 633 -62.83 50.88 42.02
N ALA D 634 -63.53 51.92 41.55
CA ALA D 634 -64.23 52.80 42.49
C ALA D 634 -65.31 52.04 43.25
N GLN D 635 -66.05 51.18 42.56
CA GLN D 635 -67.08 50.38 43.23
C GLN D 635 -66.47 49.45 44.26
N GLY D 636 -65.19 49.10 44.11
CA GLY D 636 -64.51 48.24 45.05
C GLY D 636 -64.44 46.79 44.66
N GLY D 637 -64.83 46.43 43.43
CA GLY D 637 -64.80 45.05 42.99
C GLY D 637 -63.54 44.62 42.28
N LEU D 638 -62.50 45.46 42.25
CA LEU D 638 -61.28 45.17 41.51
C LEU D 638 -60.11 45.88 42.17
N TYR D 639 -59.08 45.12 42.55
CA TYR D 639 -57.84 45.65 43.09
C TYR D 639 -58.11 46.64 44.22
N GLN D 640 -59.04 46.27 45.11
CA GLN D 640 -59.35 47.13 46.24
C GLN D 640 -58.19 47.22 47.23
N GLY D 641 -57.43 46.14 47.38
CA GLY D 641 -56.36 46.10 48.36
C GLY D 641 -54.97 46.27 47.77
N MET D 642 -54.88 46.41 46.45
CA MET D 642 -53.58 46.54 45.80
C MET D 642 -53.07 47.97 45.87
N PHE D 643 -53.94 48.94 45.59
CA PHE D 643 -53.59 50.35 45.63
C PHE D 643 -54.82 51.15 46.00
N SER D 644 -54.63 52.47 46.16
CA SER D 644 -55.68 53.35 46.61
C SER D 644 -55.90 54.56 45.71
N TYR D 645 -55.10 54.74 44.66
CA TYR D 645 -55.21 55.89 43.79
C TYR D 645 -55.14 55.46 42.34
N VAL D 646 -55.90 56.15 41.48
CA VAL D 646 -55.91 55.93 40.04
C VAL D 646 -55.65 57.26 39.35
N PHE D 647 -54.75 57.25 38.38
CA PHE D 647 -54.47 58.41 37.54
C PHE D 647 -54.71 58.04 36.09
N PHE D 648 -55.51 58.84 35.40
CA PHE D 648 -55.83 58.63 33.99
C PHE D 648 -55.22 59.77 33.18
N LEU D 649 -54.36 59.42 32.22
CA LEU D 649 -53.58 60.40 31.48
C LEU D 649 -54.04 60.46 30.02
N PRO D 650 -54.77 61.49 29.60
CA PRO D 650 -55.12 61.60 28.17
C PRO D 650 -54.06 62.34 27.38
N VAL D 651 -53.61 61.73 26.28
CA VAL D 651 -52.50 62.29 25.52
C VAL D 651 -52.86 63.66 24.95
N ARG D 652 -54.10 63.82 24.49
CA ARG D 652 -54.51 65.09 23.88
C ARG D 652 -54.37 66.24 24.86
N GLU D 653 -54.84 66.04 26.09
CA GLU D 653 -54.72 67.09 27.10
C GLU D 653 -53.27 67.39 27.42
N MET D 654 -52.43 66.35 27.47
CA MET D 654 -51.01 66.56 27.73
C MET D 654 -50.36 67.39 26.63
N GLN D 655 -50.73 67.12 25.38
CA GLN D 655 -50.14 67.86 24.26
C GLN D 655 -50.76 69.23 24.08
N ARG D 656 -51.91 69.50 24.71
CA ARG D 656 -52.49 70.83 24.65
C ARG D 656 -51.54 71.88 25.20
N LYS D 657 -50.78 71.53 26.24
CA LYS D 657 -49.83 72.44 26.87
C LYS D 657 -48.41 72.02 26.53
N LYS D 658 -47.60 72.98 26.05
CA LYS D 658 -46.23 72.67 25.66
C LYS D 658 -45.41 72.23 26.87
N GLU D 659 -45.56 72.93 27.99
CA GLU D 659 -44.83 72.63 29.22
C GLU D 659 -45.80 72.11 30.28
N SER D 660 -45.43 71.01 30.93
CA SER D 660 -46.27 70.42 31.95
C SER D 660 -45.42 69.50 32.82
N SER D 661 -45.97 69.12 33.97
CA SER D 661 -45.29 68.22 34.89
C SER D 661 -46.32 67.45 35.70
N VAL D 662 -45.88 66.34 36.27
CA VAL D 662 -46.78 65.48 37.03
C VAL D 662 -47.45 66.27 38.15
N THR D 663 -46.75 67.25 38.72
CA THR D 663 -47.35 68.08 39.74
C THR D 663 -48.61 68.76 39.22
N GLU D 664 -48.56 69.27 37.98
CA GLU D 664 -49.74 69.89 37.39
C GLU D 664 -50.88 68.89 37.26
N PHE D 665 -50.57 67.64 36.86
CA PHE D 665 -51.62 66.64 36.73
C PHE D 665 -52.28 66.35 38.06
N ILE D 666 -51.48 66.11 39.10
CA ILE D 666 -52.04 65.76 40.40
C ILE D 666 -52.83 66.92 40.97
N SER D 667 -52.37 68.15 40.72
CA SER D 667 -53.12 69.32 41.16
C SER D 667 -54.46 69.42 40.43
N ARG D 668 -54.45 69.24 39.10
CA ARG D 668 -55.68 69.37 38.33
C ARG D 668 -56.70 68.32 38.73
N GLU D 669 -56.25 67.07 38.89
CA GLU D 669 -57.20 65.98 39.18
C GLU D 669 -57.92 66.21 40.49
N TRP D 670 -57.20 66.63 41.53
CA TRP D 670 -57.83 66.82 42.83
C TRP D 670 -58.79 68.01 42.80
N PRO D 671 -59.86 67.97 43.60
CA PRO D 671 -60.81 69.10 43.61
C PRO D 671 -60.21 70.36 44.22
N ASP D 672 -59.59 70.23 45.39
CA ASP D 672 -59.04 71.39 46.07
C ASP D 672 -57.84 71.97 45.32
N SER D 673 -57.27 71.23 44.38
CA SER D 673 -56.12 71.64 43.56
C SER D 673 -54.81 71.56 44.31
N GLN D 674 -54.81 71.05 45.54
CA GLN D 674 -53.59 70.91 46.34
C GLN D 674 -53.56 69.53 46.96
N ALA D 675 -52.38 68.89 46.90
CA ALA D 675 -52.17 67.58 47.51
C ALA D 675 -50.83 67.55 48.21
N PRO D 676 -50.69 66.74 49.25
CA PRO D 676 -49.38 66.64 49.93
C PRO D 676 -48.38 65.87 49.07
N VAL D 677 -47.27 66.52 48.75
CA VAL D 677 -46.23 65.84 47.98
C VAL D 677 -45.65 64.67 48.76
N THR D 678 -45.50 64.84 50.08
CA THR D 678 -44.99 63.74 50.90
C THR D 678 -45.92 62.53 50.84
N GLU D 679 -47.23 62.77 50.90
CA GLU D 679 -48.18 61.67 50.79
C GLU D 679 -48.08 60.98 49.43
N ILE D 680 -47.90 61.78 48.37
CA ILE D 680 -47.80 61.20 47.03
C ILE D 680 -46.61 60.25 46.94
N MET D 681 -45.47 60.67 47.48
CA MET D 681 -44.24 59.87 47.45
C MET D 681 -44.13 58.93 48.65
N SER D 682 -45.15 58.86 49.50
CA SER D 682 -45.06 58.02 50.70
C SER D 682 -44.84 56.55 50.31
N ARG D 683 -45.64 56.05 49.37
CA ARG D 683 -45.52 54.68 48.91
C ARG D 683 -45.61 54.62 47.39
N PRO D 684 -44.84 53.74 46.73
CA PRO D 684 -44.95 53.61 45.28
C PRO D 684 -46.14 52.77 44.85
N GLU D 685 -46.48 51.77 45.67
CA GLU D 685 -47.52 50.82 45.29
C GLU D 685 -48.87 51.51 45.09
N ARG D 686 -49.15 52.56 45.85
CA ARG D 686 -50.43 53.24 45.73
C ARG D 686 -50.57 54.01 44.42
N LEU D 687 -49.49 54.17 43.66
CA LEU D 687 -49.51 54.95 42.43
C LEU D 687 -49.79 54.03 41.24
N LEU D 688 -50.65 54.49 40.33
CA LEU D 688 -50.94 53.78 39.09
C LEU D 688 -51.09 54.81 37.97
N PHE D 689 -50.51 54.52 36.81
CA PHE D 689 -50.58 55.38 35.65
C PHE D 689 -51.28 54.65 34.52
N ILE D 690 -52.33 55.26 33.97
CA ILE D 690 -53.06 54.71 32.82
C ILE D 690 -52.81 55.64 31.64
N ILE D 691 -52.27 55.08 30.55
CA ILE D 691 -52.00 55.82 29.32
C ILE D 691 -52.93 55.28 28.24
N ASP D 692 -53.62 56.19 27.55
CA ASP D 692 -54.56 55.83 26.50
C ASP D 692 -54.25 56.63 25.25
N GLY D 693 -54.55 56.05 24.09
CA GLY D 693 -54.28 56.73 22.83
C GLY D 693 -52.81 57.00 22.61
N PHE D 694 -51.94 56.05 22.96
CA PHE D 694 -50.50 56.28 22.85
C PHE D 694 -50.08 56.51 21.40
N ASP D 695 -50.66 55.74 20.47
CA ASP D 695 -50.26 55.86 19.07
C ASP D 695 -50.95 57.00 18.36
N ASP D 696 -51.93 57.66 18.99
CA ASP D 696 -52.63 58.76 18.33
C ASP D 696 -51.66 59.84 17.89
N LEU D 697 -50.64 60.13 18.72
CA LEU D 697 -49.56 61.04 18.35
C LEU D 697 -48.24 60.29 18.62
N GLY D 698 -47.84 59.48 17.64
CA GLY D 698 -46.55 58.82 17.68
C GLY D 698 -45.52 59.60 16.90
N SER D 699 -45.99 60.45 15.99
CA SER D 699 -45.08 61.34 15.26
C SER D 699 -44.36 62.27 16.21
N VAL D 700 -45.09 62.86 17.17
CA VAL D 700 -44.46 63.74 18.14
C VAL D 700 -43.49 62.96 19.02
N LEU D 701 -43.89 61.77 19.47
CA LEU D 701 -43.03 60.99 20.35
C LEU D 701 -41.74 60.56 19.67
N ASN D 702 -41.68 60.58 18.33
CA ASN D 702 -40.49 60.16 17.63
C ASN D 702 -39.28 61.02 18.00
N ASN D 703 -39.52 62.23 18.51
CA ASN D 703 -38.43 63.10 18.92
C ASN D 703 -37.62 62.44 20.03
N ASP D 704 -36.30 62.64 19.99
CA ASP D 704 -35.39 62.08 20.97
C ASP D 704 -34.92 63.18 21.91
N THR D 705 -35.05 62.93 23.21
CA THR D 705 -34.62 63.89 24.22
C THR D 705 -34.09 63.12 25.43
N LYS D 706 -33.18 63.76 26.16
CA LYS D 706 -32.64 63.16 27.37
C LYS D 706 -33.72 63.11 28.44
N LEU D 707 -33.78 61.99 29.16
CA LEU D 707 -34.76 61.83 30.23
C LEU D 707 -34.41 62.72 31.42
N CYS D 708 -35.39 62.94 32.29
CA CYS D 708 -35.23 63.77 33.47
C CYS D 708 -35.34 62.88 34.71
N LYS D 709 -34.33 62.97 35.58
CA LYS D 709 -34.33 62.17 36.80
C LYS D 709 -35.25 62.75 37.87
N ASP D 710 -35.37 64.07 37.95
CA ASP D 710 -36.16 64.71 38.99
C ASP D 710 -37.62 64.76 38.58
N TRP D 711 -38.50 64.26 39.46
CA TRP D 711 -39.92 64.21 39.13
C TRP D 711 -40.54 65.60 39.09
N ALA D 712 -40.08 66.51 39.95
CA ALA D 712 -40.64 67.87 39.97
C ALA D 712 -40.17 68.69 38.78
N GLU D 713 -39.12 68.26 38.09
CA GLU D 713 -38.64 69.00 36.93
C GLU D 713 -39.71 69.06 35.86
N LYS D 714 -39.77 70.19 35.16
CA LYS D 714 -40.75 70.40 34.10
C LYS D 714 -40.10 70.11 32.75
N GLN D 715 -40.64 69.14 32.04
CA GLN D 715 -40.17 68.75 30.72
C GLN D 715 -41.39 68.57 29.81
N PRO D 716 -41.18 68.57 28.50
CA PRO D 716 -42.33 68.42 27.60
C PRO D 716 -43.01 67.09 27.82
N PRO D 717 -44.29 66.97 27.46
CA PRO D 717 -45.01 65.72 27.75
C PRO D 717 -44.37 64.49 27.15
N PHE D 718 -43.78 64.59 25.96
CA PHE D 718 -43.26 63.38 25.31
C PHE D 718 -42.00 62.89 26.02
N THR D 719 -41.21 63.81 26.57
CA THR D 719 -40.07 63.38 27.38
C THR D 719 -40.52 62.69 28.66
N LEU D 720 -41.59 63.20 29.28
CA LEU D 720 -42.13 62.54 30.46
C LEU D 720 -42.62 61.14 30.13
N ILE D 721 -43.33 60.99 29.00
CA ILE D 721 -43.80 59.66 28.61
C ILE D 721 -42.63 58.72 28.36
N ARG D 722 -41.60 59.21 27.65
CA ARG D 722 -40.44 58.38 27.36
C ARG D 722 -39.75 57.95 28.65
N SER D 723 -39.60 58.89 29.60
CA SER D 723 -38.99 58.55 30.88
C SER D 723 -39.83 57.52 31.63
N LEU D 724 -41.15 57.66 31.57
CA LEU D 724 -42.02 56.68 32.21
C LEU D 724 -41.84 55.30 31.61
N LEU D 725 -41.79 55.20 30.29
CA LEU D 725 -41.63 53.90 29.65
C LEU D 725 -40.25 53.31 29.89
N ARG D 726 -39.21 54.15 29.86
CA ARG D 726 -37.84 53.68 29.95
C ARG D 726 -37.48 53.11 31.32
N LYS D 727 -38.35 53.27 32.32
CA LYS D 727 -38.16 52.74 33.67
C LYS D 727 -37.17 53.56 34.49
N VAL D 728 -36.60 54.63 33.93
CA VAL D 728 -35.69 55.46 34.72
C VAL D 728 -36.46 56.26 35.76
N LEU D 729 -37.61 56.82 35.38
CA LEU D 729 -38.42 57.62 36.29
C LEU D 729 -39.34 56.72 37.11
N LEU D 730 -39.29 56.87 38.42
CA LEU D 730 -40.17 56.14 39.33
C LEU D 730 -40.06 54.63 39.10
N PRO D 731 -38.87 54.05 39.27
CA PRO D 731 -38.71 52.61 38.97
C PRO D 731 -39.51 51.70 39.87
N GLU D 732 -39.96 52.17 41.03
CA GLU D 732 -40.64 51.29 41.99
C GLU D 732 -42.11 51.07 41.65
N SER D 733 -42.66 51.82 40.70
CA SER D 733 -44.09 51.77 40.42
C SER D 733 -44.40 50.72 39.36
N PHE D 734 -45.67 50.69 38.97
CA PHE D 734 -46.17 49.80 37.93
C PHE D 734 -46.98 50.60 36.93
N LEU D 735 -47.01 50.13 35.68
CA LEU D 735 -47.63 50.86 34.59
C LEU D 735 -48.67 49.98 33.88
N ILE D 736 -49.53 50.65 33.11
CA ILE D 736 -50.50 49.97 32.26
C ILE D 736 -50.80 50.88 31.07
N VAL D 737 -50.75 50.32 29.86
CA VAL D 737 -50.91 51.09 28.63
C VAL D 737 -51.92 50.38 27.75
N THR D 738 -52.73 51.17 27.03
CA THR D 738 -53.61 50.67 25.99
C THR D 738 -53.13 51.21 24.64
N VAL D 739 -52.88 50.31 23.70
CA VAL D 739 -52.23 50.65 22.45
C VAL D 739 -52.85 49.85 21.32
N ARG D 740 -52.66 50.32 20.09
CA ARG D 740 -53.15 49.67 18.89
C ARG D 740 -52.01 48.89 18.23
N ASP D 741 -52.31 48.26 17.10
CA ASP D 741 -51.34 47.40 16.43
C ASP D 741 -50.09 48.19 16.02
N VAL D 742 -50.29 49.32 15.33
CA VAL D 742 -49.14 50.14 14.94
C VAL D 742 -48.44 50.69 16.17
N GLY D 743 -49.23 51.05 17.20
CA GLY D 743 -48.63 51.59 18.40
C GLY D 743 -47.74 50.58 19.12
N THR D 744 -48.20 49.34 19.21
CA THR D 744 -47.38 48.30 19.84
C THR D 744 -46.21 47.91 18.95
N GLU D 745 -46.36 48.02 17.63
CA GLU D 745 -45.24 47.83 16.73
C GLU D 745 -44.15 48.85 16.99
N LYS D 746 -44.55 50.12 17.18
CA LYS D 746 -43.57 51.17 17.42
C LYS D 746 -42.99 51.09 18.83
N LEU D 747 -43.79 50.69 19.81
CA LEU D 747 -43.40 50.69 21.22
C LEU D 747 -42.59 49.47 21.62
N LYS D 748 -42.54 48.43 20.79
CA LYS D 748 -41.88 47.19 21.20
C LYS D 748 -40.44 47.43 21.62
N SER D 749 -39.79 48.45 21.05
CA SER D 749 -38.35 48.64 21.26
C SER D 749 -38.03 49.33 22.58
N GLU D 750 -38.99 49.99 23.22
CA GLU D 750 -38.74 50.77 24.43
C GLU D 750 -39.12 50.03 25.71
N VAL D 751 -40.37 49.58 25.81
CA VAL D 751 -40.80 48.85 26.99
C VAL D 751 -39.88 47.65 27.21
N VAL D 752 -39.56 47.37 28.48
CA VAL D 752 -38.62 46.32 28.85
C VAL D 752 -39.37 45.24 29.62
N SER D 753 -39.60 44.11 28.97
CA SER D 753 -40.23 42.94 29.57
C SER D 753 -41.68 43.15 30.01
N PRO D 754 -42.54 43.69 29.16
CA PRO D 754 -43.98 43.68 29.45
C PRO D 754 -44.59 42.29 29.50
N ARG D 755 -45.91 42.28 29.70
CA ARG D 755 -46.78 41.16 29.36
C ARG D 755 -47.81 41.68 28.37
N TYR D 756 -47.84 41.08 27.18
CA TYR D 756 -48.72 41.53 26.11
C TYR D 756 -50.05 40.79 26.19
N LEU D 757 -51.14 41.49 25.88
CA LEU D 757 -52.48 40.93 25.90
C LEU D 757 -53.17 41.20 24.57
N LEU D 758 -54.05 40.29 24.18
CA LEU D 758 -54.81 40.41 22.94
C LEU D 758 -56.28 40.59 23.28
N VAL D 759 -56.94 41.51 22.56
CA VAL D 759 -58.35 41.80 22.74
C VAL D 759 -59.03 41.84 21.38
N ARG D 760 -60.22 41.27 21.29
CA ARG D 760 -60.97 41.22 20.03
C ARG D 760 -62.34 40.64 20.28
N ALA D 802 -66.21 45.05 14.69
CA ALA D 802 -67.58 45.18 14.23
C ALA D 802 -67.69 44.87 12.75
N VAL D 803 -66.73 44.09 12.23
CA VAL D 803 -66.75 43.74 10.81
C VAL D 803 -67.96 42.86 10.50
N GLY D 804 -68.24 41.89 11.37
CA GLY D 804 -69.38 41.01 11.13
C GLY D 804 -70.71 41.75 11.13
N SER D 805 -70.91 42.63 12.10
CA SER D 805 -72.14 43.41 12.15
C SER D 805 -72.25 44.32 10.92
N LEU D 806 -71.13 44.92 10.52
CA LEU D 806 -71.14 45.76 9.32
C LEU D 806 -71.53 44.95 8.10
N ILE D 807 -70.99 43.74 7.95
CA ILE D 807 -71.32 42.90 6.81
C ILE D 807 -72.79 42.51 6.84
N CYS D 808 -73.30 42.15 8.01
CA CYS D 808 -74.72 41.80 8.11
C CYS D 808 -75.60 42.98 7.73
N VAL D 809 -75.28 44.17 8.22
CA VAL D 809 -76.09 45.35 7.90
C VAL D 809 -76.02 45.64 6.41
N ALA D 810 -74.83 45.57 5.82
CA ALA D 810 -74.69 45.84 4.40
C ALA D 810 -75.49 44.85 3.58
N LEU D 811 -75.45 43.56 3.95
CA LEU D 811 -76.23 42.56 3.25
C LEU D 811 -77.72 42.84 3.37
N GLN D 812 -78.16 43.25 4.58
CA GLN D 812 -79.56 43.59 4.76
C GLN D 812 -79.93 44.83 3.93
N LEU D 813 -79.03 45.79 3.83
CA LEU D 813 -79.28 47.04 3.12
C LEU D 813 -78.91 46.96 1.64
N GLN D 814 -78.84 45.75 1.08
CA GLN D 814 -78.57 45.60 -0.35
C GLN D 814 -79.70 46.20 -1.17
N PHE D 824 -73.32 41.79 -7.21
CA PHE D 824 -72.11 42.28 -6.58
C PHE D 824 -71.69 41.36 -5.43
N ASN D 825 -72.27 40.16 -5.39
CA ASN D 825 -71.93 39.18 -4.37
C ASN D 825 -70.65 38.43 -4.67
N GLN D 826 -70.16 38.50 -5.92
CA GLN D 826 -68.94 37.78 -6.27
C GLN D 826 -67.74 38.32 -5.49
N THR D 827 -67.68 39.63 -5.32
CA THR D 827 -66.60 40.27 -4.57
C THR D 827 -67.20 41.27 -3.59
N LEU D 828 -66.58 41.39 -2.42
CA LEU D 828 -67.06 42.32 -1.42
C LEU D 828 -66.76 43.77 -1.79
N THR D 829 -65.83 44.00 -2.73
CA THR D 829 -65.60 45.36 -3.19
C THR D 829 -66.84 45.92 -3.86
N GLY D 830 -67.53 45.10 -4.67
CA GLY D 830 -68.77 45.55 -5.28
C GLY D 830 -69.85 45.82 -4.25
N LEU D 831 -69.91 44.98 -3.21
CA LEU D 831 -70.90 45.20 -2.15
C LEU D 831 -70.64 46.52 -1.43
N HIS D 832 -69.38 46.79 -1.09
CA HIS D 832 -69.05 48.06 -0.46
C HIS D 832 -69.35 49.24 -1.38
N ALA D 833 -69.06 49.10 -2.66
CA ALA D 833 -69.35 50.18 -3.61
C ALA D 833 -70.85 50.43 -3.68
N ALA D 834 -71.66 49.36 -3.73
CA ALA D 834 -73.10 49.52 -3.78
C ALA D 834 -73.61 50.18 -2.51
N PHE D 835 -73.10 49.78 -1.35
CA PHE D 835 -73.51 50.39 -0.09
C PHE D 835 -73.16 51.87 -0.06
N VAL D 836 -71.95 52.22 -0.52
CA VAL D 836 -71.53 53.61 -0.54
C VAL D 836 -72.41 54.42 -1.48
N PHE D 837 -72.74 53.85 -2.65
CA PHE D 837 -73.60 54.55 -3.59
C PHE D 837 -74.99 54.77 -2.99
N HIS D 838 -75.54 53.76 -2.34
CA HIS D 838 -76.86 53.91 -1.73
C HIS D 838 -76.84 54.97 -0.64
N GLN D 839 -75.80 54.97 0.21
CA GLN D 839 -75.70 55.96 1.27
C GLN D 839 -75.55 57.36 0.70
N LEU D 840 -74.75 57.51 -0.36
CA LEU D 840 -74.49 58.82 -0.93
C LEU D 840 -75.71 59.43 -1.61
N THR D 841 -76.67 58.62 -2.03
CA THR D 841 -77.86 59.16 -2.65
C THR D 841 -78.62 60.01 -1.64
N PRO D 842 -79.11 61.19 -2.06
CA PRO D 842 -79.83 62.04 -1.11
C PRO D 842 -81.05 61.32 -0.54
N ARG D 843 -81.30 61.55 0.74
CA ARG D 843 -82.41 60.89 1.42
C ARG D 843 -83.73 61.32 0.79
N GLY D 844 -84.54 60.35 0.39
CA GLY D 844 -85.84 60.62 -0.19
C GLY D 844 -85.82 61.04 -1.64
N VAL D 845 -84.65 61.08 -2.28
CA VAL D 845 -84.52 61.49 -3.67
C VAL D 845 -83.84 60.38 -4.44
N VAL D 846 -84.38 60.02 -5.59
CA VAL D 846 -83.88 58.94 -6.43
C VAL D 846 -83.45 59.51 -7.76
N ARG D 847 -82.23 59.15 -8.19
CA ARG D 847 -81.70 59.56 -9.49
C ARG D 847 -81.50 61.07 -9.54
N ARG D 848 -80.79 61.61 -8.57
CA ARG D 848 -80.46 63.03 -8.53
C ARG D 848 -78.96 63.21 -8.70
N CYS D 849 -78.57 63.95 -9.74
CA CYS D 849 -77.16 64.19 -10.00
C CYS D 849 -76.56 65.06 -8.91
N LEU D 850 -75.34 64.70 -8.49
CA LEU D 850 -74.67 65.45 -7.42
C LEU D 850 -74.28 66.84 -7.91
N ASN D 851 -74.42 67.82 -7.02
CA ASN D 851 -74.04 69.19 -7.35
C ASN D 851 -72.54 69.38 -7.19
N LEU D 852 -72.05 70.51 -7.70
CA LEU D 852 -70.62 70.79 -7.63
C LEU D 852 -70.14 70.90 -6.19
N GLU D 853 -70.94 71.55 -5.33
CA GLU D 853 -70.56 71.65 -3.92
C GLU D 853 -70.55 70.27 -3.25
N GLU D 854 -71.52 69.42 -3.59
CA GLU D 854 -71.53 68.06 -3.04
C GLU D 854 -70.27 67.31 -3.44
N ARG D 855 -69.89 67.40 -4.72
CA ARG D 855 -68.67 66.74 -5.18
C ARG D 855 -67.45 67.33 -4.49
N VAL D 856 -67.44 68.64 -4.27
CA VAL D 856 -66.30 69.28 -3.61
C VAL D 856 -66.15 68.77 -2.18
N VAL D 857 -67.26 68.69 -1.45
CA VAL D 857 -67.19 68.22 -0.07
C VAL D 857 -66.81 66.75 -0.02
N LEU D 858 -67.31 65.95 -0.97
CA LEU D 858 -66.91 64.55 -1.04
C LEU D 858 -65.41 64.41 -1.30
N LYS D 859 -64.89 65.22 -2.22
CA LYS D 859 -63.45 65.21 -2.49
C LYS D 859 -62.66 65.63 -1.26
N ARG D 860 -63.15 66.63 -0.53
CA ARG D 860 -62.46 67.06 0.69
C ARG D 860 -62.44 65.94 1.72
N PHE D 861 -63.57 65.24 1.89
CA PHE D 861 -63.60 64.13 2.85
C PHE D 861 -62.64 63.03 2.43
N CYS D 862 -62.60 62.69 1.15
CA CYS D 862 -61.68 61.65 0.68
C CYS D 862 -60.23 62.08 0.85
N ARG D 863 -59.92 63.35 0.57
CA ARG D 863 -58.58 63.87 0.77
C ARG D 863 -58.19 63.77 2.24
N MET D 864 -59.12 64.13 3.14
CA MET D 864 -58.84 64.03 4.56
C MET D 864 -58.60 62.58 4.97
N ALA D 865 -59.37 61.65 4.41
CA ALA D 865 -59.19 60.23 4.72
C ALA D 865 -57.81 59.74 4.28
N VAL D 866 -57.41 60.06 3.06
CA VAL D 866 -56.13 59.60 2.56
C VAL D 866 -54.99 60.23 3.37
N GLU D 867 -55.11 61.52 3.69
CA GLU D 867 -54.09 62.19 4.47
C GLU D 867 -53.96 61.55 5.85
N GLY D 868 -55.09 61.24 6.49
CA GLY D 868 -55.03 60.56 7.77
C GLY D 868 -54.39 59.19 7.68
N VAL D 869 -54.74 58.43 6.64
CA VAL D 869 -54.15 57.09 6.48
C VAL D 869 -52.64 57.20 6.31
N TRP D 870 -52.18 58.11 5.45
CA TRP D 870 -50.74 58.27 5.25
C TRP D 870 -50.04 58.60 6.56
N ASN D 871 -50.71 59.29 7.46
CA ASN D 871 -50.18 59.58 8.79
C ASN D 871 -50.37 58.43 9.77
N ARG D 872 -51.10 57.39 9.37
CA ARG D 872 -51.39 56.26 10.25
C ARG D 872 -52.08 56.72 11.54
N LYS D 873 -53.04 57.64 11.40
CA LYS D 873 -53.82 58.14 12.52
C LYS D 873 -55.30 57.89 12.23
N SER D 874 -55.95 57.17 13.13
CA SER D 874 -57.36 56.80 12.98
C SER D 874 -58.30 57.71 13.77
N VAL D 875 -57.80 58.78 14.38
CA VAL D 875 -58.59 59.68 15.21
C VAL D 875 -58.55 61.06 14.57
N PHE D 876 -59.73 61.66 14.41
CA PHE D 876 -59.86 62.96 13.76
C PHE D 876 -60.41 63.96 14.77
N ASP D 877 -59.73 65.10 14.91
CA ASP D 877 -60.10 66.10 15.88
C ASP D 877 -60.98 67.18 15.26
N GLY D 878 -61.59 67.99 16.12
CA GLY D 878 -62.49 69.02 15.64
C GLY D 878 -61.79 70.10 14.83
N ASP D 879 -60.57 70.47 15.23
CA ASP D 879 -59.83 71.49 14.53
C ASP D 879 -59.55 71.09 13.09
N ASP D 880 -59.23 69.82 12.87
CA ASP D 880 -59.01 69.33 11.50
C ASP D 880 -60.28 69.46 10.67
N LEU D 881 -61.42 69.13 11.26
CA LEU D 881 -62.69 69.26 10.55
C LEU D 881 -62.99 70.71 10.22
N MET D 882 -62.74 71.61 11.17
CA MET D 882 -62.91 73.04 10.90
C MET D 882 -62.02 73.49 9.75
N VAL D 883 -60.75 73.06 9.75
CA VAL D 883 -59.85 73.42 8.65
C VAL D 883 -60.38 72.88 7.34
N GLN D 884 -60.96 71.68 7.36
CA GLN D 884 -61.55 71.12 6.16
C GLN D 884 -62.72 71.98 5.67
N GLY D 885 -63.56 72.44 6.59
CA GLY D 885 -64.71 73.24 6.24
C GLY D 885 -65.96 72.46 5.90
N LEU D 886 -65.93 71.13 6.01
CA LEU D 886 -67.09 70.31 5.70
C LEU D 886 -68.06 70.31 6.88
N GLY D 887 -69.34 70.51 6.60
CA GLY D 887 -70.33 70.56 7.66
C GLY D 887 -70.48 69.23 8.37
N GLU D 888 -70.84 69.30 9.65
CA GLU D 888 -71.04 68.09 10.43
C GLU D 888 -72.23 67.29 9.93
N SER D 889 -73.32 67.96 9.55
CA SER D 889 -74.47 67.25 9.02
C SER D 889 -74.13 66.54 7.71
N GLU D 890 -73.44 67.23 6.81
CA GLU D 890 -73.04 66.61 5.55
C GLU D 890 -72.07 65.46 5.80
N LEU D 891 -71.13 65.64 6.73
CA LEU D 891 -70.20 64.56 7.04
C LEU D 891 -70.92 63.34 7.60
N ARG D 892 -71.89 63.57 8.49
CA ARG D 892 -72.68 62.46 9.03
C ARG D 892 -73.45 61.75 7.93
N ALA D 893 -74.06 62.52 7.02
CA ALA D 893 -74.78 61.90 5.91
C ALA D 893 -73.86 61.13 4.98
N LEU D 894 -72.61 61.57 4.84
CA LEU D 894 -71.69 60.94 3.90
C LEU D 894 -71.40 59.48 4.29
N PHE D 895 -71.14 59.23 5.57
CA PHE D 895 -70.83 57.89 6.06
C PHE D 895 -71.74 57.53 7.22
N HIS D 896 -72.13 56.26 7.27
CA HIS D 896 -73.04 55.77 8.30
C HIS D 896 -72.31 55.27 9.54
N MET D 897 -71.31 54.40 9.36
CA MET D 897 -70.57 53.84 10.48
C MET D 897 -69.35 54.71 10.80
N HIS D 914 -65.15 53.33 10.55
CA HIS D 914 -64.38 52.09 10.50
C HIS D 914 -63.27 52.21 9.46
N LEU D 915 -62.25 51.35 9.59
CA LEU D 915 -61.10 51.43 8.69
C LEU D 915 -61.48 51.11 7.26
N SER D 916 -62.39 50.16 7.07
CA SER D 916 -62.72 49.70 5.72
C SER D 916 -63.29 50.83 4.88
N LEU D 917 -64.18 51.64 5.45
CA LEU D 917 -64.74 52.75 4.69
C LEU D 917 -63.66 53.78 4.35
N GLN D 918 -62.73 54.02 5.27
CA GLN D 918 -61.63 54.94 4.99
C GLN D 918 -60.79 54.42 3.82
N ASP D 919 -60.48 53.12 3.81
CA ASP D 919 -59.71 52.55 2.70
C ASP D 919 -60.47 52.66 1.39
N PHE D 920 -61.77 52.36 1.41
CA PHE D 920 -62.56 52.45 0.19
C PHE D 920 -62.61 53.89 -0.32
N CYS D 921 -62.75 54.86 0.59
CA CYS D 921 -62.76 56.26 0.18
C CYS D 921 -61.43 56.68 -0.42
N ALA D 922 -60.33 56.20 0.16
CA ALA D 922 -59.02 56.51 -0.41
C ALA D 922 -58.88 55.92 -1.81
N ALA D 923 -59.35 54.69 -1.99
CA ALA D 923 -59.32 54.09 -3.33
C ALA D 923 -60.15 54.91 -4.31
N LEU D 924 -61.33 55.35 -3.88
CA LEU D 924 -62.18 56.17 -4.75
C LEU D 924 -61.48 57.48 -5.11
N TYR D 925 -60.83 58.11 -4.13
CA TYR D 925 -60.06 59.32 -4.43
C TYR D 925 -58.99 59.03 -5.48
N TYR D 926 -58.20 57.98 -5.28
CA TYR D 926 -57.17 57.64 -6.25
C TYR D 926 -57.78 57.44 -7.63
N VAL D 927 -58.97 56.84 -7.69
CA VAL D 927 -59.65 56.68 -8.98
C VAL D 927 -59.98 58.05 -9.56
N LEU D 928 -60.46 58.98 -8.74
CA LEU D 928 -60.77 60.32 -9.19
C LEU D 928 -59.51 61.05 -9.64
N LYS D 944 -46.77 69.18 -0.23
CA LYS D 944 -45.99 68.40 0.71
C LYS D 944 -44.51 68.38 0.31
N THR D 945 -43.67 67.83 1.18
CA THR D 945 -42.25 67.78 0.91
C THR D 945 -41.95 66.76 -0.21
N LYS D 946 -40.76 66.89 -0.79
CA LYS D 946 -40.36 65.98 -1.86
C LYS D 946 -40.31 64.55 -1.36
N ARG D 947 -39.75 64.33 -0.17
CA ARG D 947 -39.67 63.01 0.45
C ARG D 947 -40.12 63.12 1.89
N SER D 948 -41.02 62.22 2.30
CA SER D 948 -41.63 62.28 3.63
C SER D 948 -41.56 60.92 4.30
N MET D 949 -41.45 60.94 5.64
CA MET D 949 -41.39 59.70 6.41
C MET D 949 -42.69 58.92 6.31
N GLU D 950 -43.82 59.61 6.10
CA GLU D 950 -45.08 58.91 5.90
C GLU D 950 -45.02 58.00 4.68
N LEU D 951 -44.16 58.33 3.71
CA LEU D 951 -43.98 57.48 2.55
C LEU D 951 -43.40 56.12 2.96
N LYS D 952 -42.29 56.13 3.70
CA LYS D 952 -41.65 54.88 4.08
C LYS D 952 -42.50 54.11 5.07
N GLN D 953 -43.08 54.79 6.07
CA GLN D 953 -43.87 54.08 7.07
C GLN D 953 -45.06 53.37 6.43
N ALA D 954 -45.74 54.04 5.50
CA ALA D 954 -46.84 53.41 4.78
C ALA D 954 -46.37 52.39 3.76
N GLY D 955 -45.08 52.37 3.43
CA GLY D 955 -44.56 51.41 2.47
C GLY D 955 -44.59 49.96 2.94
N PHE D 956 -44.76 49.73 4.24
CA PHE D 956 -44.82 48.39 4.76
C PHE D 956 -46.02 47.60 4.24
N HIS D 957 -47.02 48.29 3.69
CA HIS D 957 -48.20 47.67 3.08
C HIS D 957 -48.83 46.62 3.99
N ILE D 958 -48.61 46.73 5.30
CA ILE D 958 -49.32 45.86 6.23
C ILE D 958 -50.80 46.20 6.25
N HIS D 959 -51.13 47.49 6.12
CA HIS D 959 -52.51 47.95 6.09
C HIS D 959 -52.96 48.39 4.70
N SER D 960 -52.03 48.79 3.83
CA SER D 960 -52.38 49.25 2.49
C SER D 960 -52.92 48.14 1.60
N LEU D 961 -52.81 46.89 2.03
CA LEU D 961 -53.29 45.78 1.20
C LEU D 961 -54.75 45.94 0.83
N TRP D 962 -55.59 46.30 1.81
CA TRP D 962 -57.01 46.52 1.53
C TRP D 962 -57.21 47.64 0.53
N MET D 963 -56.47 48.75 0.69
CA MET D 963 -56.63 49.87 -0.21
C MET D 963 -56.30 49.48 -1.64
N LYS D 964 -55.19 48.76 -1.84
CA LYS D 964 -54.82 48.34 -3.18
C LYS D 964 -55.82 47.34 -3.76
N ARG D 965 -56.30 46.42 -2.92
CA ARG D 965 -57.30 45.45 -3.38
C ARG D 965 -58.55 46.16 -3.87
N PHE D 966 -59.03 47.15 -3.10
CA PHE D 966 -60.17 47.94 -3.54
C PHE D 966 -59.84 48.71 -4.81
N LEU D 967 -58.62 49.26 -4.89
CA LEU D 967 -58.22 50.05 -6.05
C LEU D 967 -58.30 49.23 -7.32
N PHE D 968 -57.84 47.97 -7.26
CA PHE D 968 -58.01 47.09 -8.41
C PHE D 968 -59.48 46.86 -8.73
N GLY D 969 -60.30 46.69 -7.69
CA GLY D 969 -61.70 46.34 -7.90
C GLY D 969 -62.59 47.50 -8.31
N LEU D 970 -62.08 48.74 -8.22
CA LEU D 970 -62.88 49.90 -8.57
C LEU D 970 -62.82 50.25 -10.06
N VAL D 971 -61.94 49.61 -10.83
CA VAL D 971 -61.89 49.86 -12.27
C VAL D 971 -62.84 48.98 -13.05
N SER D 972 -63.49 48.02 -12.40
CA SER D 972 -64.46 47.16 -13.08
C SER D 972 -65.60 48.00 -13.63
N GLU D 973 -66.03 47.67 -14.86
CA GLU D 973 -67.10 48.43 -15.48
C GLU D 973 -68.44 48.20 -14.76
N ASP D 974 -68.66 46.98 -14.26
CA ASP D 974 -69.92 46.68 -13.60
C ASP D 974 -70.10 47.55 -12.35
N VAL D 975 -69.04 47.71 -11.56
CA VAL D 975 -69.10 48.58 -10.38
C VAL D 975 -68.81 50.03 -10.71
N ARG D 976 -68.37 50.32 -11.94
CA ARG D 976 -68.10 51.70 -12.34
C ARG D 976 -69.34 52.40 -12.88
N ARG D 977 -70.17 51.69 -13.65
CA ARG D 977 -71.33 52.35 -14.25
C ARG D 977 -72.25 52.99 -13.22
N PRO D 978 -72.54 52.39 -12.06
CA PRO D 978 -73.39 53.10 -11.09
C PRO D 978 -72.81 54.46 -10.70
N LEU D 979 -71.49 54.53 -10.53
CA LEU D 979 -70.85 55.81 -10.29
C LEU D 979 -71.04 56.74 -11.49
N GLU D 980 -70.90 56.21 -12.70
CA GLU D 980 -71.06 57.03 -13.90
C GLU D 980 -72.45 57.64 -13.98
N VAL D 981 -73.49 56.85 -13.73
CA VAL D 981 -74.85 57.37 -13.79
C VAL D 981 -75.13 58.32 -12.64
N LEU D 982 -74.70 57.97 -11.43
CA LEU D 982 -74.98 58.82 -10.27
C LEU D 982 -74.33 60.18 -10.45
N LEU D 983 -73.05 60.22 -10.81
CA LEU D 983 -72.37 61.49 -11.04
C LEU D 983 -72.78 62.09 -12.38
N GLY D 984 -72.97 61.25 -13.40
CA GLY D 984 -73.37 61.72 -14.70
C GLY D 984 -72.27 62.29 -15.55
N CYS D 985 -71.02 62.19 -15.12
CA CYS D 985 -69.89 62.72 -15.87
C CYS D 985 -68.79 61.67 -15.98
N PRO D 986 -68.02 61.69 -17.07
CA PRO D 986 -66.93 60.72 -17.20
C PRO D 986 -65.74 61.10 -16.33
N VAL D 987 -65.03 60.09 -15.85
CA VAL D 987 -63.88 60.26 -14.98
C VAL D 987 -62.69 59.52 -15.58
N PRO D 988 -61.95 60.17 -16.48
CA PRO D 988 -60.75 59.52 -17.02
C PRO D 988 -59.74 59.24 -15.93
N LEU D 989 -59.05 58.11 -16.07
CA LEU D 989 -58.11 57.64 -15.04
C LEU D 989 -56.84 57.11 -15.71
N GLY D 990 -55.74 57.17 -14.97
CA GLY D 990 -54.47 56.65 -15.44
C GLY D 990 -53.97 55.49 -14.59
N VAL D 991 -54.72 55.15 -13.54
CA VAL D 991 -54.30 54.07 -12.66
C VAL D 991 -54.21 52.76 -13.42
N LYS D 992 -55.16 52.52 -14.32
CA LYS D 992 -55.19 51.25 -15.04
C LYS D 992 -53.91 51.05 -15.84
N GLN D 993 -53.44 52.10 -16.53
CA GLN D 993 -52.21 51.98 -17.31
C GLN D 993 -51.01 51.69 -16.41
N LYS D 994 -50.90 52.40 -15.29
CA LYS D 994 -49.77 52.19 -14.39
C LYS D 994 -49.77 50.77 -13.85
N LEU D 995 -50.94 50.27 -13.46
CA LEU D 995 -51.03 48.91 -12.91
C LEU D 995 -50.72 47.87 -13.98
N LEU D 996 -51.18 48.10 -15.21
CA LEU D 996 -50.86 47.18 -16.29
C LEU D 996 -49.36 47.12 -16.53
N HIS D 997 -48.70 48.28 -16.55
CA HIS D 997 -47.25 48.29 -16.69
C HIS D 997 -46.58 47.60 -15.50
N TRP D 998 -47.13 47.78 -14.30
CA TRP D 998 -46.60 47.14 -13.11
C TRP D 998 -46.60 45.62 -13.26
N VAL D 999 -47.76 45.05 -13.62
CA VAL D 999 -47.86 43.60 -13.74
C VAL D 999 -46.97 43.10 -14.88
N SER D 1000 -46.98 43.77 -16.02
CA SER D 1000 -46.12 43.35 -17.12
C SER D 1000 -44.66 43.40 -16.73
N LEU D 1001 -44.27 44.39 -15.93
CA LEU D 1001 -42.91 44.45 -15.41
C LEU D 1001 -42.61 43.26 -14.53
N LEU D 1002 -43.56 42.88 -13.68
CA LEU D 1002 -43.38 41.66 -12.89
C LEU D 1002 -43.10 40.47 -13.78
N GLY D 1003 -43.93 40.26 -14.81
CA GLY D 1003 -43.80 39.08 -15.64
C GLY D 1003 -42.50 39.02 -16.40
N GLN D 1004 -41.97 40.16 -16.83
CA GLN D 1004 -40.81 40.20 -17.70
C GLN D 1004 -39.49 39.95 -16.97
N GLN D 1005 -39.53 39.62 -15.69
CA GLN D 1005 -38.30 39.41 -14.96
C GLN D 1005 -37.54 38.21 -15.51
N PRO D 1006 -36.20 38.29 -15.67
CA PRO D 1006 -35.47 37.10 -16.14
C PRO D 1006 -35.68 35.88 -15.24
N ASN D 1007 -35.78 36.09 -13.94
CA ASN D 1007 -36.04 34.98 -13.02
C ASN D 1007 -37.52 34.61 -13.03
N ALA D 1008 -37.82 33.45 -12.46
CA ALA D 1008 -39.20 33.04 -12.32
C ALA D 1008 -39.94 33.96 -11.35
N THR D 1009 -41.22 34.19 -11.63
CA THR D 1009 -42.04 34.98 -10.73
C THR D 1009 -42.14 34.26 -9.38
N THR D 1010 -41.88 35.00 -8.31
CA THR D 1010 -41.89 34.39 -6.99
C THR D 1010 -43.29 33.83 -6.69
N PRO D 1011 -43.38 32.65 -6.07
CA PRO D 1011 -44.72 32.11 -5.80
C PRO D 1011 -45.61 33.05 -5.00
N GLY D 1012 -45.04 33.76 -4.02
CA GLY D 1012 -45.85 34.69 -3.26
C GLY D 1012 -46.38 35.83 -4.11
N ASP D 1013 -45.50 36.45 -4.91
CA ASP D 1013 -45.95 37.50 -5.80
C ASP D 1013 -46.97 36.98 -6.80
N THR D 1014 -46.74 35.78 -7.33
CA THR D 1014 -47.68 35.22 -8.29
C THR D 1014 -49.06 35.02 -7.67
N LEU D 1015 -49.11 34.46 -6.46
CA LEU D 1015 -50.40 34.22 -5.83
C LEU D 1015 -51.10 35.53 -5.48
N ASP D 1016 -50.36 36.52 -4.99
CA ASP D 1016 -50.97 37.82 -4.69
C ASP D 1016 -51.51 38.47 -5.95
N ALA D 1017 -50.72 38.45 -7.03
CA ALA D 1017 -51.17 39.03 -8.28
C ALA D 1017 -52.41 38.31 -8.81
N PHE D 1018 -52.45 36.99 -8.69
CA PHE D 1018 -53.63 36.26 -9.14
C PHE D 1018 -54.85 36.62 -8.31
N HIS D 1019 -54.67 36.78 -7.00
CA HIS D 1019 -55.80 37.23 -6.16
C HIS D 1019 -56.30 38.59 -6.63
N CYS D 1020 -55.39 39.53 -6.85
CA CYS D 1020 -55.80 40.88 -7.27
C CYS D 1020 -56.50 40.84 -8.62
N LEU D 1021 -55.96 40.07 -9.57
CA LEU D 1021 -56.58 39.97 -10.89
C LEU D 1021 -57.96 39.35 -10.80
N PHE D 1022 -58.12 38.31 -9.98
CA PHE D 1022 -59.46 37.75 -9.78
C PHE D 1022 -60.40 38.80 -9.20
N GLU D 1023 -59.89 39.65 -8.30
CA GLU D 1023 -60.72 40.73 -7.78
C GLU D 1023 -61.13 41.69 -8.88
N THR D 1024 -60.24 41.97 -9.84
CA THR D 1024 -60.54 42.95 -10.87
C THR D 1024 -61.79 42.58 -11.66
N GLN D 1025 -61.90 41.30 -12.05
CA GLN D 1025 -63.09 40.80 -12.75
C GLN D 1025 -63.26 41.44 -14.13
N ASP D 1026 -62.17 41.86 -14.75
CA ASP D 1026 -62.19 42.43 -16.10
C ASP D 1026 -61.45 41.48 -17.04
N LYS D 1027 -62.14 41.04 -18.09
CA LYS D 1027 -61.55 40.05 -18.99
C LYS D 1027 -60.39 40.62 -19.79
N GLU D 1028 -60.59 41.79 -20.40
CA GLU D 1028 -59.53 42.37 -21.24
C GLU D 1028 -58.31 42.75 -20.41
N PHE D 1029 -58.54 43.33 -19.22
CA PHE D 1029 -57.42 43.68 -18.36
C PHE D 1029 -56.61 42.45 -17.96
N VAL D 1030 -57.31 41.37 -17.59
CA VAL D 1030 -56.63 40.13 -17.22
C VAL D 1030 -55.86 39.58 -18.41
N ARG D 1031 -56.46 39.61 -19.60
CA ARG D 1031 -55.79 39.10 -20.80
C ARG D 1031 -54.52 39.89 -21.08
N LEU D 1032 -54.59 41.22 -20.97
CA LEU D 1032 -53.41 42.05 -21.18
C LEU D 1032 -52.33 41.74 -20.15
N ALA D 1033 -52.75 41.55 -18.89
CA ALA D 1033 -51.77 41.27 -17.83
C ALA D 1033 -51.06 39.95 -18.06
N LEU D 1034 -51.82 38.87 -18.26
CA LEU D 1034 -51.24 37.54 -18.34
C LEU D 1034 -50.45 37.29 -19.62
N ASN D 1035 -50.53 38.18 -20.61
CA ASN D 1035 -49.79 38.01 -21.85
C ASN D 1035 -48.29 38.21 -21.66
N SER D 1036 -47.88 38.91 -20.60
CA SER D 1036 -46.47 39.29 -20.47
C SER D 1036 -45.56 38.07 -20.32
N PHE D 1037 -45.97 37.11 -19.49
CA PHE D 1037 -45.08 36.03 -19.09
C PHE D 1037 -45.37 34.75 -19.86
N GLN D 1038 -44.59 33.72 -19.58
CA GLN D 1038 -44.73 32.40 -20.21
C GLN D 1038 -44.98 31.27 -19.22
N GLU D 1039 -44.31 31.27 -18.08
CA GLU D 1039 -44.42 30.19 -17.10
C GLU D 1039 -44.78 30.76 -15.74
N VAL D 1040 -45.54 29.98 -14.98
CA VAL D 1040 -46.02 30.39 -13.65
C VAL D 1040 -45.70 29.30 -12.65
N TRP D 1041 -45.90 29.62 -11.38
CA TRP D 1041 -45.53 28.76 -10.26
C TRP D 1041 -46.43 29.15 -9.09
N LEU D 1042 -47.46 28.34 -8.82
CA LEU D 1042 -48.54 28.70 -7.90
C LEU D 1042 -48.68 27.67 -6.79
N PRO D 1043 -48.05 27.87 -5.64
CA PRO D 1043 -48.39 27.07 -4.46
C PRO D 1043 -49.85 27.25 -4.10
N ILE D 1044 -50.51 26.15 -3.76
CA ILE D 1044 -51.95 26.13 -3.52
C ILE D 1044 -52.16 25.82 -2.04
N ASN D 1045 -52.93 26.68 -1.36
CA ASN D 1045 -53.06 26.59 0.09
C ASN D 1045 -54.48 26.69 0.64
N GLN D 1046 -55.43 27.29 -0.08
CA GLN D 1046 -56.77 27.45 0.45
C GLN D 1046 -57.77 27.50 -0.68
N ASN D 1047 -59.04 27.22 -0.33
CA ASN D 1047 -60.10 27.19 -1.33
C ASN D 1047 -60.16 28.49 -2.12
N LEU D 1048 -59.96 29.63 -1.46
CA LEU D 1048 -59.91 30.89 -2.17
C LEU D 1048 -58.81 30.89 -3.22
N ASP D 1049 -57.64 30.32 -2.87
CA ASP D 1049 -56.56 30.23 -3.86
C ASP D 1049 -57.00 29.39 -5.06
N LEU D 1050 -57.65 28.26 -4.80
CA LEU D 1050 -58.05 27.39 -5.90
C LEU D 1050 -59.05 28.09 -6.82
N ILE D 1051 -60.07 28.73 -6.23
CA ILE D 1051 -61.06 29.41 -7.06
C ILE D 1051 -60.43 30.57 -7.83
N ALA D 1052 -59.56 31.34 -7.17
CA ALA D 1052 -58.93 32.48 -7.84
C ALA D 1052 -58.06 32.01 -9.01
N SER D 1053 -57.27 30.96 -8.79
CA SER D 1053 -56.43 30.44 -9.87
C SER D 1053 -57.29 29.85 -10.98
N SER D 1054 -58.37 29.15 -10.63
CA SER D 1054 -59.25 28.59 -11.64
C SER D 1054 -59.83 29.69 -12.52
N PHE D 1055 -60.25 30.80 -11.91
CA PHE D 1055 -60.79 31.90 -12.70
C PHE D 1055 -59.70 32.57 -13.55
N CYS D 1056 -58.56 32.88 -12.95
CA CYS D 1056 -57.54 33.65 -13.64
C CYS D 1056 -56.74 32.80 -14.63
N LEU D 1057 -56.54 31.52 -14.34
CA LEU D 1057 -55.72 30.69 -15.22
C LEU D 1057 -56.38 30.47 -16.57
N GLN D 1058 -57.72 30.38 -16.61
CA GLN D 1058 -58.42 30.14 -17.87
C GLN D 1058 -58.18 31.25 -18.88
N HIS D 1059 -57.78 32.44 -18.43
CA HIS D 1059 -57.56 33.58 -19.30
C HIS D 1059 -56.10 33.72 -19.74
N CYS D 1060 -55.23 32.81 -19.33
CA CYS D 1060 -53.83 32.90 -19.69
C CYS D 1060 -53.66 32.59 -21.18
N PRO D 1061 -53.12 33.50 -21.99
CA PRO D 1061 -53.03 33.23 -23.43
C PRO D 1061 -51.83 32.39 -23.81
N TYR D 1062 -50.73 32.53 -23.07
CA TYR D 1062 -49.47 31.89 -23.45
C TYR D 1062 -49.04 30.89 -22.37
N LEU D 1063 -49.98 30.10 -21.86
CA LEU D 1063 -49.64 29.10 -20.86
C LEU D 1063 -48.93 27.93 -21.52
N ARG D 1064 -47.78 27.56 -20.95
CA ARG D 1064 -47.02 26.39 -21.39
C ARG D 1064 -46.83 25.38 -20.28
N LYS D 1065 -46.41 25.82 -19.09
CA LYS D 1065 -46.11 24.93 -17.98
C LYS D 1065 -46.67 25.50 -16.69
N ILE D 1066 -47.33 24.64 -15.91
CA ILE D 1066 -47.86 25.02 -14.61
C ILE D 1066 -47.61 23.88 -13.64
N ARG D 1067 -47.22 24.23 -12.42
CA ARG D 1067 -47.00 23.26 -11.36
C ARG D 1067 -47.85 23.63 -10.16
N VAL D 1068 -48.57 22.66 -9.63
CA VAL D 1068 -49.52 22.88 -8.53
C VAL D 1068 -49.05 22.09 -7.31
N ASP D 1069 -48.95 22.77 -6.17
CA ASP D 1069 -48.51 22.16 -4.92
C ASP D 1069 -49.69 22.20 -3.96
N VAL D 1070 -50.41 21.08 -3.85
CA VAL D 1070 -51.64 21.01 -3.06
C VAL D 1070 -51.37 20.19 -1.81
N LYS D 1071 -51.90 20.63 -0.68
CA LYS D 1071 -51.72 19.93 0.59
C LYS D 1071 -52.71 20.48 1.60
N GLY D 1072 -53.42 19.59 2.28
CA GLY D 1072 -54.33 19.97 3.34
C GLY D 1072 -55.62 20.61 2.88
N ILE D 1073 -55.90 20.60 1.58
CA ILE D 1073 -57.10 21.26 1.07
C ILE D 1073 -58.22 20.26 0.76
N PHE D 1074 -57.91 18.97 0.76
CA PHE D 1074 -58.89 17.99 0.35
C PHE D 1074 -59.87 17.71 1.49
N PRO D 1075 -61.10 17.31 1.17
CA PRO D 1075 -62.08 17.06 2.24
C PRO D 1075 -61.72 15.84 3.06
N ARG D 1076 -62.23 15.82 4.30
CA ARG D 1076 -61.99 14.69 5.19
C ARG D 1076 -62.77 13.47 4.71
N ASP D 1077 -62.35 12.30 5.19
CA ASP D 1077 -62.99 11.06 4.79
C ASP D 1077 -64.42 10.99 5.32
N GLU D 1078 -65.31 10.38 4.53
CA GLU D 1078 -66.70 10.28 4.94
C GLU D 1078 -66.87 9.39 6.17
N SER D 1079 -65.99 8.40 6.34
CA SER D 1079 -66.06 7.45 7.44
C SER D 1079 -64.88 7.65 8.38
N ALA D 1080 -65.15 7.60 9.68
CA ALA D 1080 -64.13 7.70 10.72
C ALA D 1080 -63.62 9.12 10.88
N GLU D 1081 -64.05 10.03 10.01
CA GLU D 1081 -63.69 11.44 10.09
C GLU D 1081 -64.94 12.31 10.05
N ALA D 1082 -66.06 11.75 10.53
CA ALA D 1082 -67.30 12.49 10.55
C ALA D 1082 -67.18 13.73 11.44
N CYS D 1083 -67.64 14.86 10.92
CA CYS D 1083 -67.61 16.13 11.64
C CYS D 1083 -69.01 16.46 12.13
N PRO D 1084 -69.27 16.44 13.44
CA PRO D 1084 -70.63 16.77 13.91
C PRO D 1084 -71.11 18.13 13.45
N VAL D 1085 -70.21 19.12 13.38
CA VAL D 1085 -70.59 20.44 12.90
C VAL D 1085 -71.00 20.37 11.43
N VAL D 1086 -70.24 19.63 10.62
CA VAL D 1086 -70.48 19.55 9.18
C VAL D 1086 -71.73 18.70 8.94
N PRO D 1087 -72.75 19.22 8.25
CA PRO D 1087 -73.92 18.37 7.93
C PRO D 1087 -73.57 17.26 6.95
N LEU D 1088 -74.57 16.45 6.57
CA LEU D 1088 -74.32 15.36 5.63
C LEU D 1088 -73.83 15.90 4.30
N TRP D 1089 -74.44 16.98 3.80
CA TRP D 1089 -73.98 17.59 2.56
C TRP D 1089 -72.54 18.05 2.69
N MET D 1090 -72.13 18.46 3.89
CA MET D 1090 -70.74 18.85 4.11
C MET D 1090 -69.79 17.68 3.89
N ARG D 1091 -70.15 16.49 4.36
CA ARG D 1091 -69.28 15.33 4.22
C ARG D 1091 -69.09 14.95 2.76
N ASP D 1092 -70.18 14.92 1.99
CA ASP D 1092 -70.15 14.49 0.59
C ASP D 1092 -70.88 15.49 -0.28
N LYS D 1093 -70.40 15.66 -1.52
CA LYS D 1093 -70.97 16.61 -2.46
C LYS D 1093 -70.86 18.04 -1.92
N THR D 1094 -69.81 18.29 -1.14
CA THR D 1094 -69.60 19.61 -0.57
C THR D 1094 -69.17 20.59 -1.66
N LEU D 1095 -69.41 21.88 -1.40
CA LEU D 1095 -69.04 22.90 -2.36
C LEU D 1095 -67.55 22.87 -2.66
N ILE D 1096 -66.73 22.48 -1.69
CA ILE D 1096 -65.31 22.31 -1.95
C ILE D 1096 -65.10 21.27 -3.04
N GLU D 1097 -65.83 20.16 -2.98
CA GLU D 1097 -65.72 19.14 -4.02
C GLU D 1097 -66.10 19.71 -5.38
N GLU D 1098 -67.19 20.49 -5.43
CA GLU D 1098 -67.60 21.09 -6.70
C GLU D 1098 -66.52 22.02 -7.24
N GLN D 1099 -65.91 22.82 -6.36
CA GLN D 1099 -64.87 23.74 -6.80
C GLN D 1099 -63.65 22.97 -7.33
N TRP D 1100 -63.26 21.89 -6.66
CA TRP D 1100 -62.13 21.11 -7.15
C TRP D 1100 -62.46 20.42 -8.47
N GLU D 1101 -63.69 19.95 -8.62
CA GLU D 1101 -64.12 19.38 -9.89
C GLU D 1101 -64.05 20.42 -11.01
N ASP D 1102 -64.49 21.65 -10.71
CA ASP D 1102 -64.40 22.72 -11.70
C ASP D 1102 -62.95 23.02 -12.05
N PHE D 1103 -62.06 23.03 -11.04
CA PHE D 1103 -60.65 23.25 -11.29
C PHE D 1103 -60.08 22.16 -12.19
N CYS D 1104 -60.43 20.91 -11.93
CA CYS D 1104 -59.97 19.82 -12.78
C CYS D 1104 -60.50 19.97 -14.20
N SER D 1105 -61.78 20.33 -14.33
CA SER D 1105 -62.37 20.48 -15.65
C SER D 1105 -61.67 21.56 -16.44
N MET D 1106 -61.44 22.73 -15.83
CA MET D 1106 -60.78 23.81 -16.54
C MET D 1106 -59.35 23.44 -16.89
N LEU D 1107 -58.64 22.77 -15.98
CA LEU D 1107 -57.27 22.36 -16.29
C LEU D 1107 -57.25 21.40 -17.47
N GLY D 1108 -58.18 20.45 -17.51
CA GLY D 1108 -58.23 19.51 -18.62
C GLY D 1108 -58.57 20.17 -19.94
N THR D 1109 -59.43 21.19 -19.91
CA THR D 1109 -59.88 21.85 -21.12
C THR D 1109 -58.88 22.84 -21.69
N HIS D 1110 -57.78 23.10 -20.99
CA HIS D 1110 -56.79 24.04 -21.48
C HIS D 1110 -56.29 23.63 -22.86
N PRO D 1111 -56.37 24.49 -23.87
CA PRO D 1111 -55.93 24.09 -25.20
C PRO D 1111 -54.42 24.14 -25.37
N HIS D 1112 -53.77 25.12 -24.74
CA HIS D 1112 -52.37 25.39 -24.96
C HIS D 1112 -51.46 24.80 -23.88
N LEU D 1113 -52.02 24.14 -22.87
CA LEU D 1113 -51.19 23.55 -21.83
C LEU D 1113 -50.35 22.42 -22.40
N ARG D 1114 -49.08 22.38 -22.02
CA ARG D 1114 -48.12 21.41 -22.56
C ARG D 1114 -47.49 20.52 -21.49
N GLN D 1115 -47.20 21.05 -20.31
CA GLN D 1115 -46.49 20.32 -19.27
C GLN D 1115 -47.22 20.44 -17.94
N LEU D 1116 -47.44 19.30 -17.29
CA LEU D 1116 -48.04 19.23 -15.97
C LEU D 1116 -47.03 18.61 -15.02
N ASP D 1117 -46.68 19.34 -13.97
CA ASP D 1117 -45.70 18.88 -13.00
C ASP D 1117 -46.25 19.11 -11.59
N LEU D 1118 -45.85 18.22 -10.67
CA LEU D 1118 -46.22 18.33 -9.26
C LEU D 1118 -44.95 18.28 -8.44
N GLY D 1119 -44.47 19.45 -8.00
CA GLY D 1119 -43.26 19.49 -7.20
C GLY D 1119 -43.38 18.68 -5.93
N SER D 1120 -44.57 18.68 -5.33
CA SER D 1120 -44.86 17.85 -4.17
C SER D 1120 -46.32 18.00 -3.79
N SER D 1121 -46.94 16.94 -3.28
CA SER D 1121 -48.32 17.05 -2.84
C SER D 1121 -48.76 15.74 -2.20
N ILE D 1122 -49.72 15.86 -1.30
CA ILE D 1122 -50.43 14.71 -0.72
C ILE D 1122 -51.80 14.71 -1.37
N LEU D 1123 -52.13 13.63 -2.07
CA LEU D 1123 -53.33 13.55 -2.89
C LEU D 1123 -54.20 12.38 -2.44
N THR D 1124 -55.52 12.60 -2.42
CA THR D 1124 -56.45 11.60 -1.93
C THR D 1124 -57.07 10.84 -3.10
N GLU D 1125 -57.56 9.62 -2.80
CA GLU D 1125 -58.03 8.74 -3.86
C GLU D 1125 -59.22 9.33 -4.59
N ARG D 1126 -60.17 9.92 -3.86
CA ARG D 1126 -61.38 10.45 -4.51
C ARG D 1126 -61.03 11.60 -5.46
N ALA D 1127 -60.13 12.50 -5.04
CA ALA D 1127 -59.74 13.61 -5.90
C ALA D 1127 -59.05 13.10 -7.16
N MET D 1128 -58.19 12.10 -7.03
CA MET D 1128 -57.52 11.54 -8.20
C MET D 1128 -58.51 10.84 -9.11
N LYS D 1129 -59.51 10.17 -8.54
CA LYS D 1129 -60.55 9.56 -9.36
C LYS D 1129 -61.31 10.62 -10.15
N THR D 1130 -61.65 11.73 -9.50
CA THR D 1130 -62.28 12.83 -10.20
C THR D 1130 -61.39 13.35 -11.32
N LEU D 1131 -60.10 13.52 -11.04
CA LEU D 1131 -59.17 14.01 -12.05
C LEU D 1131 -59.14 13.10 -13.27
N CYS D 1132 -58.96 11.80 -13.05
CA CYS D 1132 -58.87 10.89 -14.18
C CYS D 1132 -60.19 10.82 -14.95
N ALA D 1133 -61.31 10.85 -14.23
CA ALA D 1133 -62.61 10.85 -14.91
C ALA D 1133 -62.76 12.09 -15.79
N LYS D 1134 -62.32 13.24 -15.30
CA LYS D 1134 -62.45 14.47 -16.09
C LYS D 1134 -61.43 14.52 -17.23
N LEU D 1135 -60.30 13.82 -17.10
CA LEU D 1135 -59.19 13.94 -18.03
C LEU D 1135 -59.28 13.00 -19.22
N ARG D 1136 -60.26 12.09 -19.24
CA ARG D 1136 -60.36 11.14 -20.33
C ARG D 1136 -60.87 11.76 -21.63
N HIS D 1137 -61.28 13.02 -21.61
CA HIS D 1137 -61.85 13.63 -22.80
C HIS D 1137 -60.80 13.74 -23.90
N PRO D 1138 -61.18 13.54 -25.17
CA PRO D 1138 -60.18 13.58 -26.25
C PRO D 1138 -59.55 14.95 -26.44
N THR D 1139 -60.17 16.02 -25.97
CA THR D 1139 -59.62 17.36 -26.19
C THR D 1139 -58.29 17.57 -25.48
N CYS D 1140 -57.92 16.69 -24.55
CA CYS D 1140 -56.70 16.87 -23.79
C CYS D 1140 -55.48 16.89 -24.73
N LYS D 1141 -54.54 17.78 -24.43
CA LYS D 1141 -53.34 17.94 -25.24
C LYS D 1141 -52.08 18.07 -24.38
N ILE D 1142 -52.10 17.60 -23.15
CA ILE D 1142 -50.93 17.65 -22.28
C ILE D 1142 -49.99 16.52 -22.66
N GLN D 1143 -48.75 16.86 -22.98
CA GLN D 1143 -47.77 15.87 -23.42
C GLN D 1143 -47.02 15.23 -22.27
N THR D 1144 -46.28 16.01 -21.48
CA THR D 1144 -45.44 15.49 -20.42
C THR D 1144 -46.21 15.46 -19.11
N LEU D 1145 -46.03 14.38 -18.36
CA LEU D 1145 -46.52 14.27 -16.99
C LEU D 1145 -45.32 14.00 -16.08
N MET D 1146 -45.52 14.19 -14.78
CA MET D 1146 -44.44 13.97 -13.81
C MET D 1146 -45.07 13.84 -12.43
N PHE D 1147 -44.83 12.70 -11.78
CA PHE D 1147 -45.29 12.48 -10.42
C PHE D 1147 -44.20 11.86 -9.57
N ARG D 1148 -42.93 12.16 -9.87
CA ARG D 1148 -41.83 11.54 -9.15
C ARG D 1148 -41.84 11.93 -7.68
N ASN D 1149 -42.09 13.22 -7.40
CA ASN D 1149 -42.16 13.68 -6.01
C ASN D 1149 -43.57 13.67 -5.46
N ALA D 1150 -44.56 13.29 -6.27
CA ALA D 1150 -45.95 13.30 -5.82
C ALA D 1150 -46.37 11.93 -5.30
N GLN D 1151 -47.50 11.91 -4.60
CA GLN D 1151 -48.04 10.70 -3.98
C GLN D 1151 -49.45 10.47 -4.52
N ILE D 1152 -49.59 9.46 -5.38
CA ILE D 1152 -50.86 9.19 -6.06
C ILE D 1152 -51.16 7.70 -5.93
N THR D 1153 -50.45 7.03 -5.02
CA THR D 1153 -50.56 5.57 -4.91
C THR D 1153 -52.00 5.07 -4.82
N PRO D 1154 -52.87 5.65 -4.01
CA PRO D 1154 -54.25 5.12 -3.94
C PRO D 1154 -54.98 5.13 -5.27
N GLY D 1155 -54.69 6.10 -6.14
CA GLY D 1155 -55.34 6.22 -7.43
C GLY D 1155 -54.60 5.59 -8.58
N VAL D 1156 -53.61 4.72 -8.32
CA VAL D 1156 -52.83 4.14 -9.40
C VAL D 1156 -53.72 3.35 -10.35
N GLN D 1157 -54.61 2.53 -9.79
CA GLN D 1157 -55.51 1.73 -10.63
C GLN D 1157 -56.29 2.60 -11.59
N HIS D 1158 -56.59 3.84 -11.20
CA HIS D 1158 -57.34 4.74 -12.06
C HIS D 1158 -56.44 5.57 -12.98
N LEU D 1159 -55.13 5.53 -12.79
CA LEU D 1159 -54.24 6.36 -13.60
C LEU D 1159 -54.09 5.81 -15.01
N TRP D 1160 -54.24 4.50 -15.19
CA TRP D 1160 -54.00 3.91 -16.49
C TRP D 1160 -55.19 4.08 -17.43
N ARG D 1161 -56.36 4.43 -16.90
CA ARG D 1161 -57.52 4.64 -17.76
C ARG D 1161 -57.32 5.82 -18.70
N ILE D 1162 -56.66 6.88 -18.24
CA ILE D 1162 -56.46 8.04 -19.08
C ILE D 1162 -55.48 7.74 -20.21
N VAL D 1163 -54.42 6.99 -19.91
CA VAL D 1163 -53.52 6.55 -20.99
C VAL D 1163 -54.27 5.63 -21.94
N MET D 1164 -55.16 4.79 -21.40
CA MET D 1164 -55.98 3.93 -22.24
C MET D 1164 -56.78 4.77 -23.22
N ALA D 1165 -57.49 5.78 -22.72
CA ALA D 1165 -58.35 6.61 -23.56
C ALA D 1165 -57.58 7.64 -24.37
N ASN D 1166 -56.79 8.49 -23.72
CA ASN D 1166 -56.12 9.59 -24.40
C ASN D 1166 -55.12 9.04 -25.42
N ARG D 1167 -54.98 9.73 -26.54
CA ARG D 1167 -54.02 9.33 -27.57
C ARG D 1167 -52.85 10.29 -27.66
N ASN D 1168 -53.11 11.60 -27.60
CA ASN D 1168 -52.04 12.59 -27.73
C ASN D 1168 -50.99 12.50 -26.62
N LEU D 1169 -51.31 11.85 -25.51
CA LEU D 1169 -50.33 11.67 -24.46
C LEU D 1169 -49.11 10.94 -25.01
N ARG D 1170 -47.93 11.36 -24.57
CA ARG D 1170 -46.67 10.79 -25.03
C ARG D 1170 -45.89 10.11 -23.91
N SER D 1171 -45.64 10.82 -22.81
CA SER D 1171 -44.76 10.34 -21.75
C SER D 1171 -45.50 10.26 -20.43
N LEU D 1172 -45.12 9.26 -19.62
CA LEU D 1172 -45.61 9.12 -18.26
C LEU D 1172 -44.41 8.99 -17.34
N ASN D 1173 -44.60 9.27 -16.06
CA ASN D 1173 -43.56 9.11 -15.06
C ASN D 1173 -44.19 8.74 -13.73
N LEU D 1174 -43.56 7.82 -13.00
CA LEU D 1174 -43.98 7.45 -11.67
C LEU D 1174 -42.76 7.37 -10.77
N GLY D 1175 -42.95 7.58 -9.48
CA GLY D 1175 -41.86 7.53 -8.53
C GLY D 1175 -42.28 7.46 -7.09
N GLY D 1176 -41.53 6.72 -6.28
CA GLY D 1176 -41.86 6.55 -4.89
C GLY D 1176 -43.21 5.96 -4.62
N THR D 1177 -43.81 5.28 -5.59
CA THR D 1177 -45.14 4.71 -5.47
C THR D 1177 -45.07 3.20 -5.62
N HIS D 1178 -45.89 2.50 -4.85
CA HIS D 1178 -45.90 1.04 -4.83
C HIS D 1178 -47.00 0.54 -5.77
N LEU D 1179 -46.64 -0.39 -6.65
CA LEU D 1179 -47.52 -0.88 -7.69
C LEU D 1179 -47.86 -2.33 -7.42
N LYS D 1180 -49.15 -2.65 -7.40
CA LYS D 1180 -49.60 -4.00 -7.11
C LYS D 1180 -49.50 -4.88 -8.36
N GLU D 1181 -49.46 -6.20 -8.12
CA GLU D 1181 -49.36 -7.14 -9.23
C GLU D 1181 -50.56 -7.03 -10.17
N GLU D 1182 -51.77 -6.95 -9.61
CA GLU D 1182 -52.94 -6.72 -10.43
C GLU D 1182 -52.82 -5.42 -11.21
N ASP D 1183 -52.21 -4.41 -10.60
CA ASP D 1183 -52.01 -3.15 -11.32
C ASP D 1183 -50.97 -3.30 -12.42
N VAL D 1184 -49.93 -4.12 -12.20
CA VAL D 1184 -48.98 -4.38 -13.28
C VAL D 1184 -49.68 -5.07 -14.44
N ARG D 1185 -50.55 -6.04 -14.14
CA ARG D 1185 -51.31 -6.71 -15.20
C ARG D 1185 -52.21 -5.73 -15.92
N MET D 1186 -52.85 -4.82 -15.17
CA MET D 1186 -53.68 -3.79 -15.81
C MET D 1186 -52.83 -2.93 -16.74
N ALA D 1187 -51.63 -2.56 -16.30
CA ALA D 1187 -50.73 -1.83 -17.17
C ALA D 1187 -50.48 -2.60 -18.46
N CYS D 1188 -50.00 -3.84 -18.33
CA CYS D 1188 -49.65 -4.61 -19.52
C CYS D 1188 -50.83 -4.71 -20.47
N GLU D 1189 -52.03 -4.98 -19.92
CA GLU D 1189 -53.21 -5.09 -20.76
C GLU D 1189 -53.52 -3.78 -21.47
N ALA D 1190 -53.41 -2.65 -20.75
CA ALA D 1190 -53.69 -1.36 -21.38
C ALA D 1190 -52.72 -1.07 -22.50
N LEU D 1191 -51.42 -1.30 -22.27
CA LEU D 1191 -50.44 -1.08 -23.32
C LEU D 1191 -50.63 -2.03 -24.50
N LYS D 1192 -51.28 -3.19 -24.28
CA LYS D 1192 -51.55 -4.10 -25.37
C LYS D 1192 -52.59 -3.55 -26.35
N HIS D 1193 -53.26 -2.48 -25.99
CA HIS D 1193 -54.26 -1.88 -26.88
C HIS D 1193 -53.55 -1.28 -28.11
N PRO D 1194 -54.06 -1.49 -29.32
CA PRO D 1194 -53.40 -0.91 -30.50
C PRO D 1194 -53.44 0.60 -30.57
N LYS D 1195 -54.43 1.26 -29.97
CA LYS D 1195 -54.57 2.70 -30.13
C LYS D 1195 -53.57 3.51 -29.32
N CYS D 1196 -52.84 2.88 -28.39
CA CYS D 1196 -51.92 3.61 -27.53
C CYS D 1196 -50.70 4.08 -28.33
N LEU D 1197 -50.20 5.26 -27.97
CA LEU D 1197 -49.01 5.84 -28.61
C LEU D 1197 -48.01 6.36 -27.59
N LEU D 1198 -48.18 6.01 -26.31
CA LEU D 1198 -47.23 6.42 -25.29
C LEU D 1198 -45.83 5.93 -25.66
N GLU D 1199 -44.83 6.80 -25.47
CA GLU D 1199 -43.50 6.56 -26.01
C GLU D 1199 -42.41 6.49 -24.96
N SER D 1200 -42.74 6.60 -23.67
CA SER D 1200 -41.75 6.48 -22.62
C SER D 1200 -42.43 6.16 -21.30
N LEU D 1201 -41.69 5.53 -20.39
CA LEU D 1201 -42.23 5.13 -19.10
C LEU D 1201 -41.11 5.20 -18.07
N ARG D 1202 -41.48 5.39 -16.80
CA ARG D 1202 -40.52 5.40 -15.70
C ARG D 1202 -41.18 4.83 -14.46
N LEU D 1203 -40.75 3.64 -14.06
CA LEU D 1203 -41.21 2.99 -12.84
C LEU D 1203 -40.08 3.06 -11.82
N ASP D 1204 -40.41 3.43 -10.59
CA ASP D 1204 -39.42 3.78 -9.59
C ASP D 1204 -39.84 3.22 -8.24
N CYS D 1205 -38.97 2.41 -7.64
CA CYS D 1205 -39.20 1.85 -6.31
C CYS D 1205 -40.55 1.16 -6.20
N CYS D 1206 -41.01 0.52 -7.28
CA CYS D 1206 -42.32 -0.09 -7.26
C CYS D 1206 -42.30 -1.52 -6.73
N GLY D 1207 -41.11 -2.06 -6.46
CA GLY D 1207 -41.01 -3.39 -5.90
C GLY D 1207 -41.69 -4.45 -6.75
N LEU D 1208 -41.19 -4.66 -7.96
CA LEU D 1208 -41.72 -5.68 -8.85
C LEU D 1208 -40.99 -7.00 -8.65
N THR D 1209 -41.66 -8.08 -9.02
CA THR D 1209 -41.15 -9.44 -8.86
C THR D 1209 -40.83 -10.03 -10.22
N HIS D 1210 -40.46 -11.32 -10.21
CA HIS D 1210 -40.05 -11.98 -11.45
C HIS D 1210 -41.19 -12.03 -12.46
N ALA D 1211 -42.41 -12.30 -12.00
CA ALA D 1211 -43.55 -12.33 -12.92
C ALA D 1211 -43.78 -10.96 -13.54
N CYS D 1212 -43.65 -9.90 -12.74
CA CYS D 1212 -43.76 -8.55 -13.28
C CYS D 1212 -42.74 -8.31 -14.38
N TYR D 1213 -41.49 -8.73 -14.15
CA TYR D 1213 -40.45 -8.54 -15.16
C TYR D 1213 -40.77 -9.34 -16.42
N LEU D 1214 -41.29 -10.56 -16.25
CA LEU D 1214 -41.62 -11.38 -17.40
C LEU D 1214 -42.70 -10.72 -18.25
N LYS D 1215 -43.78 -10.26 -17.61
CA LYS D 1215 -44.85 -9.61 -18.37
C LYS D 1215 -44.37 -8.30 -18.99
N ILE D 1216 -43.49 -7.57 -18.28
CA ILE D 1216 -42.95 -6.34 -18.84
C ILE D 1216 -42.11 -6.64 -20.07
N SER D 1217 -41.34 -7.72 -20.02
CA SER D 1217 -40.58 -8.15 -21.18
C SER D 1217 -41.51 -8.51 -22.34
N GLN D 1218 -42.61 -9.19 -22.03
CA GLN D 1218 -43.58 -9.54 -23.06
C GLN D 1218 -44.13 -8.30 -23.75
N ILE D 1219 -44.53 -7.30 -22.96
CA ILE D 1219 -45.07 -6.08 -23.56
C ILE D 1219 -44.00 -5.38 -24.38
N LEU D 1220 -42.77 -5.30 -23.86
CA LEU D 1220 -41.71 -4.60 -24.58
C LEU D 1220 -41.42 -5.27 -25.92
N THR D 1221 -41.43 -6.60 -25.96
CA THR D 1221 -41.20 -7.31 -27.21
C THR D 1221 -42.44 -7.36 -28.09
N THR D 1222 -43.60 -6.97 -27.55
CA THR D 1222 -44.85 -7.01 -28.32
C THR D 1222 -45.23 -5.65 -28.87
N SER D 1223 -45.37 -4.65 -28.02
CA SER D 1223 -45.90 -3.35 -28.44
C SER D 1223 -44.85 -2.57 -29.21
N PRO D 1224 -45.15 -2.08 -30.42
CA PRO D 1224 -44.15 -1.28 -31.15
C PRO D 1224 -44.11 0.18 -30.75
N SER D 1225 -45.14 0.68 -30.05
CA SER D 1225 -45.18 2.10 -29.72
C SER D 1225 -44.09 2.47 -28.72
N LEU D 1226 -43.83 1.61 -27.75
CA LEU D 1226 -42.90 1.93 -26.67
C LEU D 1226 -41.47 1.91 -27.20
N LYS D 1227 -40.77 3.04 -27.04
CA LYS D 1227 -39.39 3.16 -27.49
C LYS D 1227 -38.43 3.52 -26.37
N SER D 1228 -38.71 3.11 -25.13
CA SER D 1228 -37.83 3.41 -24.00
C SER D 1228 -38.32 2.68 -22.77
N LEU D 1229 -37.61 2.90 -21.65
CA LEU D 1229 -37.97 2.32 -20.37
C LEU D 1229 -37.01 2.85 -19.32
N SER D 1230 -37.45 2.88 -18.06
CA SER D 1230 -36.62 3.31 -16.95
C SER D 1230 -37.02 2.59 -15.67
N LEU D 1231 -36.02 2.17 -14.87
CA LEU D 1231 -36.24 1.48 -13.61
C LEU D 1231 -35.17 1.94 -12.61
N ALA D 1232 -35.45 2.98 -11.83
CA ALA D 1232 -34.51 3.49 -10.85
C ALA D 1232 -35.00 3.19 -9.43
N GLY D 1233 -34.15 2.58 -8.61
CA GLY D 1233 -34.52 2.22 -7.27
C GLY D 1233 -35.34 0.96 -7.18
N ASN D 1234 -35.50 0.24 -8.29
CA ASN D 1234 -36.19 -1.03 -8.28
C ASN D 1234 -35.18 -2.17 -8.25
N LYS D 1235 -35.44 -3.15 -7.39
CA LYS D 1235 -34.58 -4.32 -7.29
C LYS D 1235 -34.86 -5.25 -8.47
N VAL D 1236 -33.81 -5.60 -9.20
CA VAL D 1236 -33.88 -6.52 -10.33
C VAL D 1236 -32.66 -7.42 -10.25
N THR D 1237 -32.88 -8.71 -10.05
CA THR D 1237 -31.79 -9.68 -9.99
C THR D 1237 -31.44 -10.14 -11.40
N ASP D 1238 -30.34 -10.90 -11.50
CA ASP D 1238 -29.97 -11.47 -12.79
C ASP D 1238 -31.09 -12.34 -13.33
N GLN D 1239 -31.88 -12.95 -12.45
CA GLN D 1239 -33.12 -13.58 -12.89
C GLN D 1239 -34.09 -12.54 -13.42
N GLY D 1240 -34.00 -11.30 -12.94
CA GLY D 1240 -34.78 -10.20 -13.49
C GLY D 1240 -34.07 -9.50 -14.62
N VAL D 1241 -32.93 -10.05 -15.05
CA VAL D 1241 -32.20 -9.48 -16.18
C VAL D 1241 -32.27 -10.42 -17.38
N MET D 1242 -32.27 -11.72 -17.12
CA MET D 1242 -32.36 -12.68 -18.22
C MET D 1242 -33.62 -12.50 -19.05
N PRO D 1243 -34.82 -12.36 -18.46
CA PRO D 1243 -36.01 -12.15 -19.28
C PRO D 1243 -35.88 -10.95 -20.19
N LEU D 1244 -35.32 -9.85 -19.69
CA LEU D 1244 -35.13 -8.66 -20.52
C LEU D 1244 -34.11 -8.93 -21.63
N SER D 1245 -33.07 -9.69 -21.32
CA SER D 1245 -32.09 -10.05 -22.35
C SER D 1245 -32.74 -10.87 -23.47
N ASP D 1246 -33.56 -11.86 -23.09
CA ASP D 1246 -34.26 -12.65 -24.10
C ASP D 1246 -35.21 -11.78 -24.91
N ALA D 1247 -35.91 -10.86 -24.25
CA ALA D 1247 -36.80 -9.96 -24.97
C ALA D 1247 -36.04 -9.11 -25.98
N LEU D 1248 -34.89 -8.57 -25.57
CA LEU D 1248 -34.10 -7.72 -26.46
C LEU D 1248 -33.45 -8.54 -27.57
N ARG D 1249 -33.30 -9.85 -27.38
CA ARG D 1249 -32.72 -10.68 -28.42
C ARG D 1249 -33.58 -10.72 -29.67
N VAL D 1250 -34.91 -10.62 -29.50
CA VAL D 1250 -35.81 -10.69 -30.65
C VAL D 1250 -35.57 -9.49 -31.56
N SER D 1251 -35.79 -9.69 -32.86
CA SER D 1251 -35.54 -8.63 -33.83
C SER D 1251 -36.69 -7.62 -33.90
N GLN D 1252 -37.80 -7.88 -33.24
CA GLN D 1252 -38.93 -6.96 -33.24
C GLN D 1252 -38.79 -5.84 -32.20
N CYS D 1253 -37.80 -5.93 -31.31
CA CYS D 1253 -37.63 -4.88 -30.31
C CYS D 1253 -37.33 -3.56 -30.97
N ALA D 1254 -37.95 -2.49 -30.43
CA ALA D 1254 -37.79 -1.15 -30.97
C ALA D 1254 -37.34 -0.16 -29.89
N LEU D 1255 -36.31 -0.50 -29.12
CA LEU D 1255 -35.91 0.35 -28.01
C LEU D 1255 -34.76 1.25 -28.42
N GLN D 1256 -34.77 2.48 -27.90
CA GLN D 1256 -33.70 3.45 -28.16
C GLN D 1256 -33.05 3.99 -26.89
N LYS D 1257 -33.73 3.93 -25.75
CA LYS D 1257 -33.18 4.37 -24.48
C LYS D 1257 -33.61 3.41 -23.38
N LEU D 1258 -32.75 3.27 -22.37
CA LEU D 1258 -33.00 2.37 -21.26
C LEU D 1258 -32.23 2.88 -20.06
N ILE D 1259 -32.93 3.16 -18.97
CA ILE D 1259 -32.32 3.66 -17.75
C ILE D 1259 -32.52 2.63 -16.65
N LEU D 1260 -31.43 2.19 -16.04
CA LEU D 1260 -31.46 1.19 -14.98
C LEU D 1260 -30.57 1.69 -13.85
N GLU D 1261 -31.15 2.47 -12.95
CA GLU D 1261 -30.40 3.16 -11.89
C GLU D 1261 -30.52 2.38 -10.59
N ASP D 1262 -29.36 2.06 -10.00
CA ASP D 1262 -29.33 1.37 -8.71
C ASP D 1262 -30.07 0.05 -8.77
N CYS D 1263 -29.64 -0.83 -9.68
CA CYS D 1263 -30.25 -2.15 -9.79
C CYS D 1263 -29.41 -3.25 -9.14
N GLY D 1264 -28.13 -2.98 -8.88
CA GLY D 1264 -27.29 -3.99 -8.24
C GLY D 1264 -27.08 -5.23 -9.07
N ILE D 1265 -26.76 -5.08 -10.35
CA ILE D 1265 -26.57 -6.24 -11.21
C ILE D 1265 -25.11 -6.68 -11.16
N THR D 1266 -24.86 -7.92 -11.57
CA THR D 1266 -23.58 -8.59 -11.42
C THR D 1266 -23.00 -8.98 -12.77
N ALA D 1267 -21.91 -9.74 -12.74
CA ALA D 1267 -21.23 -10.14 -13.97
C ALA D 1267 -22.13 -11.00 -14.86
N THR D 1268 -22.93 -11.88 -14.25
CA THR D 1268 -23.85 -12.68 -15.04
C THR D 1268 -24.83 -11.80 -15.79
N GLY D 1269 -25.34 -10.75 -15.13
CA GLY D 1269 -26.14 -9.78 -15.83
C GLY D 1269 -25.37 -9.12 -16.96
N CYS D 1270 -24.07 -8.90 -16.75
CA CYS D 1270 -23.24 -8.36 -17.84
C CYS D 1270 -23.25 -9.28 -19.03
N GLN D 1271 -23.04 -10.58 -18.81
CA GLN D 1271 -23.02 -11.52 -19.93
C GLN D 1271 -24.36 -11.54 -20.65
N SER D 1272 -25.46 -11.61 -19.89
CA SER D 1272 -26.78 -11.65 -20.51
C SER D 1272 -27.01 -10.40 -21.36
N LEU D 1273 -26.82 -9.23 -20.77
CA LEU D 1273 -27.08 -7.99 -21.48
C LEU D 1273 -26.16 -7.83 -22.68
N ALA D 1274 -24.90 -8.28 -22.56
CA ALA D 1274 -23.96 -8.11 -23.65
C ALA D 1274 -24.30 -9.01 -24.83
N SER D 1275 -24.68 -10.26 -24.56
CA SER D 1275 -25.13 -11.13 -25.65
C SER D 1275 -26.37 -10.55 -26.32
N ALA D 1276 -27.34 -10.09 -25.51
CA ALA D 1276 -28.54 -9.50 -26.09
C ALA D 1276 -28.19 -8.29 -26.95
N LEU D 1277 -27.24 -7.48 -26.49
CA LEU D 1277 -26.79 -6.32 -27.26
C LEU D 1277 -26.20 -6.75 -28.59
N VAL D 1278 -25.36 -7.78 -28.58
CA VAL D 1278 -24.72 -8.23 -29.82
C VAL D 1278 -25.78 -8.72 -30.80
N SER D 1279 -26.76 -9.49 -30.31
CA SER D 1279 -27.80 -9.99 -31.20
C SER D 1279 -28.65 -8.85 -31.76
N ASN D 1280 -28.97 -7.87 -30.94
CA ASN D 1280 -29.86 -6.78 -31.33
C ASN D 1280 -29.15 -5.76 -32.20
N ARG D 1281 -29.94 -5.00 -32.98
CA ARG D 1281 -29.42 -3.92 -33.81
C ARG D 1281 -30.29 -2.67 -33.75
N SER D 1282 -31.16 -2.54 -32.74
CA SER D 1282 -32.00 -1.36 -32.59
C SER D 1282 -31.57 -0.44 -31.47
N LEU D 1283 -30.97 -0.98 -30.41
CA LEU D 1283 -30.61 -0.18 -29.25
C LEU D 1283 -29.53 0.83 -29.59
N THR D 1284 -29.64 2.02 -28.99
CA THR D 1284 -28.69 3.10 -29.23
C THR D 1284 -28.22 3.80 -27.97
N HIS D 1285 -28.97 3.73 -26.86
CA HIS D 1285 -28.61 4.33 -25.60
C HIS D 1285 -28.69 3.27 -24.52
N LEU D 1286 -27.90 3.43 -23.45
CA LEU D 1286 -27.93 2.50 -22.33
C LEU D 1286 -27.19 3.09 -21.15
N CYS D 1287 -27.88 3.15 -20.01
CA CYS D 1287 -27.32 3.70 -18.78
C CYS D 1287 -27.35 2.63 -17.70
N LEU D 1288 -26.17 2.32 -17.14
CA LEU D 1288 -26.06 1.33 -16.07
C LEU D 1288 -25.32 2.00 -14.91
N SER D 1289 -26.08 2.67 -14.04
CA SER D 1289 -25.52 3.49 -12.99
C SER D 1289 -25.51 2.72 -11.68
N ASN D 1290 -24.54 3.07 -10.84
CA ASN D 1290 -24.49 2.59 -9.46
C ASN D 1290 -24.60 1.07 -9.37
N ASN D 1291 -23.80 0.36 -10.14
CA ASN D 1291 -23.77 -1.10 -10.13
C ASN D 1291 -22.33 -1.57 -10.10
N SER D 1292 -22.03 -2.53 -9.23
CA SER D 1292 -20.67 -3.04 -9.07
C SER D 1292 -20.38 -4.07 -10.15
N LEU D 1293 -20.42 -3.60 -11.39
CA LEU D 1293 -20.11 -4.47 -12.53
C LEU D 1293 -18.67 -4.98 -12.45
N GLY D 1294 -17.73 -4.08 -12.16
CA GLY D 1294 -16.35 -4.46 -12.00
C GLY D 1294 -15.65 -4.68 -13.34
N ASN D 1295 -14.38 -5.07 -13.22
CA ASN D 1295 -13.54 -5.21 -14.42
C ASN D 1295 -13.95 -6.40 -15.26
N GLU D 1296 -14.48 -7.46 -14.65
CA GLU D 1296 -14.93 -8.61 -15.44
C GLU D 1296 -16.17 -8.27 -16.26
N GLY D 1297 -17.11 -7.54 -15.68
CA GLY D 1297 -18.24 -7.06 -16.47
C GLY D 1297 -17.79 -6.11 -17.56
N VAL D 1298 -16.81 -5.26 -17.25
CA VAL D 1298 -16.24 -4.41 -18.27
C VAL D 1298 -15.66 -5.25 -19.40
N ASN D 1299 -15.02 -6.37 -19.06
CA ASN D 1299 -14.44 -7.25 -20.08
C ASN D 1299 -15.51 -7.86 -20.97
N LEU D 1300 -16.60 -8.33 -20.37
CA LEU D 1300 -17.67 -8.92 -21.18
C LEU D 1300 -18.30 -7.88 -22.10
N LEU D 1301 -18.55 -6.68 -21.60
CA LEU D 1301 -19.04 -5.62 -22.47
C LEU D 1301 -18.02 -5.30 -23.58
N CYS D 1302 -16.74 -5.26 -23.22
CA CYS D 1302 -15.70 -5.03 -24.20
C CYS D 1302 -15.77 -6.05 -25.34
N ARG D 1303 -15.82 -7.33 -24.99
CA ARG D 1303 -15.87 -8.37 -26.02
C ARG D 1303 -17.13 -8.23 -26.86
N SER D 1304 -18.28 -7.99 -26.21
CA SER D 1304 -19.53 -7.92 -26.96
C SER D 1304 -19.57 -6.70 -27.87
N MET D 1305 -18.80 -5.68 -27.56
CA MET D 1305 -18.74 -4.49 -28.41
C MET D 1305 -17.63 -4.54 -29.44
N ARG D 1306 -16.76 -5.56 -29.39
CA ARG D 1306 -15.64 -5.61 -30.31
C ARG D 1306 -16.09 -5.85 -31.75
N LEU D 1307 -17.31 -6.35 -31.94
CA LEU D 1307 -17.77 -6.71 -33.26
C LEU D 1307 -18.04 -5.44 -34.08
N PRO D 1308 -17.85 -5.47 -35.40
CA PRO D 1308 -18.01 -4.25 -36.20
C PRO D 1308 -19.45 -3.94 -36.57
N HIS D 1309 -20.39 -4.83 -36.31
CA HIS D 1309 -21.79 -4.55 -36.57
C HIS D 1309 -22.48 -3.83 -35.42
N CYS D 1310 -21.82 -3.72 -34.25
CA CYS D 1310 -22.44 -3.04 -33.13
C CYS D 1310 -22.68 -1.58 -33.47
N SER D 1311 -23.89 -1.11 -33.18
CA SER D 1311 -24.33 0.22 -33.57
C SER D 1311 -24.99 0.96 -32.42
N LEU D 1312 -24.52 0.74 -31.20
CA LEU D 1312 -24.96 1.52 -30.05
C LEU D 1312 -24.11 2.77 -29.98
N GLN D 1313 -24.75 3.90 -29.66
CA GLN D 1313 -24.07 5.19 -29.76
C GLN D 1313 -23.67 5.77 -28.42
N ARG D 1314 -24.33 5.39 -27.32
CA ARG D 1314 -24.08 6.03 -26.04
C ARG D 1314 -24.20 5.00 -24.91
N LEU D 1315 -23.21 4.97 -24.03
CA LEU D 1315 -23.17 4.07 -22.89
C LEU D 1315 -22.46 4.79 -21.74
N MET D 1316 -22.90 4.55 -20.51
CA MET D 1316 -22.31 5.20 -19.35
C MET D 1316 -22.19 4.24 -18.19
N LEU D 1317 -21.15 4.42 -17.38
CA LEU D 1317 -20.84 3.52 -16.27
C LEU D 1317 -20.39 4.36 -15.08
N ASN D 1318 -21.33 4.72 -14.21
CA ASN D 1318 -21.04 5.53 -13.04
C ASN D 1318 -21.06 4.65 -11.80
N GLN D 1319 -20.03 4.81 -10.97
CA GLN D 1319 -19.95 4.09 -9.69
C GLN D 1319 -19.98 2.58 -9.91
N CYS D 1320 -18.99 2.08 -10.64
CA CYS D 1320 -18.87 0.65 -10.93
C CYS D 1320 -17.61 0.04 -10.34
N HIS D 1321 -16.91 0.77 -9.49
CA HIS D 1321 -15.68 0.28 -8.86
C HIS D 1321 -14.65 -0.10 -9.91
N LEU D 1322 -14.47 0.77 -10.90
CA LEU D 1322 -13.49 0.53 -11.93
C LEU D 1322 -12.08 0.76 -11.39
N ASP D 1323 -11.11 0.51 -12.25
CA ASP D 1323 -9.70 0.64 -11.93
C ASP D 1323 -8.95 0.80 -13.25
N THR D 1324 -7.63 0.61 -13.22
CA THR D 1324 -6.84 0.72 -14.45
C THR D 1324 -7.14 -0.43 -15.41
N ALA D 1325 -7.49 -1.61 -14.89
CA ALA D 1325 -7.71 -2.77 -15.75
C ALA D 1325 -8.90 -2.54 -16.68
N GLY D 1326 -10.04 -2.15 -16.13
CA GLY D 1326 -11.20 -1.88 -16.95
C GLY D 1326 -10.93 -0.78 -17.96
N CYS D 1327 -10.12 0.20 -17.57
CA CYS D 1327 -9.74 1.26 -18.50
C CYS D 1327 -8.93 0.68 -19.66
N GLY D 1328 -8.04 -0.27 -19.38
CA GLY D 1328 -7.32 -0.92 -20.46
C GLY D 1328 -8.24 -1.70 -21.39
N PHE D 1329 -9.22 -2.39 -20.83
CA PHE D 1329 -10.21 -3.09 -21.65
C PHE D 1329 -10.96 -2.11 -22.55
N LEU D 1330 -11.42 -0.99 -21.98
CA LEU D 1330 -12.14 0.00 -22.76
C LEU D 1330 -11.27 0.58 -23.87
N ALA D 1331 -10.00 0.87 -23.54
CA ALA D 1331 -9.10 1.36 -24.57
C ALA D 1331 -8.93 0.35 -25.69
N LEU D 1332 -8.83 -0.93 -25.33
CA LEU D 1332 -8.68 -1.97 -26.34
C LEU D 1332 -9.89 -2.03 -27.26
N ALA D 1333 -11.09 -2.06 -26.68
CA ALA D 1333 -12.29 -2.14 -27.51
C ALA D 1333 -12.45 -0.91 -28.39
N LEU D 1334 -12.21 0.28 -27.83
CA LEU D 1334 -12.50 1.51 -28.55
C LEU D 1334 -11.76 1.57 -29.88
N MET D 1335 -10.55 1.00 -29.93
CA MET D 1335 -9.75 1.06 -31.15
C MET D 1335 -10.44 0.27 -32.27
N GLY D 1336 -10.45 0.85 -33.47
CA GLY D 1336 -11.03 0.20 -34.62
C GLY D 1336 -12.53 0.34 -34.74
N ASN D 1337 -13.19 1.00 -33.79
CA ASN D 1337 -14.64 1.19 -33.80
C ASN D 1337 -14.95 2.68 -33.95
N SER D 1338 -15.84 3.00 -34.89
CA SER D 1338 -16.17 4.39 -35.19
C SER D 1338 -17.63 4.73 -34.95
N TRP D 1339 -18.41 3.88 -34.28
CA TRP D 1339 -19.83 4.14 -34.11
C TRP D 1339 -20.14 4.69 -32.73
N LEU D 1340 -19.67 4.04 -31.68
CA LEU D 1340 -19.83 4.57 -30.34
C LEU D 1340 -19.30 5.99 -30.26
N THR D 1341 -20.16 6.92 -29.87
CA THR D 1341 -19.82 8.34 -29.90
C THR D 1341 -19.78 9.02 -28.55
N HIS D 1342 -20.43 8.46 -27.53
CA HIS D 1342 -20.43 9.04 -26.20
C HIS D 1342 -20.04 7.98 -25.18
N LEU D 1343 -19.49 8.41 -24.06
CA LEU D 1343 -19.04 7.53 -22.99
C LEU D 1343 -18.86 8.37 -21.74
N SER D 1344 -18.71 7.71 -20.59
CA SER D 1344 -18.40 8.41 -19.35
C SER D 1344 -18.02 7.40 -18.29
N LEU D 1345 -17.07 7.79 -17.43
CA LEU D 1345 -16.59 6.96 -16.32
C LEU D 1345 -16.34 7.91 -15.15
N SER D 1346 -17.34 8.07 -14.29
CA SER D 1346 -17.32 9.12 -13.28
C SER D 1346 -17.15 8.51 -11.90
N MET D 1347 -16.55 9.29 -11.00
CA MET D 1347 -16.38 8.91 -9.59
C MET D 1347 -15.78 7.52 -9.46
N ASN D 1348 -14.76 7.23 -10.27
CA ASN D 1348 -14.04 5.97 -10.19
C ASN D 1348 -12.58 6.25 -9.87
N PRO D 1349 -11.90 5.31 -9.20
CA PRO D 1349 -10.49 5.52 -8.84
C PRO D 1349 -9.52 5.21 -9.99
N VAL D 1350 -9.86 5.65 -11.19
CA VAL D 1350 -8.94 5.57 -12.31
C VAL D 1350 -7.71 6.40 -11.95
N GLU D 1351 -6.58 6.06 -12.54
CA GLU D 1351 -5.34 6.76 -12.23
C GLU D 1351 -4.81 7.47 -13.46
N ASP D 1352 -3.62 8.05 -13.33
CA ASP D 1352 -2.92 8.61 -14.47
C ASP D 1352 -2.82 7.59 -15.60
N ASN D 1353 -2.53 6.33 -15.27
CA ASN D 1353 -2.25 5.34 -16.31
C ASN D 1353 -3.47 5.09 -17.18
N GLY D 1354 -4.66 4.97 -16.59
CA GLY D 1354 -5.85 4.74 -17.38
C GLY D 1354 -6.13 5.86 -18.36
N VAL D 1355 -6.00 7.11 -17.90
CA VAL D 1355 -6.19 8.25 -18.78
C VAL D 1355 -5.14 8.25 -19.89
N LYS D 1356 -3.91 7.86 -19.56
CA LYS D 1356 -2.88 7.77 -20.60
C LYS D 1356 -3.25 6.73 -21.65
N LEU D 1357 -3.78 5.60 -21.22
CA LEU D 1357 -4.20 4.56 -22.18
C LEU D 1357 -5.31 5.08 -23.08
N LEU D 1358 -6.32 5.73 -22.49
CA LEU D 1358 -7.41 6.27 -23.29
C LEU D 1358 -6.90 7.31 -24.29
N CYS D 1359 -6.00 8.17 -23.84
CA CYS D 1359 -5.43 9.15 -24.76
C CYS D 1359 -4.68 8.47 -25.89
N GLU D 1360 -3.93 7.41 -25.58
CA GLU D 1360 -3.17 6.72 -26.62
C GLU D 1360 -4.10 6.12 -27.68
N VAL D 1361 -5.21 5.52 -27.26
CA VAL D 1361 -6.13 4.97 -28.25
C VAL D 1361 -6.82 6.08 -29.03
N MET D 1362 -7.18 7.18 -28.35
CA MET D 1362 -7.95 8.25 -28.97
C MET D 1362 -7.11 9.16 -29.85
N ARG D 1363 -5.79 9.19 -29.65
CA ARG D 1363 -4.94 10.13 -30.37
C ARG D 1363 -4.90 9.87 -31.86
N GLU D 1364 -5.29 8.68 -32.31
CA GLU D 1364 -5.19 8.33 -33.72
C GLU D 1364 -6.38 8.90 -34.49
N PRO D 1365 -6.25 9.10 -35.81
CA PRO D 1365 -7.36 9.68 -36.58
C PRO D 1365 -8.63 8.85 -36.56
N SER D 1366 -8.52 7.52 -36.49
CA SER D 1366 -9.68 6.66 -36.74
C SER D 1366 -10.68 6.63 -35.58
N CYS D 1367 -10.38 7.27 -34.45
CA CYS D 1367 -11.29 7.21 -33.32
C CYS D 1367 -12.38 8.27 -33.46
N HIS D 1368 -13.61 7.89 -33.10
CA HIS D 1368 -14.80 8.72 -33.30
C HIS D 1368 -15.49 9.07 -31.98
N LEU D 1369 -14.76 9.01 -30.86
CA LEU D 1369 -15.31 9.46 -29.60
C LEU D 1369 -15.47 10.98 -29.61
N GLN D 1370 -16.61 11.46 -29.12
CA GLN D 1370 -16.95 12.88 -29.20
C GLN D 1370 -17.11 13.54 -27.84
N ASP D 1371 -17.69 12.84 -26.87
CA ASP D 1371 -17.90 13.40 -25.54
C ASP D 1371 -17.25 12.48 -24.50
N LEU D 1372 -16.67 13.07 -23.47
CA LEU D 1372 -16.00 12.33 -22.42
C LEU D 1372 -15.93 13.19 -21.16
N GLU D 1373 -16.74 12.86 -20.17
CA GLU D 1373 -16.79 13.61 -18.92
C GLU D 1373 -16.32 12.70 -17.80
N LEU D 1374 -15.39 13.20 -16.98
CA LEU D 1374 -14.82 12.44 -15.88
C LEU D 1374 -14.69 13.34 -14.66
N VAL D 1375 -15.10 12.83 -13.51
CA VAL D 1375 -15.11 13.60 -12.26
C VAL D 1375 -14.50 12.75 -11.15
N LYS D 1376 -13.58 13.33 -10.39
CA LYS D 1376 -12.95 12.64 -9.27
C LYS D 1376 -12.22 11.37 -9.73
N CYS D 1377 -11.17 11.57 -10.52
CA CYS D 1377 -10.35 10.47 -11.01
C CYS D 1377 -8.90 10.59 -10.55
N HIS D 1378 -8.63 11.34 -9.48
CA HIS D 1378 -7.31 11.41 -8.87
C HIS D 1378 -6.23 11.77 -9.90
N LEU D 1379 -6.53 12.79 -10.69
CA LEU D 1379 -5.64 13.19 -11.77
C LEU D 1379 -4.53 14.09 -11.25
N THR D 1380 -3.56 14.37 -12.12
CA THR D 1380 -2.37 15.16 -11.80
C THR D 1380 -1.91 15.88 -13.06
N ALA D 1381 -0.66 16.33 -13.05
CA ALA D 1381 -0.13 17.11 -14.17
C ALA D 1381 0.06 16.27 -15.43
N ALA D 1382 0.51 15.02 -15.27
CA ALA D 1382 0.79 14.19 -16.44
C ALA D 1382 -0.46 13.97 -17.29
N CYS D 1383 -1.59 13.70 -16.64
CA CYS D 1383 -2.84 13.57 -17.37
C CYS D 1383 -3.13 14.86 -18.14
N CYS D 1384 -2.83 16.01 -17.53
CA CYS D 1384 -3.05 17.28 -18.22
C CYS D 1384 -2.20 17.38 -19.46
N GLU D 1385 -0.93 16.99 -19.38
CA GLU D 1385 -0.06 17.05 -20.55
C GLU D 1385 -0.60 16.15 -21.67
N SER D 1386 -0.99 14.92 -21.31
CA SER D 1386 -1.51 14.01 -22.32
C SER D 1386 -2.78 14.55 -22.97
N LEU D 1387 -3.69 15.08 -22.15
CA LEU D 1387 -4.93 15.61 -22.71
C LEU D 1387 -4.66 16.85 -23.55
N SER D 1388 -3.63 17.62 -23.20
CA SER D 1388 -3.27 18.77 -24.02
C SER D 1388 -2.81 18.32 -25.40
N CYS D 1389 -1.97 17.28 -25.46
CA CYS D 1389 -1.58 16.74 -26.75
C CYS D 1389 -2.79 16.25 -27.54
N VAL D 1390 -3.70 15.53 -26.86
CA VAL D 1390 -4.87 15.01 -27.55
C VAL D 1390 -5.71 16.14 -28.12
N ILE D 1391 -5.94 17.19 -27.33
CA ILE D 1391 -6.77 18.31 -27.80
C ILE D 1391 -6.08 19.00 -28.98
N SER D 1392 -4.77 19.24 -28.87
CA SER D 1392 -4.08 19.96 -29.93
C SER D 1392 -3.99 19.13 -31.21
N ARG D 1393 -4.14 17.82 -31.10
CA ARG D 1393 -3.99 16.95 -32.27
C ARG D 1393 -5.32 16.50 -32.85
N SER D 1394 -6.20 15.93 -32.02
CA SER D 1394 -7.43 15.32 -32.50
C SER D 1394 -8.31 16.34 -33.21
N ARG D 1395 -9.35 15.81 -33.87
CA ARG D 1395 -10.23 16.66 -34.69
C ARG D 1395 -11.70 16.25 -34.57
N HIS D 1396 -12.06 15.50 -33.53
CA HIS D 1396 -13.45 15.06 -33.39
C HIS D 1396 -13.98 15.23 -31.97
N LEU D 1397 -13.12 15.34 -30.96
CA LEU D 1397 -13.58 15.54 -29.60
C LEU D 1397 -14.19 16.93 -29.45
N LYS D 1398 -15.48 16.98 -29.11
CA LYS D 1398 -16.21 18.24 -29.04
C LYS D 1398 -16.62 18.65 -27.63
N SER D 1399 -16.10 18.01 -26.59
CA SER D 1399 -16.43 18.34 -25.22
C SER D 1399 -15.35 17.83 -24.28
N LEU D 1400 -15.52 18.12 -23.00
CA LEU D 1400 -14.56 17.67 -22.00
C LEU D 1400 -15.09 18.07 -20.62
N ASP D 1401 -14.42 17.60 -19.58
CA ASP D 1401 -14.79 17.96 -18.23
C ASP D 1401 -13.71 17.45 -17.26
N LEU D 1402 -13.38 18.28 -16.27
CA LEU D 1402 -12.43 17.92 -15.22
C LEU D 1402 -12.86 18.68 -13.96
N THR D 1403 -13.67 18.04 -13.12
CA THR D 1403 -14.21 18.66 -11.93
C THR D 1403 -13.65 18.00 -10.68
N ASP D 1404 -13.25 18.84 -9.73
CA ASP D 1404 -12.78 18.37 -8.42
C ASP D 1404 -11.56 17.46 -8.56
N ASN D 1405 -10.73 17.74 -9.55
CA ASN D 1405 -9.47 17.02 -9.74
C ASN D 1405 -8.33 17.98 -9.44
N ALA D 1406 -7.33 17.49 -8.70
CA ALA D 1406 -6.24 18.34 -8.20
C ALA D 1406 -5.24 18.61 -9.33
N LEU D 1407 -5.73 19.29 -10.37
CA LEU D 1407 -4.88 19.59 -11.51
C LEU D 1407 -3.73 20.51 -11.14
N GLY D 1408 -4.03 21.64 -10.50
CA GLY D 1408 -2.99 22.54 -10.06
C GLY D 1408 -2.47 23.46 -11.16
N ASP D 1409 -1.51 24.29 -10.76
CA ASP D 1409 -0.97 25.30 -11.67
C ASP D 1409 -0.34 24.66 -12.91
N GLY D 1410 0.49 23.63 -12.72
CA GLY D 1410 1.13 23.01 -13.86
C GLY D 1410 0.14 22.37 -14.81
N GLY D 1411 -0.83 21.64 -14.27
CA GLY D 1411 -1.84 21.04 -15.13
C GLY D 1411 -2.62 22.07 -15.91
N VAL D 1412 -3.03 23.15 -15.25
CA VAL D 1412 -3.78 24.19 -15.96
C VAL D 1412 -2.91 24.83 -17.03
N ALA D 1413 -1.63 25.08 -16.72
CA ALA D 1413 -0.74 25.67 -17.72
C ALA D 1413 -0.61 24.76 -18.93
N ALA D 1414 -0.46 23.45 -18.71
CA ALA D 1414 -0.36 22.52 -19.83
C ALA D 1414 -1.63 22.52 -20.66
N LEU D 1415 -2.80 22.52 -20.00
CA LEU D 1415 -4.05 22.52 -20.75
C LEU D 1415 -4.20 23.80 -21.57
N CYS D 1416 -3.82 24.95 -21.01
CA CYS D 1416 -3.88 26.19 -21.78
C CYS D 1416 -2.93 26.14 -22.97
N GLU D 1417 -1.71 25.63 -22.77
CA GLU D 1417 -0.81 25.48 -23.90
C GLU D 1417 -1.43 24.59 -24.97
N GLY D 1418 -2.22 23.60 -24.55
CA GLY D 1418 -2.95 22.78 -25.51
C GLY D 1418 -4.03 23.56 -26.25
N LEU D 1419 -4.70 24.47 -25.54
CA LEU D 1419 -5.79 25.24 -26.15
C LEU D 1419 -5.29 26.42 -26.96
N LYS D 1420 -4.00 26.74 -26.89
CA LYS D 1420 -3.47 27.88 -27.64
C LYS D 1420 -3.51 27.63 -29.14
N GLN D 1421 -3.37 26.37 -29.56
CA GLN D 1421 -3.30 26.06 -30.99
C GLN D 1421 -4.61 26.41 -31.69
N LYS D 1422 -4.48 27.01 -32.87
CA LYS D 1422 -5.65 27.44 -33.64
C LYS D 1422 -6.43 26.26 -34.23
N ASN D 1423 -5.82 25.08 -34.31
CA ASN D 1423 -6.47 23.94 -34.94
C ASN D 1423 -7.48 23.26 -34.02
N SER D 1424 -7.44 23.56 -32.73
CA SER D 1424 -8.33 22.88 -31.79
C SER D 1424 -9.79 23.13 -32.16
N VAL D 1425 -10.63 22.12 -31.96
CA VAL D 1425 -12.05 22.23 -32.24
C VAL D 1425 -12.85 21.84 -31.00
N LEU D 1426 -12.28 22.05 -29.82
CA LEU D 1426 -12.98 21.76 -28.58
C LEU D 1426 -13.99 22.87 -28.28
N ALA D 1427 -15.21 22.48 -27.93
CA ALA D 1427 -16.30 23.42 -27.78
C ALA D 1427 -16.45 23.91 -26.34
N ARG D 1428 -16.72 23.00 -25.39
CA ARG D 1428 -16.99 23.37 -24.02
C ARG D 1428 -16.04 22.65 -23.08
N LEU D 1429 -15.42 23.42 -22.19
CA LEU D 1429 -14.48 22.91 -21.19
C LEU D 1429 -15.00 23.29 -19.82
N GLY D 1430 -14.91 22.34 -18.87
CA GLY D 1430 -15.46 22.58 -17.55
C GLY D 1430 -14.45 22.34 -16.43
N LEU D 1431 -14.10 23.41 -15.71
CA LEU D 1431 -13.16 23.34 -14.61
C LEU D 1431 -13.82 23.89 -13.35
N LYS D 1432 -13.46 23.30 -12.21
CA LYS D 1432 -14.01 23.71 -10.92
C LYS D 1432 -13.23 23.01 -9.82
N ALA D 1433 -12.86 23.75 -8.78
CA ALA D 1433 -12.21 23.18 -7.61
C ALA D 1433 -10.83 22.60 -7.97
N CYS D 1434 -10.20 23.17 -8.99
CA CYS D 1434 -8.92 22.66 -9.48
C CYS D 1434 -7.72 23.32 -8.82
N GLY D 1435 -7.93 24.25 -7.89
CA GLY D 1435 -6.82 24.87 -7.19
C GLY D 1435 -5.96 25.76 -8.07
N LEU D 1436 -6.51 26.89 -8.50
CA LEU D 1436 -5.78 27.80 -9.37
C LEU D 1436 -5.14 28.93 -8.57
N THR D 1437 -4.00 29.41 -9.09
CA THR D 1437 -3.29 30.56 -8.53
C THR D 1437 -3.33 31.69 -9.55
N SER D 1438 -2.69 32.81 -9.20
CA SER D 1438 -2.73 33.99 -10.06
C SER D 1438 -1.98 33.76 -11.37
N ASP D 1439 -0.82 33.09 -11.31
CA ASP D 1439 -0.03 32.90 -12.52
C ASP D 1439 -0.77 32.06 -13.55
N CYS D 1440 -1.39 30.96 -13.09
CA CYS D 1440 -2.19 30.16 -14.00
C CYS D 1440 -3.41 30.94 -14.49
N CYS D 1441 -3.92 31.87 -13.69
CA CYS D 1441 -4.99 32.74 -14.17
C CYS D 1441 -4.50 33.61 -15.33
N GLU D 1442 -3.28 34.15 -15.21
CA GLU D 1442 -2.72 34.92 -16.32
C GLU D 1442 -2.55 34.05 -17.56
N ALA D 1443 -2.03 32.84 -17.39
CA ALA D 1443 -1.83 31.95 -18.53
C ALA D 1443 -3.16 31.60 -19.19
N LEU D 1444 -4.17 31.31 -18.38
CA LEU D 1444 -5.49 31.01 -18.92
C LEU D 1444 -6.05 32.22 -19.67
N SER D 1445 -5.85 33.43 -19.12
CA SER D 1445 -6.35 34.61 -19.80
C SER D 1445 -5.68 34.80 -21.16
N LEU D 1446 -4.36 34.62 -21.22
CA LEU D 1446 -3.67 34.75 -22.49
C LEU D 1446 -4.18 33.72 -23.50
N ALA D 1447 -4.30 32.45 -23.07
CA ALA D 1447 -4.79 31.42 -23.96
C ALA D 1447 -6.20 31.74 -24.44
N LEU D 1448 -7.06 32.20 -23.53
CA LEU D 1448 -8.42 32.56 -23.90
C LEU D 1448 -8.44 33.69 -24.92
N SER D 1449 -7.53 34.65 -24.77
CA SER D 1449 -7.43 35.72 -25.76
C SER D 1449 -7.03 35.17 -27.13
N CYS D 1450 -6.07 34.25 -27.16
CA CYS D 1450 -5.62 33.72 -28.45
C CYS D 1450 -6.67 32.85 -29.12
N ASN D 1451 -7.41 32.06 -28.35
CA ASN D 1451 -8.34 31.08 -28.90
C ASN D 1451 -9.57 31.74 -29.51
N ARG D 1452 -10.19 31.05 -30.47
CA ARG D 1452 -11.42 31.53 -31.08
C ARG D 1452 -12.53 30.48 -31.20
N HIS D 1453 -12.23 29.19 -31.09
CA HIS D 1453 -13.26 28.17 -31.23
C HIS D 1453 -14.07 27.99 -29.94
N LEU D 1454 -13.45 28.19 -28.79
CA LEU D 1454 -14.09 27.89 -27.52
C LEU D 1454 -15.35 28.74 -27.33
N THR D 1455 -16.39 28.12 -26.77
CA THR D 1455 -17.62 28.82 -26.45
C THR D 1455 -17.90 28.87 -24.95
N SER D 1456 -17.97 27.73 -24.29
CA SER D 1456 -18.35 27.66 -22.88
C SER D 1456 -17.12 27.48 -22.00
N LEU D 1457 -17.33 27.64 -20.69
CA LEU D 1457 -16.24 27.53 -19.73
C LEU D 1457 -16.84 27.51 -18.33
N ASN D 1458 -15.98 27.38 -17.33
CA ASN D 1458 -16.43 27.36 -15.94
C ASN D 1458 -15.23 27.51 -15.02
N LEU D 1459 -15.34 28.44 -14.07
CA LEU D 1459 -14.30 28.63 -13.05
C LEU D 1459 -15.02 28.99 -11.74
N VAL D 1460 -14.95 28.08 -10.77
CA VAL D 1460 -15.50 28.31 -9.44
C VAL D 1460 -14.61 27.56 -8.46
N GLN D 1461 -14.92 27.71 -7.16
CA GLN D 1461 -14.15 27.03 -6.12
C GLN D 1461 -12.66 27.33 -6.24
N ASN D 1462 -12.34 28.56 -6.62
CA ASN D 1462 -10.96 29.01 -6.71
C ASN D 1462 -10.83 30.39 -6.10
N ASN D 1463 -9.63 30.70 -5.62
CA ASN D 1463 -9.30 32.03 -5.12
C ASN D 1463 -8.61 32.80 -6.23
N PHE D 1464 -8.94 34.08 -6.34
CA PHE D 1464 -8.32 34.98 -7.31
C PHE D 1464 -8.06 36.32 -6.66
N SER D 1465 -6.87 36.87 -6.89
CA SER D 1465 -6.58 38.22 -6.45
C SER D 1465 -7.25 39.22 -7.40
N PRO D 1466 -7.42 40.47 -6.96
CA PRO D 1466 -8.02 41.48 -7.85
C PRO D 1466 -7.25 41.63 -9.16
N LYS D 1467 -5.94 41.43 -9.14
CA LYS D 1467 -5.16 41.49 -10.38
C LYS D 1467 -5.59 40.39 -11.35
N GLY D 1468 -5.83 39.19 -10.82
CA GLY D 1468 -6.31 38.11 -11.68
C GLY D 1468 -7.64 38.43 -12.32
N MET D 1469 -8.56 39.03 -11.55
CA MET D 1469 -9.84 39.42 -12.11
C MET D 1469 -9.66 40.51 -13.16
N MET D 1470 -8.74 41.45 -12.91
CA MET D 1470 -8.42 42.45 -13.93
C MET D 1470 -8.01 41.78 -15.22
N LYS D 1471 -7.05 40.86 -15.14
CA LYS D 1471 -6.55 40.18 -16.32
C LYS D 1471 -7.66 39.42 -17.04
N LEU D 1472 -8.46 38.67 -16.29
CA LEU D 1472 -9.49 37.84 -16.92
C LEU D 1472 -10.57 38.69 -17.57
N CYS D 1473 -10.98 39.79 -16.92
CA CYS D 1473 -11.96 40.68 -17.53
C CYS D 1473 -11.40 41.33 -18.79
N SER D 1474 -10.14 41.75 -18.75
CA SER D 1474 -9.51 42.29 -19.96
C SER D 1474 -9.51 41.26 -21.08
N ALA D 1475 -9.21 40.01 -20.75
CA ALA D 1475 -9.24 38.96 -21.76
C ALA D 1475 -10.64 38.77 -22.33
N PHE D 1476 -11.65 38.77 -21.46
CA PHE D 1476 -13.04 38.67 -21.92
C PHE D 1476 -13.36 39.79 -22.89
N ALA D 1477 -12.89 41.00 -22.62
CA ALA D 1477 -13.22 42.14 -23.45
C ALA D 1477 -12.75 41.99 -24.89
N CYS D 1478 -11.72 41.19 -25.13
CA CYS D 1478 -11.10 41.15 -26.45
C CYS D 1478 -12.11 40.70 -27.50
N PRO D 1479 -12.19 41.35 -28.66
CA PRO D 1479 -13.15 40.91 -29.68
C PRO D 1479 -12.89 39.50 -30.19
N THR D 1480 -11.64 39.06 -30.24
CA THR D 1480 -11.33 37.76 -30.83
C THR D 1480 -12.10 36.64 -30.11
N SER D 1481 -12.03 36.60 -28.79
CA SER D 1481 -12.73 35.57 -28.03
C SER D 1481 -14.23 35.87 -28.04
N ASN D 1482 -15.03 34.80 -28.02
CA ASN D 1482 -16.49 34.93 -28.07
C ASN D 1482 -17.10 33.79 -27.26
N LEU D 1483 -17.39 34.06 -25.99
CA LEU D 1483 -17.95 33.06 -25.09
C LEU D 1483 -19.44 33.30 -24.92
N GLN D 1484 -20.22 32.24 -25.03
CA GLN D 1484 -21.67 32.35 -24.89
C GLN D 1484 -22.13 32.09 -23.46
N ILE D 1485 -21.30 31.45 -22.63
CA ILE D 1485 -21.58 31.26 -21.22
C ILE D 1485 -20.26 31.26 -20.47
N ILE D 1486 -20.27 31.81 -19.26
CA ILE D 1486 -19.10 31.82 -18.37
C ILE D 1486 -19.58 31.55 -16.96
N GLY D 1487 -18.80 30.78 -16.20
CA GLY D 1487 -19.14 30.47 -14.83
C GLY D 1487 -18.35 31.28 -13.83
N LEU D 1488 -18.97 32.32 -13.30
CA LEU D 1488 -18.36 33.16 -12.27
C LEU D 1488 -19.45 33.75 -11.41
N TRP D 1489 -19.07 34.17 -10.21
CA TRP D 1489 -20.00 34.85 -9.30
C TRP D 1489 -19.61 36.32 -9.24
N LYS D 1490 -20.54 37.19 -9.61
CA LYS D 1490 -20.27 38.63 -9.55
C LYS D 1490 -20.06 39.08 -8.11
N TRP D 1491 -20.92 38.65 -7.20
CA TRP D 1491 -20.94 39.21 -5.86
C TRP D 1491 -19.74 38.80 -5.02
N GLN D 1492 -18.93 37.86 -5.49
CA GLN D 1492 -17.81 37.38 -4.69
C GLN D 1492 -16.61 38.32 -4.73
N TYR D 1493 -16.74 39.53 -5.24
CA TYR D 1493 -15.63 40.44 -5.43
C TYR D 1493 -15.98 41.86 -5.02
N PRO D 1494 -14.98 42.71 -4.80
CA PRO D 1494 -15.26 44.11 -4.42
C PRO D 1494 -16.09 44.82 -5.47
N VAL D 1495 -16.51 46.05 -5.12
CA VAL D 1495 -17.42 46.80 -5.97
C VAL D 1495 -16.76 47.14 -7.30
N GLN D 1496 -15.47 47.44 -7.29
CA GLN D 1496 -14.77 47.76 -8.54
C GLN D 1496 -14.85 46.58 -9.51
N ILE D 1497 -14.57 45.37 -9.02
CA ILE D 1497 -14.64 44.19 -9.88
C ILE D 1497 -16.05 44.00 -10.41
N ARG D 1498 -17.05 44.21 -9.57
CA ARG D 1498 -18.44 44.07 -10.01
C ARG D 1498 -18.76 45.06 -11.12
N LYS D 1499 -18.35 46.32 -10.96
CA LYS D 1499 -18.61 47.31 -12.00
C LYS D 1499 -17.93 46.92 -13.30
N LEU D 1500 -16.69 46.42 -13.22
CA LEU D 1500 -16.03 45.98 -14.45
C LEU D 1500 -16.78 44.82 -15.09
N LEU D 1501 -17.29 43.89 -14.27
CA LEU D 1501 -18.04 42.77 -14.83
C LEU D 1501 -19.30 43.24 -15.54
N GLU D 1502 -20.02 44.19 -14.94
CA GLU D 1502 -21.21 44.72 -15.60
C GLU D 1502 -20.83 45.43 -16.90
N GLU D 1503 -19.73 46.19 -16.89
CA GLU D 1503 -19.28 46.86 -18.11
C GLU D 1503 -18.97 45.85 -19.20
N VAL D 1504 -18.33 44.74 -18.84
CA VAL D 1504 -18.08 43.69 -19.82
C VAL D 1504 -19.39 43.11 -20.33
N GLN D 1505 -20.34 42.87 -19.43
CA GLN D 1505 -21.58 42.22 -19.82
C GLN D 1505 -22.38 43.08 -20.79
N LEU D 1506 -22.47 44.39 -20.55
CA LEU D 1506 -23.24 45.24 -21.46
C LEU D 1506 -22.61 45.23 -22.85
N LEU D 1507 -21.28 45.29 -22.93
CA LEU D 1507 -20.61 45.05 -24.19
C LEU D 1507 -20.79 43.59 -24.59
N LYS D 1508 -20.85 43.33 -25.90
CA LYS D 1508 -21.14 41.99 -26.38
C LYS D 1508 -22.43 41.52 -25.71
N PRO D 1509 -23.58 42.08 -26.07
CA PRO D 1509 -24.82 41.73 -25.37
C PRO D 1509 -25.13 40.24 -25.40
N ARG D 1510 -24.53 39.53 -26.36
CA ARG D 1510 -24.76 38.09 -26.46
C ARG D 1510 -24.20 37.33 -25.27
N VAL D 1511 -23.07 37.79 -24.73
CA VAL D 1511 -22.41 37.08 -23.64
C VAL D 1511 -23.37 36.96 -22.45
N VAL D 1512 -23.32 35.83 -21.78
CA VAL D 1512 -24.12 35.57 -20.58
C VAL D 1512 -23.19 35.08 -19.49
N ILE D 1513 -23.10 35.84 -18.39
CA ILE D 1513 -22.28 35.47 -17.25
C ILE D 1513 -23.22 35.07 -16.11
N ASP D 1514 -23.19 33.79 -15.75
CA ASP D 1514 -23.99 33.25 -14.66
C ASP D 1514 -23.14 32.31 -13.84
N GLY D 1515 -23.22 32.44 -12.52
CA GLY D 1515 -22.48 31.54 -11.66
C GLY D 1515 -22.96 30.11 -11.77
N SER D 1516 -24.28 29.91 -11.75
CA SER D 1516 -24.86 28.58 -11.84
C SER D 1516 -24.67 28.04 -13.25
N TRP D 1517 -23.69 27.17 -13.42
CA TRP D 1517 -23.36 26.61 -14.72
C TRP D 1517 -24.44 25.59 -15.10
N HIS D 1518 -24.21 24.87 -16.19
CA HIS D 1518 -25.22 23.99 -16.78
C HIS D 1518 -26.37 24.78 -17.37
N SER D 1519 -26.21 26.09 -17.51
CA SER D 1519 -27.25 26.93 -18.09
C SER D 1519 -27.20 26.84 -19.61
N PHE D 1520 -28.37 26.84 -20.23
CA PHE D 1520 -28.51 26.82 -21.69
C PHE D 1520 -27.85 25.60 -22.32
N ASP D 1521 -27.47 24.61 -21.51
CA ASP D 1521 -26.89 23.39 -22.05
C ASP D 1521 -27.98 22.55 -22.71
N GLU D 1522 -27.56 21.74 -23.69
CA GLU D 1522 -28.51 20.87 -24.38
C GLU D 1522 -29.23 19.99 -23.37
N ASP D 1523 -30.55 19.90 -23.51
CA ASP D 1523 -31.34 19.09 -22.58
C ASP D 1523 -31.24 17.60 -22.90
N ASP D 1524 -30.82 17.26 -24.12
CA ASP D 1524 -30.75 15.85 -24.51
C ASP D 1524 -29.76 15.09 -23.64
N ARG D 1525 -28.61 15.71 -23.34
CA ARG D 1525 -27.61 15.04 -22.50
C ARG D 1525 -28.19 14.65 -21.15
N TYR D 1526 -28.80 15.60 -20.46
CA TYR D 1526 -29.26 15.36 -19.10
C TYR D 1526 -30.61 14.65 -19.07
N TRP D 1527 -31.26 14.48 -20.24
CA TRP D 1527 -32.44 13.61 -20.29
C TRP D 1527 -32.03 12.17 -20.58
N TRP D 1528 -30.99 11.97 -21.40
CA TRP D 1528 -30.44 10.64 -21.55
C TRP D 1528 -29.83 10.13 -20.25
N LYS D 1529 -29.02 10.95 -19.57
CA LYS D 1529 -28.43 10.49 -18.33
C LYS D 1529 -29.49 10.20 -17.27
N ASN D 1530 -30.72 10.65 -17.50
CA ASN D 1530 -31.84 10.36 -16.62
C ASN D 1530 -33.16 10.67 -17.30
N GLN E 33 -63.02 38.82 23.92
CA GLN E 33 -62.25 37.80 24.62
C GLN E 33 -60.81 38.27 24.73
N ILE E 34 -60.22 38.07 25.91
CA ILE E 34 -58.87 38.53 26.21
C ILE E 34 -58.03 37.32 26.59
N ARG E 35 -56.85 37.22 26.00
CA ARG E 35 -55.99 36.07 26.20
C ARG E 35 -54.53 36.50 26.25
N ILE E 36 -53.70 35.65 26.87
CA ILE E 36 -52.28 35.95 27.00
C ILE E 36 -51.56 35.59 25.70
N ARG E 37 -50.59 36.43 25.31
CA ARG E 37 -49.87 36.23 24.03
C ARG E 37 -48.35 36.33 24.24
N PRO E 38 -47.55 35.35 23.76
CA PRO E 38 -46.09 35.37 23.90
C PRO E 38 -45.37 36.46 23.09
N TRP E 39 -44.28 36.99 23.63
CA TRP E 39 -43.48 38.03 22.91
C TRP E 39 -42.90 37.46 21.62
N TRP E 40 -42.61 36.16 21.59
CA TRP E 40 -41.96 35.55 20.43
C TRP E 40 -42.93 35.24 19.31
N PHE E 41 -44.22 35.58 19.46
CA PHE E 41 -45.21 35.28 18.44
C PHE E 41 -45.56 36.57 17.71
N PRO E 42 -45.12 36.76 16.46
CA PRO E 42 -45.43 38.02 15.76
C PRO E 42 -46.92 38.20 15.56
N VAL E 43 -47.34 39.48 15.58
CA VAL E 43 -48.76 39.81 15.51
C VAL E 43 -49.36 39.36 14.19
N GLN E 44 -48.70 39.62 13.07
CA GLN E 44 -49.30 39.37 11.76
C GLN E 44 -49.85 37.95 11.65
N GLU E 45 -49.42 37.04 12.53
CA GLU E 45 -49.86 35.66 12.45
C GLU E 45 -51.31 35.46 12.87
N LEU E 46 -51.87 36.34 13.71
CA LEU E 46 -53.24 36.12 14.16
C LEU E 46 -54.25 36.23 13.03
N ARG E 47 -53.87 36.83 11.90
CA ARG E 47 -54.81 37.01 10.80
C ARG E 47 -55.16 35.66 10.18
N ASP E 48 -56.36 35.58 9.61
CA ASP E 48 -56.83 34.38 8.94
C ASP E 48 -56.86 33.19 9.89
N PRO E 49 -57.74 33.17 10.87
CA PRO E 49 -57.83 32.03 11.78
C PRO E 49 -58.67 30.91 11.19
N LEU E 50 -58.60 29.75 11.84
CA LEU E 50 -59.37 28.57 11.47
C LEU E 50 -60.27 28.20 12.64
N VAL E 51 -61.53 27.91 12.36
CA VAL E 51 -62.53 27.63 13.38
C VAL E 51 -63.18 26.29 13.09
N PHE E 52 -63.34 25.47 14.12
CA PHE E 52 -64.06 24.20 14.01
C PHE E 52 -64.57 23.82 15.39
N TYR E 53 -65.62 22.98 15.39
CA TYR E 53 -66.31 22.62 16.61
C TYR E 53 -65.90 21.21 17.07
N LEU E 54 -66.35 20.85 18.27
CA LEU E 54 -66.11 19.53 18.82
C LEU E 54 -67.09 19.30 19.97
N GLU E 55 -67.38 18.02 20.22
CA GLU E 55 -68.34 17.66 21.26
C GLU E 55 -67.79 18.04 22.63
N ALA E 56 -68.71 18.34 23.55
CA ALA E 56 -68.33 18.83 24.87
C ALA E 56 -67.48 17.81 25.62
N TRP E 57 -68.05 16.63 25.89
CA TRP E 57 -67.33 15.62 26.65
C TRP E 57 -66.08 15.17 25.93
N LEU E 58 -66.16 14.98 24.61
CA LEU E 58 -65.00 14.52 23.85
C LEU E 58 -63.87 15.53 23.93
N ALA E 59 -64.19 16.82 23.74
CA ALA E 59 -63.15 17.85 23.84
C ALA E 59 -62.58 17.93 25.25
N ASP E 60 -63.45 17.83 26.26
CA ASP E 60 -62.97 17.90 27.64
C ASP E 60 -61.99 16.77 27.94
N GLU E 61 -62.31 15.56 27.48
CA GLU E 61 -61.40 14.45 27.71
C GLU E 61 -60.16 14.52 26.83
N LEU E 62 -60.26 15.18 25.67
CA LEU E 62 -59.09 15.33 24.81
C LEU E 62 -58.08 16.30 25.43
N PHE E 63 -58.56 17.46 25.89
CA PHE E 63 -57.68 18.46 26.49
C PHE E 63 -57.59 18.36 28.01
N GLY E 64 -58.51 17.64 28.65
CA GLY E 64 -58.48 17.46 30.07
C GLY E 64 -59.10 18.63 30.82
N PRO E 65 -59.57 18.40 32.04
CA PRO E 65 -60.16 19.51 32.81
C PRO E 65 -59.20 20.66 33.05
N ASP E 66 -57.95 20.38 33.36
CA ASP E 66 -56.99 21.43 33.72
C ASP E 66 -56.47 22.21 32.53
N ARG E 67 -56.29 21.56 31.38
CA ARG E 67 -55.76 22.22 30.19
C ARG E 67 -54.40 22.85 30.51
N ALA E 68 -53.56 22.12 31.24
CA ALA E 68 -52.23 22.60 31.58
C ALA E 68 -51.20 22.32 30.49
N ILE E 69 -51.57 21.57 29.45
CA ILE E 69 -50.62 21.19 28.40
C ILE E 69 -50.63 22.16 27.22
N ILE E 70 -51.53 23.15 27.22
CA ILE E 70 -51.64 24.03 26.06
C ILE E 70 -50.35 24.80 25.82
N PRO E 71 -49.74 25.46 26.80
CA PRO E 71 -48.54 26.26 26.52
C PRO E 71 -47.40 25.45 25.91
N GLU E 72 -47.16 24.22 26.39
CA GLU E 72 -46.07 23.42 25.85
C GLU E 72 -46.37 23.00 24.41
N MET E 73 -47.61 22.60 24.16
CA MET E 73 -48.02 22.27 22.79
C MET E 73 -47.81 23.46 21.87
N GLU E 74 -48.21 24.65 22.32
CA GLU E 74 -48.03 25.85 21.51
C GLU E 74 -46.56 26.14 21.26
N TRP E 75 -45.73 26.02 22.29
CA TRP E 75 -44.31 26.31 22.13
C TRP E 75 -43.65 25.35 21.15
N THR E 76 -44.04 24.07 21.20
CA THR E 76 -43.51 23.12 20.24
C THR E 76 -44.21 23.22 18.88
N SER E 77 -45.28 24.03 18.81
CA SER E 77 -46.05 24.18 17.58
C SER E 77 -46.00 25.59 17.00
N GLN E 78 -45.49 26.57 17.74
CA GLN E 78 -45.42 27.95 17.25
C GLN E 78 -46.79 28.46 16.83
N ALA E 79 -47.81 28.13 17.63
CA ALA E 79 -49.17 28.52 17.32
C ALA E 79 -49.95 28.70 18.61
N LEU E 80 -51.07 29.42 18.52
CA LEU E 80 -51.95 29.68 19.66
C LEU E 80 -53.35 29.19 19.35
N LEU E 81 -54.00 28.58 20.33
CA LEU E 81 -55.35 28.05 20.17
C LEU E 81 -56.20 28.39 21.39
N THR E 82 -57.50 28.46 21.17
CA THR E 82 -58.47 28.76 22.22
C THR E 82 -59.58 27.72 22.21
N VAL E 83 -60.15 27.46 23.37
CA VAL E 83 -61.25 26.52 23.54
C VAL E 83 -62.42 27.24 24.18
N ASP E 84 -63.59 27.19 23.55
CA ASP E 84 -64.79 27.82 24.06
C ASP E 84 -65.94 26.82 24.02
N ILE E 85 -66.80 26.90 25.04
CA ILE E 85 -67.91 25.97 25.21
C ILE E 85 -69.20 26.74 24.91
N VAL E 86 -70.05 26.15 24.06
CA VAL E 86 -71.31 26.80 23.73
C VAL E 86 -72.23 26.80 24.95
N ASP E 87 -73.23 27.69 24.90
CA ASP E 87 -74.16 27.81 26.03
C ASP E 87 -74.91 26.51 26.25
N SER E 88 -75.37 25.86 25.17
CA SER E 88 -76.14 24.64 25.29
C SER E 88 -75.32 23.49 25.88
N GLY E 89 -73.99 23.61 25.88
CA GLY E 89 -73.16 22.56 26.42
C GLY E 89 -73.07 21.32 25.56
N ASN E 90 -73.31 21.44 24.25
CA ASN E 90 -73.25 20.31 23.34
C ASN E 90 -72.03 20.35 22.42
N LEU E 91 -71.67 21.52 21.93
CA LEU E 91 -70.56 21.70 21.00
C LEU E 91 -69.53 22.64 21.59
N VAL E 92 -68.27 22.38 21.25
CA VAL E 92 -67.13 23.16 21.73
C VAL E 92 -66.35 23.63 20.51
N GLU E 93 -66.09 24.94 20.44
CA GLU E 93 -65.40 25.54 19.31
C GLU E 93 -63.92 25.73 19.64
N ILE E 94 -63.06 25.34 18.71
CA ILE E 94 -61.61 25.45 18.86
C ILE E 94 -61.06 26.14 17.63
N THR E 95 -60.07 27.00 17.83
CA THR E 95 -59.42 27.73 16.76
C THR E 95 -57.92 27.70 16.95
N VAL E 96 -57.18 27.83 15.84
CA VAL E 96 -55.73 27.79 15.84
C VAL E 96 -55.21 28.99 15.06
N PHE E 97 -54.14 29.60 15.54
CA PHE E 97 -53.59 30.82 14.97
C PHE E 97 -52.18 30.58 14.46
N GLY E 98 -51.91 31.01 13.24
CA GLY E 98 -50.60 30.83 12.65
C GLY E 98 -50.71 30.75 11.13
N ARG E 99 -49.64 30.26 10.52
CA ARG E 99 -49.66 30.07 9.08
C ARG E 99 -50.69 29.00 8.71
N PRO E 100 -51.31 29.11 7.53
CA PRO E 100 -52.41 28.19 7.19
C PRO E 100 -52.04 26.72 7.27
N ARG E 101 -50.82 26.36 6.85
CA ARG E 101 -50.42 24.96 6.89
C ARG E 101 -50.42 24.43 8.32
N VAL E 102 -49.91 25.22 9.26
CA VAL E 102 -49.91 24.80 10.66
C VAL E 102 -51.33 24.62 11.16
N GLN E 103 -52.22 25.55 10.81
CA GLN E 103 -53.62 25.45 11.24
C GLN E 103 -54.25 24.17 10.71
N ASN E 104 -54.06 23.88 9.42
CA ASN E 104 -54.63 22.68 8.85
C ASN E 104 -54.07 21.42 9.50
N ARG E 105 -52.76 21.40 9.72
CA ARG E 105 -52.13 20.24 10.34
C ARG E 105 -52.68 20.00 11.74
N VAL E 106 -52.82 21.08 12.52
CA VAL E 106 -53.31 20.94 13.89
C VAL E 106 -54.78 20.50 13.87
N LYS E 107 -55.57 21.03 12.94
CA LYS E 107 -56.96 20.62 12.84
C LYS E 107 -57.07 19.13 12.50
N SER E 108 -56.24 18.65 11.57
CA SER E 108 -56.25 17.23 11.23
C SER E 108 -55.85 16.39 12.43
N MET E 109 -54.83 16.82 13.18
CA MET E 109 -54.42 16.10 14.37
C MET E 109 -55.56 16.01 15.37
N LEU E 110 -56.25 17.13 15.60
CA LEU E 110 -57.34 17.14 16.56
C LEU E 110 -58.48 16.24 16.11
N LEU E 111 -58.77 16.25 14.80
CA LEU E 111 -59.80 15.36 14.29
C LEU E 111 -59.43 13.89 14.50
N CYS E 112 -58.17 13.54 14.26
CA CYS E 112 -57.73 12.17 14.46
C CYS E 112 -57.86 11.76 15.93
N LEU E 113 -57.42 12.64 16.84
CA LEU E 113 -57.51 12.32 18.26
C LEU E 113 -58.97 12.22 18.71
N ALA E 114 -59.83 13.10 18.20
CA ALA E 114 -61.24 13.03 18.54
C ALA E 114 -61.86 11.73 18.05
N TRP E 115 -61.51 11.31 16.83
CA TRP E 115 -62.03 10.03 16.34
C TRP E 115 -61.56 8.88 17.19
N PHE E 116 -60.29 8.91 17.62
CA PHE E 116 -59.80 7.85 18.49
C PHE E 116 -60.58 7.83 19.80
N HIS E 117 -60.84 9.01 20.37
CA HIS E 117 -61.61 9.06 21.60
C HIS E 117 -63.02 8.48 21.38
N ARG E 118 -63.64 8.85 20.27
CA ARG E 118 -65.00 8.36 19.99
C ARG E 118 -65.02 6.85 19.82
N GLU E 119 -64.05 6.29 19.10
CA GLU E 119 -64.05 4.84 18.89
C GLU E 119 -63.70 4.11 20.18
N HIS E 120 -62.84 4.71 21.02
CA HIS E 120 -62.58 4.11 22.33
C HIS E 120 -63.84 4.07 23.17
N ARG E 121 -64.62 5.16 23.16
CA ARG E 121 -65.88 5.17 23.90
C ARG E 121 -66.84 4.13 23.33
N ALA E 122 -66.90 4.02 22.01
CA ALA E 122 -67.82 3.06 21.38
C ALA E 122 -67.44 1.63 21.75
N ARG E 123 -66.15 1.30 21.74
CA ARG E 123 -65.72 -0.06 22.03
C ARG E 123 -66.13 -0.47 23.44
N ALA E 124 -65.98 0.43 24.41
CA ALA E 124 -66.35 0.16 25.79
C ALA E 124 -67.83 -0.18 25.90
N LEU F 110 -28.14 44.95 0.37
CA LEU F 110 -28.34 46.36 0.82
C LEU F 110 -27.15 47.22 0.39
N PHE F 111 -26.07 47.19 1.18
CA PHE F 111 -24.89 47.96 0.83
C PHE F 111 -24.24 47.43 -0.44
N TRP F 112 -24.32 46.11 -0.65
CA TRP F 112 -23.74 45.52 -1.85
C TRP F 112 -24.41 46.06 -3.11
N ASP F 113 -25.74 46.18 -3.09
CA ASP F 113 -26.48 46.68 -4.23
C ASP F 113 -26.43 48.21 -4.28
N LYS F 114 -26.52 48.74 -5.50
CA LYS F 114 -26.61 50.19 -5.66
C LYS F 114 -27.89 50.72 -5.02
N GLU F 115 -28.99 50.00 -5.19
CA GLU F 115 -30.25 50.37 -4.54
C GLU F 115 -31.12 49.12 -4.37
N PRO F 116 -31.48 48.75 -3.14
CA PRO F 116 -32.35 47.58 -2.96
C PRO F 116 -33.81 47.94 -3.18
N TRP F 117 -34.44 47.31 -4.17
CA TRP F 117 -35.81 47.62 -4.54
C TRP F 117 -36.68 46.38 -4.44
N PHE F 118 -37.85 46.54 -3.85
CA PHE F 118 -38.85 45.49 -3.73
C PHE F 118 -39.89 45.64 -4.84
N TRP F 119 -40.72 44.61 -5.00
CA TRP F 119 -41.76 44.66 -6.02
C TRP F 119 -42.80 45.72 -5.69
N HIS F 120 -43.15 45.87 -4.41
CA HIS F 120 -44.12 46.87 -4.00
C HIS F 120 -43.50 48.25 -3.82
N ASP F 121 -42.17 48.37 -3.86
CA ASP F 121 -41.53 49.67 -3.70
C ASP F 121 -41.93 50.62 -4.83
N THR F 122 -41.92 50.13 -6.07
CA THR F 122 -42.31 50.97 -7.20
C THR F 122 -43.77 51.39 -7.09
N LEU F 123 -44.64 50.46 -6.67
CA LEU F 123 -46.04 50.82 -6.49
C LEU F 123 -46.20 51.90 -5.43
N THR F 124 -45.52 51.75 -4.29
CA THR F 124 -45.60 52.77 -3.25
C THR F 124 -45.12 54.12 -3.76
N GLU F 125 -44.01 54.13 -4.50
CA GLU F 125 -43.50 55.37 -5.06
C GLU F 125 -44.52 56.00 -6.01
N GLN F 126 -45.13 55.19 -6.88
CA GLN F 126 -46.07 55.74 -7.85
C GLN F 126 -47.30 56.32 -7.16
N LEU F 127 -47.84 55.62 -6.16
CA LEU F 127 -48.99 56.15 -5.44
C LEU F 127 -48.63 57.43 -4.69
N TRP F 128 -47.44 57.47 -4.08
CA TRP F 128 -47.02 58.69 -3.40
C TRP F 128 -46.93 59.85 -4.38
N ARG F 129 -46.33 59.62 -5.55
CA ARG F 129 -46.20 60.69 -6.53
C ARG F 129 -47.56 61.17 -7.03
N ILE F 130 -48.47 60.23 -7.28
CA ILE F 130 -49.79 60.62 -7.78
C ILE F 130 -50.56 61.39 -6.70
N PHE F 131 -50.38 61.01 -5.43
CA PHE F 131 -50.99 61.78 -4.36
C PHE F 131 -50.43 63.19 -4.28
N ALA F 132 -49.10 63.31 -4.38
CA ALA F 132 -48.49 64.64 -4.34
C ALA F 132 -48.95 65.50 -5.50
N GLY F 133 -49.19 64.90 -6.66
CA GLY F 133 -49.64 65.64 -7.82
C GLY F 133 -48.57 66.38 -8.57
N VAL F 134 -47.31 66.22 -8.17
CA VAL F 134 -46.20 66.92 -8.82
C VAL F 134 -46.08 66.45 -10.27
N SER F 205 -31.02 40.31 -9.11
CA SER F 205 -32.08 40.68 -10.03
C SER F 205 -32.51 42.13 -9.80
N ARG F 206 -33.50 42.57 -10.58
CA ARG F 206 -34.02 43.92 -10.41
C ARG F 206 -34.79 44.05 -9.09
N PHE F 207 -35.37 42.95 -8.61
CA PHE F 207 -36.14 42.93 -7.38
C PHE F 207 -35.41 42.09 -6.34
N LEU F 208 -35.26 42.64 -5.13
CA LEU F 208 -34.62 41.93 -4.04
C LEU F 208 -35.66 41.12 -3.28
N GLN F 209 -35.41 39.82 -3.16
CA GLN F 209 -36.38 38.88 -2.59
C GLN F 209 -36.03 38.59 -1.13
N SER F 210 -37.03 38.07 -0.41
CA SER F 210 -36.89 37.77 1.00
C SER F 210 -36.37 36.34 1.19
N ILE F 211 -36.26 35.93 2.47
CA ILE F 211 -35.76 34.60 2.78
C ILE F 211 -36.87 33.57 2.65
N SER F 212 -36.47 32.29 2.67
CA SER F 212 -37.38 31.16 2.65
C SER F 212 -36.96 30.15 3.69
N TRP F 213 -37.93 29.72 4.51
CA TRP F 213 -37.67 28.75 5.57
C TRP F 213 -38.37 27.42 5.36
N ASP F 214 -39.43 27.42 4.56
CA ASP F 214 -40.16 26.17 4.25
C ASP F 214 -39.27 25.32 3.33
N PRO F 215 -38.77 24.16 3.81
CA PRO F 215 -37.85 23.35 3.00
C PRO F 215 -38.34 23.14 1.57
N GLU F 216 -39.59 22.69 1.37
CA GLU F 216 -40.00 22.42 0.00
C GLU F 216 -39.75 23.61 -0.91
N ASP F 217 -39.94 24.82 -0.40
CA ASP F 217 -39.74 26.03 -1.20
C ASP F 217 -38.29 26.24 -1.59
N PHE F 218 -37.36 25.50 -1.00
CA PHE F 218 -35.95 25.66 -1.35
C PHE F 218 -35.75 25.53 -2.85
N GLU F 219 -36.33 24.49 -3.45
CA GLU F 219 -36.34 24.30 -4.90
C GLU F 219 -34.97 24.57 -5.51
N ASP F 220 -33.98 23.84 -5.01
CA ASP F 220 -32.60 23.97 -5.47
C ASP F 220 -32.32 22.91 -6.53
N ALA F 221 -31.62 23.31 -7.59
CA ALA F 221 -31.46 22.46 -8.76
C ALA F 221 -30.86 21.11 -8.36
N TRP F 222 -31.44 20.04 -8.90
CA TRP F 222 -30.96 18.70 -8.60
C TRP F 222 -29.57 18.50 -9.21
N LYS F 223 -28.63 18.08 -8.37
CA LYS F 223 -27.24 18.01 -8.79
C LYS F 223 -27.06 16.99 -9.91
N ARG F 224 -26.15 17.30 -10.83
CA ARG F 224 -25.88 16.43 -11.97
C ARG F 224 -24.41 16.54 -12.38
N LYS F 233 -29.90 15.45 7.81
CA LYS F 233 -30.79 15.05 6.73
C LYS F 233 -30.01 14.88 5.43
N ARG F 234 -29.33 15.95 5.02
CA ARG F 234 -28.53 15.96 3.81
C ARG F 234 -27.18 16.59 4.11
N LEU F 235 -26.15 16.15 3.40
CA LEU F 235 -24.78 16.58 3.65
C LEU F 235 -24.20 17.37 2.47
N ALA F 236 -25.06 17.96 1.66
CA ALA F 236 -24.59 18.66 0.47
C ALA F 236 -23.77 19.89 0.85
N VAL F 237 -22.67 20.10 0.16
CA VAL F 237 -21.84 21.30 0.39
C VAL F 237 -22.57 22.52 -0.14
N PRO F 238 -22.53 23.67 0.53
CA PRO F 238 -23.18 24.87 0.00
C PRO F 238 -22.47 25.39 -1.25
N CYS F 239 -23.23 26.09 -2.10
CA CYS F 239 -22.66 26.63 -3.33
C CYS F 239 -23.15 28.04 -3.67
N LYS F 240 -23.80 28.76 -2.76
CA LYS F 240 -24.34 30.07 -3.07
C LYS F 240 -24.41 30.91 -1.80
N LEU F 241 -24.39 32.23 -1.97
CA LEU F 241 -24.58 33.17 -0.88
C LEU F 241 -25.17 34.48 -1.39
N GLU F 242 -25.93 35.14 -0.52
CA GLU F 242 -26.53 36.43 -0.82
C GLU F 242 -26.87 37.12 0.50
N LYS F 243 -26.82 38.45 0.50
CA LYS F 243 -27.06 39.22 1.71
C LYS F 243 -28.49 39.76 1.70
N MET F 244 -29.27 39.42 2.73
CA MET F 244 -30.70 39.71 2.75
C MET F 244 -31.12 40.82 3.70
N ARG F 245 -30.33 41.14 4.73
CA ARG F 245 -30.75 42.13 5.71
C ARG F 245 -29.52 42.69 6.41
N ILE F 246 -29.70 43.84 7.04
CA ILE F 246 -28.65 44.52 7.81
C ILE F 246 -29.24 44.95 9.14
N LEU F 247 -28.49 44.74 10.21
CA LEU F 247 -28.96 45.00 11.57
C LEU F 247 -28.15 46.13 12.18
N ALA F 248 -28.84 47.05 12.87
CA ALA F 248 -28.22 48.23 13.45
C ALA F 248 -28.23 48.11 14.97
N HIS F 249 -27.06 48.16 15.58
CA HIS F 249 -26.94 48.04 17.02
C HIS F 249 -26.86 49.39 17.73
N GLY F 250 -26.42 50.44 17.04
CA GLY F 250 -26.23 51.73 17.65
C GLY F 250 -24.94 51.89 18.41
N GLU F 251 -24.09 50.87 18.41
CA GLU F 251 -22.81 50.91 19.11
C GLU F 251 -22.01 49.67 18.70
N LEU F 252 -20.85 49.49 19.32
CA LEU F 252 -20.00 48.37 18.98
C LEU F 252 -20.66 47.05 19.37
N VAL F 253 -20.31 45.99 18.66
CA VAL F 253 -20.86 44.65 18.87
C VAL F 253 -19.70 43.69 19.11
N LEU F 254 -19.95 42.64 19.89
CA LEU F 254 -18.91 41.70 20.30
C LEU F 254 -19.28 40.24 20.09
N ALA F 255 -20.57 39.91 20.09
CA ALA F 255 -20.98 38.52 19.97
C ALA F 255 -22.39 38.45 19.38
N THR F 256 -22.61 37.45 18.54
CA THR F 256 -23.90 37.25 17.88
C THR F 256 -24.31 35.79 18.00
N ALA F 257 -25.62 35.58 18.05
CA ALA F 257 -26.18 34.24 18.16
C ALA F 257 -27.53 34.20 17.44
N ILE F 258 -27.66 33.26 16.50
CA ILE F 258 -28.88 33.11 15.70
C ILE F 258 -29.51 31.76 16.01
N SER F 259 -30.84 31.75 16.10
CA SER F 259 -31.61 30.54 16.34
C SER F 259 -32.62 30.37 15.22
N SER F 260 -32.90 29.11 14.87
CA SER F 260 -33.85 28.82 13.80
C SER F 260 -35.24 28.45 14.32
N PHE F 261 -35.31 27.65 15.37
CA PHE F 261 -36.62 27.28 15.91
C PHE F 261 -37.46 28.52 16.18
N THR F 262 -36.81 29.61 16.58
CA THR F 262 -37.43 30.91 16.68
C THR F 262 -36.77 31.85 15.67
N ARG F 263 -37.54 32.83 15.18
CA ARG F 263 -37.07 33.70 14.11
C ARG F 263 -36.09 34.76 14.60
N HIS F 264 -35.88 34.86 15.90
CA HIS F 264 -35.19 36.02 16.47
C HIS F 264 -33.68 35.80 16.52
N VAL F 265 -32.96 36.90 16.71
CA VAL F 265 -31.50 36.91 16.85
C VAL F 265 -31.16 37.81 18.02
N PHE F 266 -29.99 37.57 18.61
CA PHE F 266 -29.57 38.24 19.84
C PHE F 266 -28.20 38.86 19.65
N THR F 267 -28.11 40.16 19.91
CA THR F 267 -26.86 40.92 19.80
C THR F 267 -26.50 41.50 21.16
N CYS F 268 -25.22 41.45 21.51
CA CYS F 268 -24.74 41.88 22.81
C CYS F 268 -23.81 43.08 22.65
N GLY F 269 -23.85 43.99 23.62
CA GLY F 269 -23.03 45.18 23.59
C GLY F 269 -22.61 45.59 24.98
N ARG F 270 -21.72 46.57 25.04
CA ARG F 270 -21.22 47.08 26.31
C ARG F 270 -22.30 47.74 27.15
N ARG F 271 -23.45 48.07 26.55
CA ARG F 271 -24.55 48.71 27.25
C ARG F 271 -25.66 47.73 27.64
N GLY F 272 -25.96 46.76 26.78
CA GLY F 272 -27.04 45.84 27.07
C GLY F 272 -27.20 44.85 25.93
N ILE F 273 -28.35 44.17 25.94
CA ILE F 273 -28.68 43.13 24.98
C ILE F 273 -29.88 43.59 24.17
N LYS F 274 -29.84 43.33 22.87
CA LYS F 274 -30.93 43.69 21.96
C LYS F 274 -31.38 42.45 21.20
N VAL F 275 -32.67 42.41 20.87
CA VAL F 275 -33.29 41.26 20.24
C VAL F 275 -34.02 41.73 18.98
N TRP F 276 -33.85 41.00 17.88
CA TRP F 276 -34.45 41.32 16.60
C TRP F 276 -35.57 40.32 16.27
N SER F 277 -36.12 40.46 15.07
CA SER F 277 -37.12 39.55 14.56
C SER F 277 -37.14 39.66 13.04
N LEU F 278 -37.01 38.51 12.36
CA LEU F 278 -36.90 38.46 10.91
C LEU F 278 -38.21 38.04 10.25
N THR F 279 -39.33 38.16 10.96
CA THR F 279 -40.62 37.75 10.39
C THR F 279 -41.03 38.66 9.24
N GLY F 280 -40.68 39.95 9.31
CA GLY F 280 -41.11 40.90 8.30
C GLY F 280 -40.18 40.94 7.10
N GLN F 281 -40.52 41.82 6.16
CA GLN F 281 -39.75 42.03 4.93
C GLN F 281 -39.41 43.51 4.84
N VAL F 282 -38.22 43.88 5.32
CA VAL F 282 -37.78 45.26 5.33
C VAL F 282 -36.31 45.29 4.96
N ALA F 283 -35.92 46.33 4.21
CA ALA F 283 -34.52 46.47 3.80
C ALA F 283 -33.62 46.61 5.01
N GLU F 284 -34.03 47.41 5.99
CA GLU F 284 -33.25 47.63 7.20
C GLU F 284 -34.20 47.97 8.33
N ASP F 285 -33.95 47.41 9.52
CA ASP F 285 -34.80 47.60 10.68
C ASP F 285 -34.04 48.38 11.74
N ARG F 286 -34.65 49.47 12.21
CA ARG F 286 -34.10 50.27 13.30
C ARG F 286 -34.86 50.09 14.60
N PHE F 287 -35.81 49.17 14.66
CA PHE F 287 -36.63 48.94 15.85
C PHE F 287 -36.41 47.53 16.37
N PRO F 288 -35.53 47.32 17.35
CA PRO F 288 -35.32 45.97 17.87
C PRO F 288 -36.59 45.40 18.50
N GLU F 289 -36.69 44.07 18.49
CA GLU F 289 -37.86 43.42 19.06
C GLU F 289 -38.01 43.75 20.53
N SER F 290 -36.92 43.72 21.28
CA SER F 290 -36.95 44.09 22.69
C SER F 290 -35.52 44.38 23.15
N HIS F 291 -35.43 45.08 24.27
CA HIS F 291 -34.15 45.51 24.82
C HIS F 291 -34.03 45.02 26.25
N LEU F 292 -32.81 44.66 26.64
CA LEU F 292 -32.51 44.18 27.99
C LEU F 292 -31.34 44.97 28.55
N PRO F 293 -31.60 46.13 29.15
CA PRO F 293 -30.52 46.90 29.75
C PRO F 293 -30.28 46.53 31.20
N ILE F 294 -29.04 46.74 31.64
CA ILE F 294 -28.61 46.48 33.01
C ILE F 294 -28.05 47.79 33.57
N GLN F 295 -28.56 48.20 34.73
CA GLN F 295 -28.14 49.43 35.38
C GLN F 295 -27.24 49.07 36.57
N THR F 296 -25.97 49.48 36.48
CA THR F 296 -25.03 49.26 37.56
C THR F 296 -23.78 50.12 37.32
N PRO F 297 -23.27 50.83 38.33
CA PRO F 297 -22.08 51.66 38.11
C PRO F 297 -20.89 50.82 37.66
N GLY F 298 -20.23 51.26 36.60
CA GLY F 298 -19.03 50.57 36.13
C GLY F 298 -19.25 49.12 35.81
N ALA F 299 -20.35 48.79 35.13
CA ALA F 299 -20.68 47.42 34.76
C ALA F 299 -20.68 47.29 33.25
N PHE F 300 -19.97 46.29 32.74
CA PHE F 300 -19.86 46.04 31.31
C PHE F 300 -20.21 44.58 31.03
N LEU F 301 -20.57 44.32 29.78
CA LEU F 301 -20.83 42.98 29.27
C LEU F 301 -19.79 42.63 28.22
N ARG F 302 -19.20 41.45 28.35
CA ARG F 302 -18.16 41.00 27.43
C ARG F 302 -18.39 39.61 26.85
N THR F 303 -19.44 38.91 27.25
CA THR F 303 -19.69 37.54 26.78
C THR F 303 -21.18 37.30 26.63
N CYS F 304 -21.52 36.31 25.81
CA CYS F 304 -22.91 35.90 25.63
C CYS F 304 -22.92 34.48 25.07
N LEU F 305 -24.08 33.83 25.19
CA LEU F 305 -24.25 32.49 24.64
C LEU F 305 -25.72 32.10 24.72
N LEU F 306 -26.11 31.18 23.85
CA LEU F 306 -27.48 30.68 23.78
C LEU F 306 -27.46 29.16 23.88
N SER F 307 -28.42 28.61 24.63
CA SER F 307 -28.53 27.16 24.73
C SER F 307 -28.97 26.56 23.40
N SER F 308 -28.42 25.38 23.08
CA SER F 308 -28.68 24.76 21.80
C SER F 308 -30.16 24.40 21.61
N ASN F 309 -30.94 24.35 22.69
CA ASN F 309 -32.35 24.04 22.61
C ASN F 309 -33.22 25.28 22.51
N SER F 310 -32.63 26.48 22.48
CA SER F 310 -33.39 27.73 22.47
C SER F 310 -34.24 27.87 23.72
N ARG F 311 -33.63 27.67 24.89
CA ARG F 311 -34.33 27.78 26.15
C ARG F 311 -33.52 28.43 27.26
N SER F 312 -32.32 28.92 27.00
CA SER F 312 -31.53 29.58 28.03
C SER F 312 -30.49 30.47 27.38
N LEU F 313 -30.03 31.47 28.14
CA LEU F 313 -29.08 32.46 27.64
C LEU F 313 -28.24 32.96 28.80
N LEU F 314 -26.93 32.95 28.63
CA LEU F 314 -25.98 33.34 29.67
C LEU F 314 -25.53 34.78 29.44
N THR F 315 -25.45 35.55 30.52
CA THR F 315 -24.97 36.94 30.47
C THR F 315 -23.95 37.14 31.58
N GLY F 316 -22.85 37.81 31.26
CA GLY F 316 -21.80 38.06 32.23
C GLY F 316 -20.87 39.16 31.77
N GLY F 317 -20.05 39.62 32.70
CA GLY F 317 -19.10 40.68 32.39
C GLY F 317 -18.36 41.12 33.63
N TYR F 318 -17.54 42.16 33.45
CA TYR F 318 -16.74 42.70 34.54
C TYR F 318 -17.60 43.39 35.57
N ASN F 319 -17.15 43.34 36.83
CA ASN F 319 -17.79 44.05 37.93
C ASN F 319 -19.27 43.69 38.07
N LEU F 320 -19.59 42.40 37.92
CA LEU F 320 -20.95 41.92 38.07
C LEU F 320 -21.06 41.06 39.33
N ALA F 321 -22.17 41.22 40.06
CA ALA F 321 -22.36 40.46 41.28
C ALA F 321 -22.43 38.97 41.01
N SER F 322 -23.15 38.57 39.96
CA SER F 322 -23.32 37.17 39.65
C SER F 322 -23.61 37.02 38.17
N VAL F 323 -23.47 35.79 37.68
CA VAL F 323 -23.76 35.46 36.29
C VAL F 323 -25.23 35.08 36.18
N SER F 324 -25.96 35.75 35.31
CA SER F 324 -27.39 35.58 35.17
C SER F 324 -27.71 34.60 34.05
N VAL F 325 -28.89 33.98 34.14
CA VAL F 325 -29.41 33.08 33.13
C VAL F 325 -30.83 33.53 32.78
N TRP F 326 -31.12 33.64 31.49
CA TRP F 326 -32.39 34.13 31.01
C TRP F 326 -33.24 32.97 30.48
N ASP F 327 -34.51 32.95 30.86
CA ASP F 327 -35.47 31.97 30.37
C ASP F 327 -36.22 32.56 29.18
N LEU F 328 -35.96 32.03 27.99
CA LEU F 328 -36.49 32.60 26.76
C LEU F 328 -37.82 32.00 26.34
N ALA F 329 -38.19 30.84 26.86
CA ALA F 329 -39.47 30.24 26.52
C ALA F 329 -40.64 30.94 27.19
N ALA F 330 -40.38 31.79 28.18
CA ALA F 330 -41.45 32.46 28.90
C ALA F 330 -41.94 33.68 28.13
N PRO F 331 -43.21 34.05 28.30
CA PRO F 331 -43.74 35.21 27.57
C PRO F 331 -43.01 36.51 27.88
N SER F 332 -42.40 36.63 29.05
CA SER F 332 -41.66 37.83 29.42
C SER F 332 -40.28 37.42 29.91
N LEU F 333 -39.25 38.11 29.41
CA LEU F 333 -37.88 37.76 29.77
C LEU F 333 -37.59 38.19 31.21
N HIS F 334 -37.03 37.27 31.99
CA HIS F 334 -36.64 37.55 33.36
C HIS F 334 -35.66 36.49 33.81
N VAL F 335 -34.82 36.85 34.77
CA VAL F 335 -33.81 35.93 35.29
C VAL F 335 -34.49 34.93 36.22
N LYS F 336 -34.10 33.67 36.10
CA LYS F 336 -34.63 32.61 36.95
C LYS F 336 -33.68 32.22 38.07
N GLU F 337 -32.38 32.27 37.83
CA GLU F 337 -31.39 31.90 38.83
C GLU F 337 -30.12 32.72 38.60
N GLN F 338 -29.25 32.74 39.61
CA GLN F 338 -27.99 33.46 39.55
C GLN F 338 -26.86 32.55 40.01
N LEU F 339 -25.71 32.65 39.34
CA LEU F 339 -24.55 31.86 39.69
C LEU F 339 -23.56 32.72 40.46
N PRO F 340 -23.27 32.42 41.73
CA PRO F 340 -22.39 33.30 42.50
C PRO F 340 -20.97 33.31 41.98
N CYS F 341 -20.33 34.47 42.12
CA CYS F 341 -18.91 34.62 41.78
C CYS F 341 -18.38 35.79 42.58
N ALA F 342 -17.33 35.55 43.37
CA ALA F 342 -16.76 36.56 44.26
C ALA F 342 -15.38 36.95 43.76
N GLY F 343 -15.20 38.25 43.49
CA GLY F 343 -13.90 38.75 43.07
C GLY F 343 -13.36 38.06 41.83
N LEU F 344 -14.22 37.84 40.84
CA LEU F 344 -13.82 37.19 39.59
C LEU F 344 -14.36 37.99 38.41
N ASN F 345 -13.63 37.96 37.31
CA ASN F 345 -14.00 38.64 36.07
C ASN F 345 -14.08 37.61 34.96
N CYS F 346 -15.28 37.38 34.43
CA CYS F 346 -15.46 36.37 33.40
C CYS F 346 -15.16 36.94 32.02
N GLN F 347 -14.40 36.18 31.23
CA GLN F 347 -14.06 36.56 29.87
C GLN F 347 -14.59 35.59 28.81
N ALA F 348 -15.12 34.44 29.20
CA ALA F 348 -15.70 33.50 28.27
C ALA F 348 -16.77 32.69 28.99
N LEU F 349 -17.69 32.11 28.21
CA LEU F 349 -18.77 31.30 28.74
C LEU F 349 -18.87 30.00 27.96
N ASP F 350 -19.76 29.13 28.42
CA ASP F 350 -19.99 27.84 27.78
C ASP F 350 -21.14 27.15 28.51
N ALA F 351 -21.75 26.17 27.87
CA ALA F 351 -22.86 25.45 28.47
C ALA F 351 -23.01 24.09 27.82
N ASN F 352 -23.44 23.11 28.61
CA ASN F 352 -23.70 21.76 28.15
C ASN F 352 -25.02 21.29 28.75
N LEU F 353 -25.94 20.84 27.89
CA LEU F 353 -27.28 20.46 28.33
C LEU F 353 -27.45 18.97 28.52
N ASP F 354 -26.54 18.14 28.02
CA ASP F 354 -26.69 16.70 28.15
C ASP F 354 -26.66 16.28 29.62
N ALA F 355 -25.72 16.81 30.39
CA ALA F 355 -25.60 16.52 31.81
C ALA F 355 -26.09 17.66 32.69
N ASN F 356 -26.62 18.72 32.10
CA ASN F 356 -27.15 19.86 32.85
C ASN F 356 -26.04 20.52 33.68
N LEU F 357 -25.02 21.00 32.98
CA LEU F 357 -23.88 21.65 33.61
C LEU F 357 -23.66 23.02 32.98
N ALA F 358 -22.91 23.86 33.70
CA ALA F 358 -22.50 25.17 33.22
C ALA F 358 -21.02 25.36 33.53
N PHE F 359 -20.32 26.07 32.64
CA PHE F 359 -18.90 26.30 32.76
C PHE F 359 -18.61 27.78 32.56
N ALA F 360 -17.35 28.15 32.76
CA ALA F 360 -16.95 29.55 32.58
C ALA F 360 -15.43 29.65 32.76
N SER F 361 -14.89 30.80 32.36
CA SER F 361 -13.50 31.12 32.56
C SER F 361 -13.39 32.56 33.06
N PHE F 362 -12.42 32.80 33.94
CA PHE F 362 -12.22 34.10 34.56
C PHE F 362 -10.79 34.58 34.32
N THR F 363 -10.61 35.90 34.36
CA THR F 363 -9.32 36.49 34.00
C THR F 363 -8.20 36.02 34.91
N SER F 364 -8.52 35.50 36.10
CA SER F 364 -7.52 34.95 37.00
C SER F 364 -7.14 33.51 36.66
N GLY F 365 -7.50 33.03 35.47
CA GLY F 365 -7.20 31.67 35.09
C GLY F 365 -7.89 30.65 35.98
N VAL F 366 -9.15 30.86 36.29
CA VAL F 366 -9.93 29.97 37.15
C VAL F 366 -11.15 29.50 36.37
N VAL F 367 -11.26 28.19 36.18
CA VAL F 367 -12.38 27.57 35.50
C VAL F 367 -13.25 26.89 36.55
N ARG F 368 -14.48 27.36 36.69
CA ARG F 368 -15.37 26.87 37.74
C ARG F 368 -16.59 26.22 37.10
N ILE F 369 -17.03 25.13 37.71
CA ILE F 369 -18.15 24.35 37.23
C ILE F 369 -19.35 24.59 38.15
N TRP F 370 -20.51 24.82 37.55
CA TRP F 370 -21.75 25.03 38.29
C TRP F 370 -22.70 23.87 38.05
N ASP F 371 -23.76 23.83 38.85
CA ASP F 371 -24.86 22.92 38.67
C ASP F 371 -26.16 23.71 38.72
N LEU F 372 -27.02 23.50 37.72
CA LEU F 372 -28.26 24.29 37.64
C LEU F 372 -29.31 23.84 38.64
N ARG F 373 -29.34 22.56 39.00
CA ARG F 373 -30.35 22.10 39.96
C ARG F 373 -30.15 22.73 41.32
N ASP F 374 -28.91 22.86 41.77
CA ASP F 374 -28.60 23.38 43.10
C ASP F 374 -27.81 24.67 43.09
N GLN F 375 -27.44 25.19 41.93
CA GLN F 375 -26.73 26.47 41.83
C GLN F 375 -25.43 26.43 42.63
N SER F 376 -24.86 25.23 42.78
CA SER F 376 -23.73 25.01 43.66
C SER F 376 -22.51 24.59 42.84
N VAL F 377 -21.34 25.07 43.27
CA VAL F 377 -20.09 24.64 42.68
C VAL F 377 -19.94 23.14 42.84
N VAL F 378 -19.16 22.51 41.95
CA VAL F 378 -18.90 21.08 42.03
C VAL F 378 -17.39 20.88 42.12
N ARG F 379 -16.64 21.59 41.27
CA ARG F 379 -15.20 21.44 41.21
C ARG F 379 -14.61 22.74 40.68
N ASP F 380 -13.32 22.94 40.92
CA ASP F 380 -12.61 24.13 40.47
C ASP F 380 -11.29 23.72 39.84
N LEU F 381 -10.90 24.40 38.77
CA LEU F 381 -9.69 24.10 38.03
C LEU F 381 -8.78 25.32 38.02
N LYS F 382 -7.48 25.07 38.16
CA LYS F 382 -6.49 26.14 38.16
C LYS F 382 -5.15 25.54 37.75
N GLY F 383 -4.13 26.40 37.72
CA GLY F 383 -2.78 25.94 37.44
C GLY F 383 -2.01 26.84 36.49
N TYR F 384 -2.71 27.77 35.85
CA TYR F 384 -2.10 28.67 34.88
C TYR F 384 -2.52 30.09 35.20
N PRO F 385 -1.57 31.03 35.42
CA PRO F 385 -1.95 32.39 35.81
C PRO F 385 -2.51 33.19 34.65
N ASP F 386 -2.01 32.94 33.43
CA ASP F 386 -2.51 33.65 32.26
C ASP F 386 -3.98 33.35 32.02
N GLY F 387 -4.41 32.11 32.25
CA GLY F 387 -5.78 31.73 32.04
C GLY F 387 -6.04 31.20 30.64
N VAL F 388 -7.31 30.93 30.38
CA VAL F 388 -7.76 30.37 29.11
C VAL F 388 -8.79 31.31 28.51
N LYS F 389 -8.58 31.67 27.23
CA LYS F 389 -9.49 32.59 26.58
C LYS F 389 -10.82 31.93 26.23
N SER F 390 -10.77 30.67 25.79
CA SER F 390 -11.96 29.96 25.34
C SER F 390 -11.97 28.55 25.91
N ILE F 391 -13.16 27.98 26.06
CA ILE F 391 -13.34 26.67 26.66
C ILE F 391 -14.39 25.90 25.87
N VAL F 392 -14.16 24.60 25.69
CA VAL F 392 -15.04 23.72 24.93
C VAL F 392 -15.34 22.49 25.78
N VAL F 393 -16.61 22.11 25.85
CA VAL F 393 -17.07 20.99 26.68
C VAL F 393 -17.80 20.00 25.81
N LYS F 394 -17.36 18.74 25.87
CA LYS F 394 -18.06 17.65 25.18
C LYS F 394 -17.84 16.38 25.98
N GLY F 395 -18.92 15.66 26.25
CA GLY F 395 -18.80 14.47 27.09
C GLY F 395 -18.26 14.85 28.45
N TYR F 396 -17.31 14.06 28.94
CA TYR F 396 -16.68 14.28 30.24
C TYR F 396 -15.33 14.97 30.13
N ASN F 397 -14.97 15.47 28.95
CA ASN F 397 -13.70 16.16 28.74
C ASN F 397 -13.97 17.63 28.44
N ILE F 398 -12.99 18.47 28.75
CA ILE F 398 -13.05 19.90 28.47
C ILE F 398 -11.74 20.33 27.83
N TRP F 399 -11.83 21.08 26.75
CA TRP F 399 -10.66 21.60 26.04
C TRP F 399 -10.62 23.11 26.20
N THR F 400 -9.42 23.64 26.52
CA THR F 400 -9.25 25.06 26.74
C THR F 400 -7.92 25.50 26.15
N GLY F 401 -7.85 26.78 25.81
CA GLY F 401 -6.64 27.35 25.24
C GLY F 401 -6.50 28.81 25.63
N GLY F 402 -5.25 29.26 25.67
CA GLY F 402 -4.95 30.62 26.08
C GLY F 402 -3.69 31.14 25.42
N PRO F 403 -3.20 32.29 25.91
CA PRO F 403 -2.00 32.89 25.29
C PRO F 403 -0.76 32.01 25.35
N ASP F 404 -0.75 30.99 26.20
CA ASP F 404 0.41 30.13 26.32
C ASP F 404 0.70 29.33 25.07
N ALA F 405 -0.24 29.26 24.13
CA ALA F 405 -0.07 28.51 22.88
C ALA F 405 0.03 27.01 23.16
N CYS F 406 -0.96 26.51 23.89
CA CYS F 406 -1.04 25.09 24.23
C CYS F 406 -2.51 24.72 24.40
N LEU F 407 -2.80 23.42 24.28
CA LEU F 407 -4.16 22.91 24.44
C LEU F 407 -4.20 21.94 25.61
N ARG F 408 -5.12 22.18 26.53
CA ARG F 408 -5.25 21.41 27.76
C ARG F 408 -6.57 20.67 27.78
N CYS F 409 -6.53 19.41 28.22
CA CYS F 409 -7.71 18.57 28.39
C CYS F 409 -7.88 18.27 29.87
N TRP F 410 -9.05 18.59 30.41
CA TRP F 410 -9.34 18.40 31.83
C TRP F 410 -10.43 17.36 31.99
N ASP F 411 -10.24 16.46 32.95
CA ASP F 411 -11.20 15.40 33.25
C ASP F 411 -11.96 15.76 34.52
N GLN F 412 -13.29 15.76 34.44
CA GLN F 412 -14.11 16.08 35.60
C GLN F 412 -14.17 14.92 36.59
N ARG F 413 -14.18 13.68 36.10
CA ARG F 413 -14.32 12.54 36.99
C ARG F 413 -13.13 12.42 37.94
N THR F 414 -11.92 12.60 37.43
CA THR F 414 -10.69 12.44 38.18
C THR F 414 -9.94 13.77 38.26
N ILE F 415 -8.93 13.80 39.12
CA ILE F 415 -8.15 15.00 39.35
C ILE F 415 -6.77 14.83 38.71
N MET F 416 -6.69 13.98 37.69
CA MET F 416 -5.43 13.79 36.98
C MET F 416 -5.04 15.09 36.26
N LYS F 417 -3.74 15.32 36.17
CA LYS F 417 -3.26 16.54 35.52
C LYS F 417 -3.64 16.52 34.04
N PRO F 418 -3.90 17.68 33.45
CA PRO F 418 -4.33 17.72 32.05
C PRO F 418 -3.19 17.34 31.11
N LEU F 419 -3.56 17.05 29.86
CA LEU F 419 -2.61 16.71 28.82
C LEU F 419 -2.24 17.95 28.04
N GLU F 420 -0.94 18.22 27.90
CA GLU F 420 -0.46 19.42 27.24
C GLU F 420 -0.03 19.07 25.81
N TYR F 421 -0.44 19.91 24.86
CA TYR F 421 -0.08 19.78 23.45
C TYR F 421 0.63 21.06 23.02
N GLN F 422 1.81 20.93 22.43
CA GLN F 422 2.64 22.07 22.08
C GLN F 422 2.21 22.66 20.73
N PHE F 423 2.42 23.98 20.58
CA PHE F 423 2.12 24.69 19.35
C PHE F 423 3.18 25.77 19.13
N LYS F 424 3.00 26.54 18.06
CA LYS F 424 3.95 27.59 17.69
C LYS F 424 3.42 29.00 17.91
N SER F 425 2.10 29.19 17.90
CA SER F 425 1.51 30.52 18.06
C SER F 425 0.33 30.43 19.02
N GLN F 426 -0.19 31.60 19.38
CA GLN F 426 -1.26 31.67 20.37
C GLN F 426 -2.57 31.15 19.79
N ILE F 427 -3.54 30.94 20.66
CA ILE F 427 -4.84 30.38 20.28
C ILE F 427 -5.92 31.38 20.65
N MET F 428 -6.87 31.59 19.74
CA MET F 428 -7.91 32.60 19.92
C MET F 428 -9.31 32.02 20.09
N SER F 429 -9.63 30.93 19.38
CA SER F 429 -10.95 30.32 19.48
C SER F 429 -10.84 28.82 19.17
N LEU F 430 -11.87 28.09 19.61
CA LEU F 430 -11.91 26.65 19.45
C LEU F 430 -13.27 26.22 18.92
N SER F 431 -13.30 25.07 18.27
CA SER F 431 -14.56 24.46 17.83
C SER F 431 -14.37 22.96 17.71
N HIS F 432 -15.45 22.23 17.96
CA HIS F 432 -15.44 20.77 17.99
C HIS F 432 -16.34 20.24 16.88
N SER F 433 -15.88 19.19 16.21
CA SER F 433 -16.67 18.54 15.17
C SER F 433 -17.63 17.54 15.82
N PRO F 434 -18.95 17.69 15.67
CA PRO F 434 -19.84 16.77 16.38
C PRO F 434 -19.86 15.38 15.79
N GLN F 435 -19.90 15.25 14.45
CA GLN F 435 -20.03 13.94 13.84
C GLN F 435 -18.80 13.08 14.08
N GLU F 436 -17.60 13.68 14.01
CA GLU F 436 -16.35 12.95 14.15
C GLU F 436 -15.46 13.64 15.17
N ASP F 437 -14.46 12.91 15.66
CA ASP F 437 -13.55 13.44 16.67
C ASP F 437 -12.51 14.36 16.04
N TRP F 438 -12.80 15.65 15.99
CA TRP F 438 -11.86 16.62 15.45
C TRP F 438 -12.11 17.98 16.10
N VAL F 439 -11.02 18.69 16.38
CA VAL F 439 -11.07 20.01 17.02
C VAL F 439 -10.56 21.04 16.02
N LEU F 440 -11.24 22.17 15.95
CA LEU F 440 -10.82 23.28 15.09
C LEU F 440 -10.31 24.42 15.95
N LEU F 441 -9.30 25.13 15.45
CA LEU F 441 -8.68 26.21 16.19
C LEU F 441 -8.07 27.20 15.22
N GLY F 442 -7.85 28.43 15.71
CA GLY F 442 -7.19 29.47 14.95
C GLY F 442 -5.87 29.84 15.60
N MET F 443 -4.80 29.85 14.80
CA MET F 443 -3.45 30.09 15.28
C MET F 443 -3.10 31.57 15.37
N ALA F 444 -4.03 32.45 15.02
CA ALA F 444 -3.86 33.91 15.04
C ALA F 444 -2.92 34.41 13.95
N ASN F 445 -2.57 33.58 12.98
CA ASN F 445 -1.72 33.99 11.86
C ASN F 445 -2.31 33.53 10.53
N GLY F 446 -3.63 33.45 10.45
CA GLY F 446 -4.28 33.07 9.21
C GLY F 446 -4.32 31.57 8.95
N GLN F 447 -3.81 30.77 9.89
CA GLN F 447 -3.72 29.32 9.71
C GLN F 447 -4.67 28.63 10.67
N GLN F 448 -5.39 27.63 10.16
CA GLN F 448 -6.31 26.83 10.95
C GLN F 448 -5.82 25.38 10.95
N TRP F 449 -5.80 24.77 12.12
CA TRP F 449 -5.36 23.39 12.28
C TRP F 449 -6.49 22.55 12.88
N LEU F 450 -6.44 21.26 12.60
CA LEU F 450 -7.40 20.29 13.12
C LEU F 450 -6.67 19.26 13.96
N GLN F 451 -7.23 18.96 15.13
CA GLN F 451 -6.65 18.01 16.06
C GLN F 451 -7.69 16.95 16.42
N SER F 452 -7.22 15.73 16.66
CA SER F 452 -8.06 14.61 17.04
C SER F 452 -7.77 14.21 18.47
N THR F 453 -8.82 13.99 19.26
CA THR F 453 -8.63 13.57 20.64
C THR F 453 -7.97 12.21 20.71
N SER F 454 -8.40 11.28 19.85
CA SER F 454 -7.86 9.91 19.91
C SER F 454 -6.39 9.88 19.56
N GLY F 455 -5.97 10.64 18.55
CA GLY F 455 -4.59 10.60 18.09
C GLY F 455 -4.05 11.99 17.86
N SER F 456 -2.74 12.12 18.09
CA SER F 456 -2.03 13.40 17.93
C SER F 456 -1.59 13.56 16.49
N GLN F 457 -2.57 13.84 15.63
CA GLN F 457 -2.34 14.08 14.21
C GLN F 457 -2.71 15.52 13.88
N ARG F 458 -1.97 16.11 12.95
CA ARG F 458 -2.17 17.50 12.57
C ARG F 458 -2.05 17.64 11.05
N HIS F 459 -2.73 18.65 10.52
CA HIS F 459 -2.65 18.97 9.10
C HIS F 459 -3.28 20.34 8.86
N MET F 460 -2.60 21.16 8.07
CA MET F 460 -3.08 22.51 7.79
C MET F 460 -4.31 22.47 6.90
N VAL F 461 -5.28 23.33 7.17
CA VAL F 461 -6.54 23.36 6.45
C VAL F 461 -6.89 24.75 5.93
N GLY F 462 -5.97 25.70 5.99
CA GLY F 462 -6.25 27.03 5.49
C GLY F 462 -5.09 27.96 5.76
N GLN F 463 -5.04 29.04 4.99
CA GLN F 463 -3.99 30.03 5.12
C GLN F 463 -4.54 31.39 4.70
N LYS F 464 -4.17 32.42 5.46
CA LYS F 464 -4.61 33.78 5.18
C LYS F 464 -3.58 34.75 5.74
N ASP F 465 -3.63 35.99 5.27
CA ASP F 465 -2.75 37.03 5.76
C ASP F 465 -3.38 37.88 6.87
N SER F 466 -4.57 37.52 7.33
CA SER F 466 -5.26 38.21 8.40
C SER F 466 -5.31 37.34 9.65
N VAL F 467 -6.00 37.83 10.68
CA VAL F 467 -6.14 37.14 11.95
C VAL F 467 -7.57 36.62 12.07
N ILE F 468 -7.70 35.35 12.44
CA ILE F 468 -9.01 34.74 12.64
C ILE F 468 -9.44 34.99 14.08
N LEU F 469 -10.60 35.62 14.25
CA LEU F 469 -11.11 35.95 15.58
C LEU F 469 -12.14 34.96 16.08
N SER F 470 -12.83 34.23 15.20
CA SER F 470 -13.82 33.26 15.62
C SER F 470 -14.04 32.27 14.48
N VAL F 471 -14.23 31.01 14.85
CA VAL F 471 -14.51 29.94 13.90
C VAL F 471 -15.65 29.10 14.46
N LYS F 472 -16.69 28.88 13.65
CA LYS F 472 -17.86 28.11 14.04
C LYS F 472 -17.99 26.91 13.13
N PHE F 473 -18.48 25.80 13.68
CA PHE F 473 -18.59 24.54 12.97
C PHE F 473 -20.05 24.26 12.64
N SER F 474 -20.29 23.79 11.41
CA SER F 474 -21.65 23.57 10.97
C SER F 474 -22.27 22.41 11.74
N PRO F 475 -23.61 22.39 11.88
CA PRO F 475 -24.25 21.30 12.61
C PRO F 475 -23.98 19.93 12.01
N PHE F 476 -23.82 19.83 10.69
CA PHE F 476 -23.60 18.54 10.04
C PHE F 476 -22.14 18.26 9.75
N GLY F 477 -21.22 19.13 10.18
CA GLY F 477 -19.81 18.81 10.15
C GLY F 477 -19.16 18.83 8.78
N GLN F 478 -19.90 19.18 7.72
CA GLN F 478 -19.31 19.21 6.39
C GLN F 478 -18.43 20.43 6.16
N TRP F 479 -18.78 21.58 6.75
CA TRP F 479 -18.07 22.83 6.48
C TRP F 479 -18.09 23.68 7.74
N TRP F 480 -17.18 24.65 7.78
CA TRP F 480 -17.10 25.60 8.89
C TRP F 480 -16.94 27.01 8.34
N ALA F 481 -17.39 27.98 9.12
CA ALA F 481 -17.34 29.38 8.74
C ALA F 481 -16.25 30.10 9.53
N SER F 482 -15.42 30.85 8.83
CA SER F 482 -14.27 31.53 9.42
C SER F 482 -14.40 33.04 9.19
N VAL F 483 -14.06 33.82 10.22
CA VAL F 483 -14.15 35.27 10.17
C VAL F 483 -12.84 35.86 10.66
N GLY F 484 -12.32 36.84 9.92
CA GLY F 484 -11.11 37.53 10.29
C GLY F 484 -11.30 39.04 10.22
N MET F 485 -10.28 39.75 10.69
CA MET F 485 -10.36 41.21 10.75
C MET F 485 -10.31 41.85 9.37
N ASP F 486 -9.72 41.20 8.37
CA ASP F 486 -9.51 41.82 7.07
C ASP F 486 -10.72 41.70 6.16
N ASP F 487 -11.89 42.06 6.69
CA ASP F 487 -13.10 42.28 5.89
C ASP F 487 -13.33 41.17 4.88
N PHE F 488 -13.47 39.93 5.38
CA PHE F 488 -13.72 38.80 4.50
C PHE F 488 -14.32 37.65 5.31
N LEU F 489 -15.46 37.15 4.85
CA LEU F 489 -16.14 36.01 5.44
C LEU F 489 -15.88 34.80 4.56
N GLY F 490 -15.21 33.79 5.13
CA GLY F 490 -14.79 32.63 4.37
C GLY F 490 -15.48 31.36 4.84
N VAL F 491 -15.57 30.39 3.94
CA VAL F 491 -16.12 29.07 4.22
C VAL F 491 -15.11 28.04 3.75
N TYR F 492 -15.14 26.85 4.35
CA TYR F 492 -14.21 25.79 4.01
C TYR F 492 -14.92 24.43 4.08
N SER F 493 -14.35 23.46 3.38
CA SER F 493 -14.87 22.10 3.32
C SER F 493 -14.03 21.21 4.23
N MET F 494 -14.70 20.54 5.16
CA MET F 494 -13.96 19.76 6.16
C MET F 494 -13.10 18.65 5.55
N PRO F 495 -13.59 17.83 4.62
CA PRO F 495 -12.76 16.70 4.17
C PRO F 495 -11.40 17.10 3.64
N ALA F 496 -11.30 18.23 2.95
CA ALA F 496 -10.03 18.69 2.39
C ALA F 496 -9.61 20.07 2.84
N GLY F 497 -10.53 20.93 3.28
CA GLY F 497 -10.20 22.25 3.74
C GLY F 497 -10.15 23.31 2.66
N THR F 498 -10.33 22.94 1.39
CA THR F 498 -10.31 23.93 0.33
C THR F 498 -11.51 24.86 0.47
N LYS F 499 -11.33 26.10 -0.01
CA LYS F 499 -12.33 27.14 0.19
C LYS F 499 -13.35 27.12 -0.93
N VAL F 500 -14.64 27.09 -0.58
CA VAL F 500 -15.69 27.17 -1.58
C VAL F 500 -15.74 28.57 -2.18
N PHE F 501 -16.01 29.57 -1.34
CA PHE F 501 -16.09 30.96 -1.78
C PHE F 501 -15.98 31.85 -0.54
N GLU F 502 -16.30 33.14 -0.70
CA GLU F 502 -16.33 34.08 0.40
C GLU F 502 -17.24 35.24 0.03
N VAL F 503 -17.38 36.17 0.96
CA VAL F 503 -18.15 37.40 0.74
C VAL F 503 -17.41 38.56 1.38
N PRO F 504 -17.28 39.70 0.74
CA PRO F 504 -16.61 40.84 1.36
C PRO F 504 -17.57 41.70 2.18
N GLU F 505 -16.98 42.54 3.02
CA GLU F 505 -17.75 43.44 3.88
C GLU F 505 -16.94 44.73 4.09
N MET F 506 -17.65 45.80 4.41
CA MET F 506 -16.99 47.09 4.58
C MET F 506 -16.23 47.16 5.90
N SER F 507 -16.84 46.68 6.99
CA SER F 507 -16.24 46.79 8.31
C SER F 507 -15.66 45.46 8.77
N PRO F 508 -14.64 45.48 9.63
CA PRO F 508 -14.09 44.21 10.12
C PRO F 508 -15.13 43.40 10.88
N VAL F 509 -15.09 42.09 10.68
CA VAL F 509 -15.96 41.16 11.39
C VAL F 509 -15.22 40.65 12.62
N THR F 510 -15.97 40.29 13.66
CA THR F 510 -15.39 39.83 14.91
C THR F 510 -16.04 38.59 15.47
N CYS F 511 -17.22 38.21 14.99
CA CYS F 511 -17.91 37.02 15.48
C CYS F 511 -18.76 36.45 14.36
N CYS F 512 -19.03 35.15 14.44
CA CYS F 512 -19.85 34.48 13.43
C CYS F 512 -20.70 33.41 14.10
N ASP F 513 -21.83 33.11 13.50
CA ASP F 513 -22.72 32.06 13.98
C ASP F 513 -23.37 31.38 12.79
N VAL F 514 -23.69 30.10 12.95
CA VAL F 514 -24.35 29.31 11.92
C VAL F 514 -25.60 28.68 12.51
N SER F 515 -26.74 28.95 11.88
CA SER F 515 -28.00 28.47 12.41
C SER F 515 -28.03 26.94 12.44
N SER F 516 -29.06 26.40 13.09
CA SER F 516 -29.20 24.96 13.16
C SER F 516 -29.71 24.37 11.86
N ASN F 517 -30.58 25.10 11.14
CA ASN F 517 -30.99 24.67 9.81
C ASN F 517 -29.83 24.58 8.84
N ASN F 518 -28.72 25.25 9.13
CA ASN F 518 -27.54 25.24 8.29
C ASN F 518 -27.69 26.16 7.07
N ARG F 519 -28.86 26.79 6.91
CA ARG F 519 -29.15 27.62 5.77
C ARG F 519 -28.80 29.09 5.95
N LEU F 520 -28.82 29.59 7.18
CA LEU F 520 -28.57 31.01 7.47
C LEU F 520 -27.28 31.15 8.26
N VAL F 521 -26.52 32.21 7.96
CA VAL F 521 -25.28 32.52 8.64
C VAL F 521 -25.31 33.97 9.07
N VAL F 522 -24.84 34.25 10.28
CA VAL F 522 -24.89 35.59 10.87
C VAL F 522 -23.47 35.99 11.27
N THR F 523 -23.11 37.23 10.99
CA THR F 523 -21.81 37.78 11.32
C THR F 523 -21.99 39.17 11.93
N GLY F 524 -20.93 39.69 12.55
CA GLY F 524 -20.98 40.99 13.16
C GLY F 524 -19.75 41.84 12.85
N SER F 525 -19.98 43.01 12.26
CA SER F 525 -18.90 43.91 11.88
C SER F 525 -19.26 45.34 12.25
N GLY F 526 -18.27 46.09 12.72
CA GLY F 526 -18.52 47.47 13.09
C GLY F 526 -19.62 47.57 14.13
N GLU F 527 -20.62 48.41 13.84
CA GLU F 527 -21.78 48.56 14.69
C GLU F 527 -23.03 47.96 14.07
N HIS F 528 -22.88 47.06 13.10
CA HIS F 528 -24.00 46.49 12.37
C HIS F 528 -23.78 44.99 12.21
N ALA F 529 -24.89 44.26 12.05
CA ALA F 529 -24.86 42.82 11.85
C ALA F 529 -25.70 42.47 10.63
N SER F 530 -25.29 41.41 9.92
CA SER F 530 -25.90 41.03 8.66
C SER F 530 -26.32 39.57 8.69
N VAL F 531 -27.49 39.30 8.12
CA VAL F 531 -28.09 37.98 8.09
C VAL F 531 -28.17 37.51 6.65
N TYR F 532 -27.38 36.51 6.30
CA TYR F 532 -27.31 36.00 4.93
C TYR F 532 -28.28 34.82 4.73
N GLN F 533 -28.26 34.28 3.52
CA GLN F 533 -28.94 33.03 3.21
C GLN F 533 -28.04 32.14 2.37
N ILE F 534 -28.15 30.83 2.59
CA ILE F 534 -27.39 29.83 1.86
C ILE F 534 -28.35 28.99 1.03
N THR F 535 -28.01 28.77 -0.23
CA THR F 535 -28.79 27.92 -1.12
C THR F 535 -27.86 26.93 -1.80
N TYR F 536 -28.30 25.69 -1.89
CA TYR F 536 -27.53 24.64 -2.56
C TYR F 536 -28.43 23.47 -2.91
#